data_8EZQ
#
_entry.id   8EZQ
#
_cell.length_a   1.00
_cell.length_b   1.00
_cell.length_c   1.00
_cell.angle_alpha   90.00
_cell.angle_beta   90.00
_cell.angle_gamma   90.00
#
_symmetry.space_group_name_H-M   'P 1'
#
_entity_poly.entity_id   1
_entity_poly.type   'polypeptide(L)'
_entity_poly.pdbx_seq_one_letter_code
;MHHHHHHSSGVDLGTENLYFQSNAMSDREFVTVDPVTIIIKECINLSTAMRKYSKFTSQSGVAALLGGGSEIFSNQDDYL
AHTFNNLNTNKHNDPFLSGFIQLRLMLNKLKNLDNIDSLTILQPFLLIVSTSSISGYITSLALDSLQKFFTLNIINESSQ
NYIGAHRATVNALTHCRFEGSQQLSDDSVLLKVVFLLRSIVDSPYGDLLSNSIIYDVLQTILSLACNNRRSEVLRNAAQS
TMIAVTVKIFSKLKTIEPVNVNQIYINDESYTNDVLKADTIGTNVESKEEGSQEDPIGMKVNNEEAISEDDGIEEEHIHS
EKSTNGAEQLDIVQKTTRSNSRIQAYADDNYGLPVVRQYLNLLLSLIAPENELKHSYSTRIFGLELIQTALEISGDRLQL
YPRLFTLISDPIFKSILFIIQNTTKLSLLQATLQLFTTLVVILGNNLQLQIELTLTRIFSILLDDGTANNSSSENKNKPS
IIKELLIEQISILWTRSPSFFTSTFINFDCNLDRADVSINFLKALTKLALPESALTTTESVPPICLEGLVSLVDDMFDHM
KDIDREEFGRQKNEMEILKKRDRKTEFIECTNAFNEKPKKGIPMLIEKGFIASDSDKDIAEFLFNNNNRMNKKTIGLLLC
HPDKVSLLNEYIRLFDFSGLRVDEAIRILLTKFRLPGESQQIERIIEAFSSAYCENQDYDPSKISDNAEDDISTVQPDAD
SVFILSYSIIMLNTDLHNPQVKEHMSFEDYSGNLKGCCNHKDFPFWYLDRIYCSIRDKEIVMPEEHHGNEKWFEDAWNNL
ISSTTVITEIKKDTQSVMDKLTPLELLNFDRAIFKQVGPSIVSTLFNIYVVASDDHISTRMITSLDKCSYISAFFDFKDL
FNDILNSIAKGTTLINSSHDDELSTLAFEYGPMPLVQIKFEDTNTEIPVSTDAVRFGRSFKGQLNTVVFFRIIRRNKDPK
IFSKELWLNIVNIILTLYEDLILSPDIFPDLQKRLKLSNLPKPSPEISINKSKESKGLLSTFASYLKGDEEPTEEEIKSS
KKAMECIKSSNIAASVFGNESNITADLIKTLLDSAKTEKNADNSRYFEAELLFIIELTIALFLFCKEEKELGKFILQKVF
QLSHTKGLTKRTVRRMLTYKILLISLCADQTEYLSKLINDELLKKGDIFTQKFFATNQGKEFLKRLFSLTESEFYRGFLL
GNENFWKFLRKVTAMKEQSESIFEYLNESIKTDSNILTNENFMWVLGLLDEISSMGAVGNHWEIEYKKLTESGHKIDKEN
PYKKSIELSLKSIQLTSHLLEDNNDLRKNEIFAIIQALAHQCINPCKQISEFAVVTLEQTLINKIEIPTNEMESVEELIE
GGLLPLLNSSETQEDQKILISSILTIISNVYLHYLKLGKTSNETFLKILSIFNKFVEDSDIEKKLQQLILDKKSIEKGNG
SSSHGSAHEQTPESNDVEIEATAPIDDNTDDDNKPKLSDVEKD
;
_entity_poly.pdbx_strand_id   A,B
#
# COMPACT_ATOMS: atom_id res chain seq x y z
N VAL A 31 -4.57 -14.26 -6.27
CA VAL A 31 -5.77 -14.54 -5.49
C VAL A 31 -6.86 -15.06 -6.42
N THR A 32 -8.09 -15.14 -5.88
CA THR A 32 -9.26 -15.60 -6.63
C THR A 32 -9.02 -16.99 -7.21
N VAL A 33 -8.58 -17.04 -8.47
CA VAL A 33 -8.26 -18.33 -9.09
C VAL A 33 -7.16 -19.01 -8.28
N ASP A 34 -7.28 -20.33 -8.16
CA ASP A 34 -6.32 -21.08 -7.36
C ASP A 34 -4.92 -20.91 -7.94
N PRO A 35 -3.93 -20.58 -7.13
CA PRO A 35 -2.58 -20.33 -7.67
C PRO A 35 -1.97 -21.54 -8.35
N VAL A 36 -2.40 -22.74 -7.99
CA VAL A 36 -1.86 -23.94 -8.63
C VAL A 36 -2.13 -23.91 -10.13
N THR A 37 -3.30 -23.41 -10.52
CA THR A 37 -3.63 -23.34 -11.94
C THR A 37 -2.67 -22.40 -12.68
N ILE A 38 -2.40 -21.22 -12.12
CA ILE A 38 -1.51 -20.28 -12.78
C ILE A 38 -0.10 -20.85 -12.84
N ILE A 39 0.35 -21.47 -11.76
CA ILE A 39 1.69 -22.05 -11.75
C ILE A 39 1.82 -23.13 -12.81
N ILE A 40 0.84 -24.05 -12.88
CA ILE A 40 0.95 -25.14 -13.84
C ILE A 40 0.80 -24.63 -15.26
N LYS A 41 0.01 -23.56 -15.46
CA LYS A 41 -0.12 -22.99 -16.79
C LYS A 41 1.20 -22.37 -17.25
N GLU A 42 1.85 -21.61 -16.36
CA GLU A 42 3.14 -21.06 -16.72
C GLU A 42 4.19 -22.15 -16.93
N CYS A 43 4.10 -23.23 -16.15
CA CYS A 43 5.03 -24.33 -16.32
C CYS A 43 4.86 -25.00 -17.68
N ILE A 44 3.62 -25.25 -18.09
CA ILE A 44 3.41 -25.87 -19.39
C ILE A 44 3.82 -24.89 -20.50
N ASN A 45 3.65 -23.59 -20.28
CA ASN A 45 4.06 -22.62 -21.28
C ASN A 45 5.57 -22.66 -21.50
N LEU A 46 6.33 -22.58 -20.40
CA LEU A 46 7.79 -22.63 -20.54
C LEU A 46 8.25 -23.98 -21.08
N SER A 47 7.59 -25.07 -20.66
CA SER A 47 7.97 -26.39 -21.14
C SER A 47 7.79 -26.49 -22.65
N THR A 48 6.64 -26.06 -23.17
CA THR A 48 6.43 -26.15 -24.60
C THR A 48 7.34 -25.18 -25.35
N ALA A 49 7.67 -24.03 -24.74
CA ALA A 49 8.61 -23.13 -25.39
C ALA A 49 9.98 -23.77 -25.54
N MET A 50 10.47 -24.42 -24.49
CA MET A 50 11.77 -25.07 -24.57
C MET A 50 11.72 -26.26 -25.53
N ARG A 51 10.59 -26.97 -25.56
CA ARG A 51 10.45 -28.06 -26.51
C ARG A 51 10.52 -27.56 -27.95
N LYS A 52 9.86 -26.45 -28.23
CA LYS A 52 9.93 -25.87 -29.57
C LYS A 52 11.35 -25.42 -29.88
N TYR A 53 12.03 -24.80 -28.91
CA TYR A 53 13.38 -24.33 -29.16
C TYR A 53 14.33 -25.47 -29.44
N SER A 54 14.18 -26.59 -28.73
CA SER A 54 15.01 -27.76 -28.95
C SER A 54 14.67 -28.43 -30.28
N ASP A 94 18.01 -30.07 -21.28
CA ASP A 94 17.40 -31.36 -20.96
C ASP A 94 17.03 -31.49 -19.47
N PRO A 95 17.95 -31.20 -18.55
CA PRO A 95 17.57 -31.24 -17.12
C PRO A 95 16.47 -30.26 -16.78
N PHE A 96 16.45 -29.10 -17.44
CA PHE A 96 15.42 -28.11 -17.16
C PHE A 96 14.04 -28.60 -17.55
N LEU A 97 13.92 -29.26 -18.70
CA LEU A 97 12.65 -29.83 -19.10
C LEU A 97 12.18 -30.86 -18.09
N SER A 98 13.11 -31.70 -17.61
CA SER A 98 12.75 -32.71 -16.63
C SER A 98 12.26 -32.07 -15.34
N GLY A 99 12.95 -31.01 -14.89
CA GLY A 99 12.52 -30.33 -13.68
C GLY A 99 11.15 -29.70 -13.82
N PHE A 100 10.90 -29.07 -14.97
CA PHE A 100 9.60 -28.46 -15.21
C PHE A 100 8.50 -29.52 -15.26
N ILE A 101 8.74 -30.65 -15.92
CA ILE A 101 7.74 -31.70 -15.99
C ILE A 101 7.48 -32.28 -14.61
N GLN A 102 8.54 -32.47 -13.81
CA GLN A 102 8.35 -33.00 -12.46
C GLN A 102 7.53 -32.03 -11.61
N LEU A 103 7.83 -30.74 -11.71
CA LEU A 103 7.04 -29.75 -10.98
C LEU A 103 5.59 -29.75 -11.44
N ARG A 104 5.37 -29.92 -12.75
CA ARG A 104 4.02 -29.95 -13.27
C ARG A 104 3.24 -31.13 -12.70
N LEU A 105 3.88 -32.30 -12.65
CA LEU A 105 3.22 -33.48 -12.07
C LEU A 105 2.91 -33.26 -10.59
N MET A 106 3.90 -32.74 -9.86
CA MET A 106 3.71 -32.53 -8.42
C MET A 106 2.58 -31.55 -8.16
N LEU A 107 2.51 -30.47 -8.91
CA LEU A 107 1.44 -29.50 -8.73
C LEU A 107 0.11 -30.05 -9.22
N ASN A 108 0.14 -30.94 -10.21
CA ASN A 108 -1.09 -31.56 -10.69
C ASN A 108 -1.73 -32.41 -9.60
N LYS A 109 -0.91 -33.19 -8.88
CA LYS A 109 -1.47 -33.99 -7.79
C LYS A 109 -1.63 -33.14 -6.53
N LEU A 110 -2.30 -31.99 -6.66
CA LEU A 110 -2.49 -31.07 -5.56
C LEU A 110 -3.77 -30.29 -5.76
N LYS A 111 -4.22 -29.65 -4.67
CA LYS A 111 -5.37 -28.76 -4.71
C LYS A 111 -5.12 -27.44 -3.98
N ASN A 112 -4.05 -27.33 -3.20
CA ASN A 112 -3.71 -26.08 -2.52
C ASN A 112 -2.21 -26.04 -2.31
N LEU A 113 -1.68 -24.84 -2.11
CA LEU A 113 -0.26 -24.63 -1.90
C LEU A 113 0.15 -24.73 -0.44
N ASP A 114 -0.64 -25.42 0.38
CA ASP A 114 -0.30 -25.57 1.78
C ASP A 114 0.71 -26.70 1.95
N ASN A 115 1.83 -26.39 2.59
CA ASN A 115 2.92 -27.34 2.82
C ASN A 115 3.41 -27.95 1.51
N ILE A 116 3.85 -27.06 0.61
CA ILE A 116 4.37 -27.50 -0.67
C ILE A 116 5.71 -26.80 -0.93
N ASP A 117 6.03 -25.81 -0.10
CA ASP A 117 7.26 -25.02 -0.19
C ASP A 117 7.23 -24.12 -1.42
N SER A 118 7.80 -22.93 -1.29
CA SER A 118 7.81 -21.95 -2.38
C SER A 118 9.09 -21.99 -3.19
N LEU A 119 10.23 -22.24 -2.54
CA LEU A 119 11.48 -22.35 -3.27
C LEU A 119 11.43 -23.53 -4.23
N THR A 120 10.78 -24.61 -3.83
CA THR A 120 10.59 -25.73 -4.75
C THR A 120 9.80 -25.30 -5.98
N ILE A 121 8.81 -24.42 -5.79
CA ILE A 121 8.01 -23.96 -6.92
C ILE A 121 8.83 -23.05 -7.84
N LEU A 122 9.61 -22.15 -7.26
CA LEU A 122 10.34 -21.17 -8.06
C LEU A 122 11.69 -21.65 -8.55
N GLN A 123 12.18 -22.81 -8.09
CA GLN A 123 13.53 -23.23 -8.41
C GLN A 123 13.77 -23.43 -9.90
N PRO A 124 12.89 -24.10 -10.66
CA PRO A 124 13.16 -24.22 -12.11
C PRO A 124 13.27 -22.88 -12.82
N PHE A 125 12.42 -21.92 -12.45
CA PHE A 125 12.48 -20.61 -13.09
C PHE A 125 13.81 -19.92 -12.78
N LEU A 126 14.23 -19.95 -11.52
CA LEU A 126 15.50 -19.34 -11.16
C LEU A 126 16.65 -20.02 -11.86
N LEU A 127 16.62 -21.35 -11.94
CA LEU A 127 17.70 -22.08 -12.60
C LEU A 127 17.78 -21.73 -14.08
N ILE A 128 16.64 -21.65 -14.75
CA ILE A 128 16.68 -21.34 -16.18
C ILE A 128 17.07 -19.89 -16.40
N VAL A 129 16.76 -18.99 -15.45
CA VAL A 129 17.18 -17.60 -15.59
C VAL A 129 18.69 -17.47 -15.41
N SER A 130 19.25 -18.14 -14.40
CA SER A 130 20.63 -17.89 -14.02
C SER A 130 21.61 -18.47 -15.04
N THR A 131 21.38 -19.69 -15.48
CA THR A 131 22.36 -20.39 -16.31
C THR A 131 22.59 -19.66 -17.62
N SER A 132 23.85 -19.58 -18.03
CA SER A 132 24.27 -18.80 -19.19
C SER A 132 24.21 -19.57 -20.50
N SER A 133 23.79 -20.83 -20.47
CA SER A 133 23.72 -21.65 -21.67
C SER A 133 22.36 -21.57 -22.36
N ILE A 134 21.47 -20.72 -21.87
CA ILE A 134 20.09 -20.64 -22.35
C ILE A 134 19.92 -19.34 -23.10
N SER A 135 19.28 -19.41 -24.27
CA SER A 135 19.14 -18.25 -25.13
C SER A 135 18.20 -17.22 -24.49
N GLY A 136 18.09 -16.07 -25.16
CA GLY A 136 17.34 -14.96 -24.62
C GLY A 136 15.84 -15.14 -24.63
N TYR A 137 15.32 -15.95 -25.55
CA TYR A 137 13.87 -16.14 -25.62
C TYR A 137 13.36 -16.91 -24.40
N ILE A 138 14.02 -18.02 -24.08
CA ILE A 138 13.57 -18.84 -22.95
C ILE A 138 13.75 -18.07 -21.64
N THR A 139 14.87 -17.37 -21.48
CA THR A 139 15.05 -16.62 -20.24
C THR A 139 14.10 -15.44 -20.15
N SER A 140 13.74 -14.84 -21.29
CA SER A 140 12.73 -13.79 -21.27
C SER A 140 11.38 -14.35 -20.83
N LEU A 141 11.01 -15.52 -21.34
CA LEU A 141 9.76 -16.12 -20.93
C LEU A 141 9.78 -16.49 -19.45
N ALA A 142 10.93 -16.94 -18.96
CA ALA A 142 11.05 -17.24 -17.53
C ALA A 142 10.91 -15.98 -16.68
N LEU A 143 11.53 -14.89 -17.12
CA LEU A 143 11.37 -13.63 -16.41
C LEU A 143 9.92 -13.16 -16.43
N ASP A 144 9.24 -13.34 -17.56
CA ASP A 144 7.84 -12.97 -17.64
C ASP A 144 6.99 -13.83 -16.71
N SER A 145 7.32 -15.11 -16.62
CA SER A 145 6.62 -15.98 -15.68
C SER A 145 6.83 -15.52 -14.25
N LEU A 146 8.06 -15.14 -13.90
CA LEU A 146 8.31 -14.63 -12.55
C LEU A 146 7.57 -13.33 -12.30
N GLN A 147 7.52 -12.46 -13.30
CA GLN A 147 6.78 -11.20 -13.15
C GLN A 147 5.30 -11.48 -12.90
N LYS A 148 4.73 -12.46 -13.61
CA LYS A 148 3.35 -12.83 -13.36
C LYS A 148 3.19 -13.42 -11.96
N PHE A 149 4.14 -14.24 -11.53
CA PHE A 149 4.07 -14.84 -10.21
C PHE A 149 4.14 -13.78 -9.12
N PHE A 150 4.75 -12.63 -9.41
CA PHE A 150 4.83 -11.59 -8.40
C PHE A 150 3.66 -10.61 -8.45
N THR A 151 3.24 -10.19 -9.65
CA THR A 151 2.18 -9.19 -9.74
C THR A 151 0.86 -9.74 -9.19
N LEU A 152 0.55 -11.00 -9.46
CA LEU A 152 -0.50 -11.73 -8.76
C LEU A 152 0.17 -12.51 -7.66
N ASN A 153 -0.09 -12.13 -6.41
CA ASN A 153 0.61 -12.74 -5.29
C ASN A 153 0.36 -14.23 -5.23
N ILE A 154 1.38 -15.02 -5.53
CA ILE A 154 1.33 -16.47 -5.39
C ILE A 154 2.03 -16.92 -4.12
N ILE A 155 3.22 -16.40 -3.87
CA ILE A 155 3.96 -16.67 -2.64
C ILE A 155 3.65 -15.51 -1.71
N ASN A 156 2.55 -15.63 -0.97
CA ASN A 156 2.15 -14.59 -0.04
C ASN A 156 2.83 -14.85 1.31
N GLU A 157 2.42 -14.12 2.34
CA GLU A 157 2.97 -14.35 3.66
C GLU A 157 2.60 -15.73 4.17
N SER A 158 1.39 -16.21 3.85
CA SER A 158 0.94 -17.49 4.36
C SER A 158 1.80 -18.65 3.84
N SER A 159 2.32 -18.54 2.63
CA SER A 159 3.12 -19.61 2.06
C SER A 159 4.43 -19.76 2.81
N GLN A 160 4.90 -21.00 2.94
CA GLN A 160 6.15 -21.26 3.63
C GLN A 160 7.34 -20.91 2.75
N ASN A 161 8.51 -20.80 3.38
CA ASN A 161 9.75 -20.41 2.71
C ASN A 161 9.61 -19.05 2.04
N TYR A 162 8.68 -18.23 2.56
CA TYR A 162 8.30 -16.98 1.93
C TYR A 162 9.49 -16.04 1.80
N ILE A 163 10.16 -15.76 2.92
CA ILE A 163 11.36 -14.94 2.88
C ILE A 163 12.42 -15.60 2.02
N GLY A 164 12.63 -16.90 2.20
CA GLY A 164 13.64 -17.59 1.45
C GLY A 164 13.38 -17.58 -0.05
N ALA A 165 12.12 -17.77 -0.45
CA ALA A 165 11.80 -17.78 -1.87
C ALA A 165 11.99 -16.40 -2.48
N HIS A 166 11.43 -15.36 -1.83
CA HIS A 166 11.60 -14.02 -2.38
C HIS A 166 13.04 -13.54 -2.31
N ARG A 167 13.89 -14.18 -1.50
CA ARG A 167 15.30 -13.85 -1.46
C ARG A 167 16.08 -14.58 -2.55
N ALA A 168 15.76 -15.85 -2.78
CA ALA A 168 16.40 -16.61 -3.84
C ALA A 168 16.06 -16.02 -5.20
N THR A 169 14.84 -15.52 -5.37
CA THR A 169 14.48 -14.90 -6.65
C THR A 169 15.36 -13.70 -6.93
N VAL A 170 15.56 -12.83 -5.93
CA VAL A 170 16.38 -11.64 -6.15
C VAL A 170 17.83 -12.02 -6.36
N ASN A 171 18.32 -13.03 -5.62
CA ASN A 171 19.68 -13.49 -5.82
C ASN A 171 19.89 -14.02 -7.23
N ALA A 172 18.90 -14.75 -7.76
CA ALA A 172 18.98 -15.22 -9.14
C ALA A 172 18.93 -14.07 -10.13
N LEU A 173 18.10 -13.07 -9.86
CA LEU A 173 18.00 -11.91 -10.75
C LEU A 173 19.32 -11.16 -10.80
N THR A 174 20.00 -11.03 -9.68
CA THR A 174 21.30 -10.37 -9.63
C THR A 174 22.42 -11.24 -10.19
N HIS A 175 22.08 -12.29 -10.94
CA HIS A 175 23.07 -13.09 -11.64
C HIS A 175 22.54 -13.53 -13.01
N CYS A 176 21.65 -12.74 -13.59
CA CYS A 176 21.03 -13.13 -14.85
C CYS A 176 22.06 -13.15 -15.97
N ARG A 177 21.93 -14.15 -16.84
CA ARG A 177 22.80 -14.27 -17.99
C ARG A 177 22.07 -15.01 -19.10
N PHE A 178 22.44 -14.70 -20.34
CA PHE A 178 21.80 -15.30 -21.50
C PHE A 178 22.74 -15.17 -22.70
N GLU A 179 22.42 -15.90 -23.75
CA GLU A 179 23.20 -15.89 -24.98
C GLU A 179 22.31 -15.50 -26.15
N GLY A 180 22.85 -14.67 -27.05
CA GLY A 180 22.11 -14.22 -28.19
C GLY A 180 22.04 -15.25 -29.31
N SER A 181 21.00 -15.15 -30.12
CA SER A 181 20.78 -16.09 -31.21
C SER A 181 19.86 -15.43 -32.24
N GLN A 182 19.30 -16.24 -33.15
CA GLN A 182 18.42 -15.72 -34.19
C GLN A 182 17.18 -15.07 -33.59
N GLN A 183 16.85 -13.87 -34.09
CA GLN A 183 15.64 -13.14 -33.70
C GLN A 183 15.59 -12.95 -32.19
N LEU A 184 16.60 -12.28 -31.65
CA LEU A 184 16.74 -12.11 -30.21
C LEU A 184 17.11 -10.68 -29.87
N SER A 185 16.70 -10.25 -28.67
CA SER A 185 17.03 -8.94 -28.15
C SER A 185 17.47 -9.07 -26.71
N ASP A 186 18.47 -8.26 -26.33
CA ASP A 186 19.01 -8.28 -24.99
C ASP A 186 18.49 -7.16 -24.11
N ASP A 187 18.22 -5.99 -24.69
CA ASP A 187 17.65 -4.90 -23.93
C ASP A 187 16.30 -5.28 -23.35
N SER A 188 15.54 -6.14 -24.03
CA SER A 188 14.26 -6.55 -23.51
C SER A 188 14.42 -7.34 -22.21
N VAL A 189 15.33 -8.31 -22.21
CA VAL A 189 15.56 -9.10 -21.00
C VAL A 189 16.12 -8.21 -19.89
N LEU A 190 17.02 -7.29 -20.25
CA LEU A 190 17.58 -6.41 -19.23
C LEU A 190 16.51 -5.51 -18.62
N LEU A 191 15.61 -4.98 -19.44
CA LEU A 191 14.54 -4.14 -18.91
C LEU A 191 13.61 -4.96 -18.03
N LYS A 192 13.32 -6.20 -18.42
CA LYS A 192 12.48 -7.05 -17.59
C LYS A 192 13.14 -7.29 -16.23
N VAL A 193 14.46 -7.55 -16.24
CA VAL A 193 15.18 -7.75 -14.98
C VAL A 193 15.09 -6.51 -14.11
N VAL A 194 15.34 -5.34 -14.71
CA VAL A 194 15.33 -4.10 -13.93
C VAL A 194 13.95 -3.85 -13.34
N PHE A 195 12.90 -4.05 -14.13
CA PHE A 195 11.55 -3.83 -13.65
C PHE A 195 11.20 -4.79 -12.52
N LEU A 196 11.58 -6.06 -12.66
CA LEU A 196 11.29 -7.02 -11.60
C LEU A 196 12.02 -6.66 -10.32
N LEU A 197 13.28 -6.24 -10.42
CA LEU A 197 14.02 -5.83 -9.23
C LEU A 197 13.37 -4.64 -8.57
N ARG A 198 12.95 -3.65 -9.36
CA ARG A 198 12.30 -2.48 -8.77
C ARG A 198 10.99 -2.88 -8.09
N SER A 199 10.22 -3.76 -8.73
CA SER A 199 8.95 -4.18 -8.14
C SER A 199 9.18 -4.92 -6.84
N ILE A 200 10.19 -5.78 -6.78
CA ILE A 200 10.46 -6.52 -5.55
C ILE A 200 10.89 -5.58 -4.44
N VAL A 201 11.85 -4.68 -4.73
CA VAL A 201 12.40 -3.83 -3.69
C VAL A 201 11.33 -2.90 -3.12
N ASP A 202 10.45 -2.40 -3.96
CA ASP A 202 9.37 -1.51 -3.52
C ASP A 202 8.14 -2.32 -3.11
N SER A 203 8.34 -3.18 -2.13
CA SER A 203 7.28 -4.03 -1.60
C SER A 203 7.75 -4.56 -0.25
N PRO A 204 6.83 -5.01 0.60
CA PRO A 204 7.25 -5.61 1.88
C PRO A 204 8.20 -6.77 1.70
N TYR A 205 8.00 -7.56 0.65
CA TYR A 205 8.91 -8.65 0.36
C TYR A 205 10.33 -8.13 0.12
N GLY A 206 10.45 -6.96 -0.52
CA GLY A 206 11.75 -6.35 -0.68
C GLY A 206 12.35 -5.88 0.63
N ASP A 207 11.51 -5.35 1.52
CA ASP A 207 11.99 -4.84 2.80
C ASP A 207 12.35 -5.97 3.76
N LEU A 208 11.93 -7.20 3.48
CA LEU A 208 12.33 -8.34 4.28
C LEU A 208 13.54 -9.08 3.72
N LEU A 209 14.29 -8.47 2.81
CA LEU A 209 15.46 -9.10 2.22
C LEU A 209 16.67 -8.95 3.15
N SER A 210 17.86 -9.27 2.65
CA SER A 210 19.08 -9.26 3.44
C SER A 210 20.05 -8.23 2.89
N ASN A 211 21.05 -7.90 3.70
CA ASN A 211 21.99 -6.83 3.34
C ASN A 211 22.81 -7.20 2.11
N SER A 212 23.31 -8.42 2.05
CA SER A 212 24.11 -8.83 0.90
C SER A 212 23.29 -8.79 -0.38
N ILE A 213 22.04 -9.28 -0.32
CA ILE A 213 21.20 -9.31 -1.51
C ILE A 213 20.93 -7.90 -2.02
N ILE A 214 20.55 -7.00 -1.12
CA ILE A 214 20.22 -5.64 -1.57
C ILE A 214 21.46 -4.90 -2.03
N TYR A 215 22.62 -5.19 -1.43
CA TYR A 215 23.85 -4.60 -1.93
C TYR A 215 24.16 -5.08 -3.33
N ASP A 216 23.95 -6.37 -3.60
CA ASP A 216 24.14 -6.88 -4.96
C ASP A 216 23.15 -6.25 -5.93
N VAL A 217 21.93 -6.00 -5.47
CA VAL A 217 20.95 -5.32 -6.31
C VAL A 217 21.45 -3.93 -6.67
N LEU A 218 21.95 -3.20 -5.66
CA LEU A 218 22.49 -1.87 -5.91
C LEU A 218 23.62 -1.93 -6.92
N GLN A 219 24.55 -2.87 -6.73
CA GLN A 219 25.68 -3.00 -7.64
C GLN A 219 25.22 -3.25 -9.07
N THR A 220 24.34 -4.22 -9.26
CA THR A 220 23.93 -4.57 -10.62
C THR A 220 23.15 -3.44 -11.28
N ILE A 221 22.20 -2.84 -10.56
CA ILE A 221 21.40 -1.77 -11.15
C ILE A 221 22.26 -0.57 -11.49
N LEU A 222 23.19 -0.20 -10.60
CA LEU A 222 24.04 0.95 -10.88
C LEU A 222 25.01 0.65 -12.01
N SER A 223 25.49 -0.59 -12.11
CA SER A 223 26.36 -0.95 -13.21
C SER A 223 25.62 -0.83 -14.54
N LEU A 224 24.37 -1.28 -14.59
CA LEU A 224 23.58 -1.09 -15.80
C LEU A 224 23.36 0.40 -16.07
N ALA A 225 23.10 1.18 -15.01
CA ALA A 225 22.74 2.58 -15.20
C ALA A 225 23.91 3.40 -15.73
N CYS A 226 25.11 3.14 -15.25
CA CYS A 226 26.26 3.96 -15.56
C CYS A 226 27.30 3.23 -16.41
N ASN A 227 26.85 2.42 -17.36
CA ASN A 227 27.74 1.74 -18.29
C ASN A 227 27.42 2.20 -19.71
N ASN A 228 28.42 2.74 -20.38
CA ASN A 228 28.25 3.17 -21.76
C ASN A 228 28.09 1.95 -22.67
N ARG A 229 27.66 2.21 -23.90
CA ARG A 229 27.51 1.23 -24.96
C ARG A 229 26.37 0.25 -24.70
N ARG A 230 25.51 0.52 -23.73
CA ARG A 230 24.37 -0.36 -23.50
C ARG A 230 23.13 0.12 -24.24
N SER A 231 22.65 1.31 -23.91
CA SER A 231 21.46 1.89 -24.52
C SER A 231 21.31 3.31 -23.98
N GLU A 232 20.19 3.94 -24.31
CA GLU A 232 19.76 5.16 -23.64
C GLU A 232 18.48 4.95 -22.85
N VAL A 233 17.49 4.29 -23.46
CA VAL A 233 16.23 4.02 -22.76
C VAL A 233 16.48 3.10 -21.59
N LEU A 234 17.27 2.05 -21.79
CA LEU A 234 17.58 1.14 -20.70
C LEU A 234 18.35 1.85 -19.60
N ARG A 235 19.28 2.72 -19.96
CA ARG A 235 20.03 3.46 -18.94
C ARG A 235 19.12 4.38 -18.14
N ASN A 236 18.19 5.06 -18.81
CA ASN A 236 17.26 5.91 -18.08
C ASN A 236 16.36 5.10 -17.16
N ALA A 237 15.90 3.93 -17.62
CA ALA A 237 15.09 3.08 -16.77
C ALA A 237 15.89 2.63 -15.55
N ALA A 238 17.15 2.27 -15.76
CA ALA A 238 18.00 1.86 -14.63
C ALA A 238 18.23 3.02 -13.67
N GLN A 239 18.40 4.23 -14.18
CA GLN A 239 18.57 5.39 -13.32
C GLN A 239 17.32 5.64 -12.48
N SER A 240 16.15 5.57 -13.09
CA SER A 240 14.91 5.75 -12.34
C SER A 240 14.74 4.67 -11.28
N THR A 241 15.06 3.42 -11.64
CA THR A 241 14.98 2.34 -10.68
C THR A 241 15.93 2.56 -9.52
N MET A 242 17.16 3.01 -9.80
CA MET A 242 18.12 3.27 -8.73
C MET A 242 17.65 4.40 -7.84
N ILE A 243 17.06 5.45 -8.43
CA ILE A 243 16.52 6.54 -7.63
C ILE A 243 15.45 6.03 -6.68
N ALA A 244 14.53 5.20 -7.20
CA ALA A 244 13.47 4.67 -6.36
C ALA A 244 14.03 3.78 -5.25
N VAL A 245 15.04 2.97 -5.58
CA VAL A 245 15.63 2.10 -4.59
C VAL A 245 16.31 2.91 -3.49
N THR A 246 16.99 3.98 -3.87
CA THR A 246 17.62 4.84 -2.87
C THR A 246 16.57 5.48 -1.97
N VAL A 247 15.47 5.94 -2.57
CA VAL A 247 14.38 6.50 -1.78
C VAL A 247 13.91 5.50 -0.74
N LYS A 248 13.67 4.27 -1.18
CA LYS A 248 13.18 3.24 -0.26
C LYS A 248 14.19 2.93 0.82
N ILE A 249 15.48 2.85 0.46
CA ILE A 249 16.52 2.51 1.42
C ILE A 249 16.59 3.55 2.52
N PHE A 250 16.63 4.83 2.15
CA PHE A 250 16.75 5.84 3.19
C PHE A 250 15.44 6.05 3.94
N SER A 251 14.30 5.79 3.30
CA SER A 251 13.04 5.82 4.05
C SER A 251 13.03 4.75 5.13
N LYS A 252 13.56 3.56 4.82
CA LYS A 252 13.72 2.54 5.84
C LYS A 252 14.72 2.99 6.90
N LEU A 253 15.75 3.72 6.49
CA LEU A 253 16.69 4.28 7.47
C LEU A 253 15.98 5.23 8.42
N LYS A 254 14.91 5.90 7.96
CA LYS A 254 14.21 6.85 8.81
C LYS A 254 13.57 6.19 10.03
N THR A 255 13.22 4.91 9.93
CA THR A 255 12.51 4.22 11.00
C THR A 255 13.38 3.24 11.77
N ILE A 256 14.67 3.53 11.92
CA ILE A 256 15.58 2.71 12.72
C ILE A 256 16.10 3.60 13.84
N GLU A 257 16.03 3.09 15.07
CA GLU A 257 16.47 3.87 16.21
C GLU A 257 18.00 3.95 16.23
N PRO A 258 18.55 5.07 16.72
CA PRO A 258 20.01 5.20 16.80
C PRO A 258 20.59 4.24 17.83
N VAL A 259 21.88 3.94 17.65
CA VAL A 259 22.59 2.99 18.49
C VAL A 259 23.75 3.72 19.17
N ASN A 260 23.86 3.54 20.48
CA ASN A 260 24.93 4.16 21.29
C ASN A 260 24.89 5.68 21.16
N VAL A 261 23.78 6.26 21.61
CA VAL A 261 23.61 7.71 21.53
C VAL A 261 24.62 8.42 22.42
N ASN A 262 24.82 7.91 23.64
CA ASN A 262 25.70 8.57 24.59
C ASN A 262 27.18 8.28 24.36
N GLN A 263 27.50 7.27 23.56
CA GLN A 263 28.90 6.91 23.37
C GLN A 263 29.61 7.89 22.45
N ILE A 264 30.94 7.82 22.47
CA ILE A 264 31.79 8.66 21.64
C ILE A 264 32.38 7.79 20.54
N TYR A 265 32.30 8.26 19.31
CA TYR A 265 32.73 7.50 18.14
C TYR A 265 34.14 7.92 17.74
N ILE A 266 35.01 6.92 17.54
CA ILE A 266 36.33 7.14 16.99
C ILE A 266 36.33 6.62 15.55
N ASN A 267 36.62 7.49 14.60
CA ASN A 267 36.57 7.12 13.19
C ASN A 267 37.70 6.15 12.86
N ASP A 268 37.33 4.94 12.42
CA ASP A 268 38.32 3.93 12.07
C ASP A 268 38.05 3.22 10.76
N GLU A 269 36.82 3.19 10.25
CA GLU A 269 36.53 2.46 9.03
C GLU A 269 37.15 3.15 7.82
N SER A 270 37.57 2.35 6.85
CA SER A 270 38.20 2.87 5.64
C SER A 270 37.15 3.41 4.69
N TYR A 271 37.62 4.23 3.74
CA TYR A 271 36.76 4.83 2.73
C TYR A 271 36.93 4.22 1.36
N THR A 272 37.71 3.15 1.24
CA THR A 272 37.98 2.50 -0.04
C THR A 272 37.75 1.00 0.09
N ASN A 273 36.61 0.63 0.68
CA ASN A 273 36.23 -0.77 0.83
C ASN A 273 35.17 -1.22 -0.16
N ASP A 274 34.51 -0.29 -0.85
CA ASP A 274 33.53 -0.62 -1.86
C ASP A 274 33.97 -0.05 -3.20
N VAL A 275 33.93 -0.88 -4.24
CA VAL A 275 34.27 -0.48 -5.59
C VAL A 275 33.18 -0.96 -6.53
N LEU A 276 32.71 -0.09 -7.42
CA LEU A 276 31.66 -0.43 -8.36
C LEU A 276 32.20 -1.45 -9.36
N LYS A 277 31.80 -2.71 -9.20
CA LYS A 277 32.30 -3.76 -10.09
C LYS A 277 31.69 -3.62 -11.48
N ALA A 278 32.46 -4.04 -12.48
CA ALA A 278 32.04 -3.89 -13.86
C ALA A 278 30.78 -4.70 -14.13
N ASP A 279 29.93 -4.16 -15.00
CA ASP A 279 28.68 -4.82 -15.34
C ASP A 279 28.97 -6.10 -16.10
N THR A 280 28.32 -7.20 -15.68
CA THR A 280 28.49 -8.48 -16.36
C THR A 280 27.17 -9.23 -16.52
N ILE A 281 26.04 -8.58 -16.28
CA ILE A 281 24.75 -9.27 -16.30
C ILE A 281 24.30 -9.43 -17.75
N GLY A 282 24.09 -10.67 -18.17
CA GLY A 282 23.63 -10.94 -19.52
C GLY A 282 24.70 -10.81 -20.58
N THR A 283 24.67 -11.70 -21.57
CA THR A 283 25.62 -11.69 -22.68
C THR A 283 27.07 -11.66 -22.20
N ALA A 345 26.08 -5.34 12.79
CA ALA A 345 25.38 -6.51 12.27
C ALA A 345 26.21 -7.23 11.22
N TYR A 346 25.54 -7.98 10.36
CA TYR A 346 26.20 -8.73 9.29
C TYR A 346 25.15 -9.07 8.24
N ALA A 347 25.51 -9.94 7.31
CA ALA A 347 24.57 -10.38 6.30
C ALA A 347 23.49 -11.28 6.93
N ASP A 348 22.57 -11.73 6.08
CA ASP A 348 21.49 -12.64 6.48
C ASP A 348 20.54 -11.98 7.48
N ASP A 349 20.69 -10.69 7.71
CA ASP A 349 19.76 -9.93 8.53
C ASP A 349 18.69 -9.32 7.62
N ASN A 350 17.92 -8.37 8.15
CA ASN A 350 16.89 -7.67 7.39
C ASN A 350 17.28 -6.20 7.30
N TYR A 351 18.11 -5.88 6.30
CA TYR A 351 18.57 -4.51 6.06
C TYR A 351 19.16 -3.88 7.30
N GLY A 352 19.16 -2.55 7.37
CA GLY A 352 19.65 -1.85 8.52
C GLY A 352 20.71 -0.86 8.14
N LEU A 353 21.64 -0.64 9.07
CA LEU A 353 22.72 0.32 8.89
C LEU A 353 23.85 -0.20 8.00
N PRO A 354 24.21 -1.49 8.03
CA PRO A 354 25.29 -1.94 7.13
C PRO A 354 25.04 -1.64 5.67
N VAL A 355 23.80 -1.86 5.19
CA VAL A 355 23.51 -1.65 3.78
C VAL A 355 23.59 -0.17 3.44
N VAL A 356 23.06 0.70 4.29
CA VAL A 356 23.10 2.12 3.99
C VAL A 356 24.52 2.65 4.04
N ARG A 357 25.33 2.14 4.98
CA ARG A 357 26.73 2.54 5.03
C ARG A 357 27.47 2.11 3.77
N GLN A 358 27.26 0.88 3.32
CA GLN A 358 27.94 0.42 2.12
C GLN A 358 27.46 1.17 0.88
N TYR A 359 26.17 1.50 0.82
CA TYR A 359 25.66 2.26 -0.31
C TYR A 359 26.26 3.66 -0.35
N LEU A 360 26.37 4.31 0.81
CA LEU A 360 27.01 5.62 0.85
C LEU A 360 28.48 5.51 0.47
N ASN A 361 29.15 4.44 0.89
CA ASN A 361 30.55 4.26 0.53
C ASN A 361 30.70 4.10 -0.98
N LEU A 362 29.83 3.30 -1.60
CA LEU A 362 29.90 3.13 -3.05
C LEU A 362 29.61 4.44 -3.78
N LEU A 363 28.61 5.20 -3.30
CA LEU A 363 28.34 6.50 -3.90
C LEU A 363 29.54 7.41 -3.79
N LEU A 364 30.23 7.39 -2.65
CA LEU A 364 31.45 8.19 -2.51
C LEU A 364 32.50 7.72 -3.50
N SER A 365 32.63 6.40 -3.68
CA SER A 365 33.58 5.89 -4.66
C SER A 365 33.25 6.38 -6.07
N LEU A 366 31.98 6.64 -6.35
CA LEU A 366 31.61 7.20 -7.65
C LEU A 366 32.18 8.61 -7.84
N ILE A 367 32.05 9.46 -6.83
CA ILE A 367 32.44 10.86 -6.95
C ILE A 367 33.79 11.13 -6.29
N ALA A 368 34.59 10.09 -6.09
CA ALA A 368 35.85 10.26 -5.39
C ALA A 368 36.80 11.16 -6.17
N PRO A 369 37.61 11.97 -5.48
CA PRO A 369 38.54 12.84 -6.20
C PRO A 369 39.75 12.12 -6.77
N GLU A 370 40.05 10.91 -6.32
CA GLU A 370 41.14 10.13 -6.88
C GLU A 370 40.67 9.16 -7.96
N ASN A 371 39.38 9.13 -8.27
CA ASN A 371 38.82 8.26 -9.29
C ASN A 371 38.30 9.04 -10.48
N GLU A 372 38.87 10.23 -10.73
CA GLU A 372 38.40 11.06 -11.84
C GLU A 372 38.62 10.38 -13.17
N LEU A 373 39.75 9.72 -13.36
CA LEU A 373 40.07 9.11 -14.64
C LEU A 373 39.34 7.80 -14.88
N LYS A 374 38.78 7.17 -13.84
CA LYS A 374 38.18 5.85 -13.99
C LYS A 374 36.68 5.88 -14.24
N HIS A 375 36.02 7.03 -14.05
CA HIS A 375 34.59 7.14 -14.24
C HIS A 375 34.27 8.30 -15.17
N SER A 376 33.18 8.16 -15.92
CA SER A 376 32.74 9.20 -16.83
C SER A 376 31.96 10.27 -16.07
N TYR A 377 31.70 11.39 -16.76
CA TYR A 377 31.06 12.53 -16.11
C TYR A 377 29.59 12.26 -15.78
N SER A 378 28.90 11.54 -16.65
CA SER A 378 27.50 11.21 -16.37
C SER A 378 27.38 10.38 -15.10
N THR A 379 28.31 9.44 -14.91
CA THR A 379 28.30 8.63 -13.70
C THR A 379 28.45 9.50 -12.45
N ARG A 380 29.37 10.46 -12.49
CA ARG A 380 29.59 11.31 -11.33
C ARG A 380 28.38 12.20 -11.06
N ILE A 381 27.77 12.74 -12.12
CA ILE A 381 26.58 13.56 -11.92
C ILE A 381 25.46 12.72 -11.32
N PHE A 382 25.31 11.48 -11.79
CA PHE A 382 24.28 10.60 -11.25
C PHE A 382 24.54 10.28 -9.79
N GLY A 383 25.80 10.06 -9.42
CA GLY A 383 26.12 9.81 -8.03
C GLY A 383 25.80 11.00 -7.15
N LEU A 384 26.13 12.21 -7.63
CA LEU A 384 25.80 13.41 -6.87
C LEU A 384 24.29 13.56 -6.71
N GLU A 385 23.54 13.25 -7.77
CA GLU A 385 22.08 13.33 -7.68
C GLU A 385 21.54 12.34 -6.66
N LEU A 386 22.09 11.12 -6.64
CA LEU A 386 21.65 10.13 -5.66
C LEU A 386 21.94 10.60 -4.24
N ILE A 387 23.13 11.17 -4.01
CA ILE A 387 23.45 11.68 -2.68
C ILE A 387 22.51 12.81 -2.30
N GLN A 388 22.19 13.69 -3.25
CA GLN A 388 21.26 14.77 -2.98
C GLN A 388 19.88 14.24 -2.60
N THR A 389 19.40 13.22 -3.32
CA THR A 389 18.10 12.65 -2.99
C THR A 389 18.12 12.02 -1.60
N ALA A 390 19.20 11.31 -1.28
CA ALA A 390 19.31 10.71 0.04
C ALA A 390 19.27 11.77 1.14
N LEU A 391 20.00 12.86 0.95
CA LEU A 391 20.00 13.93 1.94
C LEU A 391 18.62 14.54 2.07
N GLU A 392 17.99 14.87 0.94
CA GLU A 392 16.66 15.49 0.95
C GLU A 392 15.59 14.57 1.50
N ILE A 393 15.84 13.27 1.59
CA ILE A 393 14.87 12.38 2.22
C ILE A 393 15.17 12.21 3.71
N SER A 394 16.44 12.14 4.09
CA SER A 394 16.80 11.82 5.47
C SER A 394 17.01 13.06 6.33
N GLY A 395 17.95 13.92 5.98
CA GLY A 395 18.25 15.10 6.78
C GLY A 395 18.78 14.87 8.18
N ASP A 396 18.04 15.39 9.16
CA ASP A 396 18.51 15.34 10.55
C ASP A 396 18.62 13.91 11.06
N ARG A 397 17.66 13.06 10.69
CA ARG A 397 17.73 11.66 11.08
C ARG A 397 18.99 11.00 10.55
N LEU A 398 19.41 11.36 9.35
CA LEU A 398 20.72 10.92 8.86
C LEU A 398 21.85 11.49 9.71
N GLN A 399 21.69 12.75 10.13
CA GLN A 399 22.72 13.38 10.95
C GLN A 399 22.89 12.66 12.27
N LEU A 400 21.85 12.01 12.78
CA LEU A 400 21.95 11.33 14.07
C LEU A 400 22.97 10.20 14.04
N TYR A 401 22.96 9.40 12.97
CA TYR A 401 23.86 8.25 12.91
C TYR A 401 25.30 8.71 12.64
N PRO A 402 26.29 8.11 13.28
CA PRO A 402 27.65 8.66 13.23
C PRO A 402 28.44 8.32 11.98
N ARG A 403 28.32 7.09 11.46
CA ARG A 403 29.17 6.70 10.34
C ARG A 403 28.75 7.38 9.05
N LEU A 404 27.45 7.44 8.79
CA LEU A 404 26.98 8.14 7.59
C LEU A 404 27.29 9.62 7.69
N PHE A 405 27.18 10.20 8.88
CA PHE A 405 27.52 11.61 9.03
C PHE A 405 29.01 11.83 8.81
N THR A 406 29.85 10.89 9.21
CA THR A 406 31.27 11.00 8.93
C THR A 406 31.54 10.93 7.43
N LEU A 407 30.88 9.99 6.75
CA LEU A 407 31.03 9.86 5.30
C LEU A 407 30.50 11.07 4.55
N ILE A 408 29.59 11.83 5.15
CA ILE A 408 29.15 13.07 4.51
C ILE A 408 30.12 14.20 4.84
N SER A 409 30.55 14.29 6.10
CA SER A 409 31.41 15.38 6.52
C SER A 409 32.75 15.35 5.80
N ASP A 410 33.54 14.30 6.02
CA ASP A 410 34.89 14.35 5.48
C ASP A 410 34.94 14.13 3.97
N PRO A 411 34.64 12.92 3.45
CA PRO A 411 35.04 12.63 2.07
C PRO A 411 34.09 13.19 1.02
N ILE A 412 32.79 13.20 1.29
CA ILE A 412 31.85 13.74 0.31
C ILE A 412 32.07 15.23 0.14
N PHE A 413 32.25 15.96 1.24
CA PHE A 413 32.49 17.39 1.12
C PHE A 413 33.88 17.68 0.58
N LYS A 414 34.85 16.81 0.86
CA LYS A 414 36.15 16.93 0.20
C LYS A 414 35.99 16.84 -1.32
N SER A 415 35.21 15.87 -1.78
CA SER A 415 34.97 15.74 -3.21
C SER A 415 34.24 16.96 -3.76
N ILE A 416 33.27 17.49 -3.01
CA ILE A 416 32.52 18.65 -3.47
C ILE A 416 33.45 19.84 -3.65
N LEU A 417 34.33 20.08 -2.67
CA LEU A 417 35.27 21.19 -2.78
C LEU A 417 36.24 20.99 -3.93
N PHE A 418 36.71 19.76 -4.12
CA PHE A 418 37.62 19.49 -5.23
C PHE A 418 36.95 19.76 -6.58
N ILE A 419 35.69 19.34 -6.71
CA ILE A 419 34.96 19.58 -7.96
C ILE A 419 34.76 21.06 -8.18
N ILE A 420 34.38 21.80 -7.14
CA ILE A 420 34.22 23.24 -7.28
C ILE A 420 35.51 23.89 -7.74
N GLN A 421 36.64 23.42 -7.22
CA GLN A 421 37.90 24.10 -7.46
C GLN A 421 38.50 23.75 -8.82
N ASN A 422 38.36 22.51 -9.27
CA ASN A 422 39.16 22.03 -10.41
C ASN A 422 38.29 21.34 -11.46
N THR A 423 37.18 21.96 -11.85
CA THR A 423 36.33 21.42 -12.90
C THR A 423 35.93 22.52 -13.88
N THR A 424 35.66 22.09 -15.11
CA THR A 424 35.29 23.01 -16.17
C THR A 424 34.11 22.54 -17.02
N LYS A 425 33.57 21.36 -16.75
CA LYS A 425 32.46 20.85 -17.55
C LYS A 425 31.16 21.59 -17.27
N LEU A 426 31.01 22.16 -16.08
CA LEU A 426 29.90 23.01 -15.66
C LEU A 426 28.62 22.21 -15.43
N SER A 427 28.57 20.98 -15.96
CA SER A 427 27.44 20.11 -15.69
C SER A 427 27.66 19.33 -14.40
N LEU A 428 28.89 18.87 -14.19
CA LEU A 428 29.27 18.37 -12.88
C LEU A 428 29.21 19.48 -11.85
N LEU A 429 29.59 20.70 -12.25
CA LEU A 429 29.60 21.82 -11.32
C LEU A 429 28.19 22.16 -10.86
N GLN A 430 27.20 22.11 -11.75
CA GLN A 430 25.84 22.41 -11.34
C GLN A 430 25.36 21.43 -10.28
N ALA A 431 25.59 20.13 -10.50
CA ALA A 431 25.17 19.13 -9.53
C ALA A 431 25.92 19.29 -8.21
N THR A 432 27.21 19.58 -8.28
CA THR A 432 27.99 19.77 -7.07
C THR A 432 27.49 20.95 -6.27
N LEU A 433 27.18 22.07 -6.94
CA LEU A 433 26.69 23.24 -6.22
C LEU A 433 25.31 23.00 -5.65
N GLN A 434 24.46 22.26 -6.37
CA GLN A 434 23.14 21.94 -5.82
C GLN A 434 23.27 21.08 -4.58
N LEU A 435 24.15 20.09 -4.60
CA LEU A 435 24.37 19.29 -3.41
C LEU A 435 24.93 20.12 -2.26
N PHE A 436 25.83 21.05 -2.57
CA PHE A 436 26.38 21.92 -1.53
C PHE A 436 25.30 22.78 -0.90
N THR A 437 24.42 23.35 -1.72
CA THR A 437 23.33 24.16 -1.20
C THR A 437 22.39 23.31 -0.35
N THR A 438 22.10 22.09 -0.80
CA THR A 438 21.25 21.21 -0.02
C THR A 438 21.88 20.90 1.33
N LEU A 439 23.18 20.61 1.35
CA LEU A 439 23.87 20.34 2.60
C LEU A 439 23.82 21.53 3.53
N VAL A 440 24.08 22.74 3.00
CA VAL A 440 24.09 23.91 3.87
C VAL A 440 22.70 24.21 4.41
N VAL A 441 21.68 24.00 3.58
CA VAL A 441 20.31 24.28 4.05
C VAL A 441 19.89 23.26 5.11
N ILE A 442 20.18 21.99 4.89
CA ILE A 442 19.65 20.94 5.76
C ILE A 442 20.52 20.75 6.99
N LEU A 443 21.78 20.39 6.78
CA LEU A 443 22.69 20.04 7.87
C LEU A 443 23.78 21.10 8.05
N GLY A 444 23.42 22.36 7.89
CA GLY A 444 24.40 23.43 7.98
C GLY A 444 25.01 23.58 9.36
N ASN A 445 24.20 23.37 10.40
CA ASN A 445 24.65 23.67 11.76
C ASN A 445 25.70 22.70 12.26
N ASN A 446 25.85 21.53 11.64
CA ASN A 446 26.83 20.54 12.07
C ASN A 446 28.01 20.42 11.12
N LEU A 447 28.11 21.29 10.12
CA LEU A 447 29.20 21.28 9.15
C LEU A 447 29.78 22.68 9.00
N GLN A 448 30.02 23.34 10.13
CA GLN A 448 30.40 24.75 10.10
C GLN A 448 31.76 24.95 9.44
N LEU A 449 32.74 24.13 9.80
CA LEU A 449 34.08 24.30 9.26
C LEU A 449 34.11 24.06 7.75
N GLN A 450 33.41 23.03 7.30
CA GLN A 450 33.35 22.74 5.87
C GLN A 450 32.69 23.89 5.12
N ILE A 451 31.62 24.45 5.67
CA ILE A 451 30.93 25.57 5.03
C ILE A 451 31.87 26.77 4.95
N GLU A 452 32.60 27.04 6.02
CA GLU A 452 33.55 28.15 6.01
C GLU A 452 34.59 27.97 4.92
N LEU A 453 35.18 26.79 4.84
CA LEU A 453 36.22 26.55 3.84
C LEU A 453 35.66 26.68 2.42
N THR A 454 34.50 26.07 2.18
CA THR A 454 33.92 26.09 0.84
C THR A 454 33.52 27.50 0.43
N LEU A 455 32.91 28.25 1.35
CA LEU A 455 32.52 29.62 1.02
C LEU A 455 33.74 30.50 0.80
N THR A 456 34.81 30.30 1.56
CA THR A 456 36.01 31.08 1.31
C THR A 456 36.58 30.79 -0.06
N ARG A 457 36.62 29.51 -0.45
CA ARG A 457 37.10 29.17 -1.78
C ARG A 457 36.21 29.77 -2.87
N ILE A 458 34.90 29.73 -2.65
CA ILE A 458 33.97 30.28 -3.64
C ILE A 458 34.15 31.79 -3.77
N PHE A 459 34.32 32.49 -2.65
CA PHE A 459 34.57 33.93 -2.72
C PHE A 459 35.87 34.23 -3.46
N SER A 460 36.91 33.43 -3.19
CA SER A 460 38.18 33.66 -3.85
C SER A 460 38.06 33.45 -5.36
N ILE A 461 37.38 32.38 -5.78
CA ILE A 461 37.25 32.11 -7.20
C ILE A 461 36.34 33.13 -7.87
N LEU A 462 35.36 33.66 -7.14
CA LEU A 462 34.39 34.59 -7.70
C LEU A 462 34.90 36.01 -7.82
N LEU A 463 36.05 36.33 -7.22
CA LEU A 463 36.57 37.70 -7.20
C LEU A 463 37.82 37.84 -8.05
N ASP A 464 38.09 36.89 -8.94
CA ASP A 464 39.26 36.98 -9.80
C ASP A 464 38.97 36.37 -11.17
N LYS A 478 39.36 31.78 -15.67
CA LYS A 478 38.13 31.00 -15.70
C LYS A 478 37.03 31.75 -16.44
N PRO A 479 36.21 31.01 -17.19
CA PRO A 479 35.14 31.66 -17.95
C PRO A 479 34.11 32.30 -17.05
N SER A 480 33.43 33.31 -17.59
CA SER A 480 32.41 34.01 -16.83
C SER A 480 31.21 33.12 -16.54
N ILE A 481 31.00 32.07 -17.34
CA ILE A 481 29.87 31.18 -17.13
C ILE A 481 29.98 30.48 -15.79
N ILE A 482 31.19 30.08 -15.41
CA ILE A 482 31.39 29.42 -14.12
C ILE A 482 31.00 30.34 -12.98
N LYS A 483 31.42 31.61 -13.07
CA LYS A 483 31.08 32.57 -12.03
C LYS A 483 29.59 32.81 -11.98
N GLU A 484 28.93 32.85 -13.14
CA GLU A 484 27.48 33.02 -13.17
C GLU A 484 26.79 31.88 -12.45
N LEU A 485 27.19 30.65 -12.74
CA LEU A 485 26.57 29.50 -12.09
C LEU A 485 26.82 29.53 -10.58
N LEU A 486 28.06 29.84 -10.18
CA LEU A 486 28.39 29.91 -8.76
C LEU A 486 27.49 30.91 -8.05
N ILE A 487 27.37 32.11 -8.62
CA ILE A 487 26.60 33.15 -7.95
C ILE A 487 25.13 32.78 -7.91
N GLU A 488 24.62 32.12 -8.95
CA GLU A 488 23.21 31.75 -8.96
C GLU A 488 22.90 30.74 -7.86
N GLN A 489 23.73 29.70 -7.73
CA GLN A 489 23.47 28.71 -6.70
C GLN A 489 23.64 29.30 -5.31
N ILE A 490 24.73 30.04 -5.08
CA ILE A 490 24.91 30.65 -3.77
C ILE A 490 23.80 31.64 -3.48
N SER A 491 23.19 32.22 -4.52
CA SER A 491 22.05 33.11 -4.31
C SER A 491 20.85 32.32 -3.82
N ILE A 492 20.55 31.19 -4.45
CA ILE A 492 19.46 30.36 -3.95
C ILE A 492 19.76 29.83 -2.56
N LEU A 493 21.01 29.89 -2.12
CA LEU A 493 21.33 29.50 -0.75
C LEU A 493 20.75 30.47 0.27
N TRP A 494 21.01 31.77 0.11
CA TRP A 494 20.72 32.71 1.19
C TRP A 494 19.25 33.05 1.31
N THR A 495 18.49 32.97 0.22
CA THR A 495 17.08 33.33 0.29
C THR A 495 16.29 32.38 1.18
N ARG A 496 16.56 31.08 1.07
CA ARG A 496 15.76 30.08 1.76
C ARG A 496 16.34 29.67 3.11
N SER A 497 17.62 29.84 3.33
CA SER A 497 18.18 29.57 4.65
C SER A 497 17.59 30.57 5.64
N PRO A 498 17.00 30.12 6.75
CA PRO A 498 16.28 31.04 7.64
C PRO A 498 17.17 32.13 8.19
N SER A 499 16.88 33.37 7.81
CA SER A 499 17.57 34.55 8.32
C SER A 499 19.09 34.42 8.11
N PHE A 500 19.48 34.41 6.85
CA PHE A 500 20.88 34.27 6.52
C PHE A 500 21.64 35.55 6.81
N PHE A 501 22.96 35.45 6.74
CA PHE A 501 23.97 36.46 7.00
C PHE A 501 24.10 36.78 8.48
N THR A 502 23.06 36.51 9.26
CA THR A 502 23.16 36.76 10.69
C THR A 502 23.46 35.49 11.47
N SER A 503 22.90 34.36 11.07
CA SER A 503 23.41 33.09 11.56
C SER A 503 24.88 32.94 11.20
N THR A 504 25.25 33.34 9.98
CA THR A 504 26.64 33.28 9.56
C THR A 504 27.51 34.21 10.41
N PHE A 505 27.06 35.45 10.62
CA PHE A 505 27.81 36.37 11.47
C PHE A 505 28.02 35.79 12.86
N ILE A 506 26.95 35.27 13.46
CA ILE A 506 27.05 34.73 14.81
C ILE A 506 28.00 33.55 14.86
N ASN A 507 27.85 32.61 13.92
CA ASN A 507 28.60 31.36 14.01
C ASN A 507 30.07 31.53 13.60
N PHE A 508 30.39 32.51 12.76
CA PHE A 508 31.76 32.60 12.26
C PHE A 508 32.46 33.87 12.67
N ASP A 509 31.84 35.04 12.46
CA ASP A 509 32.53 36.29 12.74
C ASP A 509 32.70 36.53 14.24
N CYS A 510 31.80 36.00 15.06
CA CYS A 510 31.83 36.24 16.50
C CYS A 510 32.33 35.04 17.28
N ASN A 511 32.89 34.03 16.61
CA ASN A 511 33.33 32.81 17.28
C ASN A 511 34.83 32.69 17.40
N LEU A 512 35.60 33.59 16.79
CA LEU A 512 37.06 33.58 16.85
C LEU A 512 37.66 32.34 16.21
N ASP A 513 38.97 32.40 15.93
CA ASP A 513 39.71 31.27 15.35
C ASP A 513 39.12 30.84 14.01
N ARG A 514 38.40 31.73 13.36
CA ARG A 514 37.77 31.45 12.08
C ARG A 514 37.90 32.69 11.19
N ALA A 515 37.15 32.72 10.10
CA ALA A 515 37.16 33.84 9.18
C ALA A 515 35.80 34.53 9.19
N ASP A 516 35.81 35.84 8.94
CA ASP A 516 34.58 36.63 8.92
C ASP A 516 33.82 36.30 7.64
N VAL A 517 33.10 35.19 7.68
CA VAL A 517 32.42 34.70 6.47
C VAL A 517 31.31 35.65 6.06
N SER A 518 30.50 36.12 7.00
CA SER A 518 29.35 36.95 6.65
C SER A 518 29.78 38.32 6.15
N ILE A 519 30.72 38.96 6.86
CA ILE A 519 31.17 40.28 6.47
C ILE A 519 31.88 40.24 5.13
N ASN A 520 32.77 39.26 4.93
CA ASN A 520 33.44 39.12 3.64
C ASN A 520 32.45 38.82 2.55
N PHE A 521 31.45 37.99 2.83
CA PHE A 521 30.41 37.68 1.86
C PHE A 521 29.69 38.95 1.42
N LEU A 522 29.27 39.76 2.38
CA LEU A 522 28.56 40.99 2.04
C LEU A 522 29.46 41.96 1.30
N LYS A 523 30.73 42.05 1.69
CA LYS A 523 31.65 42.96 1.00
C LYS A 523 31.85 42.52 -0.45
N ALA A 524 32.01 41.22 -0.68
CA ALA A 524 32.12 40.72 -2.05
C ALA A 524 30.86 40.98 -2.85
N LEU A 525 29.70 40.79 -2.21
CA LEU A 525 28.44 41.07 -2.91
C LEU A 525 28.33 42.53 -3.29
N THR A 526 28.71 43.43 -2.39
CA THR A 526 28.70 44.86 -2.71
C THR A 526 29.68 45.18 -3.84
N LYS A 527 30.86 44.55 -3.81
CA LYS A 527 31.82 44.76 -4.89
C LYS A 527 31.34 44.20 -6.20
N LEU A 528 30.42 43.23 -6.19
CA LEU A 528 29.92 42.61 -7.41
C LEU A 528 28.57 43.16 -7.83
N ALA A 529 28.08 44.22 -7.20
CA ALA A 529 26.78 44.79 -7.57
C ALA A 529 26.90 45.94 -8.55
N LEU A 530 28.04 46.62 -8.59
CA LEU A 530 28.21 47.74 -9.51
C LEU A 530 28.31 47.23 -10.94
N PRO A 531 27.83 48.02 -11.91
CA PRO A 531 28.05 47.64 -13.32
C PRO A 531 29.53 47.58 -13.69
N GLU A 532 30.38 48.36 -13.02
CA GLU A 532 31.82 48.22 -13.21
C GLU A 532 32.27 46.80 -12.88
N SER A 533 31.52 46.10 -12.02
CA SER A 533 31.73 44.68 -11.81
C SER A 533 30.91 43.83 -12.76
N ALA A 534 29.86 44.39 -13.38
CA ALA A 534 29.19 43.68 -14.45
C ALA A 534 30.12 43.48 -15.64
N LEU A 535 31.05 44.41 -15.83
CA LEU A 535 32.10 44.20 -16.82
C LEU A 535 32.94 42.99 -16.41
N THR A 536 33.57 42.36 -17.41
CA THR A 536 34.34 41.12 -17.30
C THR A 536 33.67 40.12 -16.36
N THR A 537 32.34 40.02 -16.46
CA THR A 537 31.54 39.06 -15.71
C THR A 537 30.19 38.96 -16.42
N THR A 538 29.51 37.83 -16.22
CA THR A 538 28.19 37.66 -16.80
C THR A 538 27.26 38.76 -16.32
N GLU A 539 26.47 39.31 -17.25
CA GLU A 539 25.63 40.45 -16.92
C GLU A 539 24.44 40.09 -16.04
N SER A 540 24.19 38.81 -15.80
CA SER A 540 23.11 38.40 -14.91
C SER A 540 23.52 38.37 -13.44
N VAL A 541 24.81 38.50 -13.14
CA VAL A 541 25.30 38.51 -11.77
C VAL A 541 24.83 39.75 -10.98
N PRO A 542 24.92 40.96 -11.53
CA PRO A 542 24.60 42.16 -10.72
C PRO A 542 23.19 42.14 -10.17
N PRO A 543 22.16 41.72 -10.93
CA PRO A 543 20.83 41.64 -10.32
C PRO A 543 20.79 40.65 -9.17
N ILE A 544 21.54 39.56 -9.26
CA ILE A 544 21.58 38.58 -8.17
C ILE A 544 22.20 39.22 -6.92
N CYS A 545 23.30 39.95 -7.10
CA CYS A 545 23.94 40.61 -5.97
C CYS A 545 23.00 41.65 -5.35
N LEU A 546 22.29 42.40 -6.19
CA LEU A 546 21.34 43.38 -5.69
C LEU A 546 20.23 42.70 -4.90
N GLU A 547 19.76 41.55 -5.39
CA GLU A 547 18.75 40.79 -4.65
C GLU A 547 19.30 40.36 -3.29
N GLY A 548 20.58 39.97 -3.24
CA GLY A 548 21.16 39.60 -1.96
C GLY A 548 21.20 40.75 -0.98
N LEU A 549 21.63 41.93 -1.44
CA LEU A 549 21.67 43.09 -0.56
C LEU A 549 20.26 43.48 -0.10
N VAL A 550 19.30 43.46 -1.02
CA VAL A 550 17.93 43.78 -0.65
C VAL A 550 17.40 42.76 0.35
N SER A 551 17.80 41.49 0.20
CA SER A 551 17.38 40.47 1.16
C SER A 551 17.94 40.75 2.54
N LEU A 552 19.21 41.18 2.61
CA LEU A 552 19.78 41.52 3.91
C LEU A 552 19.02 42.67 4.56
N VAL A 553 18.74 43.72 3.78
CA VAL A 553 18.02 44.87 4.32
C VAL A 553 16.62 44.47 4.78
N ASP A 554 15.93 43.67 3.97
CA ASP A 554 14.58 43.24 4.32
C ASP A 554 14.59 42.36 5.56
N ASP A 555 15.61 41.52 5.71
CA ASP A 555 15.70 40.70 6.91
C ASP A 555 15.88 41.56 8.15
N MET A 556 16.74 42.58 8.06
CA MET A 556 16.91 43.48 9.19
C MET A 556 15.59 44.20 9.51
N PHE A 557 14.89 44.67 8.48
CA PHE A 557 13.63 45.36 8.69
C PHE A 557 12.61 44.45 9.35
N ASP A 558 12.49 43.21 8.87
CA ASP A 558 11.55 42.27 9.46
C ASP A 558 11.92 41.93 10.90
N HIS A 559 13.21 42.01 11.23
CA HIS A 559 13.60 41.81 12.63
C HIS A 559 13.11 42.93 13.53
N MET A 560 12.62 44.03 12.97
CA MET A 560 12.15 45.18 13.75
C MET A 560 10.64 45.33 13.67
N LYS A 561 9.92 44.21 13.66
CA LYS A 561 8.46 44.27 13.53
C LYS A 561 7.84 45.07 14.65
N ASP A 562 8.04 44.62 15.90
CA ASP A 562 7.56 45.34 17.08
C ASP A 562 8.64 45.21 18.15
N ILE A 563 9.56 46.16 18.18
CA ILE A 563 10.68 46.12 19.11
C ILE A 563 10.64 47.22 20.16
N ASP A 564 9.92 48.33 19.91
CA ASP A 564 9.80 49.42 20.88
C ASP A 564 11.18 49.99 21.23
N ARG A 565 11.76 50.67 20.23
CA ARG A 565 13.13 51.17 20.28
C ARG A 565 13.52 51.80 21.61
N GLU A 566 12.54 52.33 22.35
CA GLU A 566 12.83 52.82 23.69
C GLU A 566 13.39 51.70 24.57
N GLU A 567 12.83 50.49 24.45
CA GLU A 567 13.36 49.35 25.18
C GLU A 567 14.78 49.03 24.74
N PHE A 568 15.05 49.14 23.43
CA PHE A 568 16.39 48.90 22.93
C PHE A 568 17.38 49.89 23.53
N GLY A 569 16.99 51.16 23.62
CA GLY A 569 17.84 52.14 24.25
C GLY A 569 18.03 51.90 25.74
N ARG A 570 16.99 51.39 26.41
CA ARG A 570 17.08 51.13 27.84
C ARG A 570 18.12 50.06 28.17
N GLN A 571 18.49 49.23 27.21
CA GLN A 571 19.48 48.19 27.46
C GLN A 571 20.84 48.81 27.72
N LYS A 572 21.58 48.24 28.66
CA LYS A 572 22.90 48.71 29.02
C LYS A 572 24.01 47.75 28.62
N ASN A 573 23.92 46.49 29.03
CA ASN A 573 25.00 45.54 28.78
C ASN A 573 25.09 45.19 27.30
N GLU A 574 26.30 44.85 26.87
CA GLU A 574 26.57 44.37 25.53
C GLU A 574 27.00 42.91 25.59
N MET A 575 26.62 42.16 24.56
CA MET A 575 26.91 40.74 24.53
C MET A 575 28.41 40.49 24.54
N GLU A 576 28.85 39.57 25.41
CA GLU A 576 30.27 39.26 25.52
C GLU A 576 30.80 38.69 24.22
N ILE A 577 29.95 38.01 23.45
CA ILE A 577 30.35 37.49 22.15
C ILE A 577 30.78 38.65 21.25
N LEU A 578 29.98 39.71 21.21
CA LEU A 578 30.34 40.88 20.42
C LEU A 578 31.58 41.56 20.98
N LYS A 579 31.73 41.57 22.31
CA LYS A 579 32.92 42.17 22.91
C LYS A 579 34.18 41.46 22.43
N LYS A 580 34.15 40.12 22.42
CA LYS A 580 35.30 39.38 21.90
C LYS A 580 35.45 39.58 20.40
N ARG A 581 34.34 39.71 19.68
CA ARG A 581 34.41 39.92 18.24
C ARG A 581 35.08 41.25 17.90
N ASP A 582 34.91 42.26 18.76
CA ASP A 582 35.63 43.51 18.55
C ASP A 582 37.10 43.40 18.90
N ARG A 583 37.49 42.32 19.59
CA ARG A 583 38.87 42.10 20.00
C ARG A 583 39.60 41.15 19.05
N LYS A 584 39.01 40.84 17.90
CA LYS A 584 39.54 39.77 17.05
C LYS A 584 40.88 40.14 16.42
N THR A 585 41.09 41.41 16.07
CA THR A 585 42.33 41.79 15.40
C THR A 585 43.54 41.57 16.30
N GLU A 586 43.44 42.02 17.55
CA GLU A 586 44.52 41.76 18.49
C GLU A 586 44.65 40.27 18.80
N PHE A 587 43.55 39.51 18.70
CA PHE A 587 43.67 38.07 18.83
C PHE A 587 44.51 37.47 17.71
N ILE A 588 44.31 37.95 16.49
CA ILE A 588 45.12 37.47 15.37
C ILE A 588 46.57 37.87 15.57
N GLU A 589 46.81 39.09 16.05
CA GLU A 589 48.18 39.52 16.31
C GLU A 589 48.85 38.65 17.36
N CYS A 590 48.13 38.34 18.44
CA CYS A 590 48.67 37.48 19.49
C CYS A 590 48.93 36.07 18.96
N THR A 591 48.03 35.55 18.12
CA THR A 591 48.25 34.23 17.54
C THR A 591 49.50 34.21 16.66
N ASN A 592 49.70 35.27 15.87
CA ASN A 592 50.91 35.34 15.06
C ASN A 592 52.15 35.40 15.93
N ALA A 593 52.09 36.17 17.01
CA ALA A 593 53.22 36.22 17.94
C ALA A 593 53.50 34.86 18.56
N PHE A 594 52.44 34.14 18.93
CA PHE A 594 52.62 32.80 19.51
C PHE A 594 53.25 31.84 18.52
N ASN A 595 52.79 31.88 17.26
CA ASN A 595 53.40 31.03 16.25
C ASN A 595 54.86 31.40 16.02
N GLU A 596 55.19 32.68 16.09
CA GLU A 596 56.58 33.09 15.90
C GLU A 596 57.48 32.53 17.00
N LYS A 597 57.05 32.66 18.26
CA LYS A 597 57.80 32.15 19.41
C LYS A 597 56.90 32.12 20.64
N PRO A 598 56.82 30.99 21.34
CA PRO A 598 55.91 30.93 22.50
C PRO A 598 56.38 31.74 23.69
N LYS A 599 57.70 31.85 23.90
CA LYS A 599 58.19 32.58 25.07
C LYS A 599 57.82 34.04 25.02
N LYS A 600 57.58 34.59 23.83
CA LYS A 600 57.08 35.95 23.70
C LYS A 600 55.56 35.98 23.58
N GLY A 601 54.98 34.97 22.94
CA GLY A 601 53.54 34.96 22.74
C GLY A 601 52.76 34.84 24.04
N ILE A 602 53.18 33.92 24.91
CA ILE A 602 52.43 33.68 26.14
C ILE A 602 52.29 34.93 27.00
N PRO A 603 53.35 35.71 27.25
CA PRO A 603 53.13 36.97 27.97
C PRO A 603 52.16 37.90 27.27
N MET A 604 52.19 37.93 25.93
CA MET A 604 51.26 38.78 25.20
C MET A 604 49.83 38.32 25.38
N LEU A 605 49.61 37.01 25.33
CA LEU A 605 48.26 36.48 25.54
C LEU A 605 47.77 36.72 26.95
N ILE A 606 48.64 36.60 27.95
CA ILE A 606 48.20 36.80 29.32
C ILE A 606 48.04 38.28 29.67
N GLU A 607 48.72 39.18 28.94
CA GLU A 607 48.52 40.60 29.16
C GLU A 607 47.08 41.01 28.86
N LYS A 608 46.53 40.50 27.77
CA LYS A 608 45.18 40.83 27.36
C LYS A 608 44.20 39.81 27.95
N GLY A 609 42.92 39.97 27.62
CA GLY A 609 41.86 39.20 28.23
C GLY A 609 41.67 37.80 27.71
N PHE A 610 42.56 37.32 26.85
CA PHE A 610 42.40 35.98 26.28
C PHE A 610 42.71 34.90 27.30
N ILE A 611 43.95 34.88 27.79
CA ILE A 611 44.35 33.92 28.82
C ILE A 611 43.88 34.43 30.16
N ALA A 612 43.17 33.56 30.90
CA ALA A 612 42.60 33.98 32.18
C ALA A 612 43.69 34.32 33.19
N SER A 613 44.66 33.43 33.37
CA SER A 613 45.71 33.61 34.35
C SER A 613 46.90 32.75 33.97
N ASP A 614 48.01 32.94 34.69
CA ASP A 614 49.23 32.20 34.44
C ASP A 614 49.16 30.77 34.92
N SER A 615 48.10 30.39 35.63
CA SER A 615 47.96 29.02 36.09
C SER A 615 47.93 28.06 34.90
N ASP A 616 48.65 26.94 35.04
CA ASP A 616 48.75 25.98 33.95
C ASP A 616 47.41 25.38 33.57
N LYS A 617 46.42 25.40 34.48
CA LYS A 617 45.08 24.94 34.13
C LYS A 617 44.49 25.80 33.01
N ASP A 618 44.58 27.12 33.16
CA ASP A 618 44.05 28.02 32.14
C ASP A 618 44.81 27.88 30.83
N ILE A 619 46.14 27.75 30.90
CA ILE A 619 46.94 27.61 29.69
C ILE A 619 46.58 26.33 28.96
N ALA A 620 46.43 25.24 29.71
CA ALA A 620 46.04 23.97 29.10
C ALA A 620 44.65 24.08 28.47
N GLU A 621 43.72 24.74 29.16
CA GLU A 621 42.38 24.90 28.62
C GLU A 621 42.42 25.66 27.29
N PHE A 622 43.21 26.73 27.24
CA PHE A 622 43.33 27.49 26.00
C PHE A 622 43.99 26.67 24.90
N LEU A 623 45.05 25.94 25.23
CA LEU A 623 45.74 25.14 24.22
C LEU A 623 44.88 23.96 23.76
N PHE A 624 43.88 23.58 24.53
CA PHE A 624 42.98 22.52 24.09
C PHE A 624 41.85 23.05 23.24
N ASN A 625 41.26 24.17 23.64
CA ASN A 625 40.07 24.68 22.96
C ASN A 625 40.34 25.08 21.51
N ASN A 626 41.16 26.11 21.31
CA ASN A 626 41.28 26.75 20.00
C ASN A 626 42.40 26.11 19.17
N ASN A 627 42.24 24.82 18.89
CA ASN A 627 43.20 24.12 18.05
C ASN A 627 42.82 24.27 16.58
N ASN A 628 42.56 25.50 16.15
CA ASN A 628 42.25 25.77 14.75
C ASN A 628 43.11 26.91 14.22
N ARG A 629 43.40 27.88 15.08
CA ARG A 629 44.24 29.01 14.70
C ARG A 629 45.48 29.03 15.59
N MET A 630 46.11 27.87 15.74
CA MET A 630 47.34 27.76 16.51
C MET A 630 48.22 26.74 15.80
N ASN A 631 49.45 27.12 15.48
CA ASN A 631 50.35 26.22 14.76
C ASN A 631 50.57 24.96 15.59
N LYS A 632 50.07 23.82 15.08
CA LYS A 632 50.13 22.59 15.86
C LYS A 632 51.56 22.11 16.05
N LYS A 633 52.40 22.26 15.03
CA LYS A 633 53.80 21.88 15.17
C LYS A 633 54.50 22.77 16.20
N THR A 634 54.17 24.06 16.21
CA THR A 634 54.73 24.95 17.23
C THR A 634 54.25 24.55 18.61
N ILE A 635 53.00 24.10 18.72
CA ILE A 635 52.49 23.59 19.98
C ILE A 635 53.30 22.39 20.43
N GLY A 636 53.57 21.47 19.51
CA GLY A 636 54.37 20.31 19.86
C GLY A 636 55.78 20.66 20.29
N LEU A 637 56.40 21.60 19.57
CA LEU A 637 57.76 22.01 19.93
C LEU A 637 57.79 22.69 21.28
N LEU A 638 56.80 23.53 21.58
CA LEU A 638 56.74 24.20 22.87
C LEU A 638 56.54 23.19 23.99
N LEU A 639 55.64 22.22 23.78
CA LEU A 639 55.18 21.38 24.87
C LEU A 639 56.23 20.40 25.37
N CYS A 640 57.32 20.19 24.64
CA CYS A 640 58.34 19.25 25.07
C CYS A 640 59.20 19.79 26.22
N HIS A 641 59.14 21.10 26.50
CA HIS A 641 59.97 21.71 27.52
C HIS A 641 59.60 21.18 28.90
N PRO A 642 60.54 21.19 29.85
CA PRO A 642 60.25 20.68 31.20
C PRO A 642 59.07 21.35 31.90
N ASP A 643 59.12 22.67 32.04
CA ASP A 643 57.95 23.38 32.56
C ASP A 643 56.74 23.11 31.67
N LYS A 644 56.95 23.10 30.36
CA LYS A 644 55.89 22.66 29.47
C LYS A 644 55.65 21.17 29.55
N VAL A 645 56.54 20.39 30.16
CA VAL A 645 56.20 18.99 30.47
C VAL A 645 55.18 18.93 31.62
N SER A 646 55.33 19.78 32.63
CA SER A 646 54.28 19.90 33.65
C SER A 646 52.98 20.39 33.02
N LEU A 647 53.08 21.40 32.16
CA LEU A 647 51.92 21.85 31.40
C LEU A 647 51.32 20.70 30.58
N LEU A 648 52.18 19.84 30.05
CA LEU A 648 51.74 18.68 29.27
C LEU A 648 50.99 17.70 30.14
N ASN A 649 51.48 17.46 31.35
CA ASN A 649 50.77 16.57 32.27
C ASN A 649 49.37 17.10 32.52
N GLU A 650 49.26 18.40 32.82
CA GLU A 650 47.93 18.98 33.01
C GLU A 650 47.09 18.88 31.75
N TYR A 651 47.69 19.15 30.59
CA TYR A 651 46.97 19.19 29.33
C TYR A 651 46.39 17.82 28.99
N ILE A 652 47.17 16.76 29.18
CA ILE A 652 46.65 15.43 28.88
C ILE A 652 45.72 14.95 29.99
N ARG A 653 45.87 15.48 31.20
CA ARG A 653 44.83 15.26 32.20
C ARG A 653 43.51 15.88 31.75
N LEU A 654 43.58 16.93 30.93
CA LEU A 654 42.36 17.54 30.42
C LEU A 654 41.63 16.64 29.42
N PHE A 655 42.32 15.68 28.81
CA PHE A 655 41.70 14.79 27.84
C PHE A 655 40.66 13.87 28.48
N ASP A 656 39.97 13.08 27.66
CA ASP A 656 38.98 12.12 28.15
C ASP A 656 39.07 10.88 27.28
N PHE A 657 39.35 9.73 27.89
CA PHE A 657 39.56 8.49 27.14
C PHE A 657 38.49 7.45 27.42
N SER A 658 38.33 7.02 28.67
CA SER A 658 37.35 6.00 29.05
C SER A 658 37.46 4.76 28.16
N GLY A 659 38.68 4.23 28.08
CA GLY A 659 38.93 3.02 27.33
C GLY A 659 39.57 3.25 25.98
N LEU A 660 38.80 3.08 24.91
CA LEU A 660 39.19 3.37 23.54
C LEU A 660 40.28 2.45 22.99
N ARG A 661 40.54 1.32 23.63
CA ARG A 661 41.34 0.25 23.03
C ARG A 661 42.73 0.73 22.61
N VAL A 662 43.30 1.65 23.39
CA VAL A 662 44.66 2.14 23.21
C VAL A 662 44.86 2.83 21.86
N ASP A 663 44.47 2.17 20.76
CA ASP A 663 44.69 2.77 19.44
C ASP A 663 43.81 3.99 19.23
N GLU A 664 42.55 3.92 19.64
CA GLU A 664 41.71 5.11 19.54
C GLU A 664 42.18 6.20 20.49
N ALA A 665 42.77 5.81 21.62
CA ALA A 665 43.42 6.79 22.49
C ALA A 665 44.58 7.47 21.78
N ILE A 666 45.35 6.69 21.02
CA ILE A 666 46.46 7.26 20.24
C ILE A 666 45.91 8.23 19.21
N ARG A 667 44.82 7.86 18.53
CA ARG A 667 44.22 8.75 17.57
C ARG A 667 43.76 10.04 18.22
N ILE A 668 43.13 9.94 19.40
CA ILE A 668 42.69 11.11 20.13
C ILE A 668 43.89 12.00 20.46
N LEU A 669 44.98 11.40 20.93
CA LEU A 669 46.14 12.19 21.32
C LEU A 669 46.75 12.89 20.11
N LEU A 670 46.84 12.19 18.99
CA LEU A 670 47.51 12.75 17.82
C LEU A 670 46.61 13.64 16.99
N THR A 671 45.32 13.75 17.34
CA THR A 671 44.44 14.66 16.62
C THR A 671 44.93 16.11 16.75
N LYS A 672 45.36 16.50 17.94
CA LYS A 672 45.74 17.89 18.16
C LYS A 672 47.18 18.02 18.60
N PHE A 673 48.09 17.32 17.92
CA PHE A 673 49.51 17.35 18.26
C PHE A 673 50.32 16.90 17.05
N ARG A 674 51.43 17.59 16.81
CA ARG A 674 52.42 17.15 15.84
C ARG A 674 53.63 16.63 16.60
N LEU A 675 53.89 15.35 16.47
CA LEU A 675 54.98 14.73 17.23
C LEU A 675 56.31 15.30 16.77
N PRO A 676 57.13 15.82 17.67
CA PRO A 676 58.43 16.34 17.27
C PRO A 676 59.33 15.24 16.73
N GLY A 677 60.25 15.64 15.85
CA GLY A 677 61.11 14.65 15.20
C GLY A 677 62.03 13.94 16.16
N GLU A 678 62.60 14.68 17.12
CA GLU A 678 63.57 14.11 18.04
C GLU A 678 62.91 13.05 18.93
N SER A 679 63.68 12.00 19.24
CA SER A 679 63.12 10.86 19.94
C SER A 679 62.89 11.16 21.42
N GLN A 680 63.67 12.07 22.01
CA GLN A 680 63.51 12.36 23.43
C GLN A 680 62.15 12.99 23.71
N GLN A 681 61.75 13.96 22.88
CA GLN A 681 60.43 14.56 23.05
C GLN A 681 59.32 13.56 22.79
N ILE A 682 59.52 12.62 21.86
CA ILE A 682 58.54 11.58 21.63
C ILE A 682 58.41 10.71 22.87
N GLU A 683 59.54 10.39 23.51
CA GLU A 683 59.50 9.62 24.74
C GLU A 683 58.72 10.35 25.82
N ARG A 684 58.96 11.66 25.94
CA ARG A 684 58.22 12.44 26.93
C ARG A 684 56.72 12.42 26.64
N ILE A 685 56.34 12.60 25.37
CA ILE A 685 54.93 12.60 25.00
C ILE A 685 54.30 11.27 25.32
N ILE A 686 54.97 10.17 24.96
CA ILE A 686 54.39 8.86 25.15
C ILE A 686 54.29 8.50 26.62
N GLU A 687 55.28 8.89 27.43
CA GLU A 687 55.22 8.57 28.86
C GLU A 687 54.12 9.38 29.54
N ALA A 688 53.95 10.65 29.17
CA ALA A 688 52.84 11.42 29.70
C ALA A 688 51.51 10.81 29.28
N PHE A 689 51.44 10.33 28.04
CA PHE A 689 50.24 9.65 27.56
C PHE A 689 49.94 8.41 28.39
N SER A 690 50.98 7.63 28.69
CA SER A 690 50.79 6.43 29.50
C SER A 690 50.26 6.79 30.88
N SER A 691 50.86 7.80 31.52
CA SER A 691 50.40 8.20 32.85
C SER A 691 48.96 8.66 32.80
N ALA A 692 48.59 9.47 31.81
CA ALA A 692 47.22 9.97 31.73
C ALA A 692 46.24 8.85 31.42
N TYR A 693 46.64 7.88 30.59
CA TYR A 693 45.77 6.76 30.29
C TYR A 693 45.50 5.94 31.54
N CYS A 694 46.53 5.72 32.36
CA CYS A 694 46.32 5.05 33.63
C CYS A 694 45.40 5.85 34.53
N GLU A 695 45.60 7.17 34.59
CA GLU A 695 44.82 8.00 35.50
C GLU A 695 43.35 8.04 35.08
N ASN A 696 43.07 8.12 33.78
CA ASN A 696 41.73 8.32 33.28
C ASN A 696 40.92 7.02 33.14
N GLN A 697 41.51 5.87 33.46
CA GLN A 697 40.80 4.61 33.41
C GLN A 697 41.15 3.80 34.65
N ASP A 698 40.14 3.53 35.48
CA ASP A 698 40.35 2.76 36.70
C ASP A 698 40.33 1.27 36.38
N TYR A 699 41.49 0.64 36.43
CA TYR A 699 41.59 -0.78 36.12
C TYR A 699 40.99 -1.63 37.23
N ASP A 700 40.65 -2.87 36.89
CA ASP A 700 40.04 -3.79 37.84
C ASP A 700 40.68 -5.17 37.69
N PRO A 701 40.73 -5.95 38.77
CA PRO A 701 41.50 -7.20 38.75
C PRO A 701 40.88 -8.33 37.92
N SER A 702 39.81 -8.05 37.17
CA SER A 702 39.23 -9.08 36.32
C SER A 702 40.25 -9.65 35.35
N LYS A 703 40.78 -8.78 34.48
CA LYS A 703 41.87 -9.14 33.56
C LYS A 703 41.54 -10.40 32.77
N ILE A 704 40.33 -10.45 32.22
CA ILE A 704 39.87 -11.65 31.54
C ILE A 704 40.74 -11.94 30.33
N SER A 705 41.08 -13.21 30.14
CA SER A 705 41.91 -13.69 29.06
C SER A 705 41.05 -13.84 27.80
N ASP A 706 41.51 -14.66 26.85
CA ASP A 706 40.79 -14.93 25.61
C ASP A 706 39.33 -15.33 25.90
N ASN A 707 38.52 -15.24 24.84
CA ASN A 707 37.07 -15.40 24.90
C ASN A 707 36.45 -14.19 25.59
N ALA A 708 37.01 -13.01 25.37
CA ALA A 708 36.49 -11.77 25.92
C ALA A 708 36.84 -10.66 24.94
N GLU A 709 35.85 -10.26 24.13
CA GLU A 709 36.08 -9.33 23.03
C GLU A 709 35.92 -7.87 23.41
N ASP A 710 35.53 -7.58 24.66
CA ASP A 710 35.37 -6.20 25.07
C ASP A 710 36.69 -5.63 25.61
N ASP A 711 36.75 -4.30 25.67
CA ASP A 711 37.96 -3.61 26.11
C ASP A 711 37.83 -2.93 27.46
N ILE A 712 36.60 -2.73 27.96
CA ILE A 712 36.42 -2.03 29.22
C ILE A 712 36.80 -2.91 30.39
N SER A 713 36.11 -4.04 30.55
CA SER A 713 36.35 -4.93 31.67
C SER A 713 37.57 -5.82 31.47
N THR A 714 38.08 -5.93 30.24
CA THR A 714 39.18 -6.91 30.02
C THR A 714 40.54 -6.21 29.87
N VAL A 715 40.96 -5.91 28.64
CA VAL A 715 42.32 -5.34 28.42
C VAL A 715 42.60 -4.27 29.49
N GLN A 716 43.69 -4.43 30.24
CA GLN A 716 44.06 -3.45 31.30
C GLN A 716 45.58 -3.43 31.46
N PRO A 717 46.36 -2.98 30.45
CA PRO A 717 47.81 -2.88 30.61
C PRO A 717 48.20 -1.87 31.69
N ASP A 718 49.51 -1.74 31.88
CA ASP A 718 50.09 -0.82 32.85
C ASP A 718 50.78 0.33 32.11
N ALA A 719 51.46 1.20 32.86
CA ALA A 719 52.05 2.40 32.28
C ALA A 719 53.13 2.04 31.25
N ASP A 720 54.11 1.23 31.64
CA ASP A 720 55.14 0.83 30.70
C ASP A 720 54.58 -0.06 29.60
N SER A 721 53.55 -0.85 29.94
CA SER A 721 52.92 -1.70 28.95
C SER A 721 52.29 -0.87 27.83
N VAL A 722 51.50 0.14 28.19
CA VAL A 722 50.89 0.98 27.17
C VAL A 722 51.94 1.85 26.50
N PHE A 723 53.02 2.19 27.20
CA PHE A 723 54.13 2.87 26.56
C PHE A 723 54.68 2.06 25.39
N ILE A 724 55.00 0.79 25.66
CA ILE A 724 55.53 -0.08 24.61
C ILE A 724 54.50 -0.27 23.50
N LEU A 725 53.24 -0.47 23.87
CA LEU A 725 52.20 -0.70 22.87
C LEU A 725 52.04 0.53 21.97
N SER A 726 52.06 1.72 22.56
CA SER A 726 51.90 2.95 21.76
C SER A 726 53.10 3.17 20.85
N TYR A 727 54.31 2.91 21.34
CA TYR A 727 55.47 3.02 20.47
C TYR A 727 55.38 2.03 19.31
N SER A 728 54.93 0.81 19.60
CA SER A 728 54.74 -0.18 18.54
C SER A 728 53.67 0.28 17.55
N ILE A 729 52.61 0.91 18.04
CA ILE A 729 51.56 1.40 17.14
C ILE A 729 52.10 2.48 16.21
N ILE A 730 52.87 3.43 16.77
CA ILE A 730 53.43 4.48 15.95
C ILE A 730 54.37 3.89 14.91
N MET A 731 55.21 2.93 15.32
CA MET A 731 56.11 2.28 14.38
C MET A 731 55.32 1.56 13.28
N LEU A 732 54.24 0.87 13.66
CA LEU A 732 53.44 0.15 12.67
C LEU A 732 52.82 1.12 11.66
N ASN A 733 52.32 2.25 12.13
CA ASN A 733 51.74 3.23 11.22
C ASN A 733 52.80 3.76 10.26
N THR A 734 53.93 4.22 10.80
CA THR A 734 54.96 4.80 9.95
C THR A 734 55.65 3.77 9.08
N ASP A 735 55.48 2.48 9.36
CA ASP A 735 56.06 1.44 8.51
C ASP A 735 55.07 0.92 7.48
N LEU A 736 53.77 1.01 7.76
CA LEU A 736 52.76 0.45 6.88
C LEU A 736 52.12 1.49 5.96
N HIS A 737 52.28 2.77 6.23
CA HIS A 737 51.71 3.80 5.37
C HIS A 737 52.79 4.69 4.75
N ASN A 738 53.86 4.07 4.26
CA ASN A 738 54.84 4.76 3.45
C ASN A 738 55.21 3.91 2.24
N PRO A 739 54.98 4.42 1.03
CA PRO A 739 55.24 3.60 -0.18
C PRO A 739 56.72 3.36 -0.42
N GLN A 740 57.58 4.16 0.20
CA GLN A 740 59.01 4.08 -0.05
C GLN A 740 59.70 2.97 0.73
N VAL A 741 58.98 2.27 1.61
CA VAL A 741 59.55 1.17 2.37
C VAL A 741 59.15 -0.14 1.69
N LYS A 742 60.15 -0.92 1.29
CA LYS A 742 59.88 -2.20 0.65
C LYS A 742 59.24 -3.17 1.62
N GLU A 743 58.43 -4.07 1.08
CA GLU A 743 57.66 -5.04 1.86
C GLU A 743 56.75 -4.33 2.85
N HIS A 744 56.30 -5.05 3.87
CA HIS A 744 55.39 -4.48 4.87
C HIS A 744 55.64 -5.19 6.20
N MET A 745 54.72 -5.01 7.13
CA MET A 745 54.76 -5.66 8.44
C MET A 745 53.55 -6.58 8.56
N SER A 746 53.79 -7.84 8.87
CA SER A 746 52.73 -8.82 9.01
C SER A 746 52.24 -8.88 10.45
N PHE A 747 51.10 -9.53 10.64
CA PHE A 747 50.57 -9.70 11.99
C PHE A 747 51.51 -10.55 12.84
N GLU A 748 52.06 -11.61 12.26
CA GLU A 748 52.95 -12.50 13.02
C GLU A 748 54.19 -11.76 13.49
N ASP A 749 54.81 -10.98 12.60
CA ASP A 749 56.02 -10.26 12.96
C ASP A 749 55.73 -9.22 14.04
N TYR A 750 54.61 -8.50 13.91
CA TYR A 750 54.26 -7.49 14.90
C TYR A 750 54.01 -8.13 16.26
N SER A 751 53.26 -9.24 16.28
CA SER A 751 52.97 -9.94 17.53
C SER A 751 54.25 -10.45 18.17
N GLY A 752 55.15 -11.02 17.36
CA GLY A 752 56.42 -11.47 17.90
C GLY A 752 57.26 -10.33 18.46
N ASN A 753 57.18 -9.17 17.82
CA ASN A 753 57.89 -8.01 18.33
C ASN A 753 57.31 -7.53 19.66
N LEU A 754 55.99 -7.63 19.83
CA LEU A 754 55.38 -7.20 21.08
C LEU A 754 55.28 -8.30 22.11
N LYS A 755 56.10 -9.33 22.01
CA LYS A 755 56.25 -10.28 23.10
C LYS A 755 57.05 -9.62 24.22
N GLY A 756 56.71 -9.99 25.45
CA GLY A 756 57.29 -9.28 26.58
C GLY A 756 56.58 -7.96 26.82
N CYS A 757 55.31 -8.05 27.18
CA CYS A 757 54.43 -6.88 27.29
C CYS A 757 53.61 -7.06 28.55
N CYS A 758 52.48 -6.36 28.63
CA CYS A 758 51.73 -6.08 29.86
C CYS A 758 51.78 -7.19 30.89
N ASN A 759 52.15 -6.84 32.12
CA ASN A 759 52.30 -7.79 33.23
C ASN A 759 53.30 -8.89 32.90
N HIS A 760 54.30 -8.56 32.07
CA HIS A 760 55.30 -9.51 31.58
C HIS A 760 54.63 -10.61 30.76
N LYS A 761 53.35 -10.44 30.45
CA LYS A 761 52.58 -11.37 29.65
C LYS A 761 52.53 -10.88 28.21
N ASP A 762 51.66 -11.50 27.41
CA ASP A 762 51.42 -11.07 26.03
C ASP A 762 49.97 -10.64 25.88
N PHE A 763 49.73 -9.69 24.97
CA PHE A 763 48.40 -9.20 24.73
C PHE A 763 47.52 -10.30 24.12
N PRO A 764 46.20 -10.21 24.31
CA PRO A 764 45.30 -11.20 23.72
C PRO A 764 45.30 -11.13 22.20
N PHE A 765 44.95 -12.26 21.59
CA PHE A 765 44.92 -12.36 20.14
C PHE A 765 43.89 -11.40 19.55
N TRP A 766 42.70 -11.31 20.14
CA TRP A 766 41.67 -10.44 19.61
C TRP A 766 42.10 -8.98 19.69
N TYR A 767 42.73 -8.59 20.79
CA TYR A 767 43.15 -7.20 20.95
C TYR A 767 44.14 -6.79 19.88
N LEU A 768 45.18 -7.60 19.69
CA LEU A 768 46.17 -7.30 18.66
C LEU A 768 45.56 -7.37 17.28
N ASP A 769 44.65 -8.31 17.03
CA ASP A 769 44.00 -8.38 15.72
C ASP A 769 43.24 -7.10 15.42
N ARG A 770 42.47 -6.62 16.41
CA ARG A 770 41.70 -5.39 16.19
C ARG A 770 42.62 -4.20 16.00
N ILE A 771 43.68 -4.10 16.80
CA ILE A 771 44.60 -2.96 16.66
C ILE A 771 45.26 -2.98 15.29
N TYR A 772 45.73 -4.15 14.86
CA TYR A 772 46.40 -4.25 13.58
C TYR A 772 45.46 -3.89 12.44
N CYS A 773 44.24 -4.42 12.48
CA CYS A 773 43.29 -4.10 11.41
C CYS A 773 42.94 -2.62 11.40
N SER A 774 42.71 -2.04 12.57
CA SER A 774 42.33 -0.64 12.65
C SER A 774 43.42 0.27 12.12
N ILE A 775 44.68 0.02 12.51
CA ILE A 775 45.76 0.84 11.97
C ILE A 775 46.06 0.47 10.52
N ARG A 776 45.62 -0.70 10.06
CA ARG A 776 45.87 -1.07 8.67
C ARG A 776 44.96 -0.31 7.73
N ASP A 777 43.65 -0.46 7.89
CA ASP A 777 42.74 0.19 6.93
C ASP A 777 42.32 1.57 7.42
N LYS A 778 43.29 2.34 7.92
CA LYS A 778 43.12 3.76 8.22
C LYS A 778 44.47 4.35 8.62
N GLU A 779 44.84 5.48 8.04
CA GLU A 779 46.06 6.15 8.44
C GLU A 779 45.79 7.09 9.60
N ILE A 780 46.71 7.09 10.57
CA ILE A 780 46.57 7.99 11.71
C ILE A 780 46.66 9.43 11.21
N VAL A 781 45.63 10.22 11.52
CA VAL A 781 45.56 11.60 11.05
C VAL A 781 46.40 12.48 11.97
N MET A 782 47.30 13.26 11.37
CA MET A 782 48.17 14.17 12.10
C MET A 782 48.13 15.54 11.46
N PRO A 783 48.20 16.60 12.25
CA PRO A 783 48.15 17.96 11.69
C PRO A 783 49.52 18.39 11.20
N GLU A 784 49.51 19.47 10.41
CA GLU A 784 50.71 19.99 9.76
C GLU A 784 51.40 18.89 8.96
N GLU A 785 50.67 18.40 7.95
CA GLU A 785 51.12 17.23 7.21
C GLU A 785 52.38 17.52 6.40
N HIS A 786 52.39 18.63 5.67
CA HIS A 786 53.51 18.95 4.79
C HIS A 786 53.80 20.44 4.91
N HIS A 787 54.69 20.91 4.04
CA HIS A 787 55.01 22.33 3.93
C HIS A 787 55.58 22.56 2.53
N GLY A 788 54.80 23.20 1.66
CA GLY A 788 55.22 23.43 0.30
C GLY A 788 54.09 23.56 -0.69
N ASN A 789 54.12 22.77 -1.76
CA ASN A 789 53.11 22.85 -2.79
C ASN A 789 52.87 21.44 -3.35
N GLU A 790 52.07 21.37 -4.41
CA GLU A 790 51.73 20.14 -5.13
C GLU A 790 50.84 19.21 -4.31
N LYS A 791 50.57 19.58 -3.06
CA LYS A 791 49.63 18.86 -2.21
C LYS A 791 48.84 19.82 -1.32
N TRP A 792 48.60 21.04 -1.81
CA TRP A 792 48.01 22.06 -0.97
C TRP A 792 46.59 21.69 -0.56
N PHE A 793 45.80 21.17 -1.50
CA PHE A 793 44.42 20.80 -1.16
C PHE A 793 44.39 19.67 -0.16
N GLU A 794 45.23 18.62 -0.34
CA GLU A 794 45.29 17.53 0.62
C GLU A 794 45.71 18.03 1.99
N ASP A 795 46.68 18.95 2.03
CA ASP A 795 47.10 19.52 3.31
C ASP A 795 45.96 20.28 3.98
N ALA A 796 45.25 21.11 3.22
CA ALA A 796 44.15 21.86 3.79
C ALA A 796 43.09 20.93 4.36
N TRP A 797 42.72 19.91 3.59
CA TRP A 797 41.67 19.04 4.10
C TRP A 797 42.17 18.16 5.23
N ASN A 798 43.47 17.89 5.31
CA ASN A 798 43.99 17.17 6.46
C ASN A 798 43.92 18.02 7.72
N ASN A 799 44.30 19.29 7.63
CA ASN A 799 44.12 20.20 8.75
C ASN A 799 42.65 20.49 9.04
N LEU A 800 41.74 20.12 8.15
CA LEU A 800 40.32 20.15 8.54
C LEU A 800 39.90 18.86 9.26
N ILE A 801 40.18 17.69 8.68
CA ILE A 801 39.72 16.44 9.25
C ILE A 801 40.39 16.20 10.60
N SER A 802 41.57 16.77 10.82
CA SER A 802 42.21 16.63 12.12
C SER A 802 41.39 17.25 13.24
N SER A 803 40.46 18.14 12.92
CA SER A 803 39.69 18.85 13.94
C SER A 803 38.41 18.11 14.33
N THR A 804 37.67 17.61 13.34
CA THR A 804 36.40 16.95 13.59
C THR A 804 36.35 15.71 12.69
N THR A 805 35.26 14.94 12.80
CA THR A 805 35.01 13.75 12.00
C THR A 805 35.98 12.63 12.38
N VAL A 806 36.95 12.94 13.24
CA VAL A 806 37.65 11.90 13.98
C VAL A 806 37.05 11.72 15.37
N ILE A 807 36.41 12.74 15.91
CA ILE A 807 35.60 12.65 17.11
C ILE A 807 34.24 13.27 16.78
N THR A 808 33.17 12.51 16.97
CA THR A 808 31.81 12.98 16.70
C THR A 808 30.99 12.73 17.96
N GLU A 809 30.98 13.68 18.93
CA GLU A 809 30.18 13.61 20.14
C GLU A 809 28.90 14.39 19.89
N ILE A 810 27.77 13.68 19.83
CA ILE A 810 26.50 14.30 19.49
C ILE A 810 25.96 15.03 20.72
N LYS A 811 25.84 16.36 20.61
CA LYS A 811 25.29 17.16 21.70
C LYS A 811 23.77 17.10 21.75
N LYS A 812 23.13 16.67 20.65
CA LYS A 812 21.67 16.58 20.55
C LYS A 812 21.01 17.92 20.87
N ASP A 813 21.60 19.00 20.36
CA ASP A 813 21.03 20.32 20.55
C ASP A 813 19.76 20.47 19.72
N THR A 814 18.85 21.32 20.22
CA THR A 814 17.55 21.47 19.57
C THR A 814 17.68 22.02 18.15
N GLN A 815 18.54 23.01 17.96
CA GLN A 815 18.69 23.68 16.67
C GLN A 815 19.98 24.49 16.72
N SER A 816 20.20 25.31 15.70
CA SER A 816 21.38 26.19 15.66
C SER A 816 21.26 27.26 16.74
N VAL A 817 22.31 28.09 16.84
CA VAL A 817 22.34 29.13 17.86
C VAL A 817 21.34 30.25 17.61
N MET A 818 20.75 30.29 16.41
CA MET A 818 19.81 31.36 16.09
C MET A 818 18.60 31.35 17.02
N ASP A 819 18.03 30.16 17.27
CA ASP A 819 16.78 30.10 18.00
C ASP A 819 16.96 30.41 19.48
N LYS A 820 18.12 30.07 20.06
CA LYS A 820 18.36 30.26 21.47
C LYS A 820 18.77 31.68 21.82
N LEU A 821 18.54 32.63 20.92
CA LEU A 821 18.90 34.02 21.14
C LEU A 821 17.63 34.84 21.27
N THR A 822 17.56 35.68 22.30
CA THR A 822 16.40 36.52 22.49
C THR A 822 16.32 37.58 21.39
N PRO A 823 15.13 38.10 21.09
CA PRO A 823 15.02 39.08 20.00
C PRO A 823 15.90 40.30 20.20
N LEU A 824 16.12 40.73 21.45
CA LEU A 824 16.99 41.88 21.68
C LEU A 824 18.42 41.58 21.23
N GLU A 825 18.93 40.40 21.55
CA GLU A 825 20.29 40.07 21.16
C GLU A 825 20.40 39.85 19.65
N LEU A 826 19.35 39.31 19.02
CA LEU A 826 19.33 39.21 17.57
C LEU A 826 19.40 40.59 16.94
N LEU A 827 18.64 41.55 17.48
CA LEU A 827 18.73 42.92 16.98
C LEU A 827 20.11 43.51 17.23
N ASN A 828 20.75 43.12 18.33
CA ASN A 828 22.10 43.61 18.59
C ASN A 828 23.08 43.10 17.54
N PHE A 829 22.97 41.82 17.18
CA PHE A 829 23.83 41.28 16.13
C PHE A 829 23.56 41.98 14.80
N ASP A 830 22.29 42.24 14.51
CA ASP A 830 21.96 42.99 13.30
C ASP A 830 22.58 44.37 13.33
N ARG A 831 22.54 45.03 14.50
CA ARG A 831 23.14 46.35 14.63
C ARG A 831 24.64 46.30 14.37
N ALA A 832 25.31 45.28 14.89
CA ALA A 832 26.74 45.15 14.67
C ALA A 832 27.06 44.95 13.20
N ILE A 833 26.36 44.02 12.55
CA ILE A 833 26.66 43.76 11.15
C ILE A 833 26.33 44.98 10.28
N PHE A 834 25.28 45.72 10.64
CA PHE A 834 24.98 46.95 9.91
C PHE A 834 26.07 47.98 10.12
N LYS A 835 26.52 48.15 11.37
CA LYS A 835 27.63 49.08 11.63
C LYS A 835 28.81 48.74 10.75
N GLN A 836 29.04 47.45 10.51
CA GLN A 836 30.17 47.06 9.69
C GLN A 836 29.93 47.36 8.21
N VAL A 837 28.75 47.02 7.69
CA VAL A 837 28.58 46.91 6.24
C VAL A 837 27.56 47.91 5.69
N GLY A 838 27.17 48.93 6.48
CA GLY A 838 26.15 49.85 6.06
C GLY A 838 26.55 50.79 4.95
N PRO A 839 27.56 51.62 5.21
CA PRO A 839 27.97 52.61 4.21
C PRO A 839 28.19 52.02 2.83
N SER A 840 28.82 50.85 2.75
CA SER A 840 29.02 50.24 1.43
C SER A 840 27.70 49.90 0.77
N ILE A 841 26.76 49.34 1.53
CA ILE A 841 25.49 48.93 0.97
C ILE A 841 24.71 50.14 0.48
N VAL A 842 24.66 51.20 1.29
CA VAL A 842 23.89 52.37 0.87
C VAL A 842 24.57 53.06 -0.32
N SER A 843 25.90 53.05 -0.35
CA SER A 843 26.60 53.64 -1.49
C SER A 843 26.28 52.90 -2.78
N THR A 844 26.35 51.56 -2.74
CA THR A 844 26.06 50.81 -3.95
C THR A 844 24.58 50.90 -4.33
N LEU A 845 23.70 50.99 -3.34
CA LEU A 845 22.28 51.15 -3.64
C LEU A 845 22.01 52.46 -4.36
N PHE A 846 22.57 53.55 -3.85
CA PHE A 846 22.39 54.82 -4.55
C PHE A 846 23.03 54.81 -5.93
N ASN A 847 24.19 54.17 -6.06
CA ASN A 847 24.82 54.07 -7.37
C ASN A 847 23.93 53.37 -8.38
N ILE A 848 23.39 52.21 -8.00
CA ILE A 848 22.57 51.46 -8.95
C ILE A 848 21.24 52.17 -9.19
N TYR A 849 20.73 52.88 -8.19
CA TYR A 849 19.52 53.67 -8.40
C TYR A 849 19.77 54.77 -9.43
N VAL A 850 20.93 55.42 -9.35
CA VAL A 850 21.27 56.43 -10.35
C VAL A 850 21.39 55.79 -11.73
N VAL A 851 22.05 54.64 -11.81
CA VAL A 851 22.20 53.98 -13.11
C VAL A 851 20.87 53.43 -13.61
N ALA A 852 19.97 53.05 -12.71
CA ALA A 852 18.77 52.32 -13.09
C ALA A 852 17.92 53.12 -14.07
N SER A 853 17.13 52.40 -14.87
CA SER A 853 16.30 53.03 -15.89
C SER A 853 14.87 52.50 -15.86
N ASP A 854 14.69 51.27 -15.40
CA ASP A 854 13.38 50.64 -15.41
C ASP A 854 12.55 51.09 -14.20
N ASP A 855 11.24 51.07 -14.38
CA ASP A 855 10.32 51.53 -13.34
C ASP A 855 10.37 50.63 -12.11
N HIS A 856 10.21 49.33 -12.31
CA HIS A 856 10.10 48.41 -11.18
C HIS A 856 11.39 48.38 -10.37
N ILE A 857 12.54 48.36 -11.04
CA ILE A 857 13.80 48.31 -10.32
C ILE A 857 13.99 49.59 -9.51
N SER A 858 13.62 50.73 -10.07
CA SER A 858 13.75 51.98 -9.34
C SER A 858 12.84 52.01 -8.13
N THR A 859 11.60 51.54 -8.28
CA THR A 859 10.68 51.51 -7.14
C THR A 859 11.21 50.60 -6.05
N ARG A 860 11.69 49.41 -6.42
CA ARG A 860 12.23 48.49 -5.42
C ARG A 860 13.45 49.09 -4.74
N MET A 861 14.30 49.76 -5.52
CA MET A 861 15.49 50.38 -4.94
C MET A 861 15.12 51.46 -3.94
N ILE A 862 14.14 52.29 -4.26
CA ILE A 862 13.77 53.36 -3.34
C ILE A 862 13.08 52.80 -2.11
N THR A 863 12.33 51.70 -2.26
CA THR A 863 11.76 51.05 -1.08
C THR A 863 12.85 50.50 -0.18
N SER A 864 13.89 49.91 -0.78
CA SER A 864 15.03 49.43 0.01
C SER A 864 15.71 50.59 0.72
N LEU A 865 15.86 51.72 0.05
CA LEU A 865 16.44 52.90 0.70
C LEU A 865 15.58 53.38 1.85
N ASP A 866 14.26 53.33 1.70
CA ASP A 866 13.37 53.70 2.79
C ASP A 866 13.56 52.77 3.99
N LYS A 867 13.66 51.47 3.72
CA LYS A 867 13.90 50.53 4.82
C LYS A 867 15.25 50.79 5.47
N CYS A 868 16.26 51.12 4.67
CA CYS A 868 17.56 51.44 5.23
C CYS A 868 17.50 52.67 6.11
N SER A 869 16.73 53.68 5.70
CA SER A 869 16.53 54.86 6.52
C SER A 869 15.87 54.50 7.85
N TYR A 870 14.85 53.63 7.80
CA TYR A 870 14.18 53.21 9.02
C TYR A 870 15.15 52.49 9.95
N ILE A 871 15.93 51.57 9.40
CA ILE A 871 16.84 50.79 10.23
C ILE A 871 17.91 51.69 10.83
N SER A 872 18.39 52.67 10.06
CA SER A 872 19.38 53.61 10.58
C SER A 872 18.80 54.45 11.70
N ALA A 873 17.54 54.86 11.55
CA ALA A 873 16.90 55.64 12.62
C ALA A 873 16.68 54.80 13.87
N PHE A 874 16.44 53.50 13.70
CA PHE A 874 16.19 52.64 14.86
C PHE A 874 17.42 52.53 15.74
N PHE A 875 18.59 52.32 15.15
CA PHE A 875 19.82 52.11 15.89
C PHE A 875 20.56 53.41 16.21
N ASP A 876 19.98 54.56 15.86
CA ASP A 876 20.58 55.87 16.15
C ASP A 876 21.95 56.02 15.48
N PHE A 877 21.99 55.70 14.18
CA PHE A 877 23.17 55.94 13.36
C PHE A 877 22.98 57.29 12.67
N LYS A 878 23.40 58.35 13.35
CA LYS A 878 23.20 59.69 12.80
C LYS A 878 23.93 59.86 11.48
N ASP A 879 25.18 59.41 11.41
CA ASP A 879 25.97 59.59 10.20
C ASP A 879 25.32 58.88 9.02
N LEU A 880 24.94 57.61 9.19
CA LEU A 880 24.34 56.86 8.10
C LEU A 880 22.98 57.44 7.70
N PHE A 881 22.16 57.81 8.68
CA PHE A 881 20.83 58.32 8.39
C PHE A 881 20.90 59.64 7.64
N ASN A 882 21.73 60.57 8.11
CA ASN A 882 21.88 61.83 7.40
C ASN A 882 22.51 61.61 6.04
N ASP A 883 23.44 60.66 5.92
CA ASP A 883 24.06 60.39 4.62
C ASP A 883 23.01 59.93 3.61
N ILE A 884 22.17 58.97 3.99
CA ILE A 884 21.20 58.44 3.04
C ILE A 884 20.12 59.48 2.71
N LEU A 885 19.64 60.21 3.72
CA LEU A 885 18.62 61.23 3.44
C LEU A 885 19.19 62.34 2.57
N ASN A 886 20.43 62.76 2.85
CA ASN A 886 21.04 63.82 2.05
C ASN A 886 21.29 63.34 0.63
N SER A 887 21.63 62.07 0.45
CA SER A 887 21.76 61.53 -0.89
C SER A 887 20.43 61.55 -1.62
N ILE A 888 19.33 61.24 -0.90
CA ILE A 888 18.01 61.34 -1.50
C ILE A 888 17.72 62.76 -1.94
N ALA A 889 18.03 63.73 -1.08
CA ALA A 889 17.77 65.12 -1.39
C ALA A 889 18.59 65.58 -2.60
N LYS A 890 19.87 65.19 -2.64
CA LYS A 890 20.71 65.62 -3.76
C LYS A 890 20.32 64.91 -5.04
N GLY A 891 19.74 63.71 -4.94
CA GLY A 891 19.21 63.05 -6.11
C GLY A 891 17.85 63.56 -6.55
N THR A 892 17.19 64.34 -5.69
CA THR A 892 15.94 64.98 -6.05
C THR A 892 16.09 65.99 -7.19
N THR A 893 17.32 66.41 -7.49
CA THR A 893 17.65 67.47 -8.46
C THR A 893 16.65 68.62 -8.37
N LEU A 894 16.30 69.01 -7.14
CA LEU A 894 15.40 70.12 -6.90
C LEU A 894 15.95 71.12 -5.90
N ILE A 895 17.07 70.81 -5.23
CA ILE A 895 17.70 71.70 -4.27
C ILE A 895 19.15 72.00 -4.65
N ASN A 896 19.46 71.96 -5.94
CA ASN A 896 20.83 72.20 -6.38
C ASN A 896 21.22 73.65 -6.12
N SER A 897 22.46 73.84 -5.66
CA SER A 897 22.98 75.18 -5.43
C SER A 897 23.64 75.72 -6.69
N SER A 898 24.65 75.02 -7.21
CA SER A 898 25.32 75.41 -8.44
C SER A 898 25.95 74.20 -9.11
N GLY A 911 17.91 80.08 -21.35
CA GLY A 911 18.24 79.68 -20.00
C GLY A 911 17.13 79.94 -19.01
N PRO A 912 17.04 81.17 -18.51
CA PRO A 912 16.00 81.50 -17.52
C PRO A 912 14.62 81.56 -18.14
N MET A 913 13.74 80.65 -17.74
CA MET A 913 12.41 80.58 -18.29
C MET A 913 11.42 81.20 -17.31
N PRO A 914 10.79 82.33 -17.63
CA PRO A 914 9.79 82.90 -16.73
C PRO A 914 8.62 81.94 -16.53
N LEU A 915 8.10 81.91 -15.31
CA LEU A 915 6.98 81.03 -15.00
C LEU A 915 5.68 81.61 -15.55
N VAL A 916 4.78 80.72 -15.96
CA VAL A 916 3.50 81.10 -16.54
C VAL A 916 2.39 80.43 -15.74
N GLN A 917 1.51 81.24 -15.15
CA GLN A 917 0.33 80.73 -14.47
C GLN A 917 -0.81 80.61 -15.46
N ILE A 918 -1.50 79.47 -15.42
CA ILE A 918 -2.52 79.13 -16.40
C ILE A 918 -3.89 79.16 -15.73
N LYS A 919 -4.78 80.02 -16.24
CA LYS A 919 -6.17 80.05 -15.83
C LYS A 919 -7.03 79.90 -17.08
N PHE A 920 -7.89 78.89 -17.08
CA PHE A 920 -8.74 78.61 -18.24
C PHE A 920 -9.86 79.66 -18.30
N GLU A 921 -10.72 79.53 -19.31
CA GLU A 921 -11.94 80.32 -19.38
C GLU A 921 -13.09 79.66 -18.63
N ASP A 922 -12.86 78.48 -18.05
CA ASP A 922 -13.88 77.76 -17.30
C ASP A 922 -13.17 76.79 -16.36
N THR A 923 -13.91 76.33 -15.35
CA THR A 923 -13.39 75.42 -14.33
C THR A 923 -12.05 75.90 -13.81
N ASN A 924 -12.08 77.07 -13.17
CA ASN A 924 -10.86 77.79 -12.81
C ASN A 924 -9.95 76.92 -11.94
N THR A 925 -8.68 76.86 -12.31
CA THR A 925 -7.67 76.13 -11.58
C THR A 925 -6.39 76.96 -11.56
N GLU A 926 -5.28 76.34 -11.18
CA GLU A 926 -3.98 77.01 -11.15
C GLU A 926 -2.92 76.07 -11.71
N ILE A 927 -2.31 76.49 -12.84
CA ILE A 927 -1.25 75.69 -13.46
C ILE A 927 -0.03 76.58 -13.70
N PRO A 928 0.91 76.62 -12.77
CA PRO A 928 2.13 77.42 -12.99
C PRO A 928 3.15 76.67 -13.83
N VAL A 929 3.41 77.18 -15.03
CA VAL A 929 4.35 76.55 -15.95
C VAL A 929 5.70 77.22 -15.73
N SER A 930 6.56 76.56 -14.95
CA SER A 930 7.86 77.10 -14.59
C SER A 930 8.95 76.09 -14.90
N THR A 931 10.21 76.52 -14.76
CA THR A 931 11.33 75.65 -15.04
C THR A 931 11.32 74.42 -14.14
N ASP A 932 11.22 74.64 -12.83
CA ASP A 932 11.15 73.51 -11.93
C ASP A 932 9.90 72.68 -12.16
N ALA A 933 8.82 73.31 -12.62
CA ALA A 933 7.60 72.57 -12.90
C ALA A 933 7.84 71.51 -13.96
N VAL A 934 8.37 71.90 -15.12
CA VAL A 934 8.58 70.93 -16.19
C VAL A 934 9.70 69.97 -15.82
N ARG A 935 10.74 70.46 -15.13
CA ARG A 935 11.81 69.60 -14.68
C ARG A 935 11.28 68.48 -13.80
N PHE A 936 10.31 68.79 -12.94
CA PHE A 936 9.71 67.76 -12.10
C PHE A 936 8.76 66.88 -12.90
N GLY A 937 8.00 67.48 -13.82
CA GLY A 937 7.06 66.72 -14.61
C GLY A 937 7.71 65.72 -15.54
N ARG A 938 8.98 65.90 -15.84
CA ARG A 938 9.71 64.97 -16.68
C ARG A 938 10.81 64.25 -15.90
N SER A 939 10.51 63.80 -14.69
CA SER A 939 11.49 63.11 -13.86
C SER A 939 10.76 62.06 -13.03
N PHE A 940 10.69 60.84 -13.55
CA PHE A 940 10.10 59.73 -12.81
C PHE A 940 10.87 59.49 -11.52
N LYS A 941 12.19 59.41 -11.62
CA LYS A 941 13.02 59.26 -10.44
C LYS A 941 12.80 60.42 -9.48
N GLY A 942 12.62 61.62 -10.01
CA GLY A 942 12.42 62.80 -9.18
C GLY A 942 11.19 62.69 -8.30
N GLN A 943 10.05 62.39 -8.92
CA GLN A 943 8.82 62.27 -8.16
C GLN A 943 8.88 61.11 -7.18
N LEU A 944 9.48 60.00 -7.60
CA LEU A 944 9.61 58.85 -6.72
C LEU A 944 10.40 59.21 -5.47
N ASN A 945 11.55 59.86 -5.65
CA ASN A 945 12.37 60.18 -4.50
C ASN A 945 11.72 61.25 -3.63
N THR A 946 10.97 62.18 -4.23
CA THR A 946 10.27 63.18 -3.42
C THR A 946 9.25 62.51 -2.51
N VAL A 947 8.39 61.65 -3.09
CA VAL A 947 7.34 61.05 -2.28
C VAL A 947 7.96 60.16 -1.21
N VAL A 948 9.02 59.43 -1.55
CA VAL A 948 9.66 58.59 -0.55
C VAL A 948 10.30 59.43 0.56
N PHE A 949 10.95 60.54 0.18
CA PHE A 949 11.59 61.40 1.17
C PHE A 949 10.56 61.94 2.15
N PHE A 950 9.44 62.43 1.65
CA PHE A 950 8.45 63.00 2.56
C PHE A 950 7.73 61.92 3.35
N ARG A 951 7.61 60.70 2.80
CA ARG A 951 7.11 59.59 3.61
C ARG A 951 8.04 59.29 4.77
N ILE A 952 9.36 59.29 4.51
CA ILE A 952 10.32 59.05 5.58
C ILE A 952 10.21 60.14 6.64
N ILE A 953 10.06 61.40 6.19
CA ILE A 953 9.88 62.49 7.13
C ILE A 953 8.63 62.27 7.97
N ARG A 954 7.56 61.78 7.34
CA ARG A 954 6.33 61.49 8.07
C ARG A 954 6.55 60.41 9.12
N ARG A 955 7.29 59.37 8.79
CA ARG A 955 7.49 58.26 9.71
C ARG A 955 8.38 58.64 10.90
N ASN A 956 9.14 59.72 10.80
CA ASN A 956 10.13 60.05 11.81
C ASN A 956 9.48 60.23 13.18
N LYS A 957 10.20 59.80 14.22
CA LYS A 957 9.74 59.95 15.59
C LYS A 957 10.71 60.68 16.51
N ASP A 958 11.90 61.04 16.02
CA ASP A 958 12.87 61.73 16.86
C ASP A 958 13.36 62.98 16.13
N PRO A 959 13.45 64.12 16.80
CA PRO A 959 13.97 65.32 16.14
C PRO A 959 15.47 65.38 16.13
N LYS A 960 16.12 64.79 17.14
CA LYS A 960 17.57 64.86 17.27
C LYS A 960 18.24 63.73 16.50
N ILE A 961 17.83 63.55 15.24
CA ILE A 961 18.42 62.58 14.34
C ILE A 961 18.98 63.24 13.09
N PHE A 962 18.29 64.25 12.56
CA PHE A 962 18.71 64.92 11.34
C PHE A 962 20.03 65.66 11.51
N SER A 963 20.54 66.23 10.43
CA SER A 963 21.78 66.99 10.44
C SER A 963 21.52 68.40 9.92
N LYS A 964 22.50 69.29 10.14
CA LYS A 964 22.37 70.66 9.69
C LYS A 964 22.18 70.73 8.17
N GLU A 965 22.97 69.96 7.43
CA GLU A 965 22.73 69.86 5.99
C GLU A 965 21.34 69.33 5.70
N LEU A 966 20.86 68.39 6.51
CA LEU A 966 19.54 67.83 6.28
C LEU A 966 18.44 68.87 6.50
N TRP A 967 18.50 69.58 7.62
CA TRP A 967 17.51 70.61 7.91
C TRP A 967 17.57 71.71 6.85
N LEU A 968 18.78 72.08 6.44
CA LEU A 968 18.92 73.06 5.37
C LEU A 968 18.25 72.58 4.09
N ASN A 969 18.48 71.31 3.73
CA ASN A 969 17.91 70.77 2.51
C ASN A 969 16.39 70.77 2.55
N ILE A 970 15.81 70.36 3.68
CA ILE A 970 14.34 70.28 3.73
C ILE A 970 13.73 71.68 3.75
N VAL A 971 14.33 72.61 4.50
CA VAL A 971 13.81 73.96 4.48
C VAL A 971 13.93 74.57 3.08
N ASN A 972 15.00 74.24 2.36
CA ASN A 972 15.18 74.80 1.02
C ASN A 972 14.20 74.18 0.04
N ILE A 973 13.94 72.86 0.15
CA ILE A 973 12.99 72.24 -0.76
C ILE A 973 11.60 72.80 -0.51
N ILE A 974 11.24 73.03 0.75
CA ILE A 974 9.92 73.58 1.02
C ILE A 974 9.84 75.03 0.54
N LEU A 975 10.93 75.79 0.68
CA LEU A 975 10.91 77.17 0.20
C LEU A 975 10.78 77.23 -1.31
N THR A 976 11.55 76.40 -2.03
CA THR A 976 11.49 76.44 -3.49
C THR A 976 10.19 75.86 -4.01
N LEU A 977 9.58 74.93 -3.27
CA LEU A 977 8.24 74.47 -3.61
C LEU A 977 7.19 75.52 -3.27
N TYR A 978 7.50 76.44 -2.38
CA TYR A 978 6.61 77.57 -2.13
C TYR A 978 6.74 78.65 -3.19
N GLU A 979 7.92 78.81 -3.78
CA GLU A 979 8.11 79.86 -4.78
C GLU A 979 7.17 79.70 -5.95
N ASP A 980 6.98 78.47 -6.41
CA ASP A 980 6.05 78.17 -7.49
C ASP A 980 5.58 76.73 -7.32
N LEU A 981 4.76 76.27 -8.26
CA LEU A 981 4.09 74.97 -8.20
C LEU A 981 3.00 75.00 -7.13
N ILE A 982 2.88 73.92 -6.37
CA ILE A 982 1.71 73.84 -5.43
C ILE A 982 2.07 73.81 -3.94
N LEU A 983 2.42 74.96 -3.36
CA LEU A 983 2.54 75.05 -1.92
C LEU A 983 1.81 76.30 -1.48
N SER A 984 0.54 76.17 -1.14
CA SER A 984 -0.24 77.34 -0.78
C SER A 984 0.20 77.86 0.59
N PRO A 985 0.33 79.16 0.75
CA PRO A 985 0.69 79.74 2.06
C PRO A 985 -0.50 79.74 3.02
N ASP A 986 -1.21 78.62 3.07
CA ASP A 986 -2.33 78.41 3.97
C ASP A 986 -1.96 77.50 5.14
N ILE A 987 -0.66 77.28 5.34
CA ILE A 987 -0.21 76.35 6.37
C ILE A 987 -0.53 76.92 7.74
N PHE A 988 -1.08 76.08 8.61
CA PHE A 988 -1.57 76.46 9.92
C PHE A 988 -2.55 77.63 9.81
N PRO A 989 -3.70 77.44 9.17
CA PRO A 989 -4.67 78.53 9.08
C PRO A 989 -5.39 78.82 10.37
N ASP A 990 -5.24 77.97 11.38
CA ASP A 990 -5.91 78.21 12.66
C ASP A 990 -5.39 79.48 13.31
N LEU A 991 -4.08 79.71 13.27
CA LEU A 991 -3.52 80.95 13.80
C LEU A 991 -4.04 82.15 13.01
N GLN A 992 -4.12 82.03 11.69
CA GLN A 992 -4.60 83.14 10.87
C GLN A 992 -6.05 83.48 11.20
N LYS A 993 -6.87 82.45 11.44
CA LYS A 993 -8.26 82.70 11.82
C LYS A 993 -8.35 83.25 13.24
N ARG A 994 -7.40 82.90 14.11
CA ARG A 994 -7.43 83.40 15.48
C ARG A 994 -7.29 84.92 15.50
N LEU A 995 -6.40 85.46 14.67
CA LEU A 995 -6.19 86.89 14.58
C LEU A 995 -7.04 87.56 13.51
N LYS A 996 -7.92 86.81 12.85
CA LYS A 996 -8.80 87.35 11.81
C LYS A 996 -8.03 88.11 10.75
N LEU A 997 -6.90 87.55 10.35
CA LEU A 997 -6.13 88.09 9.24
C LEU A 997 -6.55 87.42 7.94
N SER A 998 -6.41 88.14 6.85
CA SER A 998 -6.77 87.59 5.55
C SER A 998 -5.76 86.53 5.11
N ASN A 999 -6.09 85.87 4.00
CA ASN A 999 -5.17 84.88 3.45
C ASN A 999 -3.87 85.53 3.01
N LEU A 1000 -2.79 84.77 3.10
CA LEU A 1000 -1.48 85.32 2.79
C LEU A 1000 -1.42 85.73 1.32
N PRO A 1001 -0.71 86.81 1.00
CA PRO A 1001 -0.60 87.24 -0.40
C PRO A 1001 0.13 86.19 -1.23
N LYS A 1002 -0.58 85.64 -2.20
CA LYS A 1002 0.00 84.64 -3.08
C LYS A 1002 1.15 85.26 -3.86
N PRO A 1003 2.30 84.59 -3.92
CA PRO A 1003 3.43 85.14 -4.70
C PRO A 1003 3.05 85.42 -6.14
N SER A 1004 3.44 86.59 -6.64
CA SER A 1004 3.05 87.02 -7.96
C SER A 1004 3.73 86.15 -9.01
N PRO A 1005 3.12 85.99 -10.18
CA PRO A 1005 3.75 85.24 -11.26
C PRO A 1005 4.61 86.14 -12.14
N GLU A 1006 5.58 85.53 -12.82
CA GLU A 1006 6.47 86.31 -13.72
C GLU A 1006 5.69 86.67 -14.98
N ILE A 1007 5.17 85.67 -15.69
CA ILE A 1007 4.36 85.92 -16.92
C ILE A 1007 3.02 85.18 -16.78
N SER A 1008 1.97 85.86 -16.33
CA SER A 1008 0.67 85.18 -16.09
C SER A 1008 -0.30 85.44 -17.26
N ILE A 1009 -0.90 84.38 -17.81
CA ILE A 1009 -1.87 84.53 -18.88
C ILE A 1009 -3.18 83.87 -18.47
N ASN A 1010 -4.27 84.33 -19.08
CA ASN A 1010 -5.59 83.77 -18.88
C ASN A 1010 -6.10 83.24 -20.22
N LYS A 1011 -6.40 81.96 -20.29
CA LYS A 1011 -6.75 81.31 -21.53
C LYS A 1011 -8.25 81.39 -21.79
N SER A 1012 -8.61 81.69 -23.03
CA SER A 1012 -10.00 81.67 -23.48
C SER A 1012 -10.29 80.49 -24.39
N LYS A 1013 -9.33 79.59 -24.60
CA LYS A 1013 -9.55 78.42 -25.45
C LYS A 1013 -10.01 77.20 -24.67
N GLU A 1014 -10.22 77.33 -23.36
CA GLU A 1014 -10.74 76.25 -22.52
C GLU A 1014 -9.91 74.98 -22.62
N GLY A 1028 -1.25 83.25 -29.56
CA GLY A 1028 -0.73 84.52 -29.09
C GLY A 1028 0.78 84.57 -29.09
N ASP A 1029 1.36 84.91 -27.94
CA ASP A 1029 2.80 84.94 -27.80
C ASP A 1029 3.41 83.54 -27.69
N GLU A 1030 2.60 82.53 -27.39
CA GLU A 1030 2.97 81.13 -27.57
C GLU A 1030 4.13 80.71 -26.67
N GLU A 1031 3.98 80.95 -25.37
CA GLU A 1031 4.93 80.43 -24.39
C GLU A 1031 4.61 79.00 -23.98
N PRO A 1032 3.37 78.67 -23.57
CA PRO A 1032 3.10 77.31 -23.12
C PRO A 1032 2.72 76.38 -24.26
N THR A 1033 2.92 75.09 -24.02
CA THR A 1033 2.56 74.05 -24.97
C THR A 1033 1.70 73.01 -24.25
N GLU A 1034 0.84 72.34 -25.03
CA GLU A 1034 -0.15 71.45 -24.43
C GLU A 1034 0.51 70.29 -23.68
N GLU A 1035 1.57 69.72 -24.24
CA GLU A 1035 2.24 68.62 -23.55
C GLU A 1035 2.96 69.12 -22.30
N GLU A 1036 3.54 70.32 -22.36
CA GLU A 1036 4.14 70.88 -21.15
C GLU A 1036 3.08 71.27 -20.14
N ILE A 1037 1.90 71.68 -20.61
CA ILE A 1037 0.80 71.97 -19.70
C ILE A 1037 0.40 70.70 -18.96
N LYS A 1038 0.23 69.60 -19.68
CA LYS A 1038 -0.15 68.36 -19.01
C LYS A 1038 0.97 67.82 -18.13
N SER A 1039 2.24 68.05 -18.51
CA SER A 1039 3.34 67.67 -17.65
C SER A 1039 3.30 68.46 -16.34
N SER A 1040 3.05 69.75 -16.42
CA SER A 1040 2.92 70.55 -15.21
C SER A 1040 1.74 70.08 -14.36
N LYS A 1041 0.64 69.71 -15.01
CA LYS A 1041 -0.50 69.15 -14.28
C LYS A 1041 -0.10 67.88 -13.55
N LYS A 1042 0.67 67.00 -14.22
CA LYS A 1042 1.12 65.78 -13.58
C LYS A 1042 2.01 66.07 -12.38
N ALA A 1043 2.91 67.06 -12.52
CA ALA A 1043 3.75 67.45 -11.41
C ALA A 1043 2.92 67.96 -10.24
N MET A 1044 1.91 68.78 -10.54
CA MET A 1044 1.01 69.29 -9.51
C MET A 1044 0.31 68.14 -8.79
N GLU A 1045 -0.13 67.14 -9.55
CA GLU A 1045 -0.79 65.98 -8.95
C GLU A 1045 0.17 65.25 -8.02
N CYS A 1046 1.41 65.04 -8.46
CA CYS A 1046 2.36 64.35 -7.60
C CYS A 1046 2.63 65.12 -6.33
N ILE A 1047 2.82 66.44 -6.44
CA ILE A 1047 3.13 67.23 -5.27
C ILE A 1047 1.97 67.25 -4.29
N LYS A 1048 0.75 67.44 -4.79
CA LYS A 1048 -0.40 67.40 -3.90
C LYS A 1048 -0.60 66.00 -3.30
N SER A 1049 -0.15 64.96 -3.99
CA SER A 1049 -0.17 63.63 -3.42
C SER A 1049 0.92 63.40 -2.38
N SER A 1050 1.95 64.24 -2.38
CA SER A 1050 3.07 64.10 -1.45
C SER A 1050 2.76 64.63 -0.05
N ASN A 1051 1.62 65.29 0.14
CA ASN A 1051 1.16 65.81 1.44
C ASN A 1051 2.30 66.46 2.23
N ILE A 1052 2.84 67.54 1.63
CA ILE A 1052 4.01 68.20 2.20
C ILE A 1052 3.69 68.81 3.55
N ALA A 1053 2.50 69.43 3.68
CA ALA A 1053 2.18 70.17 4.88
C ALA A 1053 2.22 69.29 6.12
N ALA A 1054 1.55 68.14 6.06
CA ALA A 1054 1.59 67.23 7.21
C ALA A 1054 2.93 66.52 7.31
N SER A 1055 3.64 66.37 6.18
CA SER A 1055 4.90 65.65 6.20
C SER A 1055 5.98 66.42 6.96
N VAL A 1056 6.14 67.70 6.65
CA VAL A 1056 7.24 68.50 7.19
C VAL A 1056 6.88 69.13 8.53
N PHE A 1057 5.66 69.68 8.62
CA PHE A 1057 5.31 70.54 9.75
C PHE A 1057 4.58 69.78 10.85
N GLY A 1058 3.42 69.22 10.54
CA GLY A 1058 2.66 68.58 11.60
C GLY A 1058 3.08 67.14 11.83
N ASN A 1059 4.04 66.95 12.72
CA ASN A 1059 4.39 65.60 13.14
C ASN A 1059 4.64 65.47 14.63
N GLU A 1060 4.43 66.53 15.41
CA GLU A 1060 4.60 66.56 16.86
C GLU A 1060 6.04 66.38 17.30
N SER A 1061 6.96 66.11 16.38
CA SER A 1061 8.37 65.93 16.69
C SER A 1061 9.27 66.79 15.82
N ASN A 1062 8.91 67.02 14.56
CA ASN A 1062 9.73 67.83 13.67
C ASN A 1062 9.77 69.29 14.11
N ILE A 1063 8.83 69.72 14.95
CA ILE A 1063 8.81 71.08 15.45
C ILE A 1063 9.82 71.19 16.59
N THR A 1064 11.05 71.54 16.26
CA THR A 1064 12.10 71.73 17.25
C THR A 1064 12.77 73.07 17.02
N ALA A 1065 13.74 73.39 17.88
CA ALA A 1065 14.43 74.66 17.75
C ALA A 1065 15.19 74.73 16.43
N ASP A 1066 15.76 73.61 15.99
CA ASP A 1066 16.58 73.62 14.79
C ASP A 1066 15.77 74.02 13.56
N LEU A 1067 14.55 73.49 13.44
CA LEU A 1067 13.76 73.76 12.24
C LEU A 1067 13.44 75.24 12.11
N ILE A 1068 12.94 75.85 13.18
CA ILE A 1068 12.61 77.27 13.11
C ILE A 1068 13.86 78.12 13.00
N LYS A 1069 14.96 77.70 13.64
CA LYS A 1069 16.20 78.45 13.53
C LYS A 1069 16.68 78.47 12.08
N THR A 1070 16.60 77.32 11.40
CA THR A 1070 16.99 77.27 10.00
C THR A 1070 16.02 78.06 9.13
N LEU A 1071 14.73 78.01 9.47
CA LEU A 1071 13.73 78.80 8.75
C LEU A 1071 14.06 80.29 8.82
N LEU A 1072 14.41 80.77 10.01
CA LEU A 1072 14.73 82.19 10.15
C LEU A 1072 16.06 82.53 9.49
N ASP A 1073 17.06 81.65 9.60
CA ASP A 1073 18.34 81.92 8.99
C ASP A 1073 18.25 81.95 7.47
N SER A 1074 17.38 81.13 6.88
CA SER A 1074 17.23 81.05 5.45
C SER A 1074 16.38 82.16 4.87
N ALA A 1075 16.10 83.21 5.63
CA ALA A 1075 15.25 84.28 5.13
C ALA A 1075 16.02 85.11 4.10
N LYS A 1076 15.27 85.95 3.39
CA LYS A 1076 15.82 86.86 2.39
C LYS A 1076 15.67 88.29 2.88
N THR A 1077 16.69 89.12 2.60
CA THR A 1077 16.70 90.50 3.05
C THR A 1077 17.08 91.47 1.93
N GLU A 1078 16.91 91.07 0.67
CA GLU A 1078 17.36 91.87 -0.45
C GLU A 1078 16.25 91.95 -1.49
N LYS A 1079 16.26 93.03 -2.28
CA LYS A 1079 15.13 93.36 -3.13
C LYS A 1079 15.49 93.29 -4.62
N ASN A 1080 16.22 92.25 -5.03
CA ASN A 1080 16.53 92.10 -6.44
C ASN A 1080 15.27 91.73 -7.22
N ALA A 1081 15.29 92.04 -8.52
CA ALA A 1081 14.15 91.75 -9.36
C ALA A 1081 13.89 90.24 -9.42
N ASP A 1082 14.96 89.44 -9.49
CA ASP A 1082 14.80 88.00 -9.62
C ASP A 1082 14.13 87.38 -8.40
N ASN A 1083 14.07 88.10 -7.28
CA ASN A 1083 13.40 87.63 -6.07
C ASN A 1083 12.31 88.55 -5.58
N SER A 1084 12.20 89.78 -6.11
CA SER A 1084 11.12 90.67 -5.70
C SER A 1084 9.76 90.13 -6.08
N ARG A 1085 9.70 89.19 -7.02
CA ARG A 1085 8.43 88.57 -7.39
C ARG A 1085 7.79 87.85 -6.22
N TYR A 1086 8.57 87.49 -5.21
CA TYR A 1086 8.03 86.84 -4.02
C TYR A 1086 8.68 87.31 -2.73
N PHE A 1087 9.47 88.39 -2.76
CA PHE A 1087 10.26 88.76 -1.60
C PHE A 1087 9.39 89.08 -0.39
N GLU A 1088 8.42 89.97 -0.56
CA GLU A 1088 7.53 90.30 0.54
C GLU A 1088 6.65 89.11 0.90
N ALA A 1089 6.18 88.39 -0.11
CA ALA A 1089 5.37 87.20 0.16
C ALA A 1089 6.17 86.15 0.92
N GLU A 1090 7.43 85.94 0.52
CA GLU A 1090 8.25 84.96 1.22
C GLU A 1090 8.51 85.40 2.65
N LEU A 1091 8.74 86.70 2.86
CA LEU A 1091 8.92 87.21 4.22
C LEU A 1091 7.69 86.92 5.07
N LEU A 1092 6.51 87.21 4.53
CA LEU A 1092 5.28 86.95 5.28
C LEU A 1092 5.11 85.47 5.57
N PHE A 1093 5.40 84.63 4.58
CA PHE A 1093 5.25 83.18 4.76
C PHE A 1093 6.18 82.67 5.85
N ILE A 1094 7.45 83.08 5.80
CA ILE A 1094 8.41 82.62 6.80
C ILE A 1094 8.02 83.11 8.18
N ILE A 1095 7.57 84.36 8.28
CA ILE A 1095 7.18 84.89 9.59
C ILE A 1095 5.99 84.12 10.14
N GLU A 1096 4.98 83.88 9.30
CA GLU A 1096 3.81 83.14 9.78
C GLU A 1096 4.20 81.73 10.19
N LEU A 1097 5.05 81.08 9.40
CA LEU A 1097 5.43 79.69 9.71
C LEU A 1097 6.18 79.63 11.04
N THR A 1098 7.13 80.54 11.25
CA THR A 1098 7.89 80.49 12.48
C THR A 1098 7.02 80.87 13.68
N ILE A 1099 6.08 81.79 13.50
CA ILE A 1099 5.17 82.14 14.59
C ILE A 1099 4.30 80.94 14.94
N ALA A 1100 3.78 80.25 13.93
CA ALA A 1100 2.95 79.09 14.19
C ALA A 1100 3.72 78.00 14.92
N LEU A 1101 4.94 77.73 14.47
CA LEU A 1101 5.73 76.70 15.13
C LEU A 1101 6.13 77.10 16.54
N PHE A 1102 6.37 78.39 16.79
CA PHE A 1102 6.60 78.84 18.15
C PHE A 1102 5.35 78.64 19.00
N LEU A 1103 4.18 78.90 18.44
CA LEU A 1103 2.94 78.61 19.15
C LEU A 1103 2.86 77.13 19.49
N PHE A 1104 3.28 76.27 18.58
CA PHE A 1104 3.43 74.85 18.89
C PHE A 1104 4.62 74.57 19.78
N CYS A 1105 5.62 75.44 19.77
CA CYS A 1105 6.78 75.28 20.65
C CYS A 1105 6.38 75.55 22.10
N LYS A 1106 7.24 75.11 23.02
CA LYS A 1106 6.97 75.20 24.45
C LYS A 1106 8.15 75.81 25.17
N GLU A 1107 8.01 77.08 25.56
CA GLU A 1107 8.89 77.80 26.48
C GLU A 1107 10.38 77.47 26.35
N GLU A 1108 10.94 77.76 25.17
CA GLU A 1108 12.41 77.56 25.00
C GLU A 1108 13.17 78.64 25.78
N LYS A 1109 14.45 78.41 26.10
CA LYS A 1109 15.22 79.36 26.93
C LYS A 1109 15.34 80.72 26.24
N GLU A 1110 15.84 80.76 25.00
CA GLU A 1110 16.06 82.05 24.30
C GLU A 1110 15.57 81.93 22.86
N LEU A 1111 15.15 80.74 22.45
CA LEU A 1111 14.62 80.55 21.11
C LEU A 1111 13.63 81.64 20.77
N GLY A 1112 12.70 81.93 21.67
CA GLY A 1112 11.75 83.01 21.43
C GLY A 1112 12.44 84.37 21.33
N LYS A 1113 13.49 84.57 22.13
CA LYS A 1113 14.26 85.80 22.03
C LYS A 1113 14.84 85.95 20.62
N PHE A 1114 15.39 84.86 20.09
CA PHE A 1114 15.92 84.89 18.73
C PHE A 1114 14.82 85.18 17.72
N ILE A 1115 13.64 84.58 17.91
CA ILE A 1115 12.54 84.82 17.00
C ILE A 1115 12.17 86.30 16.99
N LEU A 1116 12.07 86.89 18.18
CA LEU A 1116 11.70 88.29 18.29
C LEU A 1116 12.75 89.20 17.65
N GLN A 1117 14.03 88.90 17.89
CA GLN A 1117 15.09 89.70 17.28
C GLN A 1117 15.01 89.63 15.76
N LYS A 1118 14.80 88.42 15.22
CA LYS A 1118 14.73 88.28 13.78
C LYS A 1118 13.53 89.02 13.19
N VAL A 1119 12.37 88.93 13.85
CA VAL A 1119 11.20 89.60 13.28
C VAL A 1119 11.36 91.11 13.35
N PHE A 1120 11.99 91.61 14.42
CA PHE A 1120 12.24 93.05 14.49
C PHE A 1120 13.17 93.49 13.37
N GLN A 1121 14.27 92.74 13.16
CA GLN A 1121 15.21 93.11 12.11
C GLN A 1121 14.56 93.07 10.75
N LEU A 1122 13.71 92.06 10.50
CA LEU A 1122 13.00 91.99 9.24
C LEU A 1122 12.02 93.14 9.07
N SER A 1123 11.39 93.58 10.17
CA SER A 1123 10.48 94.71 10.10
C SER A 1123 11.23 95.99 9.73
N HIS A 1124 12.42 96.19 10.29
CA HIS A 1124 13.15 97.43 10.07
C HIS A 1124 13.80 97.50 8.68
N THR A 1125 13.45 96.62 7.75
CA THR A 1125 14.04 96.66 6.43
C THR A 1125 13.54 97.88 5.66
N LYS A 1126 14.03 98.04 4.44
CA LYS A 1126 13.67 99.16 3.59
C LYS A 1126 12.68 98.71 2.53
N GLY A 1127 11.95 99.68 1.99
CA GLY A 1127 10.95 99.40 0.97
C GLY A 1127 9.64 98.89 1.54
N LEU A 1128 9.35 97.61 1.31
CA LEU A 1128 8.14 96.96 1.79
C LEU A 1128 6.89 97.63 1.24
N THR A 1129 5.72 97.21 1.69
CA THR A 1129 4.46 97.85 1.31
C THR A 1129 3.62 98.17 2.54
N LYS A 1130 2.39 98.63 2.32
CA LYS A 1130 1.51 98.96 3.42
C LYS A 1130 0.95 97.70 4.08
N ARG A 1131 0.34 96.83 3.29
CA ARG A 1131 -0.20 95.59 3.83
C ARG A 1131 0.89 94.74 4.46
N THR A 1132 2.06 94.71 3.84
CA THR A 1132 3.17 93.93 4.37
C THR A 1132 3.55 94.42 5.77
N VAL A 1133 3.71 95.73 5.93
CA VAL A 1133 4.12 96.25 7.23
C VAL A 1133 3.00 96.09 8.25
N ARG A 1134 1.74 96.17 7.81
CA ARG A 1134 0.64 95.98 8.75
C ARG A 1134 0.59 94.53 9.25
N ARG A 1135 0.72 93.57 8.33
CA ARG A 1135 0.72 92.17 8.73
C ARG A 1135 1.91 91.87 9.63
N MET A 1136 3.08 92.40 9.31
CA MET A 1136 4.20 92.17 10.19
C MET A 1136 4.03 92.88 11.53
N LEU A 1137 3.27 93.97 11.56
CA LEU A 1137 2.95 94.63 12.84
C LEU A 1137 2.12 93.72 13.71
N THR A 1138 1.05 93.14 13.16
CA THR A 1138 0.23 92.28 13.99
C THR A 1138 0.99 91.01 14.39
N TYR A 1139 1.85 90.49 13.50
CA TYR A 1139 2.69 89.36 13.89
C TYR A 1139 3.63 89.74 15.03
N LYS A 1140 4.18 90.95 14.97
CA LYS A 1140 5.09 91.40 16.02
C LYS A 1140 4.36 91.49 17.36
N ILE A 1141 3.16 92.06 17.37
CA ILE A 1141 2.46 92.18 18.64
C ILE A 1141 2.07 90.80 19.16
N LEU A 1142 1.73 89.87 18.26
CA LEU A 1142 1.44 88.52 18.70
C LEU A 1142 2.66 87.88 19.34
N LEU A 1143 3.84 88.06 18.73
CA LEU A 1143 5.05 87.50 19.31
C LEU A 1143 5.35 88.12 20.67
N ILE A 1144 5.18 89.44 20.78
CA ILE A 1144 5.39 90.12 22.06
C ILE A 1144 4.47 89.54 23.12
N SER A 1145 3.21 89.30 22.76
CA SER A 1145 2.29 88.67 23.70
C SER A 1145 2.76 87.28 24.10
N LEU A 1146 3.23 86.49 23.13
CA LEU A 1146 3.66 85.13 23.44
C LEU A 1146 4.86 85.12 24.38
N CYS A 1147 5.83 86.01 24.15
CA CYS A 1147 6.96 86.13 25.05
C CYS A 1147 6.52 86.82 26.34
N ALA A 1148 7.37 86.72 27.37
CA ALA A 1148 7.07 87.29 28.67
C ALA A 1148 7.98 88.46 29.03
N ASP A 1149 9.30 88.27 28.98
CA ASP A 1149 10.25 89.30 29.35
C ASP A 1149 10.68 90.07 28.09
N GLN A 1150 11.78 90.81 28.18
CA GLN A 1150 12.33 91.61 27.09
C GLN A 1150 11.40 92.76 26.72
N THR A 1151 11.17 93.67 27.67
CA THR A 1151 10.29 94.81 27.45
C THR A 1151 10.85 95.80 26.43
N GLU A 1152 12.16 95.76 26.16
CA GLU A 1152 12.77 96.79 25.32
C GLU A 1152 12.21 96.74 23.90
N TYR A 1153 12.02 95.53 23.36
CA TYR A 1153 11.43 95.41 22.03
C TYR A 1153 10.03 95.98 22.01
N LEU A 1154 9.24 95.72 23.06
CA LEU A 1154 7.89 96.26 23.13
C LEU A 1154 7.90 97.77 23.22
N SER A 1155 8.84 98.34 23.97
CA SER A 1155 8.97 99.79 24.06
C SER A 1155 9.28 100.38 22.69
N LYS A 1156 10.23 99.77 21.98
CA LYS A 1156 10.57 100.25 20.65
C LYS A 1156 9.37 100.14 19.72
N LEU A 1157 8.63 99.04 19.81
CA LEU A 1157 7.44 98.87 18.99
C LEU A 1157 6.45 99.99 19.24
N ILE A 1158 6.07 100.20 20.51
CA ILE A 1158 5.13 101.25 20.86
C ILE A 1158 5.59 102.58 20.27
N ASN A 1159 6.76 103.04 20.73
CA ASN A 1159 7.26 104.35 20.31
C ASN A 1159 7.32 104.48 18.79
N ASP A 1160 8.21 103.72 18.16
CA ASP A 1160 8.47 103.94 16.74
C ASP A 1160 7.25 103.63 15.89
N GLU A 1161 6.65 102.45 16.06
CA GLU A 1161 5.57 102.06 15.17
C GLU A 1161 4.33 102.93 15.38
N LEU A 1162 3.88 103.07 16.63
CA LEU A 1162 2.61 103.77 16.84
C LEU A 1162 2.75 105.27 16.68
N LEU A 1163 3.80 105.88 17.24
CA LEU A 1163 3.81 107.33 17.30
C LEU A 1163 4.40 107.99 16.07
N LYS A 1164 5.46 107.42 15.51
CA LYS A 1164 6.17 108.09 14.42
C LYS A 1164 5.41 107.96 13.11
N LYS A 1165 5.22 106.72 12.64
CA LYS A 1165 4.60 106.49 11.35
C LYS A 1165 3.10 106.66 11.42
N GLY A 1166 2.54 107.40 10.47
CA GLY A 1166 1.10 107.55 10.35
C GLY A 1166 0.63 107.20 8.95
N ASP A 1167 1.56 107.20 8.00
CA ASP A 1167 1.22 106.85 6.63
C ASP A 1167 0.77 105.39 6.51
N ILE A 1168 1.16 104.54 7.46
CA ILE A 1168 0.71 103.16 7.47
C ILE A 1168 -0.37 102.91 8.51
N PHE A 1169 -0.43 103.69 9.58
CA PHE A 1169 -1.48 103.54 10.59
C PHE A 1169 -2.58 104.57 10.37
N THR A 1170 -3.28 104.41 9.25
CA THR A 1170 -4.39 105.31 8.95
C THR A 1170 -5.50 105.13 9.98
N GLN A 1171 -6.22 106.22 10.26
CA GLN A 1171 -7.29 106.16 11.25
C GLN A 1171 -8.35 105.13 10.86
N LYS A 1172 -8.49 104.85 9.57
CA LYS A 1172 -9.40 103.81 9.13
C LYS A 1172 -8.82 102.41 9.36
N PHE A 1173 -7.49 102.28 9.36
CA PHE A 1173 -6.91 100.96 9.56
C PHE A 1173 -7.22 100.42 10.94
N PHE A 1174 -7.14 101.26 11.97
CA PHE A 1174 -7.56 100.82 13.28
C PHE A 1174 -9.05 100.51 13.33
N ALA A 1175 -9.82 101.00 12.37
CA ALA A 1175 -11.26 100.75 12.31
C ALA A 1175 -11.62 99.50 11.52
N THR A 1176 -10.66 98.87 10.86
CA THR A 1176 -10.96 97.66 10.10
C THR A 1176 -11.03 96.47 11.06
N ASN A 1177 -11.30 95.28 10.52
CA ASN A 1177 -11.44 94.12 11.37
C ASN A 1177 -10.13 93.72 12.05
N GLN A 1178 -8.99 94.19 11.55
CA GLN A 1178 -7.71 93.89 12.16
C GLN A 1178 -7.32 94.91 13.22
N GLY A 1179 -7.77 96.15 13.08
CA GLY A 1179 -7.46 97.15 14.09
C GLY A 1179 -8.04 96.81 15.44
N LYS A 1180 -9.27 96.30 15.47
CA LYS A 1180 -9.87 95.86 16.72
C LYS A 1180 -9.06 94.72 17.33
N GLU A 1181 -8.61 93.78 16.50
CA GLU A 1181 -7.77 92.70 17.00
C GLU A 1181 -6.47 93.22 17.59
N PHE A 1182 -5.81 94.15 16.91
CA PHE A 1182 -4.56 94.68 17.42
C PHE A 1182 -4.76 95.41 18.73
N LEU A 1183 -5.82 96.22 18.82
CA LEU A 1183 -6.09 96.94 20.06
C LEU A 1183 -6.40 95.97 21.20
N LYS A 1184 -7.16 94.90 20.89
CA LYS A 1184 -7.45 93.91 21.91
C LYS A 1184 -6.17 93.22 22.38
N ARG A 1185 -5.27 92.90 21.45
CA ARG A 1185 -4.00 92.28 21.85
C ARG A 1185 -3.19 93.21 22.74
N LEU A 1186 -3.13 94.50 22.38
CA LEU A 1186 -2.41 95.46 23.20
C LEU A 1186 -3.00 95.53 24.61
N PHE A 1187 -4.32 95.69 24.72
CA PHE A 1187 -4.92 95.82 26.04
C PHE A 1187 -4.77 94.53 26.85
N SER A 1188 -4.96 93.38 26.21
CA SER A 1188 -4.76 92.12 26.92
C SER A 1188 -3.32 91.99 27.38
N LEU A 1189 -2.38 92.58 26.64
CA LEU A 1189 -1.02 92.66 27.13
C LEU A 1189 -0.95 93.54 28.37
N THR A 1190 -1.73 94.61 28.42
CA THR A 1190 -1.64 95.54 29.54
C THR A 1190 -2.06 94.90 30.87
N GLU A 1191 -2.74 93.75 30.84
CA GLU A 1191 -3.17 93.10 32.07
C GLU A 1191 -2.38 91.84 32.40
N SER A 1192 -1.39 91.48 31.58
CA SER A 1192 -0.60 90.29 31.85
C SER A 1192 0.24 90.49 33.11
N GLU A 1193 0.56 89.37 33.77
CA GLU A 1193 1.37 89.43 34.98
C GLU A 1193 2.73 90.05 34.69
N PHE A 1194 3.43 89.54 33.67
CA PHE A 1194 4.58 90.26 33.14
C PHE A 1194 4.10 91.30 32.15
N TYR A 1195 5.02 92.19 31.76
CA TYR A 1195 4.70 93.30 30.86
C TYR A 1195 3.63 94.20 31.46
N ARG A 1196 3.80 94.55 32.71
CA ARG A 1196 2.82 95.42 33.37
C ARG A 1196 3.41 96.68 33.96
N GLY A 1197 4.56 96.58 34.64
CA GLY A 1197 5.13 97.76 35.27
C GLY A 1197 5.57 98.80 34.26
N PHE A 1198 6.27 98.36 33.21
CA PHE A 1198 6.65 99.28 32.15
C PHE A 1198 5.43 99.78 31.40
N LEU A 1199 4.44 98.91 31.16
CA LEU A 1199 3.27 99.32 30.41
C LEU A 1199 2.47 100.39 31.13
N LEU A 1200 2.47 100.37 32.47
CA LEU A 1200 1.77 101.42 33.21
C LEU A 1200 2.45 102.77 33.01
N GLY A 1201 3.69 102.91 33.46
CA GLY A 1201 4.42 104.15 33.27
C GLY A 1201 5.05 104.25 31.91
N ASN A 1202 4.22 104.45 30.88
CA ASN A 1202 4.64 104.34 29.48
C ASN A 1202 4.08 105.51 28.67
N GLU A 1203 4.32 106.74 29.15
CA GLU A 1203 3.68 107.96 28.66
C GLU A 1203 3.38 107.95 27.16
N ASN A 1204 4.33 107.49 26.35
CA ASN A 1204 4.09 107.41 24.91
C ASN A 1204 2.94 106.46 24.59
N PHE A 1205 2.84 105.35 25.31
CA PHE A 1205 1.72 104.43 25.07
C PHE A 1205 0.38 105.07 25.41
N TRP A 1206 0.32 105.81 26.51
CA TRP A 1206 -0.93 106.50 26.84
C TRP A 1206 -1.22 107.60 25.84
N LYS A 1207 -0.19 108.23 25.27
CA LYS A 1207 -0.43 109.17 24.19
C LYS A 1207 -0.99 108.47 22.97
N PHE A 1208 -0.53 107.25 22.69
CA PHE A 1208 -1.10 106.48 21.60
C PHE A 1208 -2.56 106.16 21.87
N LEU A 1209 -2.89 105.79 23.11
CA LEU A 1209 -4.29 105.56 23.45
C LEU A 1209 -5.10 106.84 23.32
N ARG A 1210 -4.49 107.98 23.61
CA ARG A 1210 -5.13 109.27 23.39
C ARG A 1210 -5.45 109.46 21.92
N LYS A 1211 -4.50 109.13 21.04
CA LYS A 1211 -4.76 109.22 19.61
C LYS A 1211 -5.86 108.27 19.17
N VAL A 1212 -5.87 107.06 19.72
CA VAL A 1212 -6.88 106.07 19.36
C VAL A 1212 -8.25 106.54 19.81
N THR A 1213 -8.33 107.19 20.97
CA THR A 1213 -9.61 107.64 21.50
C THR A 1213 -10.28 108.61 20.55
N ALA A 1214 -9.51 109.49 19.92
CA ALA A 1214 -10.10 110.43 18.98
C ALA A 1214 -10.47 109.72 17.68
N MET A 1215 -11.43 108.80 17.75
CA MET A 1215 -11.87 108.06 16.57
C MET A 1215 -13.35 107.78 16.70
N LYS A 1216 -14.05 107.82 15.57
CA LYS A 1216 -15.49 107.62 15.57
C LYS A 1216 -15.86 106.22 16.04
N GLU A 1217 -15.44 105.21 15.29
CA GLU A 1217 -15.91 103.84 15.52
C GLU A 1217 -14.98 103.03 16.41
N GLN A 1218 -13.87 103.59 16.89
CA GLN A 1218 -12.99 102.90 17.80
C GLN A 1218 -13.08 103.45 19.23
N SER A 1219 -14.01 104.36 19.50
CA SER A 1219 -14.09 104.95 20.82
C SER A 1219 -14.69 103.99 21.84
N GLU A 1220 -15.73 103.27 21.46
CA GLU A 1220 -16.46 102.45 22.42
C GLU A 1220 -15.60 101.31 22.94
N SER A 1221 -14.74 100.75 22.08
CA SER A 1221 -13.87 99.68 22.52
C SER A 1221 -12.89 100.16 23.57
N ILE A 1222 -12.27 101.33 23.34
CA ILE A 1222 -11.36 101.89 24.32
C ILE A 1222 -12.10 102.19 25.61
N PHE A 1223 -13.32 102.69 25.49
CA PHE A 1223 -14.11 102.98 26.69
C PHE A 1223 -14.40 101.71 27.48
N GLU A 1224 -14.74 100.63 26.78
CA GLU A 1224 -14.99 99.36 27.46
C GLU A 1224 -13.75 98.83 28.14
N TYR A 1225 -12.60 98.93 27.47
CA TYR A 1225 -11.35 98.47 28.06
C TYR A 1225 -11.03 99.27 29.32
N LEU A 1226 -11.22 100.59 29.26
CA LEU A 1226 -11.02 101.41 30.44
C LEU A 1226 -12.01 101.05 31.55
N ASN A 1227 -13.26 100.76 31.17
CA ASN A 1227 -14.27 100.41 32.17
C ASN A 1227 -13.89 99.13 32.90
N GLU A 1228 -13.48 98.10 32.16
CA GLU A 1228 -13.08 96.86 32.80
C GLU A 1228 -11.81 97.02 33.61
N SER A 1229 -10.86 97.83 33.15
CA SER A 1229 -9.67 98.10 33.94
C SER A 1229 -10.02 98.78 35.26
N ILE A 1230 -10.95 99.74 35.23
CA ILE A 1230 -11.39 100.40 36.45
C ILE A 1230 -12.10 99.42 37.37
N LYS A 1231 -12.98 98.57 36.80
CA LYS A 1231 -13.71 97.61 37.61
C LYS A 1231 -12.77 96.65 38.32
N THR A 1232 -11.72 96.20 37.63
CA THR A 1232 -10.68 95.43 38.29
C THR A 1232 -10.02 96.27 39.37
N ASP A 1233 -9.68 95.62 40.48
CA ASP A 1233 -9.17 96.33 41.64
C ASP A 1233 -7.80 96.95 41.36
N SER A 1234 -7.63 98.18 41.84
CA SER A 1234 -6.42 98.96 41.63
C SER A 1234 -6.12 99.14 40.15
N ASN A 1235 -5.16 98.36 39.64
CA ASN A 1235 -4.74 98.42 38.24
C ASN A 1235 -4.24 99.81 37.87
N ILE A 1236 -5.04 100.55 37.08
CA ILE A 1236 -4.59 101.82 36.53
C ILE A 1236 -4.25 102.80 37.63
N LEU A 1237 -4.99 102.80 38.72
CA LEU A 1237 -4.74 103.73 39.83
C LEU A 1237 -3.34 103.55 40.37
N THR A 1238 -2.50 104.58 40.18
CA THR A 1238 -1.13 104.56 40.64
C THR A 1238 -0.73 105.98 41.03
N ASN A 1239 0.48 106.12 41.54
CA ASN A 1239 1.00 107.47 41.80
C ASN A 1239 1.05 108.28 40.52
N GLU A 1240 1.53 107.67 39.45
CA GLU A 1240 1.36 108.21 38.11
C GLU A 1240 0.12 107.56 37.48
N ASN A 1241 -0.07 107.76 36.18
CA ASN A 1241 -1.18 107.17 35.44
C ASN A 1241 -2.52 107.66 35.97
N PHE A 1242 -2.58 108.92 36.37
CA PHE A 1242 -3.83 109.54 36.80
C PHE A 1242 -4.21 110.73 35.95
N MET A 1243 -3.29 111.67 35.75
CA MET A 1243 -3.59 112.82 34.90
C MET A 1243 -3.86 112.38 33.46
N TRP A 1244 -3.08 111.42 32.96
CA TRP A 1244 -3.27 110.98 31.59
C TRP A 1244 -4.62 110.28 31.41
N VAL A 1245 -5.00 109.42 32.35
CA VAL A 1245 -6.27 108.72 32.20
C VAL A 1245 -7.44 109.68 32.38
N LEU A 1246 -7.30 110.65 33.27
CA LEU A 1246 -8.34 111.66 33.40
C LEU A 1246 -8.46 112.47 32.11
N GLY A 1247 -7.33 112.77 31.46
CA GLY A 1247 -7.38 113.40 30.16
C GLY A 1247 -8.05 112.53 29.12
N LEU A 1248 -7.83 111.22 29.20
CA LEU A 1248 -8.50 110.30 28.28
C LEU A 1248 -10.01 110.34 28.45
N LEU A 1249 -10.48 110.30 29.69
CA LEU A 1249 -11.91 110.42 29.95
C LEU A 1249 -12.42 111.78 29.49
N ASP A 1250 -11.61 112.83 29.65
CA ASP A 1250 -11.97 114.15 29.15
C ASP A 1250 -12.09 114.15 27.63
N GLU A 1251 -11.26 113.39 26.94
CA GLU A 1251 -11.38 113.29 25.49
C GLU A 1251 -12.62 112.52 25.08
N ILE A 1252 -12.99 111.52 25.87
CA ILE A 1252 -14.28 110.85 25.63
C ILE A 1252 -15.42 111.85 25.75
N SER A 1253 -15.38 112.67 26.81
CA SER A 1253 -16.37 113.73 26.95
C SER A 1253 -16.23 114.79 25.87
N SER A 1254 -15.06 114.93 25.25
CA SER A 1254 -14.89 115.89 24.15
C SER A 1254 -15.52 115.37 22.87
N MET A 1255 -15.45 114.05 22.65
CA MET A 1255 -16.27 113.46 21.60
C MET A 1255 -17.75 113.69 21.90
N GLY A 1256 -18.13 113.53 23.17
CA GLY A 1256 -19.46 113.95 23.58
C GLY A 1256 -19.74 115.40 23.30
N ALA A 1257 -18.71 116.25 23.36
CA ALA A 1257 -18.89 117.68 23.12
C ALA A 1257 -19.08 117.99 21.64
N VAL A 1258 -18.43 117.23 20.76
CA VAL A 1258 -18.71 117.40 19.34
C VAL A 1258 -20.12 116.90 19.03
N GLY A 1259 -20.54 115.82 19.70
CA GLY A 1259 -21.95 115.46 19.67
C GLY A 1259 -22.83 116.55 20.24
N ASN A 1260 -22.32 117.31 21.20
CA ASN A 1260 -23.06 118.41 21.78
C ASN A 1260 -23.20 119.58 20.80
N HIS A 1261 -22.19 119.83 19.98
CA HIS A 1261 -22.32 120.81 18.91
C HIS A 1261 -23.37 120.36 17.90
N TRP A 1262 -23.34 119.07 17.56
CA TRP A 1262 -24.41 118.49 16.75
C TRP A 1262 -25.77 118.73 17.40
N GLU A 1263 -25.85 118.52 18.71
CA GLU A 1263 -27.09 118.72 19.45
C GLU A 1263 -27.47 120.21 19.51
N ILE A 1264 -26.48 121.10 19.48
CA ILE A 1264 -26.78 122.53 19.39
C ILE A 1264 -27.49 122.84 18.09
N GLU A 1265 -26.99 122.27 16.99
CA GLU A 1265 -27.69 122.40 15.71
C GLU A 1265 -29.09 121.79 15.79
N TYR A 1266 -29.18 120.61 16.38
CA TYR A 1266 -30.46 119.89 16.45
C TYR A 1266 -31.45 120.56 17.40
N LYS A 1267 -30.97 121.37 18.34
CA LYS A 1267 -31.87 122.15 19.18
C LYS A 1267 -32.68 123.13 18.34
N LYS A 1268 -31.99 123.90 17.50
CA LYS A 1268 -32.68 124.78 16.56
C LYS A 1268 -33.53 123.98 15.58
N LEU A 1269 -33.02 122.83 15.15
CA LEU A 1269 -33.79 122.00 14.23
C LEU A 1269 -35.12 121.56 14.85
N THR A 1270 -35.10 121.18 16.12
CA THR A 1270 -36.29 120.71 16.81
C THR A 1270 -37.10 121.81 17.45
N GLU A 1271 -36.61 123.05 17.44
CA GLU A 1271 -37.37 124.16 18.00
C GLU A 1271 -38.66 124.40 17.24
N SER A 1272 -38.75 123.93 15.99
CA SER A 1272 -40.00 124.06 15.25
C SER A 1272 -41.12 123.28 15.93
N GLY A 1273 -40.89 122.00 16.21
CA GLY A 1273 -41.91 121.16 16.81
C GLY A 1273 -43.13 120.97 15.93
N HIS A 1274 -42.91 120.65 14.66
CA HIS A 1274 -44.01 120.52 13.71
C HIS A 1274 -43.97 119.19 12.97
N LYS A 1275 -42.79 118.61 12.82
CA LYS A 1275 -42.58 117.41 12.02
C LYS A 1275 -42.27 116.22 12.92
N ILE A 1276 -42.44 115.02 12.37
CA ILE A 1276 -42.04 113.81 13.08
C ILE A 1276 -40.54 113.88 13.37
N ASP A 1277 -40.16 113.40 14.55
CA ASP A 1277 -38.79 113.61 15.03
C ASP A 1277 -37.77 112.80 14.24
N LYS A 1278 -37.83 111.46 14.34
CA LYS A 1278 -36.82 110.59 13.76
C LYS A 1278 -35.42 111.09 14.10
N GLU A 1279 -35.27 111.67 15.27
CA GLU A 1279 -34.12 112.51 15.58
C GLU A 1279 -33.05 111.69 16.30
N ASN A 1280 -31.99 112.37 16.75
CA ASN A 1280 -30.85 111.86 17.50
C ASN A 1280 -30.38 110.49 17.03
N PRO A 1281 -29.76 110.39 15.85
CA PRO A 1281 -29.07 109.16 15.45
C PRO A 1281 -27.69 109.04 16.09
N TYR A 1282 -27.61 109.38 17.38
CA TYR A 1282 -26.34 109.40 18.09
C TYR A 1282 -26.47 108.89 19.53
N LYS A 1283 -27.50 108.07 19.80
CA LYS A 1283 -27.66 107.52 21.15
C LYS A 1283 -26.43 106.77 21.60
N LYS A 1284 -25.71 106.14 20.66
CA LYS A 1284 -24.44 105.51 21.02
C LYS A 1284 -23.49 106.52 21.64
N SER A 1285 -23.30 107.66 20.96
CA SER A 1285 -22.37 108.67 21.45
C SER A 1285 -22.86 109.29 22.76
N ILE A 1286 -24.15 109.62 22.83
CA ILE A 1286 -24.68 110.26 24.02
C ILE A 1286 -24.56 109.33 25.22
N GLU A 1287 -24.99 108.07 25.05
CA GLU A 1287 -24.89 107.11 26.14
C GLU A 1287 -23.44 106.82 26.51
N LEU A 1288 -22.54 106.82 25.51
CA LEU A 1288 -21.12 106.67 25.81
C LEU A 1288 -20.64 107.82 26.69
N SER A 1289 -21.06 109.04 26.38
CA SER A 1289 -20.68 110.18 27.21
C SER A 1289 -21.25 110.06 28.61
N LEU A 1290 -22.51 109.62 28.72
CA LEU A 1290 -23.11 109.49 30.04
C LEU A 1290 -22.37 108.45 30.87
N LYS A 1291 -22.05 107.32 30.25
CA LYS A 1291 -21.27 106.30 30.94
C LYS A 1291 -19.87 106.80 31.28
N SER A 1292 -19.29 107.65 30.45
CA SER A 1292 -17.98 108.22 30.78
C SER A 1292 -18.06 109.10 32.01
N ILE A 1293 -19.10 109.93 32.09
CA ILE A 1293 -19.28 110.78 33.26
C ILE A 1293 -19.49 109.92 34.51
N GLN A 1294 -20.29 108.87 34.38
CA GLN A 1294 -20.49 107.96 35.51
C GLN A 1294 -19.18 107.28 35.90
N LEU A 1295 -18.36 106.93 34.91
CA LEU A 1295 -17.08 106.29 35.19
C LEU A 1295 -16.17 107.24 35.94
N THR A 1296 -16.14 108.51 35.53
CA THR A 1296 -15.34 109.50 36.27
C THR A 1296 -15.85 109.65 37.69
N SER A 1297 -17.17 109.73 37.85
CA SER A 1297 -17.75 109.84 39.18
C SER A 1297 -17.33 108.68 40.07
N HIS A 1298 -17.40 107.45 39.55
CA HIS A 1298 -16.99 106.30 40.34
C HIS A 1298 -15.48 106.31 40.56
N LEU A 1299 -14.72 106.83 39.59
CA LEU A 1299 -13.28 106.92 39.76
C LEU A 1299 -12.91 107.85 40.91
N LEU A 1300 -13.75 108.84 41.18
CA LEU A 1300 -13.52 109.68 42.35
C LEU A 1300 -13.57 108.87 43.64
N GLU A 1301 -14.24 107.73 43.63
CA GLU A 1301 -14.32 106.85 44.79
C GLU A 1301 -13.14 105.89 44.91
N ASP A 1302 -12.41 105.66 43.83
CA ASP A 1302 -11.38 104.64 43.81
C ASP A 1302 -10.19 105.03 44.68
N ASN A 1303 -9.50 104.00 45.19
CA ASN A 1303 -8.23 104.09 45.91
C ASN A 1303 -8.41 104.64 47.33
N ASN A 1304 -9.60 105.16 47.65
CA ASN A 1304 -10.02 105.57 48.98
C ASN A 1304 -9.17 106.68 49.57
N ASP A 1305 -8.09 107.10 48.91
CA ASP A 1305 -7.25 108.19 49.40
C ASP A 1305 -6.41 108.71 48.25
N LEU A 1306 -5.85 109.90 48.44
CA LEU A 1306 -5.07 110.55 47.41
C LEU A 1306 -4.40 111.78 48.00
N ARG A 1307 -3.65 112.49 47.17
CA ARG A 1307 -2.94 113.70 47.57
C ARG A 1307 -3.76 114.95 47.39
N LYS A 1308 -5.04 114.80 47.02
CA LYS A 1308 -6.04 115.86 46.89
C LYS A 1308 -5.79 116.73 45.65
N ASN A 1309 -4.62 116.60 45.03
CA ASN A 1309 -4.42 117.31 43.76
C ASN A 1309 -5.17 116.59 42.65
N GLU A 1310 -5.19 115.26 42.69
CA GLU A 1310 -5.99 114.50 41.75
C GLU A 1310 -7.48 114.56 42.09
N ILE A 1311 -7.84 114.78 43.35
CA ILE A 1311 -9.24 115.08 43.67
C ILE A 1311 -9.64 116.41 43.04
N PHE A 1312 -8.77 117.42 43.15
CA PHE A 1312 -9.04 118.67 42.46
C PHE A 1312 -9.10 118.46 40.95
N ALA A 1313 -8.28 117.55 40.42
CA ALA A 1313 -8.32 117.24 39.00
C ALA A 1313 -9.64 116.60 38.61
N ILE A 1314 -10.17 115.73 39.46
CA ILE A 1314 -11.47 115.13 39.21
C ILE A 1314 -12.54 116.21 39.18
N ILE A 1315 -12.49 117.14 40.14
CA ILE A 1315 -13.45 118.23 40.16
C ILE A 1315 -13.34 119.09 38.90
N GLN A 1316 -12.11 119.36 38.48
CA GLN A 1316 -11.88 120.13 37.25
C GLN A 1316 -12.47 119.41 36.04
N ALA A 1317 -12.27 118.10 35.95
CA ALA A 1317 -12.79 117.34 34.84
C ALA A 1317 -14.31 117.40 34.81
N LEU A 1318 -14.94 117.26 35.98
CA LEU A 1318 -16.38 117.35 36.05
C LEU A 1318 -16.86 118.73 35.63
N ALA A 1319 -16.15 119.78 36.04
CA ALA A 1319 -16.53 121.13 35.64
C ALA A 1319 -16.43 121.30 34.13
N HIS A 1320 -15.32 120.83 33.55
CA HIS A 1320 -15.15 120.95 32.10
C HIS A 1320 -16.20 120.17 31.35
N GLN A 1321 -16.62 119.02 31.89
CA GLN A 1321 -17.74 118.30 31.31
C GLN A 1321 -19.05 119.09 31.41
N CYS A 1322 -19.24 119.80 32.52
CA CYS A 1322 -20.42 120.63 32.68
C CYS A 1322 -20.41 121.86 31.79
N ILE A 1323 -19.24 122.29 31.33
CA ILE A 1323 -19.15 123.43 30.41
C ILE A 1323 -19.84 123.12 29.08
N ASN A 1324 -20.05 121.85 28.77
CA ASN A 1324 -20.61 121.44 27.49
C ASN A 1324 -21.96 122.12 27.25
N PRO A 1325 -22.13 122.83 26.13
CA PRO A 1325 -23.36 123.60 25.94
C PRO A 1325 -24.64 122.78 25.87
N CYS A 1326 -24.59 121.55 25.34
CA CYS A 1326 -25.83 120.81 25.10
C CYS A 1326 -26.51 120.44 26.41
N LYS A 1327 -27.85 120.43 26.36
CA LYS A 1327 -28.64 120.29 27.58
C LYS A 1327 -28.44 118.92 28.23
N GLN A 1328 -28.33 117.87 27.42
CA GLN A 1328 -28.25 116.52 27.99
C GLN A 1328 -26.97 116.33 28.79
N ILE A 1329 -25.83 116.62 28.18
CA ILE A 1329 -24.56 116.43 28.86
C ILE A 1329 -24.43 117.40 30.02
N SER A 1330 -24.87 118.65 29.83
CA SER A 1330 -24.80 119.62 30.90
C SER A 1330 -25.62 119.17 32.11
N GLU A 1331 -26.83 118.67 31.85
CA GLU A 1331 -27.69 118.23 32.95
C GLU A 1331 -27.10 117.04 33.68
N PHE A 1332 -26.62 116.03 32.94
CA PHE A 1332 -26.06 114.88 33.63
C PHE A 1332 -24.77 115.25 34.36
N ALA A 1333 -23.99 116.16 33.79
CA ALA A 1333 -22.77 116.60 34.47
C ALA A 1333 -23.12 117.33 35.77
N VAL A 1334 -24.14 118.19 35.74
CA VAL A 1334 -24.55 118.89 36.95
C VAL A 1334 -25.01 117.89 38.01
N VAL A 1335 -25.83 116.93 37.60
CA VAL A 1335 -26.34 115.94 38.56
C VAL A 1335 -25.20 115.13 39.15
N THR A 1336 -24.28 114.67 38.30
CA THR A 1336 -23.16 113.87 38.78
C THR A 1336 -22.24 114.70 39.69
N LEU A 1337 -22.00 115.96 39.34
CA LEU A 1337 -21.20 116.82 40.19
C LEU A 1337 -21.82 116.95 41.56
N GLU A 1338 -23.14 117.21 41.60
CA GLU A 1338 -23.82 117.36 42.87
C GLU A 1338 -23.74 116.07 43.68
N GLN A 1339 -23.99 114.93 43.05
CA GLN A 1339 -23.97 113.66 43.77
C GLN A 1339 -22.57 113.35 44.30
N THR A 1340 -21.55 113.57 43.49
CA THR A 1340 -20.18 113.31 43.92
C THR A 1340 -19.80 114.22 45.09
N LEU A 1341 -20.17 115.50 45.00
CA LEU A 1341 -19.84 116.42 46.07
C LEU A 1341 -20.55 116.04 47.37
N ILE A 1342 -21.83 115.69 47.30
CA ILE A 1342 -22.59 115.44 48.52
C ILE A 1342 -22.19 114.10 49.15
N ASN A 1343 -22.02 113.08 48.31
CA ASN A 1343 -21.68 111.72 48.81
C ASN A 1343 -20.50 111.18 48.01
N LYS A 1344 -19.80 110.17 48.53
CA LYS A 1344 -18.59 109.61 47.85
C LYS A 1344 -17.44 110.61 48.00
N ILE A 1345 -17.55 111.52 48.98
CA ILE A 1345 -16.49 112.54 49.21
C ILE A 1345 -15.96 112.38 50.63
N GLU A 1346 -14.68 112.70 50.86
CA GLU A 1346 -14.07 112.52 52.21
C GLU A 1346 -13.68 113.87 52.79
N ILE A 1347 -14.41 114.34 53.82
CA ILE A 1347 -14.08 115.64 54.48
C ILE A 1347 -14.19 115.49 56.01
N PRO A 1348 -13.76 114.37 56.63
CA PRO A 1348 -13.77 114.24 58.09
C PRO A 1348 -12.40 114.63 58.66
N THR A 1349 -11.99 115.88 58.51
CA THR A 1349 -10.65 116.32 58.99
C THR A 1349 -9.62 115.28 58.53
N ASN A 1350 -9.79 114.72 57.33
CA ASN A 1350 -8.86 113.69 56.81
C ASN A 1350 -7.64 114.39 56.19
N GLU A 1351 -6.80 113.64 55.47
CA GLU A 1351 -5.64 114.27 54.78
C GLU A 1351 -6.06 115.68 54.36
N MET A 1352 -7.24 115.82 53.74
CA MET A 1352 -7.75 117.13 53.40
C MET A 1352 -8.73 117.55 54.49
N GLU A 1353 -8.51 118.75 55.05
CA GLU A 1353 -9.20 119.15 56.26
C GLU A 1353 -9.94 120.47 56.12
N SER A 1354 -10.12 120.98 54.90
CA SER A 1354 -10.76 122.28 54.70
C SER A 1354 -11.77 122.18 53.57
N VAL A 1355 -13.04 122.48 53.88
CA VAL A 1355 -14.02 122.69 52.83
C VAL A 1355 -13.63 123.90 52.00
N GLU A 1356 -12.88 124.83 52.59
CA GLU A 1356 -12.26 125.89 51.83
C GLU A 1356 -11.45 125.34 50.67
N GLU A 1357 -10.71 124.26 50.90
CA GLU A 1357 -9.92 123.66 49.83
C GLU A 1357 -10.80 123.19 48.68
N LEU A 1358 -11.89 122.49 48.99
CA LEU A 1358 -12.73 121.97 47.91
C LEU A 1358 -13.44 123.09 47.16
N ILE A 1359 -13.91 124.11 47.89
CA ILE A 1359 -14.59 125.20 47.18
C ILE A 1359 -13.60 125.99 46.33
N GLU A 1360 -12.38 126.21 46.83
CA GLU A 1360 -11.37 126.91 46.03
C GLU A 1360 -11.00 126.11 44.79
N GLY A 1361 -10.81 124.81 44.94
CA GLY A 1361 -10.52 123.98 43.79
C GLY A 1361 -11.64 123.99 42.77
N GLY A 1362 -12.89 123.95 43.24
CA GLY A 1362 -14.01 124.06 42.33
C GLY A 1362 -14.05 125.39 41.62
N LEU A 1363 -13.79 126.46 42.36
CA LEU A 1363 -13.93 127.82 41.83
C LEU A 1363 -12.82 128.22 40.87
N LEU A 1364 -11.61 127.68 41.04
CA LEU A 1364 -10.49 128.09 40.18
C LEU A 1364 -10.81 128.00 38.70
N PRO A 1365 -11.33 126.90 38.15
CA PRO A 1365 -11.76 126.92 36.75
C PRO A 1365 -12.88 127.90 36.47
N LEU A 1366 -13.78 128.10 37.44
CA LEU A 1366 -14.91 128.99 37.20
C LEU A 1366 -14.48 130.45 37.23
N LEU A 1367 -13.59 130.82 38.15
CA LEU A 1367 -13.12 132.20 38.23
C LEU A 1367 -12.16 132.52 37.10
N ASN A 1368 -11.25 131.59 36.79
CA ASN A 1368 -10.25 131.85 35.76
C ASN A 1368 -10.90 131.99 34.38
N SER A 1369 -11.89 131.15 34.09
CA SER A 1369 -12.56 131.17 32.78
C SER A 1369 -13.77 132.10 32.75
N SER A 1370 -14.01 132.84 33.83
CA SER A 1370 -15.16 133.74 33.87
C SER A 1370 -15.01 134.86 32.84
N GLU A 1371 -16.14 135.30 32.29
CA GLU A 1371 -16.20 136.40 31.34
C GLU A 1371 -15.38 136.12 30.09
N THR A 1372 -15.27 134.85 29.70
CA THR A 1372 -14.54 134.46 28.50
C THR A 1372 -15.47 133.93 27.40
N GLN A 1373 -16.78 134.02 27.60
CA GLN A 1373 -17.72 133.51 26.60
C GLN A 1373 -19.05 134.22 26.80
N GLU A 1374 -19.84 134.27 25.72
CA GLU A 1374 -21.20 134.77 25.82
C GLU A 1374 -22.05 133.85 26.68
N ASP A 1375 -21.89 132.54 26.52
CA ASP A 1375 -22.55 131.56 27.37
C ASP A 1375 -21.87 131.41 28.72
N GLN A 1376 -20.73 132.08 28.92
CA GLN A 1376 -20.05 132.00 30.21
C GLN A 1376 -20.90 132.54 31.34
N LYS A 1377 -21.79 133.50 31.04
CA LYS A 1377 -22.64 134.06 32.09
C LYS A 1377 -23.62 133.02 32.62
N ILE A 1378 -24.35 132.36 31.72
CA ILE A 1378 -25.30 131.34 32.17
C ILE A 1378 -24.56 130.15 32.76
N LEU A 1379 -23.38 129.83 32.23
CA LEU A 1379 -22.56 128.78 32.85
C LEU A 1379 -22.20 129.16 34.28
N ILE A 1380 -21.83 130.41 34.50
CA ILE A 1380 -21.51 130.88 35.85
C ILE A 1380 -22.74 130.77 36.74
N SER A 1381 -23.89 131.16 36.23
CA SER A 1381 -25.12 131.05 37.02
C SER A 1381 -25.37 129.60 37.44
N SER A 1382 -25.25 128.67 36.50
CA SER A 1382 -25.50 127.26 36.79
C SER A 1382 -24.49 126.73 37.81
N ILE A 1383 -23.20 127.02 37.61
CA ILE A 1383 -22.18 126.46 38.49
C ILE A 1383 -22.27 127.09 39.87
N LEU A 1384 -22.66 128.37 39.94
CA LEU A 1384 -22.87 128.99 41.24
C LEU A 1384 -24.08 128.41 41.95
N THR A 1385 -25.11 128.04 41.19
CA THR A 1385 -26.23 127.32 41.78
C THR A 1385 -25.75 125.99 42.36
N ILE A 1386 -24.89 125.28 41.63
CA ILE A 1386 -24.32 124.03 42.12
C ILE A 1386 -23.53 124.29 43.40
N ILE A 1387 -22.74 125.36 43.40
CA ILE A 1387 -21.93 125.70 44.57
C ILE A 1387 -22.82 125.98 45.77
N SER A 1388 -23.91 126.74 45.55
CA SER A 1388 -24.84 127.01 46.63
C SER A 1388 -25.44 125.71 47.16
N ASN A 1389 -25.82 124.81 46.27
CA ASN A 1389 -26.42 123.55 46.70
C ASN A 1389 -25.44 122.72 47.52
N VAL A 1390 -24.20 122.62 47.06
CA VAL A 1390 -23.23 121.81 47.80
C VAL A 1390 -22.88 122.48 49.13
N TYR A 1391 -22.86 123.81 49.15
CA TYR A 1391 -22.62 124.52 50.41
C TYR A 1391 -23.74 124.25 51.40
N LEU A 1392 -24.99 124.25 50.93
CA LEU A 1392 -26.10 123.93 51.82
C LEU A 1392 -26.01 122.49 52.31
N HIS A 1393 -25.65 121.57 51.43
CA HIS A 1393 -25.54 120.17 51.85
C HIS A 1393 -24.46 119.99 52.90
N TYR A 1394 -23.31 120.66 52.72
CA TYR A 1394 -22.27 120.60 53.73
C TYR A 1394 -22.71 121.29 55.02
N LEU A 1395 -23.48 122.37 54.91
CA LEU A 1395 -24.00 123.02 56.11
C LEU A 1395 -24.94 122.10 56.87
N LYS A 1396 -25.64 121.21 56.17
CA LYS A 1396 -26.58 120.32 56.83
C LYS A 1396 -25.88 119.39 57.81
N LEU A 1397 -24.70 118.89 57.45
CA LEU A 1397 -23.95 118.01 58.32
C LEU A 1397 -23.17 118.84 59.33
N GLY A 1398 -22.35 118.18 60.15
CA GLY A 1398 -21.57 118.87 61.16
C GLY A 1398 -20.34 119.57 60.61
N LYS A 1399 -20.36 120.90 60.63
CA LYS A 1399 -19.22 121.69 60.19
C LYS A 1399 -19.37 123.10 60.76
N THR A 1400 -18.41 123.96 60.46
CA THR A 1400 -18.33 125.29 61.03
C THR A 1400 -17.74 126.22 59.99
N SER A 1401 -17.09 127.30 60.44
CA SER A 1401 -16.30 128.19 59.59
C SER A 1401 -17.17 128.82 58.49
N ASN A 1402 -18.12 129.65 58.95
CA ASN A 1402 -18.88 130.48 58.03
C ASN A 1402 -17.99 131.42 57.21
N GLU A 1403 -16.69 131.46 57.50
CA GLU A 1403 -15.78 132.18 56.62
C GLU A 1403 -15.81 131.61 55.21
N THR A 1404 -16.25 130.36 55.06
CA THR A 1404 -16.56 129.84 53.74
C THR A 1404 -17.72 130.60 53.10
N PHE A 1405 -18.75 130.91 53.89
CA PHE A 1405 -19.82 131.78 53.40
C PHE A 1405 -19.27 133.15 53.04
N LEU A 1406 -18.33 133.66 53.83
CA LEU A 1406 -17.67 134.92 53.48
C LEU A 1406 -16.95 134.80 52.14
N LYS A 1407 -16.28 133.67 51.91
CA LYS A 1407 -15.56 133.46 50.66
C LYS A 1407 -16.50 133.40 49.46
N ILE A 1408 -17.63 132.70 49.59
CA ILE A 1408 -18.56 132.68 48.47
C ILE A 1408 -19.16 134.06 48.26
N LEU A 1409 -19.34 134.83 49.34
CA LEU A 1409 -19.73 136.22 49.20
C LEU A 1409 -18.69 137.01 48.42
N SER A 1410 -17.42 136.73 48.67
CA SER A 1410 -16.35 137.37 47.90
C SER A 1410 -16.42 136.97 46.43
N ILE A 1411 -16.78 135.71 46.17
CA ILE A 1411 -16.99 135.28 44.79
C ILE A 1411 -18.11 136.09 44.14
N PHE A 1412 -19.22 136.25 44.86
CA PHE A 1412 -20.33 137.03 44.33
C PHE A 1412 -19.95 138.50 44.15
N ASN A 1413 -19.06 139.00 44.99
CA ASN A 1413 -18.52 140.35 44.79
C ASN A 1413 -17.64 140.42 43.56
N LYS A 1414 -16.93 139.34 43.25
CA LYS A 1414 -16.25 139.22 41.97
C LYS A 1414 -17.26 139.12 40.82
N PHE A 1415 -18.51 138.78 41.13
CA PHE A 1415 -19.56 138.71 40.13
C PHE A 1415 -20.65 139.73 40.41
N VAL A 1416 -20.25 140.97 40.69
CA VAL A 1416 -21.17 142.06 41.04
C VAL A 1416 -22.00 142.46 39.82
N GLU A 1417 -22.99 143.33 40.06
CA GLU A 1417 -23.87 143.92 39.05
C GLU A 1417 -24.71 142.85 38.34
N ASP A 1418 -25.42 143.24 37.27
CA ASP A 1418 -26.29 142.30 36.48
C ASP A 1418 -27.54 141.92 37.31
N SER A 1419 -27.40 141.84 38.63
CA SER A 1419 -28.51 141.56 39.54
C SER A 1419 -28.96 140.10 39.59
N ASP A 1420 -28.44 139.26 38.68
CA ASP A 1420 -28.78 137.84 38.80
C ASP A 1420 -27.95 137.18 39.90
N ILE A 1421 -26.67 137.53 39.97
CA ILE A 1421 -25.87 137.11 41.12
C ILE A 1421 -26.46 137.69 42.40
N GLU A 1422 -26.98 138.91 42.34
CA GLU A 1422 -27.58 139.52 43.52
C GLU A 1422 -28.82 138.74 43.99
N LYS A 1423 -29.71 138.39 43.06
CA LYS A 1423 -30.90 137.65 43.46
C LYS A 1423 -30.55 136.24 43.93
N LYS A 1424 -29.57 135.60 43.29
CA LYS A 1424 -29.11 134.31 43.79
C LYS A 1424 -28.54 134.43 45.18
N LEU A 1425 -27.81 135.52 45.45
CA LEU A 1425 -27.28 135.76 46.78
C LEU A 1425 -28.39 135.92 47.81
N GLN A 1426 -29.45 136.65 47.45
CA GLN A 1426 -30.57 136.79 48.36
C GLN A 1426 -31.22 135.44 48.65
N GLN A 1427 -31.42 134.63 47.61
CA GLN A 1427 -32.02 133.30 47.80
C GLN A 1427 -31.14 132.43 48.69
N LEU A 1428 -29.83 132.45 48.47
CA LEU A 1428 -28.96 131.57 49.24
C LEU A 1428 -28.77 132.06 50.67
N ILE A 1429 -28.79 133.38 50.90
CA ILE A 1429 -28.73 133.86 52.28
C ILE A 1429 -30.01 133.52 53.02
N LEU A 1430 -31.15 133.58 52.33
CA LEU A 1430 -32.39 133.10 52.94
C LEU A 1430 -32.30 131.63 53.29
N ASP A 1431 -31.75 130.82 52.37
CA ASP A 1431 -31.60 129.39 52.64
C ASP A 1431 -30.67 129.14 53.81
N LYS A 1432 -29.57 129.90 53.90
CA LYS A 1432 -28.64 129.75 55.01
C LYS A 1432 -29.30 130.11 56.32
N LYS A 1433 -30.08 131.19 56.34
CA LYS A 1433 -30.82 131.55 57.54
C LYS A 1433 -31.79 130.45 57.93
N SER A 1434 -32.50 129.88 56.96
CA SER A 1434 -33.45 128.81 57.27
C SER A 1434 -32.73 127.60 57.85
N ILE A 1435 -31.59 127.22 57.27
CA ILE A 1435 -30.86 126.06 57.76
C ILE A 1435 -30.33 126.31 59.17
N GLU A 1436 -29.79 127.50 59.42
CA GLU A 1436 -29.27 127.80 60.75
C GLU A 1436 -30.39 127.84 61.77
N LYS A 1437 -31.56 128.39 61.41
CA LYS A 1437 -32.69 128.36 62.32
C LYS A 1437 -33.12 126.93 62.61
N GLY A 1438 -33.15 126.08 61.58
CA GLY A 1438 -33.54 124.70 61.77
C GLY A 1438 -32.60 123.95 62.70
N ASN A 1439 -31.29 124.16 62.54
CA ASN A 1439 -30.35 123.43 63.38
C ASN A 1439 -30.31 124.00 64.80
N GLY A 1440 -30.38 125.32 64.95
CA GLY A 1440 -30.36 125.91 66.28
C GLY A 1440 -31.62 125.61 67.09
N SER A 1441 -32.77 125.67 66.44
CA SER A 1441 -34.03 125.45 67.13
C SER A 1441 -34.23 123.98 67.48
N VAL B 31 9.61 14.89 3.37
CA VAL B 31 8.91 15.26 4.59
C VAL B 31 9.88 15.92 5.57
N THR B 32 9.40 16.98 6.23
CA THR B 32 10.19 17.77 7.17
C THR B 32 11.46 18.31 6.53
N VAL B 33 11.45 18.51 5.21
CA VAL B 33 12.65 18.88 4.48
C VAL B 33 12.37 20.12 3.62
N ASP B 34 11.47 20.99 4.10
CA ASP B 34 11.13 22.28 3.49
C ASP B 34 10.98 22.14 1.97
N PRO B 35 9.89 21.55 1.50
CA PRO B 35 9.74 21.25 0.07
C PRO B 35 9.82 22.46 -0.83
N VAL B 36 9.56 23.63 -0.27
CA VAL B 36 9.66 24.87 -1.03
C VAL B 36 11.08 25.04 -1.57
N THR B 37 12.07 24.54 -0.83
CA THR B 37 13.45 24.57 -1.31
C THR B 37 13.60 23.71 -2.57
N ILE B 38 12.99 22.52 -2.57
CA ILE B 38 13.04 21.68 -3.75
C ILE B 38 12.36 22.36 -4.92
N ILE B 39 11.22 23.01 -4.65
CA ILE B 39 10.49 23.69 -5.72
C ILE B 39 11.34 24.79 -6.33
N ILE B 40 11.97 25.60 -5.49
CA ILE B 40 12.77 26.70 -6.02
C ILE B 40 14.01 26.18 -6.73
N LYS B 41 14.60 25.08 -6.25
CA LYS B 41 15.74 24.50 -6.94
C LYS B 41 15.34 24.05 -8.34
N GLU B 42 14.20 23.36 -8.46
CA GLU B 42 13.77 22.93 -9.78
C GLU B 42 13.43 24.12 -10.67
N CYS B 43 12.85 25.18 -10.10
CA CYS B 43 12.53 26.37 -10.88
C CYS B 43 13.79 27.01 -11.43
N ILE B 44 14.81 27.18 -10.59
CA ILE B 44 16.04 27.80 -11.08
C ILE B 44 16.72 26.90 -12.08
N ASN B 45 16.65 25.58 -11.89
CA ASN B 45 17.25 24.66 -12.86
C ASN B 45 16.60 24.82 -14.23
N LEU B 46 15.27 24.79 -14.27
CA LEU B 46 14.58 24.90 -15.56
C LEU B 46 14.78 26.27 -16.19
N SER B 47 14.78 27.32 -15.37
CA SER B 47 15.01 28.66 -15.90
C SER B 47 16.40 28.78 -16.50
N THR B 48 17.41 28.26 -15.80
CA THR B 48 18.77 28.29 -16.33
C THR B 48 18.87 27.49 -17.62
N ALA B 49 18.20 26.34 -17.67
CA ALA B 49 18.23 25.54 -18.87
C ALA B 49 17.62 26.28 -20.06
N MET B 50 16.45 26.89 -19.84
CA MET B 50 15.80 27.64 -20.91
C MET B 50 16.65 28.82 -21.36
N ARG B 51 17.24 29.53 -20.41
CA ARG B 51 18.07 30.67 -20.75
C ARG B 51 19.29 30.24 -21.57
N LYS B 52 19.93 29.15 -21.17
CA LYS B 52 21.08 28.65 -21.93
C LYS B 52 20.67 28.19 -23.31
N TYR B 53 19.50 27.56 -23.42
CA TYR B 53 19.05 27.08 -24.72
C TYR B 53 18.72 28.24 -25.65
N SER B 54 18.20 29.32 -25.10
CA SER B 54 17.89 30.49 -25.90
C SER B 54 19.14 31.24 -26.32
N ASP B 94 9.02 32.34 -24.07
CA ASP B 94 9.17 33.54 -23.25
C ASP B 94 8.17 33.61 -22.09
N PRO B 95 6.87 33.35 -22.33
CA PRO B 95 5.93 33.34 -21.20
C PRO B 95 6.27 32.28 -20.17
N PHE B 96 6.84 31.15 -20.60
CA PHE B 96 7.20 30.09 -19.69
C PHE B 96 8.28 30.54 -18.72
N LEU B 97 9.31 31.21 -19.22
CA LEU B 97 10.36 31.74 -18.35
C LEU B 97 9.78 32.77 -17.39
N SER B 98 8.86 33.61 -17.87
CA SER B 98 8.23 34.59 -17.00
C SER B 98 7.45 33.91 -15.88
N GLY B 99 6.71 32.85 -16.21
CA GLY B 99 5.99 32.13 -15.18
C GLY B 99 6.91 31.47 -14.17
N PHE B 100 8.02 30.91 -14.64
CA PHE B 100 9.00 30.32 -13.73
C PHE B 100 9.57 31.37 -12.80
N ILE B 101 9.90 32.55 -13.34
CA ILE B 101 10.46 33.61 -12.50
C ILE B 101 9.42 34.09 -11.48
N GLN B 102 8.17 34.23 -11.91
CA GLN B 102 7.13 34.66 -10.98
C GLN B 102 6.94 33.66 -9.85
N LEU B 103 6.92 32.36 -10.19
CA LEU B 103 6.82 31.34 -9.16
C LEU B 103 8.02 31.39 -8.23
N ARG B 104 9.21 31.61 -8.81
CA ARG B 104 10.42 31.73 -8.01
C ARG B 104 10.29 32.82 -6.96
N LEU B 105 9.84 34.01 -7.39
CA LEU B 105 9.70 35.12 -6.44
C LEU B 105 8.65 34.82 -5.38
N MET B 106 7.50 34.31 -5.82
CA MET B 106 6.40 34.05 -4.89
C MET B 106 6.81 33.04 -3.83
N LEU B 107 7.50 31.98 -4.23
CA LEU B 107 7.94 30.99 -3.26
C LEU B 107 9.09 31.49 -2.41
N ASN B 108 9.98 32.32 -2.98
CA ASN B 108 11.09 32.86 -2.20
C ASN B 108 10.57 33.69 -1.04
N LYS B 109 9.54 34.49 -1.28
CA LYS B 109 8.93 35.22 -0.16
C LYS B 109 7.90 34.36 0.57
N LEU B 110 8.33 33.17 1.02
CA LEU B 110 7.46 32.23 1.71
C LEU B 110 8.27 31.44 2.72
N LYS B 111 7.56 30.68 3.57
CA LYS B 111 8.18 29.87 4.61
C LYS B 111 7.69 28.43 4.66
N ASN B 112 6.52 28.13 4.13
CA ASN B 112 6.03 26.75 4.01
C ASN B 112 5.12 26.67 2.80
N LEU B 113 4.40 25.57 2.66
CA LEU B 113 3.58 25.32 1.48
C LEU B 113 2.09 25.52 1.74
N ASP B 114 1.71 26.01 2.90
CA ASP B 114 0.29 26.17 3.22
C ASP B 114 -0.26 27.44 2.57
N ASN B 115 -1.58 27.50 2.47
CA ASN B 115 -2.31 28.67 2.03
C ASN B 115 -2.02 29.04 0.57
N ILE B 116 -1.31 28.17 -0.15
CA ILE B 116 -1.04 28.36 -1.57
C ILE B 116 -1.41 27.08 -2.30
N ASP B 117 -2.24 27.20 -3.32
CA ASP B 117 -2.75 26.03 -4.03
C ASP B 117 -1.64 25.35 -4.80
N SER B 118 -1.63 24.01 -4.76
CA SER B 118 -0.60 23.26 -5.45
C SER B 118 -0.69 23.43 -6.96
N LEU B 119 -1.90 23.71 -7.48
CA LEU B 119 -2.05 23.89 -8.91
C LEU B 119 -1.21 25.06 -9.42
N THR B 120 -1.07 26.11 -8.62
CA THR B 120 -0.18 27.21 -9.02
C THR B 120 1.25 26.74 -9.13
N ILE B 121 1.69 25.90 -8.19
CA ILE B 121 3.05 25.39 -8.21
C ILE B 121 3.29 24.56 -9.45
N LEU B 122 2.36 23.66 -9.78
CA LEU B 122 2.57 22.75 -10.90
C LEU B 122 2.25 23.38 -12.25
N GLN B 123 1.55 24.51 -12.27
CA GLN B 123 1.06 25.05 -13.53
C GLN B 123 2.15 25.38 -14.53
N PRO B 124 3.24 26.05 -14.17
CA PRO B 124 4.30 26.28 -15.18
C PRO B 124 4.89 24.98 -15.71
N PHE B 125 5.13 24.00 -14.84
CA PHE B 125 5.69 22.73 -15.29
C PHE B 125 4.73 21.99 -16.21
N LEU B 126 3.45 21.94 -15.83
CA LEU B 126 2.48 21.28 -16.69
C LEU B 126 2.34 21.99 -18.03
N LEU B 127 2.38 23.32 -18.01
CA LEU B 127 2.25 24.08 -19.25
C LEU B 127 3.45 23.85 -20.16
N ILE B 128 4.65 23.76 -19.59
CA ILE B 128 5.81 23.48 -20.41
C ILE B 128 5.84 22.03 -20.87
N VAL B 129 5.17 21.12 -20.16
CA VAL B 129 5.03 19.76 -20.67
C VAL B 129 4.04 19.73 -21.84
N SER B 130 2.92 20.45 -21.71
CA SER B 130 1.84 20.32 -22.68
C SER B 130 2.14 21.02 -23.99
N THR B 131 2.94 22.09 -23.95
CA THR B 131 3.21 22.85 -25.16
C THR B 131 3.95 21.99 -26.17
N SER B 132 3.67 22.22 -27.45
CA SER B 132 4.22 21.38 -28.51
C SER B 132 5.50 21.93 -29.11
N SER B 133 5.66 23.25 -29.14
CA SER B 133 6.81 23.86 -29.80
C SER B 133 7.87 24.23 -28.77
N ILE B 134 8.42 23.20 -28.13
CA ILE B 134 9.60 23.34 -27.29
C ILE B 134 10.54 22.16 -27.56
N SER B 135 11.82 22.38 -27.28
CA SER B 135 12.81 21.36 -27.54
C SER B 135 12.65 20.19 -26.56
N GLY B 136 13.09 19.01 -27.01
CA GLY B 136 12.94 17.82 -26.19
C GLY B 136 13.74 17.87 -24.90
N TYR B 137 14.88 18.55 -24.90
CA TYR B 137 15.69 18.63 -23.70
C TYR B 137 14.95 19.36 -22.58
N ILE B 138 14.28 20.46 -22.93
CA ILE B 138 13.57 21.24 -21.93
C ILE B 138 12.42 20.43 -21.33
N THR B 139 11.67 19.72 -22.17
CA THR B 139 10.56 18.94 -21.64
C THR B 139 11.05 17.73 -20.86
N SER B 140 12.21 17.17 -21.24
CA SER B 140 12.78 16.09 -20.45
C SER B 140 13.15 16.58 -19.06
N LEU B 141 13.78 17.76 -18.98
CA LEU B 141 14.08 18.34 -17.67
C LEU B 141 12.81 18.62 -16.89
N ALA B 142 11.76 19.09 -17.56
CA ALA B 142 10.50 19.35 -16.89
C ALA B 142 9.90 18.08 -16.31
N LEU B 143 9.93 16.99 -17.08
CA LEU B 143 9.39 15.73 -16.60
C LEU B 143 10.22 15.18 -15.45
N ASP B 144 11.54 15.35 -15.50
CA ASP B 144 12.38 14.95 -14.38
C ASP B 144 12.02 15.76 -13.13
N SER B 145 11.79 17.06 -13.30
CA SER B 145 11.35 17.87 -12.16
C SER B 145 10.02 17.39 -11.63
N LEU B 146 9.08 17.04 -12.50
CA LEU B 146 7.78 16.56 -12.06
C LEU B 146 7.91 15.26 -11.28
N GLN B 147 8.76 14.35 -11.76
CA GLN B 147 8.91 13.07 -11.07
C GLN B 147 9.61 13.25 -9.73
N LYS B 148 10.56 14.18 -9.65
CA LYS B 148 11.15 14.48 -8.35
C LYS B 148 10.14 15.09 -7.41
N PHE B 149 9.26 15.95 -7.92
CA PHE B 149 8.16 16.48 -7.11
C PHE B 149 7.29 15.35 -6.57
N PHE B 150 6.98 14.38 -7.42
CA PHE B 150 6.07 13.31 -7.01
C PHE B 150 6.72 12.37 -6.00
N THR B 151 7.95 11.94 -6.28
CA THR B 151 8.59 10.92 -5.43
C THR B 151 8.93 11.45 -4.06
N LEU B 152 9.09 12.76 -3.90
CA LEU B 152 9.35 13.36 -2.60
C LEU B 152 8.08 13.79 -1.90
N ASN B 153 6.92 13.53 -2.48
CA ASN B 153 5.63 13.87 -1.89
C ASN B 153 5.54 15.36 -1.57
N ILE B 154 5.95 16.18 -2.54
CA ILE B 154 5.84 17.63 -2.38
C ILE B 154 4.38 18.02 -2.24
N ILE B 155 3.51 17.38 -3.01
CA ILE B 155 2.07 17.63 -2.95
C ILE B 155 1.41 16.43 -2.27
N ASN B 156 0.79 16.67 -1.12
CA ASN B 156 0.25 15.57 -0.34
C ASN B 156 -1.23 15.79 -0.02
N GLU B 157 -1.78 14.95 0.85
CA GLU B 157 -3.17 15.10 1.26
C GLU B 157 -3.40 16.33 2.12
N SER B 158 -2.33 16.97 2.61
CA SER B 158 -2.43 18.16 3.43
C SER B 158 -2.16 19.44 2.65
N SER B 159 -2.55 19.47 1.38
CA SER B 159 -2.31 20.61 0.51
C SER B 159 -3.59 20.97 -0.21
N GLN B 160 -3.75 22.26 -0.50
CA GLN B 160 -4.95 22.75 -1.15
C GLN B 160 -5.04 22.25 -2.59
N ASN B 161 -6.23 21.80 -2.98
CA ASN B 161 -6.53 21.39 -4.35
C ASN B 161 -5.56 20.32 -4.84
N TYR B 162 -5.20 19.38 -3.95
CA TYR B 162 -4.31 18.31 -4.36
C TYR B 162 -4.98 17.37 -5.36
N ILE B 163 -6.29 17.17 -5.23
CA ILE B 163 -7.04 16.43 -6.25
C ILE B 163 -6.89 17.11 -7.60
N GLY B 164 -7.14 18.42 -7.63
CA GLY B 164 -7.01 19.16 -8.86
C GLY B 164 -5.58 19.18 -9.38
N ALA B 165 -4.62 19.29 -8.46
CA ALA B 165 -3.22 19.32 -8.87
C ALA B 165 -2.83 18.01 -9.56
N HIS B 166 -3.14 16.88 -8.94
CA HIS B 166 -2.76 15.60 -9.53
C HIS B 166 -3.53 15.33 -10.81
N ARG B 167 -4.82 15.69 -10.85
CA ARG B 167 -5.58 15.50 -12.08
C ARG B 167 -4.99 16.33 -13.21
N ALA B 168 -4.60 17.57 -12.93
CA ALA B 168 -3.99 18.40 -13.95
C ALA B 168 -2.65 17.83 -14.40
N THR B 169 -1.85 17.30 -13.47
CA THR B 169 -0.58 16.71 -13.85
C THR B 169 -0.79 15.52 -14.78
N VAL B 170 -1.73 14.65 -14.45
CA VAL B 170 -1.97 13.49 -15.28
C VAL B 170 -2.53 13.90 -16.64
N ASN B 171 -3.40 14.90 -16.66
CA ASN B 171 -3.95 15.38 -17.92
C ASN B 171 -2.85 15.96 -18.80
N ALA B 172 -1.94 16.74 -18.21
CA ALA B 172 -0.83 17.30 -18.98
C ALA B 172 0.08 16.21 -19.50
N LEU B 173 0.34 15.18 -18.68
CA LEU B 173 1.16 14.06 -19.14
C LEU B 173 0.51 13.34 -20.31
N THR B 174 -0.81 13.16 -20.24
CA THR B 174 -1.50 12.40 -21.29
C THR B 174 -1.36 13.06 -22.65
N HIS B 175 -1.55 14.38 -22.71
CA HIS B 175 -1.45 15.12 -23.96
C HIS B 175 -0.08 15.74 -24.17
N CYS B 176 0.97 15.06 -23.71
CA CYS B 176 2.32 15.60 -23.84
C CYS B 176 2.75 15.62 -25.30
N ARG B 177 3.56 16.62 -25.65
CA ARG B 177 4.11 16.74 -26.99
C ARG B 177 5.40 17.55 -26.91
N PHE B 178 6.21 17.43 -27.95
CA PHE B 178 7.52 18.07 -27.99
C PHE B 178 8.03 18.03 -29.43
N GLU B 179 9.29 18.41 -29.61
CA GLU B 179 9.97 18.35 -30.90
C GLU B 179 11.47 18.40 -30.64
N GLY B 180 12.24 17.92 -31.60
CA GLY B 180 13.68 18.01 -31.44
C GLY B 180 14.53 16.93 -32.07
N SER B 181 15.37 16.31 -31.25
CA SER B 181 16.49 15.51 -31.72
C SER B 181 16.02 14.14 -32.22
N GLN B 182 16.98 13.23 -32.41
CA GLN B 182 16.73 11.97 -33.09
C GLN B 182 15.87 11.05 -32.22
N GLN B 183 15.66 9.83 -32.74
CA GLN B 183 14.70 8.91 -32.12
C GLN B 183 15.11 8.51 -30.71
N LEU B 184 16.41 8.53 -30.40
CA LEU B 184 16.84 8.13 -29.06
C LEU B 184 16.34 9.09 -28.00
N SER B 185 16.41 10.40 -28.26
CA SER B 185 15.89 11.38 -27.31
C SER B 185 14.38 11.25 -27.16
N ASP B 186 13.68 11.02 -28.27
CA ASP B 186 12.24 10.83 -28.20
C ASP B 186 11.89 9.60 -27.36
N ASP B 187 12.62 8.51 -27.55
CA ASP B 187 12.37 7.32 -26.76
C ASP B 187 12.64 7.58 -25.28
N SER B 188 13.71 8.32 -24.97
CA SER B 188 14.02 8.60 -23.57
C SER B 188 12.91 9.42 -22.92
N VAL B 189 12.45 10.47 -23.59
CA VAL B 189 11.43 11.31 -22.98
C VAL B 189 10.10 10.56 -22.86
N LEU B 190 9.77 9.74 -23.86
CA LEU B 190 8.56 8.92 -23.75
C LEU B 190 8.66 7.93 -22.59
N LEU B 191 9.84 7.34 -22.40
CA LEU B 191 10.02 6.41 -21.29
C LEU B 191 9.81 7.12 -19.96
N LYS B 192 10.33 8.35 -19.84
CA LYS B 192 10.09 9.11 -18.62
C LYS B 192 8.61 9.36 -18.41
N VAL B 193 7.89 9.70 -19.49
CA VAL B 193 6.46 9.93 -19.39
C VAL B 193 5.76 8.69 -18.86
N VAL B 194 6.09 7.53 -19.44
CA VAL B 194 5.42 6.29 -19.05
C VAL B 194 5.73 5.93 -17.62
N PHE B 195 6.98 6.14 -17.20
CA PHE B 195 7.36 5.86 -15.82
C PHE B 195 6.58 6.75 -14.85
N LEU B 196 6.44 8.03 -15.17
CA LEU B 196 5.69 8.92 -14.29
C LEU B 196 4.22 8.52 -14.22
N LEU B 197 3.63 8.16 -15.37
CA LEU B 197 2.23 7.74 -15.35
C LEU B 197 2.03 6.49 -14.51
N ARG B 198 2.93 5.51 -14.65
CA ARG B 198 2.83 4.32 -13.82
C ARG B 198 3.00 4.66 -12.35
N SER B 199 3.95 5.53 -12.02
CA SER B 199 4.21 5.87 -10.64
C SER B 199 3.02 6.58 -10.01
N ILE B 200 2.31 7.39 -10.78
CA ILE B 200 1.19 8.14 -10.21
C ILE B 200 -0.07 7.29 -10.15
N VAL B 201 -0.35 6.48 -11.17
CA VAL B 201 -1.58 5.68 -11.15
C VAL B 201 -1.52 4.63 -10.06
N ASP B 202 -0.37 3.96 -9.92
CA ASP B 202 -0.22 2.89 -8.95
C ASP B 202 -0.11 3.39 -7.51
N SER B 203 -0.28 4.68 -7.30
CA SER B 203 -0.24 5.33 -6.01
C SER B 203 -1.66 5.69 -5.56
N PRO B 204 -1.85 6.00 -4.27
CA PRO B 204 -3.20 6.40 -3.83
C PRO B 204 -3.74 7.61 -4.59
N TYR B 205 -2.86 8.55 -4.91
CA TYR B 205 -3.29 9.74 -5.64
C TYR B 205 -3.86 9.38 -7.00
N GLY B 206 -3.23 8.40 -7.67
CA GLY B 206 -3.80 7.91 -8.92
C GLY B 206 -5.14 7.23 -8.72
N ASP B 207 -5.34 6.57 -7.58
CA ASP B 207 -6.65 6.00 -7.27
C ASP B 207 -7.68 7.10 -7.10
N LEU B 208 -7.25 8.29 -6.67
CA LEU B 208 -8.16 9.41 -6.49
C LEU B 208 -8.29 10.28 -7.73
N LEU B 209 -8.05 9.72 -8.91
CA LEU B 209 -8.23 10.43 -10.17
C LEU B 209 -9.68 10.31 -10.64
N SER B 210 -9.94 10.71 -11.88
CA SER B 210 -11.28 10.70 -12.44
C SER B 210 -11.40 9.69 -13.56
N ASN B 211 -12.65 9.37 -13.91
CA ASN B 211 -12.92 8.35 -14.91
C ASN B 211 -12.34 8.72 -16.27
N SER B 212 -12.63 9.93 -16.74
CA SER B 212 -12.17 10.33 -18.06
C SER B 212 -10.65 10.40 -18.12
N ILE B 213 -10.02 10.91 -17.06
CA ILE B 213 -8.57 11.04 -17.06
C ILE B 213 -7.90 9.68 -17.11
N ILE B 214 -8.38 8.72 -16.31
CA ILE B 214 -7.76 7.41 -16.30
C ILE B 214 -8.06 6.66 -17.59
N TYR B 215 -9.23 6.89 -18.19
CA TYR B 215 -9.49 6.31 -19.51
C TYR B 215 -8.53 6.87 -20.55
N ASP B 216 -8.25 8.18 -20.48
CA ASP B 216 -7.30 8.76 -21.42
C ASP B 216 -5.90 8.20 -21.20
N VAL B 217 -5.52 7.98 -19.94
CA VAL B 217 -4.24 7.36 -19.64
C VAL B 217 -4.15 5.98 -20.27
N LEU B 218 -5.22 5.19 -20.09
CA LEU B 218 -5.25 3.85 -20.70
C LEU B 218 -5.10 3.96 -22.21
N GLN B 219 -5.84 4.88 -22.83
CA GLN B 219 -5.80 5.02 -24.27
C GLN B 219 -4.40 5.35 -24.75
N THR B 220 -3.76 6.33 -24.11
CA THR B 220 -2.43 6.75 -24.57
C THR B 220 -1.39 5.66 -24.36
N ILE B 221 -1.36 5.04 -23.18
CA ILE B 221 -0.36 4.02 -22.91
C ILE B 221 -0.56 2.82 -23.82
N LEU B 222 -1.81 2.39 -24.00
CA LEU B 222 -2.08 1.24 -24.86
C LEU B 222 -1.73 1.56 -26.31
N SER B 223 -2.02 2.77 -26.78
CA SER B 223 -1.67 3.14 -28.14
C SER B 223 -0.16 3.16 -28.33
N LEU B 224 0.58 3.68 -27.35
CA LEU B 224 2.03 3.66 -27.44
C LEU B 224 2.55 2.23 -27.46
N ALA B 225 1.96 1.35 -26.65
CA ALA B 225 2.39 -0.05 -26.63
C ALA B 225 2.15 -0.73 -27.97
N CYS B 226 0.97 -0.52 -28.56
CA CYS B 226 0.63 -1.24 -29.77
C CYS B 226 1.30 -0.67 -31.02
N ASN B 227 1.80 0.56 -30.95
CA ASN B 227 2.42 1.17 -32.12
C ASN B 227 3.71 0.47 -32.50
N ASN B 228 3.85 0.12 -33.77
CA ASN B 228 5.01 -0.62 -34.24
C ASN B 228 6.11 0.27 -34.80
N ARG B 229 5.89 1.59 -34.85
CA ARG B 229 6.87 2.52 -35.37
C ARG B 229 7.78 3.08 -34.27
N ARG B 230 7.74 2.47 -33.09
CA ARG B 230 8.59 2.87 -31.96
C ARG B 230 9.71 1.85 -31.80
N SER B 231 10.47 1.99 -30.72
CA SER B 231 11.54 1.04 -30.43
C SER B 231 10.93 -0.20 -29.79
N GLU B 232 11.79 -1.08 -29.27
CA GLU B 232 11.34 -2.28 -28.57
C GLU B 232 11.28 -2.10 -27.06
N VAL B 233 12.29 -1.42 -26.48
CA VAL B 233 12.31 -1.20 -25.04
C VAL B 233 11.13 -0.36 -24.61
N LEU B 234 10.80 0.68 -25.39
CA LEU B 234 9.67 1.52 -25.05
C LEU B 234 8.37 0.74 -25.08
N ARG B 235 8.20 -0.12 -26.09
CA ARG B 235 7.00 -0.94 -26.15
C ARG B 235 6.92 -1.90 -24.97
N ASN B 236 8.06 -2.47 -24.58
CA ASN B 236 8.06 -3.35 -23.41
C ASN B 236 7.67 -2.60 -22.14
N ALA B 237 8.20 -1.38 -21.98
CA ALA B 237 7.84 -0.59 -20.80
C ALA B 237 6.36 -0.25 -20.81
N ALA B 238 5.82 0.11 -21.97
CA ALA B 238 4.40 0.40 -22.07
C ALA B 238 3.56 -0.83 -21.74
N GLN B 239 3.99 -2.00 -22.21
CA GLN B 239 3.27 -3.23 -21.89
C GLN B 239 3.26 -3.50 -20.40
N SER B 240 4.42 -3.34 -19.75
CA SER B 240 4.50 -3.58 -18.32
C SER B 240 3.60 -2.61 -17.55
N THR B 241 3.62 -1.35 -17.94
CA THR B 241 2.76 -0.37 -17.29
C THR B 241 1.28 -0.66 -17.52
N MET B 242 0.93 -1.11 -18.72
CA MET B 242 -0.46 -1.48 -18.99
C MET B 242 -0.89 -2.62 -18.10
N ILE B 243 -0.04 -3.63 -17.93
CA ILE B 243 -0.40 -4.74 -17.06
C ILE B 243 -0.59 -4.26 -15.63
N ALA B 244 0.31 -3.40 -15.16
CA ALA B 244 0.18 -2.88 -13.79
C ALA B 244 -1.10 -2.08 -13.62
N VAL B 245 -1.43 -1.23 -14.60
CA VAL B 245 -2.62 -0.40 -14.50
C VAL B 245 -3.89 -1.26 -14.54
N THR B 246 -3.89 -2.30 -15.37
CA THR B 246 -5.04 -3.20 -15.40
C THR B 246 -5.21 -3.89 -14.06
N VAL B 247 -4.11 -4.35 -13.47
CA VAL B 247 -4.17 -4.98 -12.16
C VAL B 247 -4.75 -4.02 -11.13
N LYS B 248 -4.28 -2.77 -11.15
CA LYS B 248 -4.78 -1.80 -10.18
C LYS B 248 -6.25 -1.50 -10.39
N ILE B 249 -6.69 -1.35 -11.64
CA ILE B 249 -8.08 -1.03 -11.92
C ILE B 249 -9.00 -2.14 -11.43
N PHE B 250 -8.67 -3.38 -11.74
CA PHE B 250 -9.57 -4.45 -11.32
C PHE B 250 -9.44 -4.74 -9.82
N SER B 251 -8.29 -4.49 -9.22
CA SER B 251 -8.17 -4.60 -7.78
C SER B 251 -9.06 -3.59 -7.09
N LYS B 252 -9.12 -2.37 -7.61
CA LYS B 252 -10.08 -1.40 -7.09
C LYS B 252 -11.51 -1.87 -7.34
N LEU B 253 -11.75 -2.49 -8.48
CA LEU B 253 -13.07 -3.05 -8.76
C LEU B 253 -13.48 -4.06 -7.70
N LYS B 254 -12.51 -4.76 -7.11
CA LYS B 254 -12.83 -5.73 -6.06
C LYS B 254 -13.47 -5.09 -4.83
N THR B 255 -13.30 -3.79 -4.61
CA THR B 255 -13.77 -3.13 -3.40
C THR B 255 -15.06 -2.37 -3.58
N ILE B 256 -15.46 -2.07 -4.82
CA ILE B 256 -16.67 -1.30 -5.06
C ILE B 256 -17.89 -2.11 -4.64
N GLU B 257 -18.79 -1.48 -3.89
CA GLU B 257 -20.01 -2.13 -3.47
C GLU B 257 -20.85 -2.48 -4.70
N PRO B 258 -21.41 -3.68 -4.77
CA PRO B 258 -22.07 -4.13 -6.00
C PRO B 258 -23.31 -3.30 -6.35
N VAL B 259 -23.56 -3.19 -7.65
CA VAL B 259 -24.76 -2.53 -8.17
C VAL B 259 -25.97 -3.38 -7.84
N ASN B 260 -27.16 -2.83 -8.09
CA ASN B 260 -28.44 -3.48 -7.76
C ASN B 260 -28.44 -4.95 -8.12
N VAL B 261 -28.66 -5.80 -7.11
CA VAL B 261 -28.66 -7.25 -7.29
C VAL B 261 -30.07 -7.81 -7.40
N ASN B 262 -31.08 -6.96 -7.51
CA ASN B 262 -32.45 -7.39 -7.66
C ASN B 262 -33.00 -7.08 -9.05
N GLN B 263 -32.92 -5.83 -9.48
CA GLN B 263 -33.44 -5.45 -10.78
C GLN B 263 -32.69 -6.18 -11.89
N ILE B 264 -33.43 -6.52 -12.94
CA ILE B 264 -32.88 -7.26 -14.08
C ILE B 264 -32.27 -6.27 -15.06
N TYR B 265 -31.09 -6.62 -15.58
CA TYR B 265 -30.38 -5.79 -16.54
C TYR B 265 -30.53 -6.35 -17.94
N ILE B 266 -30.68 -5.46 -18.91
CA ILE B 266 -30.83 -5.81 -20.31
C ILE B 266 -29.66 -5.22 -21.09
N ASN B 267 -29.06 -6.03 -21.97
CA ASN B 267 -27.83 -5.64 -22.66
C ASN B 267 -28.12 -4.75 -23.87
N ASP B 268 -28.76 -3.61 -23.59
CA ASP B 268 -29.04 -2.65 -24.65
C ASP B 268 -27.85 -1.74 -24.94
N GLU B 269 -26.86 -1.69 -24.05
CA GLU B 269 -25.69 -0.87 -24.30
C GLU B 269 -24.89 -1.40 -25.49
N SER B 270 -24.41 -0.48 -26.31
CA SER B 270 -23.67 -0.86 -27.50
C SER B 270 -22.34 -1.49 -27.13
N TYR B 271 -21.91 -2.45 -27.96
CA TYR B 271 -20.70 -3.22 -27.69
C TYR B 271 -19.45 -2.64 -28.32
N THR B 272 -19.58 -1.85 -29.39
CA THR B 272 -18.42 -1.32 -30.10
C THR B 272 -18.64 0.16 -30.34
N ASN B 273 -18.04 1.00 -29.50
CA ASN B 273 -18.01 2.44 -29.74
C ASN B 273 -16.60 2.97 -29.55
N ASP B 274 -15.81 2.30 -28.71
CA ASP B 274 -14.46 2.76 -28.37
C ASP B 274 -13.46 2.08 -29.29
N VAL B 275 -12.77 2.87 -30.10
CA VAL B 275 -11.74 2.39 -31.01
C VAL B 275 -10.43 3.05 -30.63
N LEU B 276 -9.37 2.24 -30.51
CA LEU B 276 -8.08 2.74 -30.10
C LEU B 276 -7.60 3.82 -31.07
N LYS B 277 -7.17 4.96 -30.53
CA LYS B 277 -6.66 6.05 -31.33
C LYS B 277 -5.17 5.88 -31.58
N ALA B 278 -4.69 6.55 -32.62
CA ALA B 278 -3.28 6.48 -32.96
C ALA B 278 -2.44 7.20 -31.89
N ASP B 279 -1.16 6.86 -31.87
CA ASP B 279 -0.23 7.51 -30.94
C ASP B 279 -0.17 9.01 -31.23
N THR B 280 -0.30 9.82 -30.18
CA THR B 280 -0.29 11.26 -30.31
C THR B 280 0.84 11.94 -29.57
N ILE B 281 1.46 11.27 -28.60
CA ILE B 281 2.52 11.89 -27.81
C ILE B 281 3.84 11.74 -28.55
N GLY B 282 4.56 12.84 -28.72
CA GLY B 282 5.81 12.82 -29.45
C GLY B 282 5.96 14.01 -30.38
N THR B 283 6.54 13.79 -31.56
CA THR B 283 6.70 14.84 -32.55
C THR B 283 5.39 15.14 -33.26
N ALA B 345 -23.19 6.65 -13.69
CA ALA B 345 -22.67 7.99 -13.42
C ALA B 345 -22.01 8.57 -14.68
N TYR B 346 -21.07 9.48 -14.46
CA TYR B 346 -20.35 10.12 -15.57
C TYR B 346 -18.95 10.43 -15.07
N ALA B 347 -18.23 11.28 -15.81
CA ALA B 347 -16.86 11.61 -15.48
C ALA B 347 -16.84 12.62 -14.33
N ASP B 348 -15.67 13.22 -14.09
CA ASP B 348 -15.48 14.22 -13.05
C ASP B 348 -15.78 13.68 -11.65
N ASP B 349 -15.65 12.37 -11.46
CA ASP B 349 -15.80 11.73 -10.17
C ASP B 349 -14.71 10.69 -10.01
N ASN B 350 -14.55 10.18 -8.78
CA ASN B 350 -13.56 9.16 -8.54
C ASN B 350 -13.84 7.95 -9.42
N TYR B 351 -12.80 7.46 -10.10
CA TYR B 351 -13.00 6.47 -11.15
C TYR B 351 -13.45 5.15 -10.56
N GLY B 352 -14.40 4.51 -11.24
CA GLY B 352 -15.02 3.29 -10.77
C GLY B 352 -15.47 2.37 -11.89
N LEU B 353 -16.70 1.88 -11.78
CA LEU B 353 -17.22 0.94 -12.76
C LEU B 353 -17.25 1.47 -14.19
N PRO B 354 -17.62 2.73 -14.47
CA PRO B 354 -17.68 3.16 -15.88
C PRO B 354 -16.37 3.00 -16.63
N VAL B 355 -15.25 3.30 -15.99
CA VAL B 355 -13.98 3.16 -16.70
C VAL B 355 -13.65 1.69 -16.90
N VAL B 356 -14.11 0.81 -16.00
CA VAL B 356 -13.91 -0.61 -16.20
C VAL B 356 -14.70 -1.10 -17.40
N ARG B 357 -15.94 -0.62 -17.54
CA ARG B 357 -16.73 -0.95 -18.72
C ARG B 357 -16.06 -0.47 -19.99
N GLN B 358 -15.58 0.78 -19.99
CA GLN B 358 -14.92 1.31 -21.18
C GLN B 358 -13.64 0.54 -21.49
N TYR B 359 -12.91 0.14 -20.45
CA TYR B 359 -11.67 -0.60 -20.66
C TYR B 359 -11.93 -1.97 -21.27
N LEU B 360 -12.94 -2.68 -20.78
CA LEU B 360 -13.29 -3.96 -21.38
C LEU B 360 -13.78 -3.77 -22.82
N ASN B 361 -14.50 -2.68 -23.09
CA ASN B 361 -14.92 -2.39 -24.45
C ASN B 361 -13.71 -2.17 -25.36
N LEU B 362 -12.72 -1.42 -24.87
CA LEU B 362 -11.52 -1.18 -25.66
C LEU B 362 -10.78 -2.48 -25.93
N LEU B 363 -10.63 -3.32 -24.91
CA LEU B 363 -9.98 -4.61 -25.12
C LEU B 363 -10.73 -5.45 -26.13
N LEU B 364 -12.07 -5.41 -26.08
CA LEU B 364 -12.86 -6.12 -27.09
C LEU B 364 -12.57 -5.59 -28.47
N SER B 365 -12.48 -4.26 -28.61
CA SER B 365 -12.16 -3.68 -29.90
C SER B 365 -10.78 -4.13 -30.39
N LEU B 366 -9.86 -4.38 -29.46
CA LEU B 366 -8.54 -4.87 -29.86
C LEU B 366 -8.63 -6.25 -30.49
N ILE B 367 -9.45 -7.14 -29.94
CA ILE B 367 -9.50 -8.52 -30.38
C ILE B 367 -10.80 -8.85 -31.10
N ALA B 368 -11.55 -7.84 -31.51
CA ALA B 368 -12.86 -8.07 -32.11
C ALA B 368 -12.70 -8.86 -33.41
N PRO B 369 -13.55 -9.87 -33.63
CA PRO B 369 -13.47 -10.61 -34.90
C PRO B 369 -13.72 -9.74 -36.11
N GLU B 370 -14.62 -8.77 -35.98
CA GLU B 370 -14.87 -7.87 -37.11
C GLU B 370 -13.72 -6.90 -37.29
N ASN B 371 -13.14 -6.40 -36.19
CA ASN B 371 -12.08 -5.41 -36.28
C ASN B 371 -10.73 -6.08 -36.50
N GLU B 372 -10.65 -6.98 -37.47
CA GLU B 372 -9.38 -7.52 -37.91
C GLU B 372 -8.92 -6.74 -39.13
N LEU B 373 -7.75 -7.10 -39.64
CA LEU B 373 -7.09 -6.42 -40.76
C LEU B 373 -6.72 -4.98 -40.42
N LYS B 374 -6.97 -4.54 -39.19
CA LYS B 374 -6.59 -3.22 -38.73
C LYS B 374 -5.58 -3.25 -37.61
N HIS B 375 -5.35 -4.40 -36.99
CA HIS B 375 -4.38 -4.56 -35.91
C HIS B 375 -3.48 -5.75 -36.22
N SER B 376 -2.25 -5.66 -35.74
CA SER B 376 -1.28 -6.72 -35.97
C SER B 376 -1.62 -7.93 -35.10
N TYR B 377 -0.74 -8.92 -35.09
CA TYR B 377 -0.93 -10.07 -34.23
C TYR B 377 -0.42 -9.84 -32.82
N SER B 378 0.67 -9.09 -32.67
CA SER B 378 1.22 -8.84 -31.34
C SER B 378 0.24 -8.04 -30.49
N THR B 379 -0.44 -7.06 -31.08
CA THR B 379 -1.39 -6.27 -30.31
C THR B 379 -2.58 -7.12 -29.87
N ARG B 380 -3.02 -8.05 -30.73
CA ARG B 380 -4.11 -8.92 -30.33
C ARG B 380 -3.68 -9.87 -29.22
N ILE B 381 -2.45 -10.37 -29.29
CA ILE B 381 -1.94 -11.21 -28.21
C ILE B 381 -1.86 -10.41 -26.91
N PHE B 382 -1.43 -9.15 -27.00
CA PHE B 382 -1.37 -8.31 -25.82
C PHE B 382 -2.76 -8.06 -25.25
N GLY B 383 -3.76 -7.86 -26.12
CA GLY B 383 -5.12 -7.69 -25.63
C GLY B 383 -5.64 -8.93 -24.93
N LEU B 384 -5.36 -10.10 -25.50
CA LEU B 384 -5.75 -11.35 -24.84
C LEU B 384 -5.08 -11.48 -23.48
N GLU B 385 -3.79 -11.13 -23.40
CA GLU B 385 -3.09 -11.18 -22.13
C GLU B 385 -3.70 -10.23 -21.11
N LEU B 386 -4.09 -9.03 -21.55
CA LEU B 386 -4.70 -8.07 -20.65
C LEU B 386 -6.02 -8.61 -20.11
N ILE B 387 -6.85 -9.19 -20.98
CA ILE B 387 -8.11 -9.76 -20.53
C ILE B 387 -7.87 -10.89 -19.54
N GLN B 388 -6.90 -11.75 -19.84
CA GLN B 388 -6.61 -12.86 -18.94
C GLN B 388 -6.14 -12.35 -17.58
N THR B 389 -5.31 -11.31 -17.57
CA THR B 389 -4.86 -10.74 -16.31
C THR B 389 -6.03 -10.17 -15.52
N ALA B 390 -6.94 -9.48 -16.19
CA ALA B 390 -8.12 -8.94 -15.51
C ALA B 390 -8.95 -10.07 -14.89
N LEU B 391 -9.14 -11.15 -15.64
CA LEU B 391 -9.89 -12.29 -15.12
C LEU B 391 -9.20 -12.88 -13.90
N GLU B 392 -7.89 -13.12 -14.00
CA GLU B 392 -7.17 -13.70 -12.88
C GLU B 392 -7.23 -12.79 -11.65
N ILE B 393 -7.30 -11.47 -11.85
CA ILE B 393 -7.37 -10.56 -10.72
C ILE B 393 -8.75 -10.61 -10.06
N SER B 394 -9.82 -10.61 -10.86
CA SER B 394 -11.13 -10.37 -10.25
C SER B 394 -12.25 -11.26 -10.83
N GLY B 395 -11.99 -12.54 -11.05
CA GLY B 395 -12.99 -13.42 -11.65
C GLY B 395 -14.42 -13.40 -11.12
N ASP B 396 -14.61 -13.85 -9.86
CA ASP B 396 -15.95 -13.96 -9.32
C ASP B 396 -16.62 -12.60 -9.20
N ARG B 397 -15.89 -11.59 -8.76
CA ARG B 397 -16.46 -10.26 -8.63
C ARG B 397 -16.89 -9.71 -9.98
N LEU B 398 -16.13 -10.03 -11.04
CA LEU B 398 -16.54 -9.64 -12.38
C LEU B 398 -17.80 -10.39 -12.79
N GLN B 399 -17.92 -11.64 -12.35
CA GLN B 399 -19.16 -12.38 -12.61
C GLN B 399 -20.35 -11.71 -11.93
N LEU B 400 -20.14 -11.12 -10.76
CA LEU B 400 -21.24 -10.49 -10.05
C LEU B 400 -21.81 -9.30 -10.81
N TYR B 401 -20.97 -8.49 -11.43
CA TYR B 401 -21.44 -7.30 -12.11
C TYR B 401 -22.10 -7.67 -13.43
N PRO B 402 -23.27 -7.12 -13.75
CA PRO B 402 -24.00 -7.55 -14.94
C PRO B 402 -23.37 -7.12 -16.26
N ARG B 403 -23.04 -5.83 -16.38
CA ARG B 403 -22.56 -5.31 -17.66
C ARG B 403 -21.25 -5.97 -18.08
N LEU B 404 -20.28 -6.06 -17.15
CA LEU B 404 -19.01 -6.68 -17.48
C LEU B 404 -19.17 -8.15 -17.81
N PHE B 405 -20.03 -8.86 -17.09
CA PHE B 405 -20.23 -10.27 -17.39
C PHE B 405 -20.86 -10.46 -18.75
N THR B 406 -21.79 -9.58 -19.13
CA THR B 406 -22.36 -9.68 -20.48
C THR B 406 -21.30 -9.39 -21.54
N LEU B 407 -20.46 -8.38 -21.30
CA LEU B 407 -19.43 -8.04 -22.26
C LEU B 407 -18.33 -9.10 -22.34
N ILE B 408 -18.20 -9.94 -21.32
CA ILE B 408 -17.27 -11.05 -21.42
C ILE B 408 -17.93 -12.30 -21.99
N SER B 409 -19.23 -12.48 -21.77
CA SER B 409 -19.92 -13.65 -22.29
C SER B 409 -20.14 -13.54 -23.79
N ASP B 410 -20.88 -12.52 -24.23
CA ASP B 410 -21.18 -12.52 -25.66
C ASP B 410 -19.98 -12.15 -26.55
N PRO B 411 -19.48 -10.89 -26.51
CA PRO B 411 -18.56 -10.45 -27.56
C PRO B 411 -17.15 -11.03 -27.44
N ILE B 412 -16.61 -11.06 -26.23
CA ILE B 412 -15.25 -11.57 -26.04
C ILE B 412 -15.20 -13.06 -26.37
N PHE B 413 -16.20 -13.82 -25.95
CA PHE B 413 -16.21 -15.24 -26.26
C PHE B 413 -16.48 -15.48 -27.74
N LYS B 414 -17.26 -14.62 -28.39
CA LYS B 414 -17.38 -14.72 -29.84
C LYS B 414 -16.03 -14.54 -30.51
N SER B 415 -15.26 -13.54 -30.06
CA SER B 415 -13.92 -13.34 -30.60
C SER B 415 -13.03 -14.55 -30.36
N ILE B 416 -13.12 -15.14 -29.16
CA ILE B 416 -12.28 -16.29 -28.83
C ILE B 416 -12.61 -17.46 -29.74
N LEU B 417 -13.89 -17.75 -29.92
CA LEU B 417 -14.28 -18.86 -30.78
C LEU B 417 -13.89 -18.60 -32.23
N PHE B 418 -14.04 -17.36 -32.70
CA PHE B 418 -13.65 -17.04 -34.06
C PHE B 418 -12.15 -17.24 -34.26
N ILE B 419 -11.35 -16.83 -33.28
CA ILE B 419 -9.91 -17.03 -33.37
C ILE B 419 -9.57 -18.52 -33.37
N ILE B 420 -10.27 -19.30 -32.53
CA ILE B 420 -10.01 -20.73 -32.48
C ILE B 420 -10.31 -21.37 -33.84
N GLN B 421 -11.41 -20.96 -34.46
CA GLN B 421 -11.82 -21.61 -35.70
C GLN B 421 -10.96 -21.16 -36.89
N ASN B 422 -10.58 -19.89 -36.95
CA ASN B 422 -10.03 -19.33 -38.18
C ASN B 422 -8.71 -18.59 -37.93
N THR B 423 -7.77 -19.23 -37.25
CA THR B 423 -6.43 -18.68 -37.13
C THR B 423 -5.39 -19.76 -37.37
N THR B 424 -4.18 -19.31 -37.70
CA THR B 424 -3.11 -20.24 -38.05
C THR B 424 -1.84 -19.96 -37.26
N LYS B 425 -1.63 -18.70 -36.86
CA LYS B 425 -0.44 -18.37 -36.10
C LYS B 425 -0.49 -19.05 -34.73
N LEU B 426 0.61 -19.73 -34.37
CA LEU B 426 0.62 -20.54 -33.17
C LEU B 426 0.52 -19.70 -31.90
N SER B 427 1.21 -18.57 -31.87
CA SER B 427 1.22 -17.74 -30.66
C SER B 427 -0.16 -17.18 -30.36
N LEU B 428 -0.86 -16.69 -31.39
CA LEU B 428 -2.20 -16.17 -31.18
C LEU B 428 -3.15 -17.25 -30.70
N LEU B 429 -3.05 -18.44 -31.28
CA LEU B 429 -3.92 -19.54 -30.84
C LEU B 429 -3.61 -19.94 -29.41
N GLN B 430 -2.33 -19.92 -29.03
CA GLN B 430 -1.98 -20.24 -27.65
C GLN B 430 -2.56 -19.22 -26.69
N ALA B 431 -2.47 -17.93 -27.04
CA ALA B 431 -3.03 -16.90 -26.17
C ALA B 431 -4.54 -17.05 -26.04
N THR B 432 -5.23 -17.28 -27.17
CA THR B 432 -6.68 -17.38 -27.10
C THR B 432 -7.11 -18.63 -26.36
N LEU B 433 -6.36 -19.73 -26.49
CA LEU B 433 -6.71 -20.92 -25.73
C LEU B 433 -6.45 -20.74 -24.25
N GLN B 434 -5.40 -20.02 -23.87
CA GLN B 434 -5.19 -19.73 -22.47
C GLN B 434 -6.33 -18.89 -21.91
N LEU B 435 -6.79 -17.89 -22.67
CA LEU B 435 -7.93 -17.10 -22.21
C LEU B 435 -9.17 -17.95 -22.06
N PHE B 436 -9.44 -18.81 -23.03
CA PHE B 436 -10.62 -19.68 -22.96
C PHE B 436 -10.54 -20.62 -21.77
N THR B 437 -9.37 -21.22 -21.54
CA THR B 437 -9.21 -22.13 -20.42
C THR B 437 -9.38 -21.40 -19.09
N THR B 438 -8.85 -20.19 -18.98
CA THR B 438 -9.04 -19.42 -17.76
C THR B 438 -10.52 -19.11 -17.54
N LEU B 439 -11.23 -18.74 -18.61
CA LEU B 439 -12.66 -18.50 -18.49
C LEU B 439 -13.39 -19.74 -18.00
N VAL B 440 -13.06 -20.91 -18.56
CA VAL B 440 -13.74 -22.12 -18.16
C VAL B 440 -13.45 -22.46 -16.71
N VAL B 441 -12.19 -22.32 -16.28
CA VAL B 441 -11.83 -22.73 -14.93
C VAL B 441 -12.41 -21.77 -13.89
N ILE B 442 -12.53 -20.50 -14.23
CA ILE B 442 -13.00 -19.52 -13.25
C ILE B 442 -14.51 -19.37 -13.30
N LEU B 443 -15.04 -18.92 -14.45
CA LEU B 443 -16.44 -18.57 -14.58
C LEU B 443 -17.23 -19.65 -15.32
N GLY B 444 -16.74 -20.88 -15.32
CA GLY B 444 -17.39 -21.93 -16.07
C GLY B 444 -18.78 -22.29 -15.56
N ASN B 445 -19.08 -21.95 -14.31
CA ASN B 445 -20.40 -22.27 -13.76
C ASN B 445 -21.49 -21.51 -14.49
N ASN B 446 -21.28 -20.24 -14.77
CA ASN B 446 -22.29 -19.39 -15.39
C ASN B 446 -22.13 -19.28 -16.90
N LEU B 447 -21.15 -19.94 -17.49
CA LEU B 447 -20.99 -20.02 -18.94
C LEU B 447 -21.07 -21.49 -19.31
N GLN B 448 -22.21 -21.91 -19.84
CA GLN B 448 -22.43 -23.31 -20.18
C GLN B 448 -22.62 -23.54 -21.67
N LEU B 449 -23.51 -22.77 -22.31
CA LEU B 449 -23.71 -22.95 -23.75
C LEU B 449 -22.48 -22.52 -24.54
N GLN B 450 -21.78 -21.48 -24.08
CA GLN B 450 -20.55 -21.08 -24.74
C GLN B 450 -19.51 -22.20 -24.69
N ILE B 451 -19.36 -22.82 -23.53
CA ILE B 451 -18.42 -23.92 -23.39
C ILE B 451 -18.82 -25.08 -24.28
N GLU B 452 -20.12 -25.39 -24.32
CA GLU B 452 -20.62 -26.44 -25.21
C GLU B 452 -20.20 -26.18 -26.65
N LEU B 453 -20.48 -24.96 -27.13
CA LEU B 453 -20.21 -24.65 -28.53
C LEU B 453 -18.71 -24.70 -28.83
N THR B 454 -17.89 -24.10 -27.95
CA THR B 454 -16.47 -24.05 -28.25
C THR B 454 -15.84 -25.45 -28.15
N LEU B 455 -16.28 -26.27 -27.19
CA LEU B 455 -15.71 -27.60 -27.07
C LEU B 455 -16.12 -28.49 -28.23
N THR B 456 -17.37 -28.38 -28.69
CA THR B 456 -17.74 -29.20 -29.85
C THR B 456 -17.03 -28.73 -31.10
N ARG B 457 -16.78 -27.42 -31.24
CA ARG B 457 -16.00 -26.96 -32.39
C ARG B 457 -14.56 -27.44 -32.30
N ILE B 458 -13.97 -27.43 -31.10
CA ILE B 458 -12.61 -27.92 -30.93
C ILE B 458 -12.52 -29.40 -31.28
N PHE B 459 -13.51 -30.19 -30.84
CA PHE B 459 -13.53 -31.60 -31.19
C PHE B 459 -13.69 -31.78 -32.70
N SER B 460 -14.49 -30.92 -33.34
CA SER B 460 -14.63 -31.00 -34.78
C SER B 460 -13.29 -30.73 -35.47
N ILE B 461 -12.52 -29.77 -34.94
CA ILE B 461 -11.21 -29.47 -35.53
C ILE B 461 -10.26 -30.64 -35.33
N LEU B 462 -10.17 -31.16 -34.11
CA LEU B 462 -9.30 -32.30 -33.84
C LEU B 462 -9.73 -33.53 -34.63
N LEU B 463 -10.91 -34.04 -34.33
CA LEU B 463 -11.47 -35.17 -35.05
C LEU B 463 -11.94 -34.70 -36.41
N ASP B 464 -11.09 -34.84 -37.42
CA ASP B 464 -11.43 -34.43 -38.78
C ASP B 464 -12.64 -35.18 -39.32
N LYS B 478 -4.18 -27.14 -41.40
CA LYS B 478 -3.94 -27.79 -40.12
C LYS B 478 -2.64 -28.56 -40.15
N PRO B 479 -1.53 -27.87 -39.85
CA PRO B 479 -0.21 -28.51 -39.89
C PRO B 479 0.08 -29.41 -38.70
N SER B 480 -0.94 -29.73 -37.91
CA SER B 480 -0.88 -30.63 -36.76
C SER B 480 -0.19 -29.98 -35.57
N ILE B 481 0.49 -28.85 -35.78
CA ILE B 481 0.93 -28.07 -34.64
C ILE B 481 -0.25 -27.38 -33.99
N ILE B 482 -1.21 -26.93 -34.80
CA ILE B 482 -2.47 -26.42 -34.28
C ILE B 482 -3.14 -27.48 -33.42
N LYS B 483 -3.17 -28.72 -33.92
CA LYS B 483 -3.79 -29.80 -33.17
C LYS B 483 -3.05 -30.07 -31.87
N GLU B 484 -1.72 -30.03 -31.92
CA GLU B 484 -0.93 -30.28 -30.71
C GLU B 484 -1.21 -29.21 -29.65
N LEU B 485 -1.25 -27.95 -30.06
CA LEU B 485 -1.52 -26.87 -29.11
C LEU B 485 -2.93 -26.99 -28.54
N LEU B 486 -3.91 -27.28 -29.39
CA LEU B 486 -5.27 -27.47 -28.91
C LEU B 486 -5.32 -28.57 -27.86
N ILE B 487 -4.68 -29.71 -28.16
CA ILE B 487 -4.70 -30.82 -27.22
C ILE B 487 -4.03 -30.42 -25.91
N GLU B 488 -2.89 -29.74 -25.98
CA GLU B 488 -2.17 -29.38 -24.76
C GLU B 488 -3.01 -28.48 -23.85
N GLN B 489 -3.63 -27.46 -24.44
CA GLN B 489 -4.42 -26.54 -23.62
C GLN B 489 -5.67 -27.23 -23.07
N ILE B 490 -6.41 -27.93 -23.92
CA ILE B 490 -7.60 -28.63 -23.44
C ILE B 490 -7.23 -29.67 -22.39
N SER B 491 -6.00 -30.20 -22.45
CA SER B 491 -5.57 -31.15 -21.44
C SER B 491 -5.30 -30.46 -20.12
N ILE B 492 -4.62 -29.31 -20.15
CA ILE B 492 -4.41 -28.59 -18.91
C ILE B 492 -5.73 -28.11 -18.35
N LEU B 493 -6.79 -28.14 -19.16
CA LEU B 493 -8.13 -27.86 -18.64
C LEU B 493 -8.57 -28.90 -17.63
N TRP B 494 -8.64 -30.17 -18.04
CA TRP B 494 -9.26 -31.19 -17.20
C TRP B 494 -8.40 -31.64 -16.03
N THR B 495 -7.08 -31.40 -16.08
CA THR B 495 -6.22 -31.80 -14.98
C THR B 495 -6.53 -31.02 -13.71
N ARG B 496 -7.27 -29.93 -13.82
CA ARG B 496 -7.74 -29.12 -12.71
C ARG B 496 -9.26 -28.99 -12.82
N SER B 497 -9.83 -28.12 -11.98
CA SER B 497 -11.27 -27.90 -11.82
C SER B 497 -11.91 -29.10 -11.14
N PRO B 498 -13.02 -28.92 -10.42
CA PRO B 498 -13.53 -29.98 -9.55
C PRO B 498 -14.16 -31.15 -10.30
N SER B 499 -13.36 -32.15 -10.66
CA SER B 499 -13.84 -33.37 -11.30
C SER B 499 -14.59 -33.03 -12.58
N PHE B 500 -13.84 -32.46 -13.53
CA PHE B 500 -14.43 -31.90 -14.72
C PHE B 500 -15.24 -32.93 -15.50
N PHE B 501 -14.75 -34.17 -15.55
CA PHE B 501 -15.44 -35.17 -16.36
C PHE B 501 -16.79 -35.57 -15.79
N THR B 502 -17.02 -35.33 -14.50
CA THR B 502 -18.34 -35.54 -13.92
C THR B 502 -19.18 -34.28 -13.94
N SER B 503 -18.54 -33.12 -13.75
CA SER B 503 -19.26 -31.86 -13.80
C SER B 503 -19.86 -31.64 -15.18
N THR B 504 -19.07 -31.90 -16.23
CA THR B 504 -19.58 -31.79 -17.59
C THR B 504 -20.73 -32.76 -17.82
N PHE B 505 -20.57 -34.00 -17.33
CA PHE B 505 -21.63 -34.99 -17.51
C PHE B 505 -22.94 -34.52 -16.91
N ILE B 506 -22.90 -34.06 -15.65
CA ILE B 506 -24.14 -33.67 -14.98
C ILE B 506 -24.72 -32.42 -15.60
N ASN B 507 -23.88 -31.47 -16.00
CA ASN B 507 -24.41 -30.21 -16.51
C ASN B 507 -24.85 -30.29 -17.96
N PHE B 508 -24.39 -31.27 -18.73
CA PHE B 508 -24.74 -31.33 -20.14
C PHE B 508 -25.48 -32.60 -20.52
N ASP B 509 -24.93 -33.78 -20.22
CA ASP B 509 -25.58 -35.02 -20.63
C ASP B 509 -26.87 -35.24 -19.87
N CYS B 510 -26.88 -34.94 -18.57
CA CYS B 510 -28.11 -35.06 -17.80
C CYS B 510 -29.16 -34.06 -18.25
N ASN B 511 -28.74 -32.85 -18.63
CA ASN B 511 -29.68 -31.87 -19.15
C ASN B 511 -30.20 -32.28 -20.52
N LEU B 512 -31.50 -32.14 -20.70
CA LEU B 512 -32.17 -32.63 -21.90
C LEU B 512 -32.20 -31.60 -23.03
N ASP B 513 -31.73 -30.37 -22.78
CA ASP B 513 -31.77 -29.32 -23.79
C ASP B 513 -30.41 -29.06 -24.43
N ARG B 514 -29.42 -29.90 -24.15
CA ARG B 514 -28.06 -29.68 -24.60
C ARG B 514 -27.47 -30.96 -25.18
N ALA B 515 -26.50 -30.80 -26.07
CA ALA B 515 -25.80 -31.94 -26.63
C ALA B 515 -24.87 -32.55 -25.58
N ASP B 516 -24.39 -33.75 -25.87
CA ASP B 516 -23.51 -34.47 -24.95
C ASP B 516 -22.08 -33.96 -25.13
N VAL B 517 -21.53 -33.38 -24.08
CA VAL B 517 -20.16 -32.86 -24.10
C VAL B 517 -19.20 -33.85 -23.47
N SER B 518 -19.56 -34.38 -22.29
CA SER B 518 -18.66 -35.31 -21.61
C SER B 518 -18.49 -36.60 -22.40
N ILE B 519 -19.58 -37.15 -22.93
CA ILE B 519 -19.50 -38.41 -23.67
C ILE B 519 -18.67 -38.25 -24.93
N ASN B 520 -18.96 -37.18 -25.69
CA ASN B 520 -18.18 -36.94 -26.90
C ASN B 520 -16.73 -36.68 -26.58
N PHE B 521 -16.46 -35.97 -25.48
CA PHE B 521 -15.10 -35.72 -25.05
C PHE B 521 -14.37 -37.03 -24.77
N LEU B 522 -15.00 -37.92 -24.01
CA LEU B 522 -14.37 -39.19 -23.68
C LEU B 522 -14.14 -40.03 -24.93
N LYS B 523 -15.13 -40.09 -25.81
CA LYS B 523 -14.98 -40.90 -27.02
C LYS B 523 -13.90 -40.33 -27.93
N ALA B 524 -13.82 -39.00 -28.04
CA ALA B 524 -12.78 -38.39 -28.86
C ALA B 524 -11.40 -38.64 -28.27
N LEU B 525 -11.27 -38.56 -26.94
CA LEU B 525 -9.99 -38.85 -26.32
C LEU B 525 -9.58 -40.30 -26.55
N THR B 526 -10.54 -41.22 -26.41
CA THR B 526 -10.23 -42.62 -26.67
C THR B 526 -9.80 -42.85 -28.12
N LYS B 527 -10.49 -42.20 -29.06
CA LYS B 527 -10.13 -42.33 -30.46
C LYS B 527 -8.74 -41.78 -30.72
N LEU B 528 -8.40 -40.66 -30.10
CA LEU B 528 -7.08 -40.06 -30.30
C LEU B 528 -5.97 -40.80 -29.57
N ALA B 529 -6.31 -41.64 -28.59
CA ALA B 529 -5.28 -42.32 -27.81
C ALA B 529 -4.58 -43.42 -28.61
N LEU B 530 -5.26 -44.01 -29.59
CA LEU B 530 -4.65 -45.09 -30.36
C LEU B 530 -3.53 -44.54 -31.23
N PRO B 531 -2.31 -45.09 -31.15
CA PRO B 531 -1.22 -44.58 -32.00
C PRO B 531 -1.50 -44.66 -33.48
N GLU B 532 -2.20 -45.72 -33.92
CA GLU B 532 -2.57 -45.80 -35.34
C GLU B 532 -3.45 -44.63 -35.74
N SER B 533 -4.42 -44.28 -34.90
CA SER B 533 -5.19 -43.06 -35.13
C SER B 533 -4.39 -41.81 -34.79
N ALA B 534 -3.39 -41.92 -33.91
CA ALA B 534 -2.55 -40.79 -33.58
C ALA B 534 -1.58 -40.43 -34.69
N LEU B 535 -1.45 -41.27 -35.71
CA LEU B 535 -0.66 -40.91 -36.88
C LEU B 535 -1.25 -39.65 -37.53
N THR B 536 -0.46 -39.06 -38.44
CA THR B 536 -0.81 -37.83 -39.15
C THR B 536 -0.93 -36.66 -38.18
N THR B 537 -0.48 -36.85 -36.94
CA THR B 537 -0.39 -35.80 -35.95
C THR B 537 0.99 -35.83 -35.32
N THR B 538 1.24 -34.90 -34.42
CA THR B 538 2.51 -34.87 -33.70
C THR B 538 2.58 -36.01 -32.71
N GLU B 539 3.78 -36.57 -32.55
CA GLU B 539 3.98 -37.70 -31.65
C GLU B 539 4.10 -37.20 -30.20
N SER B 540 3.10 -36.43 -29.81
CA SER B 540 2.95 -36.00 -28.42
C SER B 540 1.53 -36.10 -27.89
N VAL B 541 0.53 -36.27 -28.74
CA VAL B 541 -0.87 -36.39 -28.31
C VAL B 541 -1.21 -37.72 -27.65
N PRO B 542 -0.61 -38.86 -28.03
CA PRO B 542 -0.96 -40.12 -27.37
C PRO B 542 -0.74 -40.07 -25.86
N PRO B 543 0.42 -39.62 -25.38
CA PRO B 543 0.60 -39.57 -23.92
C PRO B 543 -0.40 -38.66 -23.24
N ILE B 544 -0.77 -37.55 -23.88
CA ILE B 544 -1.71 -36.61 -23.28
C ILE B 544 -3.09 -37.25 -23.14
N CYS B 545 -3.57 -37.86 -24.22
CA CYS B 545 -4.87 -38.53 -24.13
C CYS B 545 -4.84 -39.67 -23.12
N LEU B 546 -3.73 -40.43 -23.09
CA LEU B 546 -3.63 -41.53 -22.15
C LEU B 546 -3.65 -41.05 -20.71
N GLU B 547 -2.94 -39.95 -20.42
CA GLU B 547 -2.94 -39.45 -19.06
C GLU B 547 -4.31 -38.87 -18.70
N GLY B 548 -5.03 -38.33 -19.67
CA GLY B 548 -6.40 -37.92 -19.39
C GLY B 548 -7.29 -39.07 -19.00
N LEU B 549 -7.23 -40.16 -19.77
CA LEU B 549 -8.06 -41.33 -19.45
C LEU B 549 -7.66 -41.95 -18.11
N VAL B 550 -6.36 -42.03 -17.85
CA VAL B 550 -5.91 -42.56 -16.58
C VAL B 550 -6.35 -41.66 -15.43
N SER B 551 -6.34 -40.34 -15.63
CA SER B 551 -6.86 -39.45 -14.61
C SER B 551 -8.33 -39.72 -14.35
N LEU B 552 -9.10 -39.95 -15.43
CA LEU B 552 -10.52 -40.24 -15.27
C LEU B 552 -10.74 -41.48 -14.43
N VAL B 553 -10.06 -42.58 -14.79
CA VAL B 553 -10.28 -43.83 -14.06
C VAL B 553 -9.76 -43.71 -12.63
N ASP B 554 -8.65 -42.99 -12.43
CA ASP B 554 -8.14 -42.81 -11.08
C ASP B 554 -9.11 -42.01 -10.21
N ASP B 555 -9.72 -40.97 -10.79
CA ASP B 555 -10.69 -40.18 -10.03
C ASP B 555 -11.90 -41.04 -9.69
N MET B 556 -12.37 -41.85 -10.64
CA MET B 556 -13.50 -42.72 -10.34
C MET B 556 -13.17 -43.69 -9.22
N PHE B 557 -11.95 -44.25 -9.22
CA PHE B 557 -11.55 -45.14 -8.13
C PHE B 557 -11.48 -44.39 -6.82
N ASP B 558 -10.88 -43.19 -6.82
CA ASP B 558 -10.76 -42.42 -5.59
C ASP B 558 -12.12 -42.04 -5.02
N HIS B 559 -13.12 -41.90 -5.89
CA HIS B 559 -14.47 -41.63 -5.40
C HIS B 559 -15.02 -42.76 -4.55
N MET B 560 -14.43 -43.96 -4.62
CA MET B 560 -14.92 -45.10 -3.86
C MET B 560 -13.73 -45.89 -3.34
N LYS B 561 -13.32 -45.60 -2.11
CA LYS B 561 -12.34 -46.40 -1.40
C LYS B 561 -12.78 -46.77 0.00
N ASP B 562 -13.89 -46.22 0.50
CA ASP B 562 -14.44 -46.58 1.78
C ASP B 562 -15.92 -46.95 1.72
N ILE B 563 -16.55 -46.85 0.55
CA ILE B 563 -17.96 -47.18 0.39
C ILE B 563 -18.07 -48.69 0.27
N ASP B 564 -18.75 -49.32 1.22
CA ASP B 564 -18.96 -50.75 1.17
C ASP B 564 -19.97 -51.10 0.07
N ARG B 565 -19.90 -52.35 -0.40
CA ARG B 565 -20.69 -52.75 -1.56
C ARG B 565 -22.18 -52.78 -1.23
N GLU B 566 -22.54 -53.31 -0.06
CA GLU B 566 -23.94 -53.70 0.17
C GLU B 566 -24.87 -52.49 0.25
N GLU B 567 -24.50 -51.47 1.02
CA GLU B 567 -25.40 -50.34 1.21
C GLU B 567 -25.64 -49.59 -0.10
N PHE B 568 -24.61 -49.51 -0.94
CA PHE B 568 -24.82 -48.94 -2.27
C PHE B 568 -25.65 -49.88 -3.14
N GLY B 569 -25.46 -51.19 -2.98
CA GLY B 569 -26.25 -52.15 -3.71
C GLY B 569 -27.72 -52.11 -3.35
N ARG B 570 -28.05 -51.56 -2.19
CA ARG B 570 -29.45 -51.32 -1.84
C ARG B 570 -30.11 -50.47 -2.91
N GLN B 571 -29.68 -49.21 -3.01
CA GLN B 571 -30.13 -48.28 -4.05
C GLN B 571 -31.64 -48.30 -4.21
N LYS B 572 -32.33 -47.86 -3.17
CA LYS B 572 -33.80 -47.87 -3.18
C LYS B 572 -34.34 -46.95 -4.27
N ASN B 573 -33.83 -45.72 -4.33
CA ASN B 573 -34.28 -44.75 -5.32
C ASN B 573 -33.09 -43.93 -5.80
N GLU B 574 -33.09 -43.60 -7.09
CA GLU B 574 -32.04 -42.80 -7.68
C GLU B 574 -32.48 -41.34 -7.74
N MET B 575 -31.57 -40.48 -8.22
CA MET B 575 -31.88 -39.07 -8.41
C MET B 575 -32.92 -38.84 -9.49
N GLU B 576 -33.14 -39.82 -10.37
CA GLU B 576 -34.12 -39.79 -11.45
C GLU B 576 -33.67 -38.84 -12.55
N ILE B 577 -32.60 -38.08 -12.29
CA ILE B 577 -31.99 -37.28 -13.34
C ILE B 577 -31.42 -38.19 -14.43
N LEU B 578 -30.73 -39.24 -14.01
CA LEU B 578 -30.24 -40.23 -14.96
C LEU B 578 -31.41 -40.92 -15.68
N LYS B 579 -32.52 -41.13 -14.99
CA LYS B 579 -33.69 -41.73 -15.62
C LYS B 579 -34.23 -40.84 -16.72
N LYS B 580 -34.31 -39.54 -16.47
CA LYS B 580 -34.71 -38.61 -17.53
C LYS B 580 -33.68 -38.62 -18.65
N ARG B 581 -32.39 -38.71 -18.29
CA ARG B 581 -31.32 -38.73 -19.28
C ARG B 581 -31.47 -39.92 -20.21
N ASP B 582 -31.87 -41.07 -19.68
CA ASP B 582 -32.08 -42.25 -20.52
C ASP B 582 -33.22 -42.05 -21.51
N ARG B 583 -34.07 -41.05 -21.29
CA ARG B 583 -35.15 -40.72 -22.22
C ARG B 583 -34.71 -39.74 -23.29
N LYS B 584 -33.41 -39.66 -23.57
CA LYS B 584 -32.90 -38.67 -24.51
C LYS B 584 -33.39 -38.92 -25.93
N THR B 585 -33.48 -40.18 -26.34
CA THR B 585 -33.93 -40.49 -27.70
C THR B 585 -35.35 -39.99 -27.92
N GLU B 586 -36.23 -40.18 -26.93
CA GLU B 586 -37.59 -39.68 -27.05
C GLU B 586 -37.60 -38.18 -27.22
N PHE B 587 -36.81 -37.47 -26.42
CA PHE B 587 -36.78 -36.01 -26.51
C PHE B 587 -36.28 -35.55 -27.87
N ILE B 588 -35.21 -36.17 -28.38
CA ILE B 588 -34.66 -35.71 -29.65
C ILE B 588 -35.63 -36.01 -30.79
N GLU B 589 -36.26 -37.19 -30.77
CA GLU B 589 -37.20 -37.50 -31.85
C GLU B 589 -38.42 -36.60 -31.80
N CYS B 590 -38.92 -36.30 -30.60
CA CYS B 590 -40.07 -35.40 -30.47
C CYS B 590 -39.71 -34.00 -30.94
N THR B 591 -38.53 -33.51 -30.59
CA THR B 591 -38.12 -32.18 -31.03
C THR B 591 -37.95 -32.14 -32.55
N ASN B 592 -37.40 -33.21 -33.14
CA ASN B 592 -37.30 -33.27 -34.59
C ASN B 592 -38.68 -33.24 -35.24
N ALA B 593 -39.64 -33.97 -34.65
CA ALA B 593 -41.01 -33.94 -35.17
C ALA B 593 -41.61 -32.55 -35.05
N PHE B 594 -41.35 -31.87 -33.94
CA PHE B 594 -41.82 -30.50 -33.76
C PHE B 594 -41.26 -29.59 -34.84
N ASN B 595 -39.96 -29.72 -35.12
CA ASN B 595 -39.37 -28.97 -36.21
C ASN B 595 -40.02 -29.31 -37.54
N GLU B 596 -40.48 -30.55 -37.70
CA GLU B 596 -41.16 -30.93 -38.93
C GLU B 596 -42.57 -30.34 -39.00
N LYS B 597 -43.43 -30.74 -38.07
CA LYS B 597 -44.82 -30.27 -38.01
C LYS B 597 -45.26 -30.26 -36.56
N PRO B 598 -45.90 -29.20 -36.10
CA PRO B 598 -46.27 -29.11 -34.68
C PRO B 598 -47.59 -29.77 -34.34
N LYS B 599 -48.50 -29.84 -35.32
CA LYS B 599 -49.87 -30.27 -35.06
C LYS B 599 -49.90 -31.68 -34.47
N LYS B 600 -49.19 -32.61 -35.09
CA LYS B 600 -49.03 -33.94 -34.51
C LYS B 600 -47.89 -34.01 -33.51
N GLY B 601 -46.98 -33.04 -33.54
CA GLY B 601 -45.84 -33.08 -32.63
C GLY B 601 -46.25 -32.89 -31.19
N ILE B 602 -47.18 -31.98 -30.93
CA ILE B 602 -47.62 -31.73 -29.56
C ILE B 602 -48.21 -32.99 -28.92
N PRO B 603 -49.12 -33.72 -29.55
CA PRO B 603 -49.57 -34.98 -28.93
C PRO B 603 -48.45 -35.96 -28.69
N MET B 604 -47.46 -36.01 -29.58
CA MET B 604 -46.32 -36.90 -29.36
C MET B 604 -45.55 -36.51 -28.10
N LEU B 605 -45.35 -35.21 -27.90
CA LEU B 605 -44.72 -34.74 -26.67
C LEU B 605 -45.57 -35.07 -25.45
N ILE B 606 -46.89 -35.03 -25.60
CA ILE B 606 -47.77 -35.41 -24.50
C ILE B 606 -47.59 -36.89 -24.16
N GLU B 607 -47.49 -37.74 -25.20
CA GLU B 607 -47.46 -39.18 -24.98
C GLU B 607 -46.23 -39.60 -24.18
N LYS B 608 -45.06 -39.02 -24.48
CA LYS B 608 -43.84 -39.41 -23.80
C LYS B 608 -43.75 -38.91 -22.37
N GLY B 609 -44.67 -38.04 -21.95
CA GLY B 609 -44.69 -37.55 -20.59
C GLY B 609 -43.80 -36.35 -20.31
N PHE B 610 -43.08 -35.84 -21.31
CA PHE B 610 -42.29 -34.64 -21.10
C PHE B 610 -43.18 -33.43 -20.80
N ILE B 611 -44.34 -33.35 -21.44
CA ILE B 611 -45.31 -32.28 -21.20
C ILE B 611 -46.57 -32.92 -20.62
N ALA B 612 -47.07 -32.34 -19.53
CA ALA B 612 -48.09 -32.97 -18.71
C ALA B 612 -49.36 -33.32 -19.49
N SER B 613 -50.05 -32.32 -20.00
CA SER B 613 -51.34 -32.55 -20.64
C SER B 613 -51.54 -31.53 -21.75
N ASP B 614 -52.69 -31.65 -22.43
CA ASP B 614 -53.02 -30.76 -23.53
C ASP B 614 -53.40 -29.35 -23.07
N SER B 615 -53.48 -29.14 -21.76
CA SER B 615 -53.82 -27.81 -21.24
C SER B 615 -52.83 -26.77 -21.75
N ASP B 616 -53.37 -25.61 -22.12
CA ASP B 616 -52.54 -24.57 -22.70
C ASP B 616 -51.43 -24.14 -21.76
N LYS B 617 -51.65 -24.24 -20.44
CA LYS B 617 -50.62 -23.87 -19.49
C LYS B 617 -49.38 -24.74 -19.64
N ASP B 618 -49.57 -26.05 -19.78
CA ASP B 618 -48.44 -26.96 -19.87
C ASP B 618 -47.63 -26.72 -21.13
N ILE B 619 -48.30 -26.63 -22.28
CA ILE B 619 -47.59 -26.45 -23.53
C ILE B 619 -46.94 -25.07 -23.58
N ALA B 620 -47.60 -24.05 -23.04
CA ALA B 620 -47.00 -22.73 -22.98
C ALA B 620 -45.76 -22.73 -22.11
N GLU B 621 -45.81 -23.40 -20.96
CA GLU B 621 -44.63 -23.48 -20.10
C GLU B 621 -43.48 -24.20 -20.79
N PHE B 622 -43.80 -25.29 -21.50
CA PHE B 622 -42.75 -26.02 -22.22
C PHE B 622 -42.13 -25.15 -23.31
N LEU B 623 -42.96 -24.43 -24.07
CA LEU B 623 -42.44 -23.58 -25.12
C LEU B 623 -41.73 -22.33 -24.58
N PHE B 624 -41.95 -21.98 -23.32
CA PHE B 624 -41.24 -20.86 -22.71
C PHE B 624 -39.89 -21.29 -22.15
N ASN B 625 -39.90 -22.25 -21.22
CA ASN B 625 -38.67 -22.57 -20.49
C ASN B 625 -37.63 -23.22 -21.38
N ASN B 626 -38.05 -24.04 -22.35
CA ASN B 626 -37.11 -24.79 -23.16
C ASN B 626 -36.31 -23.86 -24.07
N ASN B 627 -35.04 -24.20 -24.25
CA ASN B 627 -34.16 -23.49 -25.17
C ASN B 627 -33.46 -24.50 -26.06
N ASN B 628 -33.16 -24.07 -27.28
CA ASN B 628 -32.45 -24.89 -28.27
C ASN B 628 -33.21 -26.15 -28.65
N ARG B 629 -32.69 -26.86 -29.65
CA ARG B 629 -33.31 -28.08 -30.18
C ARG B 629 -34.79 -27.88 -30.47
N MET B 630 -35.15 -26.66 -30.84
CA MET B 630 -36.54 -26.32 -31.10
C MET B 630 -36.55 -25.09 -31.99
N ASN B 631 -36.97 -25.24 -33.24
CA ASN B 631 -36.89 -24.15 -34.19
C ASN B 631 -37.80 -23.00 -33.75
N LYS B 632 -37.26 -21.78 -33.84
CA LYS B 632 -38.01 -20.61 -33.40
C LYS B 632 -39.09 -20.21 -34.39
N LYS B 633 -38.83 -20.37 -35.69
CA LYS B 633 -39.85 -20.07 -36.69
C LYS B 633 -41.02 -21.03 -36.59
N THR B 634 -40.78 -22.25 -36.13
CA THR B 634 -41.87 -23.20 -35.96
C THR B 634 -42.87 -22.71 -34.93
N ILE B 635 -42.38 -22.25 -33.77
CA ILE B 635 -43.29 -21.72 -32.76
C ILE B 635 -43.90 -20.41 -33.24
N GLY B 636 -43.11 -19.58 -33.95
CA GLY B 636 -43.65 -18.35 -34.49
C GLY B 636 -44.85 -18.57 -35.39
N LEU B 637 -44.77 -19.59 -36.26
CA LEU B 637 -45.92 -19.96 -37.07
C LEU B 637 -46.95 -20.77 -36.31
N LEU B 638 -46.57 -21.33 -35.15
CA LEU B 638 -47.52 -22.01 -34.27
C LEU B 638 -48.31 -21.04 -33.42
N LEU B 639 -48.02 -19.74 -33.49
CA LEU B 639 -48.77 -18.73 -32.76
C LEU B 639 -49.72 -17.94 -33.66
N CYS B 640 -50.43 -18.59 -34.59
CA CYS B 640 -51.37 -17.88 -35.47
C CYS B 640 -52.64 -18.70 -35.73
N HIS B 641 -53.21 -19.29 -34.68
CA HIS B 641 -54.44 -20.07 -34.83
C HIS B 641 -55.29 -19.81 -33.59
N PRO B 642 -56.60 -20.13 -33.64
CA PRO B 642 -57.48 -19.80 -32.50
C PRO B 642 -57.09 -20.49 -31.19
N ASP B 643 -57.06 -21.82 -31.20
CA ASP B 643 -56.53 -22.52 -30.03
C ASP B 643 -55.11 -22.09 -29.75
N LYS B 644 -54.33 -21.88 -30.82
CA LYS B 644 -53.01 -21.28 -30.65
C LYS B 644 -53.08 -19.83 -30.23
N VAL B 645 -54.21 -19.15 -30.46
CA VAL B 645 -54.36 -17.79 -29.93
C VAL B 645 -54.49 -17.84 -28.41
N SER B 646 -55.27 -18.78 -27.89
CA SER B 646 -55.29 -18.98 -26.45
C SER B 646 -53.91 -19.38 -25.94
N LEU B 647 -53.24 -20.28 -26.66
CA LEU B 647 -51.90 -20.71 -26.27
C LEU B 647 -50.94 -19.53 -26.21
N LEU B 648 -51.00 -18.64 -27.21
CA LEU B 648 -50.06 -17.53 -27.25
C LEU B 648 -50.40 -16.46 -26.21
N ASN B 649 -51.68 -16.24 -25.91
CA ASN B 649 -51.98 -15.30 -24.84
C ASN B 649 -51.44 -15.83 -23.52
N GLU B 650 -51.60 -17.13 -23.26
CA GLU B 650 -50.99 -17.70 -22.07
C GLU B 650 -49.48 -17.59 -22.11
N TYR B 651 -48.88 -17.82 -23.28
CA TYR B 651 -47.43 -17.76 -23.42
C TYR B 651 -46.91 -16.38 -23.06
N ILE B 652 -47.54 -15.34 -23.59
CA ILE B 652 -47.09 -13.98 -23.29
C ILE B 652 -47.41 -13.63 -21.85
N ARG B 653 -48.47 -14.20 -21.28
CA ARG B 653 -48.70 -14.03 -19.85
C ARG B 653 -47.58 -14.64 -19.03
N LEU B 654 -46.94 -15.69 -19.55
CA LEU B 654 -45.85 -16.34 -18.81
C LEU B 654 -44.59 -15.50 -18.76
N PHE B 655 -44.52 -14.39 -19.50
CA PHE B 655 -43.33 -13.55 -19.50
C PHE B 655 -43.11 -12.92 -18.14
N ASP B 656 -41.96 -12.27 -18.01
CA ASP B 656 -41.54 -11.61 -16.76
C ASP B 656 -41.51 -10.10 -16.90
N PHE B 657 -42.47 -9.52 -17.60
CA PHE B 657 -42.53 -8.07 -17.73
C PHE B 657 -42.67 -7.41 -16.37
N SER B 658 -42.00 -6.27 -16.21
CA SER B 658 -41.96 -5.54 -14.95
C SER B 658 -41.82 -4.06 -15.28
N GLY B 659 -41.32 -3.29 -14.32
CA GLY B 659 -41.15 -1.87 -14.54
C GLY B 659 -40.02 -1.57 -15.50
N LEU B 660 -40.21 -1.92 -16.76
CA LEU B 660 -39.23 -1.69 -17.80
C LEU B 660 -39.84 -0.85 -18.91
N ARG B 661 -38.96 -0.22 -19.69
CA ARG B 661 -39.38 0.64 -20.79
C ARG B 661 -39.84 -0.20 -21.98
N VAL B 662 -40.47 0.48 -22.94
CA VAL B 662 -41.13 -0.21 -24.04
C VAL B 662 -40.10 -0.95 -24.89
N ASP B 663 -38.95 -0.33 -25.14
CA ASP B 663 -37.93 -0.99 -25.96
C ASP B 663 -37.43 -2.26 -25.28
N GLU B 664 -37.22 -2.21 -23.96
CA GLU B 664 -36.79 -3.41 -23.24
C GLU B 664 -37.86 -4.49 -23.33
N ALA B 665 -39.13 -4.11 -23.19
CA ALA B 665 -40.21 -5.08 -23.32
C ALA B 665 -40.22 -5.73 -24.69
N ILE B 666 -40.03 -4.93 -25.74
CA ILE B 666 -40.01 -5.48 -27.10
C ILE B 666 -38.84 -6.43 -27.27
N ARG B 667 -37.67 -6.05 -26.74
CA ARG B 667 -36.51 -6.94 -26.81
C ARG B 667 -36.80 -8.27 -26.15
N ILE B 668 -37.30 -8.23 -24.92
CA ILE B 668 -37.56 -9.47 -24.20
C ILE B 668 -38.60 -10.31 -24.92
N LEU B 669 -39.63 -9.67 -25.48
CA LEU B 669 -40.67 -10.41 -26.16
C LEU B 669 -40.14 -11.09 -27.42
N LEU B 670 -39.41 -10.35 -28.25
CA LEU B 670 -38.95 -10.88 -29.52
C LEU B 670 -37.73 -11.78 -29.39
N THR B 671 -37.06 -11.81 -28.25
CA THR B 671 -35.85 -12.61 -28.12
C THR B 671 -36.13 -14.09 -27.85
N LYS B 672 -37.38 -14.55 -28.03
CA LYS B 672 -37.68 -15.96 -27.85
C LYS B 672 -38.55 -16.55 -28.95
N PHE B 673 -39.13 -15.73 -29.83
CA PHE B 673 -39.85 -16.24 -30.98
C PHE B 673 -39.63 -15.32 -32.16
N ARG B 674 -39.42 -15.91 -33.33
CA ARG B 674 -39.20 -15.13 -34.54
C ARG B 674 -40.50 -14.46 -34.95
N LEU B 675 -40.43 -13.17 -35.21
CA LEU B 675 -41.60 -12.44 -35.66
C LEU B 675 -41.93 -12.86 -37.09
N PRO B 676 -43.11 -13.39 -37.34
CA PRO B 676 -43.43 -13.85 -38.70
C PRO B 676 -43.52 -12.69 -39.67
N GLY B 677 -43.32 -12.99 -40.96
CA GLY B 677 -43.38 -11.97 -41.98
C GLY B 677 -44.78 -11.58 -42.42
N GLU B 678 -45.78 -12.41 -42.13
CA GLU B 678 -47.14 -12.14 -42.57
C GLU B 678 -47.76 -11.02 -41.73
N SER B 679 -48.40 -10.07 -42.40
CA SER B 679 -48.83 -8.83 -41.73
C SER B 679 -49.88 -9.11 -40.66
N GLN B 680 -50.86 -9.96 -40.95
CA GLN B 680 -51.89 -10.26 -39.97
C GLN B 680 -51.30 -10.98 -38.75
N GLN B 681 -50.35 -11.88 -38.98
CA GLN B 681 -49.69 -12.54 -37.86
C GLN B 681 -48.90 -11.55 -37.02
N ILE B 682 -48.23 -10.59 -37.68
CA ILE B 682 -47.58 -9.51 -36.95
C ILE B 682 -48.59 -8.75 -36.10
N GLU B 683 -49.76 -8.48 -36.66
CA GLU B 683 -50.80 -7.78 -35.92
C GLU B 683 -51.24 -8.57 -34.70
N ARG B 684 -51.41 -9.88 -34.86
CA ARG B 684 -51.80 -10.72 -33.73
C ARG B 684 -50.74 -10.69 -32.63
N ILE B 685 -49.48 -10.83 -33.02
CA ILE B 685 -48.40 -10.81 -32.03
C ILE B 685 -48.35 -9.48 -31.32
N ILE B 686 -48.48 -8.38 -32.06
CA ILE B 686 -48.36 -7.06 -31.46
C ILE B 686 -49.53 -6.77 -30.54
N GLU B 687 -50.74 -7.20 -30.92
CA GLU B 687 -51.89 -6.95 -30.05
C GLU B 687 -51.81 -7.80 -28.79
N ALA B 688 -51.31 -9.04 -28.89
CA ALA B 688 -51.06 -9.81 -27.69
C ALA B 688 -50.04 -9.12 -26.80
N PHE B 689 -48.99 -8.57 -27.41
CA PHE B 689 -47.98 -7.85 -26.62
C PHE B 689 -48.58 -6.63 -25.93
N SER B 690 -49.46 -5.91 -26.62
CA SER B 690 -50.10 -4.75 -26.02
C SER B 690 -50.96 -5.16 -24.83
N SER B 691 -51.73 -6.24 -24.98
CA SER B 691 -52.53 -6.72 -23.87
C SER B 691 -51.65 -7.11 -22.69
N ALA B 692 -50.54 -7.79 -22.95
CA ALA B 692 -49.64 -8.19 -21.87
C ALA B 692 -49.02 -6.98 -21.18
N TYR B 693 -48.61 -5.99 -21.96
CA TYR B 693 -48.02 -4.79 -21.37
C TYR B 693 -49.02 -4.05 -20.51
N CYS B 694 -50.27 -3.96 -20.96
CA CYS B 694 -51.30 -3.33 -20.14
C CYS B 694 -51.54 -4.11 -18.86
N GLU B 695 -51.57 -5.44 -18.94
CA GLU B 695 -51.90 -6.24 -17.78
C GLU B 695 -50.78 -6.21 -16.73
N ASN B 696 -49.52 -6.39 -17.16
CA ASN B 696 -48.46 -6.65 -16.21
C ASN B 696 -48.16 -5.44 -15.34
N GLN B 697 -48.15 -4.25 -15.92
CA GLN B 697 -47.76 -3.06 -15.18
C GLN B 697 -48.97 -2.42 -14.51
N ASP B 698 -48.75 -1.91 -13.30
CA ASP B 698 -49.82 -1.35 -12.48
C ASP B 698 -49.80 0.18 -12.62
N TYR B 699 -50.55 0.69 -13.59
CA TYR B 699 -50.54 2.15 -13.85
C TYR B 699 -51.71 2.81 -13.10
N ASP B 700 -51.96 2.36 -11.85
CA ASP B 700 -53.02 3.01 -11.04
C ASP B 700 -52.68 4.50 -10.88
N PRO B 701 -51.43 4.89 -10.57
CA PRO B 701 -51.06 6.30 -10.52
C PRO B 701 -50.70 6.79 -11.93
N SER B 702 -51.11 8.02 -12.27
CA SER B 702 -50.83 8.57 -13.62
C SER B 702 -49.98 9.83 -13.51
N LYS B 703 -48.86 9.75 -12.80
CA LYS B 703 -47.98 10.91 -12.68
C LYS B 703 -47.36 11.23 -14.03
N ILE B 704 -47.99 12.12 -14.78
CA ILE B 704 -47.50 12.49 -16.12
C ILE B 704 -46.47 13.59 -15.87
N SER B 705 -45.25 13.15 -15.54
CA SER B 705 -44.18 14.08 -15.18
C SER B 705 -43.33 14.37 -16.42
N ASP B 706 -43.90 15.20 -17.30
CA ASP B 706 -43.19 15.60 -18.50
C ASP B 706 -41.92 16.38 -18.18
N ASN B 707 -41.93 17.13 -17.07
CA ASN B 707 -40.72 17.80 -16.59
C ASN B 707 -39.96 16.92 -15.62
N ALA B 708 -39.69 15.68 -16.05
CA ALA B 708 -38.95 14.71 -15.26
C ALA B 708 -38.46 13.61 -16.18
N GLU B 709 -37.66 12.71 -15.62
CA GLU B 709 -37.10 11.60 -16.39
C GLU B 709 -36.65 10.52 -15.43
N ASP B 710 -36.07 9.47 -15.99
CA ASP B 710 -35.48 8.35 -15.25
C ASP B 710 -36.50 7.58 -14.41
N ASP B 711 -37.78 7.88 -14.55
CA ASP B 711 -38.83 7.19 -13.81
C ASP B 711 -39.62 6.32 -14.79
N ILE B 712 -39.71 5.03 -14.48
CA ILE B 712 -40.43 4.13 -15.38
C ILE B 712 -41.93 4.44 -15.35
N SER B 713 -42.48 4.67 -14.17
CA SER B 713 -43.93 4.81 -14.01
C SER B 713 -44.38 6.26 -14.19
N THR B 714 -44.14 6.78 -15.40
CA THR B 714 -44.62 8.10 -15.75
C THR B 714 -45.13 8.22 -17.18
N VAL B 715 -45.11 7.13 -17.96
CA VAL B 715 -45.54 7.18 -19.34
C VAL B 715 -46.67 6.19 -19.55
N GLN B 716 -47.49 5.99 -18.51
CA GLN B 716 -48.48 4.92 -18.43
C GLN B 716 -49.29 4.80 -19.72
N PRO B 717 -49.04 3.78 -20.52
CA PRO B 717 -49.76 3.63 -21.79
C PRO B 717 -51.03 2.81 -21.66
N ASP B 718 -51.72 2.62 -22.78
CA ASP B 718 -52.85 1.71 -22.86
C ASP B 718 -52.64 0.85 -24.10
N ALA B 719 -53.66 0.10 -24.49
CA ALA B 719 -53.50 -0.92 -25.52
C ALA B 719 -53.07 -0.33 -26.85
N ASP B 720 -53.83 0.67 -27.34
CA ASP B 720 -53.53 1.24 -28.64
C ASP B 720 -52.18 1.96 -28.64
N SER B 721 -51.86 2.66 -27.54
CA SER B 721 -50.58 3.34 -27.45
C SER B 721 -49.43 2.35 -27.54
N VAL B 722 -49.52 1.25 -26.80
CA VAL B 722 -48.48 0.23 -26.86
C VAL B 722 -48.38 -0.36 -28.25
N PHE B 723 -49.53 -0.63 -28.89
CA PHE B 723 -49.50 -1.18 -30.24
C PHE B 723 -48.77 -0.25 -31.19
N ILE B 724 -49.13 1.03 -31.18
CA ILE B 724 -48.52 1.99 -32.09
C ILE B 724 -47.03 2.11 -31.81
N LEU B 725 -46.65 2.21 -30.53
CA LEU B 725 -45.24 2.37 -30.20
C LEU B 725 -44.43 1.15 -30.61
N SER B 726 -44.97 -0.05 -30.36
CA SER B 726 -44.26 -1.27 -30.72
C SER B 726 -44.08 -1.38 -32.23
N TYR B 727 -45.14 -1.08 -32.99
CA TYR B 727 -45.00 -1.14 -34.44
C TYR B 727 -43.97 -0.12 -34.93
N SER B 728 -44.01 1.08 -34.36
CA SER B 728 -43.06 2.11 -34.76
C SER B 728 -41.63 1.70 -34.45
N ILE B 729 -41.39 1.11 -33.28
CA ILE B 729 -40.02 0.74 -32.91
C ILE B 729 -39.54 -0.42 -33.76
N ILE B 730 -40.42 -1.37 -34.10
CA ILE B 730 -40.01 -2.44 -34.99
C ILE B 730 -39.64 -1.87 -36.35
N MET B 731 -40.44 -0.94 -36.87
CA MET B 731 -40.11 -0.29 -38.13
C MET B 731 -38.79 0.46 -38.04
N LEU B 732 -38.55 1.16 -36.93
CA LEU B 732 -37.32 1.91 -36.77
C LEU B 732 -36.12 0.99 -36.74
N ASN B 733 -36.22 -0.14 -36.06
CA ASN B 733 -35.12 -1.10 -36.05
C ASN B 733 -34.85 -1.63 -37.46
N THR B 734 -35.89 -2.12 -38.13
CA THR B 734 -35.68 -2.71 -39.45
C THR B 734 -35.30 -1.68 -40.51
N ASP B 735 -35.50 -0.39 -40.23
CA ASP B 735 -35.08 0.65 -41.16
C ASP B 735 -33.65 1.12 -40.89
N LEU B 736 -33.36 1.47 -39.64
CA LEU B 736 -32.04 1.96 -39.29
C LEU B 736 -30.95 0.90 -39.42
N HIS B 737 -31.31 -0.38 -39.32
CA HIS B 737 -30.32 -1.44 -39.43
C HIS B 737 -30.44 -2.22 -40.74
N ASN B 738 -30.72 -1.51 -41.82
CA ASN B 738 -30.73 -2.12 -43.15
C ASN B 738 -29.50 -1.66 -43.91
N PRO B 739 -28.52 -2.54 -44.16
CA PRO B 739 -27.29 -2.09 -44.84
C PRO B 739 -27.51 -1.54 -46.24
N GLN B 740 -28.46 -2.08 -46.99
CA GLN B 740 -28.74 -1.61 -48.34
C GLN B 740 -29.81 -0.52 -48.35
N VAL B 741 -29.62 0.50 -47.53
CA VAL B 741 -30.57 1.60 -47.39
C VAL B 741 -29.78 2.88 -47.13
N LYS B 742 -30.18 3.96 -47.79
CA LYS B 742 -29.61 5.27 -47.59
C LYS B 742 -30.59 6.16 -46.84
N GLU B 743 -30.09 7.29 -46.33
CA GLU B 743 -30.90 8.29 -45.66
C GLU B 743 -31.63 7.69 -44.45
N HIS B 744 -30.84 7.30 -43.47
CA HIS B 744 -31.38 6.72 -42.24
C HIS B 744 -32.38 7.67 -41.59
N MET B 745 -33.49 7.11 -41.12
CA MET B 745 -34.53 7.92 -40.49
C MET B 745 -33.99 8.60 -39.23
N SER B 746 -34.38 9.85 -39.04
CA SER B 746 -33.87 10.66 -37.94
C SER B 746 -34.83 10.63 -36.75
N PHE B 747 -34.34 11.14 -35.62
CA PHE B 747 -35.15 11.20 -34.40
C PHE B 747 -36.35 12.13 -34.58
N GLU B 748 -36.16 13.27 -35.23
CA GLU B 748 -37.26 14.19 -35.43
C GLU B 748 -38.36 13.56 -36.29
N ASP B 749 -37.96 12.75 -37.26
CA ASP B 749 -38.95 12.03 -38.06
C ASP B 749 -39.75 11.08 -37.18
N TYR B 750 -39.09 10.37 -36.27
CA TYR B 750 -39.79 9.46 -35.37
C TYR B 750 -40.76 10.21 -34.47
N SER B 751 -40.32 11.35 -33.93
CA SER B 751 -41.19 12.14 -33.07
C SER B 751 -42.41 12.66 -33.84
N GLY B 752 -42.19 13.14 -35.06
CA GLY B 752 -43.29 13.64 -35.86
C GLY B 752 -44.27 12.54 -36.23
N ASN B 753 -43.76 11.36 -36.58
CA ASN B 753 -44.64 10.24 -36.92
C ASN B 753 -45.39 9.74 -35.70
N LEU B 754 -44.83 9.90 -34.50
CA LEU B 754 -45.49 9.52 -33.26
C LEU B 754 -46.01 10.74 -32.51
N LYS B 755 -46.55 11.72 -33.23
CA LYS B 755 -46.98 12.97 -32.61
C LYS B 755 -48.11 12.72 -31.60
N GLY B 756 -49.23 12.18 -32.07
CA GLY B 756 -50.38 12.02 -31.20
C GLY B 756 -50.47 10.68 -30.51
N CYS B 757 -49.42 9.88 -30.60
CA CYS B 757 -49.43 8.56 -29.98
C CYS B 757 -49.10 8.68 -28.50
N CYS B 758 -50.13 8.58 -27.65
CA CYS B 758 -50.01 8.72 -26.21
C CYS B 758 -51.37 8.35 -25.64
N ASN B 759 -51.66 8.74 -24.40
CA ASN B 759 -53.06 8.68 -24.01
C ASN B 759 -53.80 9.79 -24.74
N HIS B 760 -53.71 9.74 -26.08
CA HIS B 760 -54.28 10.68 -27.04
C HIS B 760 -53.63 12.06 -27.01
N LYS B 761 -52.70 12.31 -26.10
CA LYS B 761 -52.16 13.66 -26.01
C LYS B 761 -50.83 13.87 -26.75
N ASP B 762 -49.75 13.26 -26.26
CA ASP B 762 -48.42 13.41 -26.85
C ASP B 762 -47.39 12.56 -26.12
N PHE B 763 -46.40 12.03 -26.85
CA PHE B 763 -45.33 11.29 -26.19
C PHE B 763 -44.40 12.24 -25.43
N PRO B 764 -43.82 11.77 -24.34
CA PRO B 764 -42.84 12.59 -23.60
C PRO B 764 -41.54 12.74 -24.40
N PHE B 765 -40.74 13.70 -23.95
CA PHE B 765 -39.46 13.99 -24.60
C PHE B 765 -38.40 12.98 -24.19
N TRP B 766 -38.16 12.86 -22.88
CA TRP B 766 -37.08 12.01 -22.39
C TRP B 766 -37.32 10.54 -22.71
N TYR B 767 -38.56 10.08 -22.58
CA TYR B 767 -38.86 8.68 -22.87
C TYR B 767 -38.58 8.36 -24.33
N LEU B 768 -39.00 9.23 -25.24
CA LEU B 768 -38.76 9.00 -26.66
C LEU B 768 -37.28 9.05 -26.99
N ASP B 769 -36.55 9.99 -26.38
CA ASP B 769 -35.11 10.05 -26.62
C ASP B 769 -34.41 8.79 -26.11
N ARG B 770 -34.82 8.30 -24.94
CA ARG B 770 -34.23 7.06 -24.42
C ARG B 770 -34.52 5.90 -25.35
N ILE B 771 -35.76 5.80 -25.86
CA ILE B 771 -36.10 4.71 -26.76
C ILE B 771 -35.24 4.79 -28.02
N TYR B 772 -35.11 5.99 -28.59
CA TYR B 772 -34.34 6.14 -29.82
C TYR B 772 -32.87 5.80 -29.59
N CYS B 773 -32.29 6.29 -28.49
CA CYS B 773 -30.88 5.99 -28.23
C CYS B 773 -30.67 4.50 -28.00
N SER B 774 -31.57 3.86 -27.26
CA SER B 774 -31.43 2.43 -27.00
C SER B 774 -31.53 1.62 -28.28
N ILE B 775 -32.45 1.98 -29.17
CA ILE B 775 -32.57 1.23 -30.42
C ILE B 775 -31.37 1.51 -31.31
N ARG B 776 -30.81 2.71 -31.24
CA ARG B 776 -29.63 3.00 -32.06
C ARG B 776 -28.41 2.25 -31.56
N ASP B 777 -28.28 2.07 -30.24
CA ASP B 777 -27.08 1.43 -29.70
C ASP B 777 -26.92 0.00 -30.20
N LYS B 778 -28.01 -0.77 -30.23
CA LYS B 778 -27.91 -2.17 -30.58
C LYS B 778 -29.14 -2.60 -31.36
N GLU B 779 -28.93 -3.42 -32.37
CA GLU B 779 -30.03 -3.96 -33.17
C GLU B 779 -30.86 -4.94 -32.34
N ILE B 780 -32.14 -5.05 -32.68
CA ILE B 780 -32.99 -6.05 -32.07
C ILE B 780 -32.55 -7.43 -32.54
N VAL B 781 -32.29 -8.32 -31.59
CA VAL B 781 -31.70 -9.62 -31.89
C VAL B 781 -32.83 -10.61 -32.15
N MET B 782 -33.09 -10.89 -33.42
CA MET B 782 -34.03 -11.90 -33.83
C MET B 782 -33.42 -13.29 -33.66
N PRO B 783 -34.24 -14.31 -33.36
CA PRO B 783 -33.66 -15.61 -32.98
C PRO B 783 -32.97 -16.35 -34.11
N GLU B 784 -33.63 -16.51 -35.25
CA GLU B 784 -33.11 -17.32 -36.34
C GLU B 784 -32.99 -16.49 -37.61
N GLU B 785 -31.87 -16.65 -38.31
CA GLU B 785 -31.61 -15.92 -39.55
C GLU B 785 -31.06 -16.88 -40.62
N HIS B 786 -31.29 -16.53 -41.87
CA HIS B 786 -30.83 -17.33 -43.02
C HIS B 786 -30.34 -16.42 -44.14
N HIS B 787 -29.51 -15.42 -43.79
CA HIS B 787 -29.14 -14.39 -44.76
C HIS B 787 -28.29 -14.95 -45.90
N GLY B 788 -27.24 -15.70 -45.58
CA GLY B 788 -26.31 -16.16 -46.60
C GLY B 788 -25.35 -17.24 -46.14
N ASN B 789 -24.08 -17.15 -46.57
CA ASN B 789 -23.10 -18.19 -46.32
C ASN B 789 -22.27 -17.99 -45.06
N GLU B 790 -21.98 -16.75 -44.68
CA GLU B 790 -21.38 -16.50 -43.38
C GLU B 790 -22.34 -16.80 -42.23
N LYS B 791 -23.59 -17.10 -42.56
CA LYS B 791 -24.60 -17.31 -41.53
C LYS B 791 -24.36 -18.56 -40.73
N TRP B 792 -23.45 -19.46 -41.11
CA TRP B 792 -23.13 -20.55 -40.20
C TRP B 792 -22.61 -20.01 -38.87
N PHE B 793 -21.57 -19.18 -38.92
CA PHE B 793 -21.03 -18.60 -37.69
C PHE B 793 -21.92 -17.48 -37.18
N GLU B 794 -22.51 -16.71 -38.10
CA GLU B 794 -23.40 -15.63 -37.67
C GLU B 794 -24.58 -16.18 -36.88
N ASP B 795 -25.18 -17.28 -37.35
CA ASP B 795 -26.31 -17.88 -36.66
C ASP B 795 -25.86 -18.63 -35.42
N ALA B 796 -24.67 -19.24 -35.45
CA ALA B 796 -24.16 -19.86 -34.23
C ALA B 796 -24.11 -18.84 -33.10
N TRP B 797 -23.49 -17.70 -33.34
CA TRP B 797 -23.43 -16.75 -32.24
C TRP B 797 -24.71 -15.94 -32.10
N ASN B 798 -25.61 -15.98 -33.08
CA ASN B 798 -26.93 -15.38 -32.86
C ASN B 798 -27.75 -16.24 -31.89
N ASN B 799 -27.71 -17.56 -32.06
CA ASN B 799 -28.35 -18.48 -31.13
C ASN B 799 -27.60 -18.60 -29.81
N LEU B 800 -26.38 -18.07 -29.73
CA LEU B 800 -25.77 -17.88 -28.42
C LEU B 800 -25.98 -16.48 -27.85
N ILE B 801 -26.36 -15.50 -28.66
CA ILE B 801 -26.67 -14.15 -28.20
C ILE B 801 -28.18 -14.01 -28.09
N SER B 802 -28.88 -15.13 -28.18
CA SER B 802 -30.31 -15.14 -27.95
C SER B 802 -30.56 -15.02 -26.44
N SER B 803 -31.78 -15.31 -26.00
CA SER B 803 -32.21 -15.02 -24.64
C SER B 803 -31.31 -15.68 -23.60
N THR B 804 -30.31 -16.43 -24.05
CA THR B 804 -29.26 -16.89 -23.14
C THR B 804 -28.49 -15.73 -22.54
N THR B 805 -28.41 -14.59 -23.24
CA THR B 805 -27.65 -13.46 -22.73
C THR B 805 -28.35 -12.11 -22.81
N VAL B 806 -29.48 -12.00 -23.52
CA VAL B 806 -30.13 -10.69 -23.64
C VAL B 806 -30.63 -10.22 -22.28
N ILE B 807 -31.25 -11.11 -21.53
CA ILE B 807 -31.75 -10.81 -20.18
C ILE B 807 -30.92 -11.63 -19.20
N THR B 808 -30.29 -10.95 -18.25
CA THR B 808 -29.43 -11.60 -17.26
C THR B 808 -29.96 -11.27 -15.88
N GLU B 809 -30.41 -12.29 -15.14
CA GLU B 809 -30.81 -12.14 -13.75
C GLU B 809 -29.68 -12.64 -12.86
N ILE B 810 -29.21 -11.78 -11.97
CA ILE B 810 -28.09 -12.13 -11.11
C ILE B 810 -28.55 -13.08 -10.02
N LYS B 811 -27.84 -14.20 -9.88
CA LYS B 811 -28.15 -15.20 -8.86
C LYS B 811 -26.90 -15.54 -8.08
N LYS B 812 -27.10 -15.99 -6.84
CA LYS B 812 -26.01 -16.33 -5.94
C LYS B 812 -25.68 -17.80 -6.10
N ASP B 813 -24.78 -18.11 -7.04
CA ASP B 813 -24.30 -19.47 -7.24
C ASP B 813 -22.98 -19.60 -6.49
N THR B 814 -23.05 -20.07 -5.25
CA THR B 814 -21.87 -20.18 -4.41
C THR B 814 -20.85 -21.16 -5.02
N GLN B 815 -21.32 -22.30 -5.50
CA GLN B 815 -20.46 -23.30 -6.11
C GLN B 815 -21.33 -24.25 -6.91
N SER B 816 -20.71 -25.31 -7.43
CA SER B 816 -21.44 -26.33 -8.16
C SER B 816 -22.30 -27.16 -7.21
N VAL B 817 -23.19 -27.95 -7.80
CA VAL B 817 -24.10 -28.79 -7.03
C VAL B 817 -23.33 -30.02 -6.53
N MET B 818 -22.06 -30.12 -6.90
CA MET B 818 -21.23 -31.23 -6.44
C MET B 818 -21.11 -31.23 -4.92
N ASP B 819 -20.90 -30.06 -4.31
CA ASP B 819 -20.81 -29.96 -2.87
C ASP B 819 -22.13 -30.25 -2.16
N LYS B 820 -23.25 -30.24 -2.88
CA LYS B 820 -24.56 -30.50 -2.31
C LYS B 820 -24.98 -31.96 -2.44
N LEU B 821 -24.11 -32.81 -2.99
CA LEU B 821 -24.43 -34.22 -3.23
C LEU B 821 -23.49 -35.10 -2.44
N THR B 822 -24.05 -36.13 -1.81
CA THR B 822 -23.27 -37.09 -1.05
C THR B 822 -22.43 -37.93 -2.00
N PRO B 823 -21.50 -38.74 -1.49
CA PRO B 823 -20.74 -39.62 -2.38
C PRO B 823 -21.61 -40.56 -3.19
N LEU B 824 -22.81 -40.91 -2.70
CA LEU B 824 -23.65 -41.87 -3.41
C LEU B 824 -24.06 -41.34 -4.78
N GLU B 825 -24.42 -40.06 -4.86
CA GLU B 825 -24.82 -39.50 -6.15
C GLU B 825 -23.66 -39.52 -7.14
N LEU B 826 -22.46 -39.16 -6.68
CA LEU B 826 -21.30 -39.21 -7.57
C LEU B 826 -21.00 -40.63 -8.01
N LEU B 827 -21.20 -41.60 -7.11
CA LEU B 827 -21.04 -43.00 -7.51
C LEU B 827 -22.06 -43.39 -8.57
N ASN B 828 -23.29 -42.91 -8.44
CA ASN B 828 -24.30 -43.19 -9.48
C ASN B 828 -23.88 -42.60 -10.82
N PHE B 829 -23.38 -41.36 -10.80
CA PHE B 829 -22.92 -40.74 -12.03
C PHE B 829 -21.74 -41.50 -12.63
N ASP B 830 -20.83 -41.98 -11.78
CA ASP B 830 -19.73 -42.79 -12.26
C ASP B 830 -20.22 -44.08 -12.89
N ARG B 831 -21.23 -44.71 -12.28
CA ARG B 831 -21.83 -45.90 -12.86
C ARG B 831 -22.37 -45.61 -14.25
N ALA B 832 -23.07 -44.48 -14.40
CA ALA B 832 -23.62 -44.12 -15.70
C ALA B 832 -22.52 -43.88 -16.72
N ILE B 833 -21.48 -43.13 -16.35
CA ILE B 833 -20.44 -42.79 -17.30
C ILE B 833 -19.68 -44.04 -17.72
N PHE B 834 -19.45 -44.96 -16.79
CA PHE B 834 -18.83 -46.22 -17.15
C PHE B 834 -19.75 -47.03 -18.06
N LYS B 835 -21.04 -47.10 -17.74
CA LYS B 835 -21.97 -47.82 -18.59
C LYS B 835 -21.93 -47.29 -20.01
N GLN B 836 -21.62 -46.01 -20.19
CA GLN B 836 -21.55 -45.49 -21.54
C GLN B 836 -20.19 -45.67 -22.22
N VAL B 837 -19.09 -45.55 -21.48
CA VAL B 837 -17.78 -45.41 -22.11
C VAL B 837 -16.81 -46.54 -21.76
N GLY B 838 -17.22 -47.54 -21.00
CA GLY B 838 -16.32 -48.54 -20.50
C GLY B 838 -15.63 -49.39 -21.55
N PRO B 839 -16.40 -49.97 -22.47
CA PRO B 839 -15.76 -50.76 -23.52
C PRO B 839 -14.73 -49.98 -24.32
N SER B 840 -14.99 -48.71 -24.61
CA SER B 840 -14.04 -47.92 -25.37
C SER B 840 -12.74 -47.72 -24.60
N ILE B 841 -12.85 -47.36 -23.32
CA ILE B 841 -11.65 -47.16 -22.51
C ILE B 841 -10.86 -48.46 -22.40
N VAL B 842 -11.56 -49.57 -22.18
CA VAL B 842 -10.87 -50.85 -22.04
C VAL B 842 -10.17 -51.21 -23.35
N SER B 843 -10.85 -51.03 -24.48
CA SER B 843 -10.25 -51.39 -25.76
C SER B 843 -9.01 -50.54 -26.03
N THR B 844 -9.10 -49.23 -25.80
CA THR B 844 -7.94 -48.39 -26.10
C THR B 844 -6.78 -48.68 -25.15
N LEU B 845 -7.08 -48.93 -23.87
CA LEU B 845 -6.01 -49.27 -22.94
C LEU B 845 -5.34 -50.58 -23.35
N PHE B 846 -6.12 -51.57 -23.76
CA PHE B 846 -5.54 -52.84 -24.14
C PHE B 846 -4.71 -52.71 -25.42
N ASN B 847 -5.18 -51.89 -26.37
CA ASN B 847 -4.39 -51.67 -27.57
C ASN B 847 -3.05 -51.03 -27.24
N ILE B 848 -3.08 -49.95 -26.46
CA ILE B 848 -1.82 -49.26 -26.14
C ILE B 848 -0.93 -50.16 -25.30
N TYR B 849 -1.51 -51.07 -24.52
CA TYR B 849 -0.70 -51.99 -23.74
C TYR B 849 -0.04 -53.04 -24.62
N VAL B 850 -0.78 -53.63 -25.56
CA VAL B 850 -0.19 -54.66 -26.40
C VAL B 850 0.88 -54.05 -27.30
N VAL B 851 0.70 -52.82 -27.76
CA VAL B 851 1.73 -52.20 -28.59
C VAL B 851 2.80 -51.52 -27.74
N ALA B 852 2.64 -51.47 -26.43
CA ALA B 852 3.60 -50.78 -25.58
C ALA B 852 4.97 -51.44 -25.64
N SER B 853 6.02 -50.63 -25.51
CA SER B 853 7.38 -51.11 -25.49
C SER B 853 8.11 -50.83 -24.19
N ASP B 854 7.99 -49.63 -23.63
CA ASP B 854 8.66 -49.31 -22.38
C ASP B 854 8.04 -50.09 -21.23
N ASP B 855 8.90 -50.55 -20.32
CA ASP B 855 8.41 -51.30 -19.16
C ASP B 855 7.55 -50.42 -18.25
N HIS B 856 7.96 -49.18 -18.03
CA HIS B 856 7.24 -48.32 -17.09
C HIS B 856 5.84 -48.00 -17.60
N ILE B 857 5.71 -47.66 -18.89
CA ILE B 857 4.38 -47.39 -19.42
C ILE B 857 3.54 -48.65 -19.39
N SER B 858 4.17 -49.82 -19.60
CA SER B 858 3.43 -51.07 -19.56
C SER B 858 2.86 -51.34 -18.17
N THR B 859 3.68 -51.15 -17.13
CA THR B 859 3.18 -51.41 -15.79
C THR B 859 2.16 -50.35 -15.37
N ARG B 860 2.32 -49.11 -15.82
CA ARG B 860 1.31 -48.10 -15.55
C ARG B 860 -0.03 -48.48 -16.20
N MET B 861 0.01 -48.94 -17.44
CA MET B 861 -1.23 -49.35 -18.11
C MET B 861 -1.85 -50.55 -17.42
N ILE B 862 -1.03 -51.52 -17.00
CA ILE B 862 -1.60 -52.71 -16.40
C ILE B 862 -2.19 -52.40 -15.02
N THR B 863 -1.57 -51.49 -14.25
CA THR B 863 -2.18 -51.14 -12.97
C THR B 863 -3.44 -50.32 -13.17
N SER B 864 -3.48 -49.49 -14.22
CA SER B 864 -4.72 -48.81 -14.56
C SER B 864 -5.80 -49.82 -14.91
N LEU B 865 -5.45 -50.88 -15.65
CA LEU B 865 -6.42 -51.91 -15.99
C LEU B 865 -6.89 -52.65 -14.74
N ASP B 866 -5.99 -52.87 -13.79
CA ASP B 866 -6.39 -53.52 -12.54
C ASP B 866 -7.40 -52.67 -11.78
N LYS B 867 -7.13 -51.37 -11.67
CA LYS B 867 -8.09 -50.49 -11.00
C LYS B 867 -9.40 -50.43 -11.77
N CYS B 868 -9.34 -50.44 -13.09
CA CYS B 868 -10.55 -50.46 -13.91
C CYS B 868 -11.33 -51.75 -13.67
N SER B 869 -10.64 -52.87 -13.51
CA SER B 869 -11.31 -54.13 -13.21
C SER B 869 -12.01 -54.07 -11.86
N TYR B 870 -11.35 -53.49 -10.86
CA TYR B 870 -12.01 -53.30 -9.57
C TYR B 870 -13.25 -52.43 -9.71
N ILE B 871 -13.14 -51.34 -10.48
CA ILE B 871 -14.27 -50.46 -10.69
C ILE B 871 -15.41 -51.22 -11.37
N SER B 872 -15.10 -52.00 -12.39
CA SER B 872 -16.13 -52.75 -13.09
C SER B 872 -16.78 -53.78 -12.17
N ALA B 873 -15.99 -54.42 -11.31
CA ALA B 873 -16.55 -55.36 -10.35
C ALA B 873 -17.50 -54.66 -9.39
N PHE B 874 -17.18 -53.43 -8.99
CA PHE B 874 -18.05 -52.72 -8.05
C PHE B 874 -19.41 -52.38 -8.64
N PHE B 875 -19.50 -52.15 -9.95
CA PHE B 875 -20.74 -51.73 -10.60
C PHE B 875 -21.35 -52.84 -11.45
N ASP B 876 -21.30 -54.08 -10.94
CA ASP B 876 -21.73 -55.26 -11.70
C ASP B 876 -21.02 -55.33 -13.04
N PHE B 877 -21.67 -54.89 -14.11
CA PHE B 877 -21.06 -54.81 -15.44
C PHE B 877 -20.46 -56.15 -15.87
N LYS B 878 -21.25 -57.21 -15.74
CA LYS B 878 -20.76 -58.57 -16.00
C LYS B 878 -20.11 -58.66 -17.38
N ASP B 879 -20.72 -58.03 -18.37
CA ASP B 879 -20.14 -58.04 -19.72
C ASP B 879 -18.75 -57.42 -19.74
N LEU B 880 -18.61 -56.22 -19.17
CA LEU B 880 -17.32 -55.53 -19.19
C LEU B 880 -16.28 -56.27 -18.35
N PHE B 881 -16.69 -56.78 -17.18
CA PHE B 881 -15.77 -57.54 -16.34
C PHE B 881 -15.26 -58.77 -17.06
N ASN B 882 -16.18 -59.53 -17.68
CA ASN B 882 -15.77 -60.72 -18.41
C ASN B 882 -14.85 -60.37 -19.57
N ASP B 883 -15.16 -59.29 -20.29
CA ASP B 883 -14.30 -58.89 -21.39
C ASP B 883 -12.90 -58.56 -20.91
N ILE B 884 -12.79 -57.79 -19.82
CA ILE B 884 -11.49 -57.39 -19.30
C ILE B 884 -10.68 -58.62 -18.89
N LEU B 885 -11.29 -59.49 -18.09
CA LEU B 885 -10.53 -60.61 -17.56
C LEU B 885 -10.19 -61.63 -18.64
N ASN B 886 -11.11 -61.88 -19.58
CA ASN B 886 -10.79 -62.77 -20.68
C ASN B 886 -9.68 -62.21 -21.54
N SER B 887 -9.69 -60.90 -21.78
CA SER B 887 -8.63 -60.28 -22.57
C SER B 887 -7.29 -60.44 -21.87
N ILE B 888 -7.24 -60.22 -20.56
CA ILE B 888 -5.96 -60.33 -19.86
C ILE B 888 -5.50 -61.78 -19.82
N ALA B 889 -6.43 -62.72 -19.68
CA ALA B 889 -6.06 -64.14 -19.69
C ALA B 889 -5.52 -64.56 -21.04
N LYS B 890 -6.12 -64.08 -22.13
CA LYS B 890 -5.60 -64.38 -23.45
C LYS B 890 -4.24 -63.74 -23.66
N GLY B 891 -4.07 -62.51 -23.18
CA GLY B 891 -2.83 -61.79 -23.38
C GLY B 891 -1.68 -62.23 -22.51
N THR B 892 -1.92 -63.02 -21.47
CA THR B 892 -0.79 -63.50 -20.68
C THR B 892 0.01 -64.60 -21.38
N THR B 893 -0.25 -64.83 -22.67
CA THR B 893 0.45 -65.76 -23.55
C THR B 893 0.81 -67.09 -22.87
N LEU B 894 -0.07 -67.58 -22.01
CA LEU B 894 0.07 -68.92 -21.44
C LEU B 894 -0.81 -69.95 -22.14
N ILE B 895 -2.06 -69.61 -22.44
CA ILE B 895 -2.90 -70.48 -23.22
C ILE B 895 -2.36 -70.60 -24.64
N ASN B 896 -2.49 -71.79 -25.22
CA ASN B 896 -2.01 -72.00 -26.59
C ASN B 896 -2.81 -71.18 -27.59
N SER B 897 -4.11 -71.07 -27.33
CA SER B 897 -5.02 -70.33 -28.26
C SER B 897 -4.98 -70.97 -29.65
N SER B 898 -5.28 -70.20 -30.68
CA SER B 898 -5.30 -70.68 -32.06
C SER B 898 -6.26 -71.84 -32.25
N TYR B 910 8.91 -75.18 -38.83
CA TYR B 910 8.35 -76.08 -37.84
C TYR B 910 8.39 -75.46 -36.45
N GLY B 911 7.56 -75.98 -35.55
CA GLY B 911 7.50 -75.48 -34.20
C GLY B 911 7.71 -76.53 -33.12
N PRO B 912 8.70 -77.41 -33.29
CA PRO B 912 8.80 -78.57 -32.39
C PRO B 912 9.06 -78.15 -30.95
N MET B 913 8.47 -78.91 -30.02
CA MET B 913 8.58 -78.61 -28.60
C MET B 913 9.07 -79.83 -27.83
N PRO B 914 10.34 -79.87 -27.40
CA PRO B 914 10.79 -80.96 -26.52
C PRO B 914 10.52 -80.64 -25.06
N LEU B 915 10.99 -81.50 -24.15
CA LEU B 915 10.86 -81.23 -22.73
C LEU B 915 12.08 -81.75 -22.00
N VAL B 916 12.69 -80.91 -21.16
CA VAL B 916 13.86 -81.29 -20.37
C VAL B 916 13.65 -80.81 -18.93
N GLN B 917 14.50 -81.30 -18.04
CA GLN B 917 14.50 -80.87 -16.64
C GLN B 917 15.88 -81.16 -16.05
N ILE B 918 16.14 -80.57 -14.89
CA ILE B 918 17.41 -80.74 -14.21
C ILE B 918 17.19 -80.51 -12.72
N LYS B 919 18.14 -80.99 -11.90
CA LYS B 919 18.03 -80.90 -10.45
C LYS B 919 19.06 -79.99 -9.81
N PHE B 920 20.11 -79.59 -10.53
CA PHE B 920 21.12 -78.65 -10.03
C PHE B 920 21.75 -79.16 -8.73
N GLU B 921 22.50 -80.24 -8.88
CA GLU B 921 23.12 -80.92 -7.74
C GLU B 921 24.11 -80.01 -7.03
N ASP B 922 24.68 -80.53 -5.94
CA ASP B 922 25.45 -79.84 -4.91
C ASP B 922 24.51 -79.07 -3.99
N THR B 923 23.21 -79.24 -4.16
CA THR B 923 22.16 -78.64 -3.33
C THR B 923 20.86 -79.34 -3.69
N ASN B 924 19.75 -78.76 -3.24
CA ASN B 924 18.42 -79.26 -3.59
C ASN B 924 17.73 -78.23 -4.47
N THR B 925 17.40 -78.61 -5.69
CA THR B 925 16.73 -77.73 -6.63
C THR B 925 15.95 -78.58 -7.62
N GLU B 926 14.98 -77.96 -8.29
CA GLU B 926 14.19 -78.65 -9.31
C GLU B 926 13.71 -77.59 -10.30
N ILE B 927 14.40 -77.49 -11.43
CA ILE B 927 14.12 -76.46 -12.42
C ILE B 927 13.83 -77.11 -13.77
N PRO B 928 12.57 -77.15 -14.22
CA PRO B 928 12.27 -77.62 -15.57
C PRO B 928 12.36 -76.48 -16.57
N VAL B 929 12.31 -76.85 -17.85
CA VAL B 929 12.40 -75.85 -18.92
C VAL B 929 11.19 -75.94 -19.85
N SER B 930 11.01 -77.08 -20.52
CA SER B 930 10.00 -77.24 -21.56
C SER B 930 10.08 -76.08 -22.55
N THR B 931 8.93 -75.58 -22.99
CA THR B 931 8.87 -74.39 -23.82
C THR B 931 8.01 -73.29 -23.23
N ASP B 932 6.94 -73.64 -22.51
CA ASP B 932 6.11 -72.63 -21.88
C ASP B 932 6.91 -71.81 -20.89
N ALA B 933 7.77 -72.47 -20.11
CA ALA B 933 8.54 -71.74 -19.10
C ALA B 933 9.52 -70.76 -19.75
N VAL B 934 10.20 -71.16 -20.83
CA VAL B 934 11.15 -70.25 -21.45
C VAL B 934 10.43 -69.09 -22.13
N ARG B 935 9.28 -69.37 -22.77
CA ARG B 935 8.47 -68.29 -23.30
C ARG B 935 8.05 -67.32 -22.21
N PHE B 936 7.66 -67.86 -21.04
CA PHE B 936 7.26 -67.00 -19.93
C PHE B 936 8.43 -66.17 -19.44
N GLY B 937 9.61 -66.77 -19.35
CA GLY B 937 10.77 -66.05 -18.87
C GLY B 937 11.17 -64.90 -19.79
N ARG B 938 11.08 -65.13 -21.10
CA ARG B 938 11.45 -64.08 -22.05
C ARG B 938 10.54 -62.86 -21.91
N SER B 939 9.24 -63.07 -21.75
CA SER B 939 8.26 -61.99 -21.83
C SER B 939 8.03 -61.39 -20.45
N PHE B 940 8.66 -60.24 -20.21
CA PHE B 940 8.42 -59.50 -18.97
C PHE B 940 6.99 -59.00 -18.90
N LYS B 941 6.46 -58.51 -20.02
CA LYS B 941 5.06 -58.11 -20.08
C LYS B 941 4.17 -59.26 -19.64
N GLY B 942 4.50 -60.48 -20.07
CA GLY B 942 3.72 -61.63 -19.66
C GLY B 942 3.83 -61.93 -18.18
N GLN B 943 5.02 -61.73 -17.60
CA GLN B 943 5.17 -61.93 -16.16
C GLN B 943 4.29 -60.96 -15.39
N LEU B 944 4.32 -59.68 -15.77
CA LEU B 944 3.45 -58.71 -15.13
C LEU B 944 1.99 -59.05 -15.37
N ASN B 945 1.66 -59.55 -16.56
CA ASN B 945 0.29 -59.95 -16.87
C ASN B 945 -0.18 -61.03 -15.90
N THR B 946 0.65 -62.06 -15.71
CA THR B 946 0.30 -63.13 -14.78
C THR B 946 0.09 -62.58 -13.37
N VAL B 947 1.04 -61.77 -12.90
CA VAL B 947 0.96 -61.28 -11.52
C VAL B 947 -0.29 -60.45 -11.33
N VAL B 948 -0.58 -59.55 -12.25
CA VAL B 948 -1.74 -58.67 -12.12
C VAL B 948 -3.02 -59.48 -12.21
N PHE B 949 -3.08 -60.45 -13.12
CA PHE B 949 -4.27 -61.28 -13.26
C PHE B 949 -4.55 -62.05 -11.98
N PHE B 950 -3.52 -62.65 -11.40
CA PHE B 950 -3.69 -63.39 -10.15
C PHE B 950 -4.10 -62.45 -9.02
N ARG B 951 -3.53 -61.24 -8.97
CA ARG B 951 -3.91 -60.28 -7.95
C ARG B 951 -5.39 -59.92 -8.07
N ILE B 952 -5.85 -59.67 -9.31
CA ILE B 952 -7.23 -59.30 -9.52
C ILE B 952 -8.16 -60.43 -9.09
N ILE B 953 -7.86 -61.66 -9.53
CA ILE B 953 -8.77 -62.75 -9.20
C ILE B 953 -8.77 -63.05 -7.71
N ARG B 954 -7.61 -62.92 -7.05
CA ARG B 954 -7.57 -63.11 -5.61
C ARG B 954 -8.38 -62.05 -4.88
N ARG B 955 -8.28 -60.79 -5.32
CA ARG B 955 -8.93 -59.68 -4.64
C ARG B 955 -10.45 -59.76 -4.71
N ASN B 956 -11.00 -60.62 -5.54
CA ASN B 956 -12.45 -60.65 -5.77
C ASN B 956 -13.18 -61.09 -4.51
N LYS B 957 -14.39 -60.55 -4.32
CA LYS B 957 -15.26 -60.89 -3.20
C LYS B 957 -16.54 -61.58 -3.62
N ASP B 958 -17.11 -61.21 -4.76
CA ASP B 958 -18.35 -61.80 -5.25
C ASP B 958 -18.05 -62.68 -6.46
N PRO B 959 -18.17 -64.00 -6.36
CA PRO B 959 -17.83 -64.87 -7.49
C PRO B 959 -18.91 -64.94 -8.57
N LYS B 960 -20.02 -64.24 -8.40
CA LYS B 960 -21.11 -64.35 -9.36
C LYS B 960 -20.79 -63.63 -10.66
N ILE B 961 -19.99 -62.57 -10.60
CA ILE B 961 -19.71 -61.73 -11.77
C ILE B 961 -18.50 -62.34 -12.47
N PHE B 962 -18.77 -63.37 -13.26
CA PHE B 962 -17.75 -64.07 -14.03
C PHE B 962 -18.40 -64.57 -15.31
N SER B 963 -17.75 -65.52 -15.98
CA SER B 963 -18.32 -66.12 -17.17
C SER B 963 -17.77 -67.53 -17.33
N LYS B 964 -18.48 -68.33 -18.13
CA LYS B 964 -17.99 -69.66 -18.47
C LYS B 964 -16.60 -69.58 -19.08
N GLU B 965 -16.38 -68.62 -19.97
CA GLU B 965 -15.06 -68.46 -20.57
C GLU B 965 -14.02 -68.10 -19.53
N LEU B 966 -14.40 -67.30 -18.53
CA LEU B 966 -13.44 -66.90 -17.51
C LEU B 966 -12.98 -68.09 -16.68
N TRP B 967 -13.92 -68.88 -16.19
CA TRP B 967 -13.57 -70.06 -15.40
C TRP B 967 -12.79 -71.06 -16.24
N LEU B 968 -13.19 -71.25 -17.49
CA LEU B 968 -12.47 -72.16 -18.38
C LEU B 968 -11.03 -71.68 -18.58
N ASN B 969 -10.84 -70.36 -18.74
CA ASN B 969 -9.51 -69.82 -18.95
C ASN B 969 -8.64 -70.02 -17.72
N ILE B 970 -9.18 -69.76 -16.53
CA ILE B 970 -8.35 -69.91 -15.34
C ILE B 970 -8.02 -71.37 -15.09
N VAL B 971 -8.98 -72.27 -15.36
CA VAL B 971 -8.71 -73.69 -15.19
C VAL B 971 -7.65 -74.15 -16.17
N ASN B 972 -7.73 -73.68 -17.42
CA ASN B 972 -6.68 -73.98 -18.39
C ASN B 972 -5.33 -73.44 -17.92
N ILE B 973 -5.34 -72.27 -17.28
CA ILE B 973 -4.10 -71.70 -16.76
C ILE B 973 -3.48 -72.65 -15.73
N ILE B 974 -4.30 -73.15 -14.80
CA ILE B 974 -3.77 -74.03 -13.77
C ILE B 974 -3.31 -75.35 -14.36
N LEU B 975 -4.08 -75.88 -15.32
CA LEU B 975 -3.67 -77.13 -15.97
C LEU B 975 -2.35 -76.97 -16.70
N THR B 976 -2.17 -75.86 -17.41
CA THR B 976 -0.91 -75.61 -18.11
C THR B 976 0.24 -75.43 -17.13
N LEU B 977 0.03 -74.69 -16.05
CA LEU B 977 1.09 -74.51 -15.07
C LEU B 977 1.43 -75.84 -14.38
N TYR B 978 0.48 -76.77 -14.34
CA TYR B 978 0.78 -78.08 -13.76
C TYR B 978 1.26 -79.07 -14.82
N GLU B 979 1.20 -78.70 -16.10
CA GLU B 979 1.70 -79.57 -17.16
C GLU B 979 3.16 -79.90 -16.91
N ASP B 980 3.94 -78.88 -16.55
CA ASP B 980 5.31 -79.06 -16.09
C ASP B 980 5.38 -78.60 -14.64
N LEU B 981 6.47 -78.97 -13.97
CA LEU B 981 6.60 -78.72 -12.54
C LEU B 981 6.85 -77.24 -12.32
N ILE B 982 5.76 -76.47 -12.37
CA ILE B 982 5.81 -75.03 -12.15
C ILE B 982 4.77 -74.63 -11.12
N LEU B 983 3.94 -75.59 -10.71
CA LEU B 983 2.92 -75.38 -9.70
C LEU B 983 2.99 -76.59 -8.77
N SER B 984 2.92 -76.33 -7.48
CA SER B 984 2.94 -77.39 -6.49
C SER B 984 1.56 -78.07 -6.43
N PRO B 985 1.48 -79.38 -6.69
CA PRO B 985 0.18 -80.08 -6.69
C PRO B 985 -0.27 -80.53 -5.31
N ASP B 986 -0.25 -79.62 -4.34
CA ASP B 986 -0.64 -79.90 -2.96
C ASP B 986 -1.57 -78.83 -2.45
N ILE B 987 -2.60 -78.51 -3.24
CA ILE B 987 -3.42 -77.33 -2.97
C ILE B 987 -4.13 -77.45 -1.63
N PHE B 988 -4.54 -78.66 -1.25
CA PHE B 988 -5.20 -78.89 0.03
C PHE B 988 -4.54 -80.04 0.77
N PRO B 989 -3.41 -79.80 1.45
CA PRO B 989 -2.76 -80.87 2.20
C PRO B 989 -3.59 -81.42 3.35
N ASP B 990 -4.52 -80.63 3.88
CA ASP B 990 -5.33 -81.11 5.00
C ASP B 990 -6.18 -82.30 4.59
N LEU B 991 -6.75 -82.27 3.39
CA LEU B 991 -7.49 -83.44 2.91
C LEU B 991 -6.58 -84.62 2.69
N GLN B 992 -5.36 -84.38 2.20
CA GLN B 992 -4.44 -85.48 1.96
C GLN B 992 -4.07 -86.17 3.28
N LYS B 993 -3.83 -85.39 4.33
CA LYS B 993 -3.46 -85.99 5.62
C LYS B 993 -4.67 -86.59 6.33
N ARG B 994 -5.84 -85.96 6.18
CA ARG B 994 -7.03 -86.45 6.87
C ARG B 994 -7.40 -87.85 6.42
N LEU B 995 -7.29 -88.12 5.12
CA LEU B 995 -7.60 -89.43 4.57
C LEU B 995 -6.41 -90.37 4.56
N LYS B 996 -5.28 -89.94 5.12
CA LYS B 996 -4.06 -90.74 5.17
C LYS B 996 -3.61 -91.14 3.76
N LEU B 997 -3.25 -90.13 2.98
CA LEU B 997 -2.76 -90.30 1.63
C LEU B 997 -1.37 -89.67 1.50
N SER B 998 -0.54 -90.26 0.65
CA SER B 998 0.76 -89.68 0.35
C SER B 998 0.59 -88.55 -0.67
N ASN B 999 1.70 -87.87 -0.96
CA ASN B 999 1.69 -86.80 -1.95
C ASN B 999 1.29 -87.37 -3.31
N LEU B 1000 0.46 -86.63 -4.03
CA LEU B 1000 0.03 -87.04 -5.35
C LEU B 1000 1.26 -87.11 -6.27
N PRO B 1001 1.53 -88.25 -6.90
CA PRO B 1001 2.76 -88.39 -7.67
C PRO B 1001 2.87 -87.32 -8.75
N LYS B 1002 3.92 -86.52 -8.65
CA LYS B 1002 4.14 -85.46 -9.63
C LYS B 1002 4.39 -86.06 -11.01
N PRO B 1003 3.95 -85.39 -12.08
CA PRO B 1003 4.19 -85.90 -13.42
C PRO B 1003 5.67 -86.04 -13.72
N SER B 1004 6.01 -87.07 -14.47
CA SER B 1004 7.40 -87.33 -14.78
C SER B 1004 7.85 -86.49 -15.97
N PRO B 1005 9.14 -86.21 -16.09
CA PRO B 1005 9.68 -85.55 -17.27
C PRO B 1005 10.15 -86.55 -18.32
N GLU B 1006 10.24 -86.06 -19.56
CA GLU B 1006 10.69 -86.89 -20.67
C GLU B 1006 12.15 -87.31 -20.48
N ILE B 1007 13.05 -86.34 -20.46
CA ILE B 1007 14.48 -86.59 -20.32
C ILE B 1007 14.89 -86.17 -18.91
N SER B 1008 15.39 -87.14 -18.14
CA SER B 1008 15.85 -86.89 -16.78
C SER B 1008 17.38 -86.76 -16.81
N ILE B 1009 17.85 -85.53 -16.98
CA ILE B 1009 19.27 -85.23 -16.98
C ILE B 1009 19.57 -84.32 -15.80
N ASN B 1010 20.59 -84.68 -15.02
CA ASN B 1010 20.93 -83.97 -13.80
C ASN B 1010 22.44 -83.99 -13.66
N LYS B 1011 23.08 -82.84 -13.85
CA LYS B 1011 24.53 -82.77 -13.81
C LYS B 1011 25.01 -82.75 -12.36
N SER B 1012 26.28 -82.42 -12.17
CA SER B 1012 26.91 -82.44 -10.85
C SER B 1012 27.89 -81.28 -10.81
N LYS B 1013 28.83 -81.33 -9.87
CA LYS B 1013 29.80 -80.27 -9.64
C LYS B 1013 29.09 -79.00 -9.18
N TYR B 1025 31.40 -86.04 -22.29
CA TYR B 1025 31.20 -85.71 -23.68
C TYR B 1025 29.73 -85.56 -24.02
N LEU B 1026 29.27 -86.34 -25.00
CA LEU B 1026 27.93 -86.20 -25.58
C LEU B 1026 27.71 -84.74 -26.01
N LYS B 1027 28.58 -84.28 -26.89
CA LYS B 1027 28.57 -82.88 -27.31
C LYS B 1027 27.27 -82.54 -28.03
N GLY B 1028 26.79 -81.34 -27.78
CA GLY B 1028 25.57 -80.87 -28.42
C GLY B 1028 24.71 -80.08 -27.47
N ASP B 1029 23.39 -80.32 -27.52
CA ASP B 1029 22.43 -79.66 -26.64
C ASP B 1029 21.57 -80.75 -26.00
N GLU B 1030 22.07 -81.33 -24.91
CA GLU B 1030 21.31 -82.32 -24.15
C GLU B 1030 20.54 -81.64 -23.03
N GLU B 1031 21.27 -81.02 -22.12
CA GLU B 1031 20.69 -80.11 -21.16
C GLU B 1031 20.57 -78.72 -21.79
N PRO B 1032 19.58 -77.94 -21.37
CA PRO B 1032 19.42 -76.60 -21.95
C PRO B 1032 20.66 -75.74 -21.75
N THR B 1033 20.97 -74.93 -22.75
CA THR B 1033 22.16 -74.09 -22.67
C THR B 1033 21.93 -72.95 -21.69
N GLU B 1034 22.92 -72.05 -21.61
CA GLU B 1034 22.97 -71.09 -20.52
C GLU B 1034 21.75 -70.17 -20.52
N GLU B 1035 21.37 -69.68 -21.69
CA GLU B 1035 20.22 -68.77 -21.73
C GLU B 1035 18.95 -69.48 -21.31
N GLU B 1036 18.77 -70.73 -21.75
CA GLU B 1036 17.56 -71.46 -21.38
C GLU B 1036 17.51 -71.73 -19.89
N ILE B 1037 18.64 -72.13 -19.29
CA ILE B 1037 18.62 -72.45 -17.87
C ILE B 1037 18.42 -71.18 -17.04
N LYS B 1038 19.03 -70.07 -17.45
CA LYS B 1038 18.79 -68.84 -16.71
C LYS B 1038 17.36 -68.36 -16.86
N SER B 1039 16.77 -68.52 -18.04
CA SER B 1039 15.36 -68.18 -18.22
C SER B 1039 14.48 -69.08 -17.37
N SER B 1040 14.82 -70.36 -17.27
CA SER B 1040 14.05 -71.26 -16.42
C SER B 1040 14.14 -70.84 -14.96
N LYS B 1041 15.33 -70.46 -14.50
CA LYS B 1041 15.48 -70.02 -13.13
C LYS B 1041 14.64 -68.77 -12.86
N LYS B 1042 14.70 -67.80 -13.78
CA LYS B 1042 13.89 -66.61 -13.59
C LYS B 1042 12.40 -66.93 -13.65
N ALA B 1043 12.00 -67.89 -14.49
CA ALA B 1043 10.61 -68.29 -14.55
C ALA B 1043 10.16 -68.92 -13.24
N MET B 1044 11.01 -69.76 -12.65
CA MET B 1044 10.68 -70.36 -11.37
C MET B 1044 10.56 -69.29 -10.30
N GLU B 1045 11.46 -68.31 -10.30
CA GLU B 1045 11.37 -67.22 -9.34
C GLU B 1045 10.05 -66.47 -9.49
N CYS B 1046 9.67 -66.14 -10.72
CA CYS B 1046 8.44 -65.40 -10.96
C CYS B 1046 7.22 -66.20 -10.55
N ILE B 1047 7.19 -67.50 -10.91
CA ILE B 1047 6.00 -68.30 -10.62
C ILE B 1047 5.87 -68.55 -9.12
N LYS B 1048 7.00 -68.70 -8.42
CA LYS B 1048 6.93 -68.82 -6.97
C LYS B 1048 6.45 -67.52 -6.33
N SER B 1049 6.92 -66.39 -6.85
CA SER B 1049 6.46 -65.10 -6.33
C SER B 1049 5.02 -64.81 -6.71
N SER B 1050 4.45 -65.54 -7.67
CA SER B 1050 3.12 -65.27 -8.19
C SER B 1050 2.00 -65.75 -7.28
N ASN B 1051 2.30 -66.63 -6.32
CA ASN B 1051 1.34 -67.21 -5.38
C ASN B 1051 0.02 -67.58 -6.05
N ILE B 1052 0.06 -68.48 -7.03
CA ILE B 1052 -1.15 -68.86 -7.74
C ILE B 1052 -2.08 -69.68 -6.86
N ALA B 1053 -1.52 -70.59 -6.05
CA ALA B 1053 -2.36 -71.51 -5.29
C ALA B 1053 -3.23 -70.78 -4.28
N ALA B 1054 -2.63 -69.93 -3.45
CA ALA B 1054 -3.39 -69.19 -2.46
C ALA B 1054 -4.35 -68.19 -3.10
N SER B 1055 -4.16 -67.89 -4.37
CA SER B 1055 -5.02 -66.93 -5.07
C SER B 1055 -6.26 -67.60 -5.64
N VAL B 1056 -6.06 -68.57 -6.54
CA VAL B 1056 -7.20 -69.15 -7.24
C VAL B 1056 -8.07 -69.95 -6.29
N PHE B 1057 -7.46 -70.80 -5.48
CA PHE B 1057 -8.18 -71.64 -4.51
C PHE B 1057 -7.97 -71.06 -3.13
N GLY B 1058 -9.06 -70.78 -2.45
CA GLY B 1058 -9.09 -70.01 -1.23
C GLY B 1058 -10.08 -68.88 -1.39
N ASN B 1059 -9.93 -67.85 -0.56
CA ASN B 1059 -10.72 -66.63 -0.65
C ASN B 1059 -12.19 -66.89 -0.32
N GLU B 1060 -12.55 -68.15 -0.08
CA GLU B 1060 -13.87 -68.53 0.40
C GLU B 1060 -14.95 -68.17 -0.62
N SER B 1061 -14.57 -67.58 -1.75
CA SER B 1061 -15.51 -67.04 -2.71
C SER B 1061 -15.49 -67.77 -4.04
N ASN B 1062 -14.31 -67.96 -4.63
CA ASN B 1062 -14.22 -68.56 -5.95
C ASN B 1062 -14.81 -69.98 -5.97
N ILE B 1063 -14.91 -70.63 -4.82
CA ILE B 1063 -15.52 -71.95 -4.75
C ILE B 1063 -17.00 -71.83 -5.14
N THR B 1064 -17.37 -72.48 -6.23
CA THR B 1064 -18.75 -72.47 -6.69
C THR B 1064 -18.97 -73.65 -7.63
N ALA B 1065 -20.23 -73.86 -7.98
CA ALA B 1065 -20.59 -75.00 -8.82
C ALA B 1065 -19.90 -74.92 -10.18
N ASP B 1066 -19.83 -73.72 -10.75
CA ASP B 1066 -19.19 -73.56 -12.05
C ASP B 1066 -17.72 -73.97 -12.01
N LEU B 1067 -17.03 -73.61 -10.92
CA LEU B 1067 -15.61 -73.94 -10.82
C LEU B 1067 -15.40 -75.45 -10.85
N ILE B 1068 -16.13 -76.18 -10.00
CA ILE B 1068 -15.93 -77.63 -9.94
C ILE B 1068 -16.38 -78.28 -11.23
N LYS B 1069 -17.46 -77.78 -11.83
CA LYS B 1069 -17.93 -78.34 -13.10
C LYS B 1069 -16.87 -78.17 -14.18
N THR B 1070 -16.26 -76.98 -14.27
CA THR B 1070 -15.22 -76.75 -15.25
C THR B 1070 -13.99 -77.61 -14.95
N LEU B 1071 -13.66 -77.77 -13.67
CA LEU B 1071 -12.55 -78.64 -13.30
C LEU B 1071 -12.78 -80.07 -13.75
N LEU B 1072 -14.00 -80.57 -13.56
CA LEU B 1072 -14.32 -81.92 -14.01
C LEU B 1072 -14.26 -82.01 -15.54
N ASP B 1073 -14.84 -81.03 -16.23
CA ASP B 1073 -14.83 -81.03 -17.68
C ASP B 1073 -13.45 -80.82 -18.27
N SER B 1074 -12.47 -80.39 -17.46
CA SER B 1074 -11.12 -80.17 -17.93
C SER B 1074 -10.24 -81.42 -17.84
N ALA B 1075 -10.84 -82.60 -17.86
CA ALA B 1075 -10.07 -83.83 -17.76
C ALA B 1075 -9.43 -84.16 -19.10
N LYS B 1076 -8.80 -85.34 -19.18
CA LYS B 1076 -8.20 -85.82 -20.41
C LYS B 1076 -8.91 -87.06 -20.93
N THR B 1077 -8.97 -88.14 -20.13
CA THR B 1077 -9.78 -89.31 -20.40
C THR B 1077 -9.33 -90.07 -21.65
N GLU B 1078 -8.31 -89.57 -22.33
CA GLU B 1078 -7.75 -90.21 -23.51
C GLU B 1078 -6.24 -90.17 -23.41
N LYS B 1079 -5.60 -91.33 -23.28
CA LYS B 1079 -4.16 -91.41 -23.07
C LYS B 1079 -3.47 -91.37 -24.44
N ASN B 1080 -3.53 -90.20 -25.07
CA ASN B 1080 -2.83 -89.96 -26.31
C ASN B 1080 -1.33 -89.86 -26.05
N ALA B 1081 -0.54 -90.05 -27.11
CA ALA B 1081 0.91 -89.94 -26.99
C ALA B 1081 1.31 -88.54 -26.51
N ASP B 1082 0.66 -87.51 -27.02
CA ASP B 1082 1.01 -86.15 -26.63
C ASP B 1082 0.72 -85.88 -25.16
N ASN B 1083 -0.41 -86.33 -24.63
CA ASN B 1083 -0.78 -86.04 -23.26
C ASN B 1083 -0.41 -87.17 -22.30
N SER B 1084 0.29 -88.19 -22.78
CA SER B 1084 0.71 -89.27 -21.91
C SER B 1084 1.80 -88.77 -20.94
N ARG B 1085 2.35 -89.70 -20.17
CA ARG B 1085 3.45 -89.45 -19.24
C ARG B 1085 3.00 -88.63 -18.04
N TYR B 1086 1.82 -88.02 -18.14
CA TYR B 1086 1.24 -87.32 -17.00
C TYR B 1086 -0.26 -87.59 -16.85
N PHE B 1087 -0.76 -88.66 -17.46
CA PHE B 1087 -2.20 -88.88 -17.52
C PHE B 1087 -2.78 -89.20 -16.15
N GLU B 1088 -2.32 -90.29 -15.53
CA GLU B 1088 -2.88 -90.71 -14.25
C GLU B 1088 -2.64 -89.65 -13.19
N ALA B 1089 -1.47 -89.02 -13.21
CA ALA B 1089 -1.17 -87.97 -12.26
C ALA B 1089 -2.14 -86.80 -12.41
N GLU B 1090 -2.41 -86.40 -13.65
CA GLU B 1090 -3.35 -85.31 -13.87
C GLU B 1090 -4.75 -85.69 -13.41
N LEU B 1091 -5.15 -86.95 -13.64
CA LEU B 1091 -6.46 -87.39 -13.18
C LEU B 1091 -6.54 -87.32 -11.67
N LEU B 1092 -5.50 -87.79 -10.98
CA LEU B 1092 -5.48 -87.73 -9.52
C LEU B 1092 -5.52 -86.30 -9.03
N PHE B 1093 -4.79 -85.41 -9.70
CA PHE B 1093 -4.79 -84.00 -9.30
C PHE B 1093 -6.18 -83.40 -9.45
N ILE B 1094 -6.85 -83.67 -10.57
CA ILE B 1094 -8.18 -83.12 -10.78
C ILE B 1094 -9.14 -83.65 -9.74
N ILE B 1095 -9.07 -84.95 -9.45
CA ILE B 1095 -9.99 -85.55 -8.49
C ILE B 1095 -9.74 -84.98 -7.10
N GLU B 1096 -8.47 -84.83 -6.70
CA GLU B 1096 -8.19 -84.26 -5.39
C GLU B 1096 -8.66 -82.82 -5.30
N LEU B 1097 -8.43 -82.03 -6.35
CA LEU B 1097 -8.86 -80.65 -6.35
C LEU B 1097 -10.38 -80.55 -6.20
N THR B 1098 -11.11 -81.37 -6.97
CA THR B 1098 -12.56 -81.28 -6.91
C THR B 1098 -13.09 -81.78 -5.57
N ILE B 1099 -12.50 -82.84 -5.01
CA ILE B 1099 -13.01 -83.34 -3.73
C ILE B 1099 -12.73 -82.33 -2.63
N ALA B 1100 -11.58 -81.67 -2.68
CA ALA B 1100 -11.29 -80.64 -1.67
C ALA B 1100 -12.29 -79.49 -1.78
N LEU B 1101 -12.46 -78.94 -2.97
CA LEU B 1101 -13.40 -77.84 -3.13
C LEU B 1101 -14.81 -78.27 -2.74
N PHE B 1102 -15.17 -79.51 -3.06
CA PHE B 1102 -16.49 -80.04 -2.71
C PHE B 1102 -16.67 -80.09 -1.20
N LEU B 1103 -15.68 -80.62 -0.48
CA LEU B 1103 -15.73 -80.62 0.98
C LEU B 1103 -15.77 -79.19 1.52
N PHE B 1104 -15.35 -78.22 0.72
CA PHE B 1104 -15.45 -76.81 1.08
C PHE B 1104 -16.58 -76.09 0.35
N CYS B 1105 -17.64 -76.81 -0.04
CA CYS B 1105 -18.66 -76.28 -0.95
C CYS B 1105 -20.07 -76.30 -0.36
N LYS B 1106 -20.20 -76.58 0.95
CA LYS B 1106 -21.47 -76.45 1.65
C LYS B 1106 -22.57 -77.37 1.13
N GLU B 1107 -23.43 -76.85 0.24
CA GLU B 1107 -24.73 -77.44 -0.03
C GLU B 1107 -24.64 -78.87 -0.56
N GLU B 1108 -24.16 -79.02 -1.80
CA GLU B 1108 -23.68 -80.30 -2.33
C GLU B 1108 -24.76 -81.39 -2.34
N LYS B 1109 -25.80 -81.22 -3.17
CA LYS B 1109 -26.66 -82.35 -3.51
C LYS B 1109 -26.61 -82.69 -4.99
N GLU B 1110 -27.00 -81.75 -5.87
CA GLU B 1110 -26.80 -81.98 -7.29
C GLU B 1110 -25.31 -81.94 -7.63
N LEU B 1111 -24.54 -81.13 -6.90
CA LEU B 1111 -23.10 -81.18 -7.03
C LEU B 1111 -22.58 -82.56 -6.64
N GLY B 1112 -23.19 -83.16 -5.62
CA GLY B 1112 -22.81 -84.51 -5.24
C GLY B 1112 -23.08 -85.52 -6.35
N LYS B 1113 -24.27 -85.44 -6.95
CA LYS B 1113 -24.56 -86.31 -8.09
C LYS B 1113 -23.54 -86.11 -9.19
N PHE B 1114 -23.24 -84.85 -9.51
CA PHE B 1114 -22.31 -84.55 -10.59
C PHE B 1114 -20.93 -85.15 -10.32
N ILE B 1115 -20.41 -84.91 -9.13
CA ILE B 1115 -19.05 -85.36 -8.83
C ILE B 1115 -18.98 -86.87 -8.75
N LEU B 1116 -19.99 -87.51 -8.16
CA LEU B 1116 -19.98 -88.97 -8.10
C LEU B 1116 -20.05 -89.59 -9.48
N GLN B 1117 -20.93 -89.07 -10.35
CA GLN B 1117 -21.02 -89.60 -11.70
C GLN B 1117 -19.71 -89.41 -12.45
N LYS B 1118 -19.10 -88.23 -12.31
CA LYS B 1118 -17.86 -87.95 -13.03
C LYS B 1118 -16.72 -88.84 -12.54
N VAL B 1119 -16.61 -89.03 -11.23
CA VAL B 1119 -15.50 -89.85 -10.73
C VAL B 1119 -15.71 -91.31 -11.10
N PHE B 1120 -16.96 -91.77 -11.12
CA PHE B 1120 -17.20 -93.13 -11.61
C PHE B 1120 -16.80 -93.26 -13.07
N GLN B 1121 -17.16 -92.27 -13.88
CA GLN B 1121 -16.78 -92.30 -15.30
C GLN B 1121 -15.27 -92.35 -15.45
N LEU B 1122 -14.56 -91.52 -14.69
CA LEU B 1122 -13.10 -91.50 -14.79
C LEU B 1122 -12.48 -92.79 -14.27
N SER B 1123 -13.05 -93.40 -13.24
CA SER B 1123 -12.53 -94.67 -12.75
C SER B 1123 -12.69 -95.76 -13.78
N HIS B 1124 -13.83 -95.80 -14.47
CA HIS B 1124 -14.01 -96.82 -15.50
C HIS B 1124 -13.24 -96.45 -16.76
N THR B 1125 -11.92 -96.34 -16.65
CA THR B 1125 -11.03 -96.06 -17.77
C THR B 1125 -9.93 -97.09 -17.82
N LYS B 1126 -9.74 -97.69 -18.99
CA LYS B 1126 -8.81 -98.79 -19.16
C LYS B 1126 -7.37 -98.31 -19.20
N GLY B 1127 -6.47 -99.07 -18.60
CA GLY B 1127 -5.05 -98.78 -18.64
C GLY B 1127 -4.49 -98.09 -17.41
N LEU B 1128 -5.27 -97.92 -16.34
CA LEU B 1128 -4.79 -97.21 -15.16
C LEU B 1128 -3.99 -98.14 -14.26
N THR B 1129 -3.04 -97.55 -13.54
CA THR B 1129 -2.17 -98.33 -12.67
C THR B 1129 -2.86 -98.63 -11.35
N LYS B 1130 -2.31 -99.63 -10.64
CA LYS B 1130 -2.93 -100.08 -9.40
C LYS B 1130 -2.93 -99.00 -8.33
N ARG B 1131 -1.83 -98.25 -8.22
CA ARG B 1131 -1.78 -97.15 -7.25
C ARG B 1131 -2.87 -96.12 -7.53
N THR B 1132 -3.02 -95.74 -8.79
CA THR B 1132 -4.10 -94.82 -9.15
C THR B 1132 -5.46 -95.42 -8.84
N VAL B 1133 -5.62 -96.74 -9.06
CA VAL B 1133 -6.89 -97.39 -8.80
C VAL B 1133 -7.24 -97.31 -7.32
N ARG B 1134 -6.28 -97.62 -6.44
CA ARG B 1134 -6.59 -97.61 -5.02
C ARG B 1134 -6.79 -96.18 -4.50
N ARG B 1135 -6.04 -95.23 -5.06
CA ARG B 1135 -6.26 -93.84 -4.68
C ARG B 1135 -7.66 -93.39 -5.07
N MET B 1136 -8.09 -93.72 -6.29
CA MET B 1136 -9.45 -93.40 -6.69
C MET B 1136 -10.47 -94.12 -5.84
N LEU B 1137 -10.15 -95.32 -5.36
CA LEU B 1137 -11.05 -96.01 -4.45
C LEU B 1137 -11.23 -95.24 -3.16
N THR B 1138 -10.14 -94.73 -2.59
CA THR B 1138 -10.24 -93.95 -1.37
C THR B 1138 -11.06 -92.68 -1.62
N TYR B 1139 -10.83 -92.04 -2.76
CA TYR B 1139 -11.61 -90.85 -3.08
C TYR B 1139 -13.08 -91.18 -3.27
N LYS B 1140 -13.38 -92.34 -3.84
CA LYS B 1140 -14.76 -92.78 -3.98
C LYS B 1140 -15.41 -92.94 -2.62
N ILE B 1141 -14.71 -93.56 -1.67
CA ILE B 1141 -15.32 -93.77 -0.36
C ILE B 1141 -15.54 -92.44 0.34
N LEU B 1142 -14.61 -91.49 0.16
CA LEU B 1142 -14.80 -90.16 0.74
C LEU B 1142 -16.01 -89.46 0.13
N LEU B 1143 -16.16 -89.52 -1.19
CA LEU B 1143 -17.30 -88.89 -1.84
C LEU B 1143 -18.61 -89.53 -1.43
N ILE B 1144 -18.64 -90.86 -1.34
CA ILE B 1144 -19.84 -91.55 -0.92
C ILE B 1144 -20.21 -91.18 0.50
N SER B 1145 -19.21 -91.04 1.38
CA SER B 1145 -19.50 -90.55 2.72
C SER B 1145 -20.11 -89.16 2.67
N LEU B 1146 -19.56 -88.28 1.84
CA LEU B 1146 -20.12 -86.94 1.72
C LEU B 1146 -21.51 -86.96 1.09
N CYS B 1147 -21.70 -87.78 0.06
CA CYS B 1147 -22.95 -87.78 -0.68
C CYS B 1147 -24.09 -88.29 0.17
N ALA B 1148 -25.31 -87.86 -0.19
CA ALA B 1148 -26.47 -88.14 0.65
C ALA B 1148 -27.05 -89.53 0.38
N ASP B 1149 -27.51 -89.79 -0.84
CA ASP B 1149 -28.18 -91.05 -1.15
C ASP B 1149 -27.88 -91.39 -2.62
N GLN B 1150 -26.87 -92.22 -2.82
CA GLN B 1150 -26.52 -92.75 -4.14
C GLN B 1150 -26.26 -94.25 -4.00
N THR B 1151 -27.20 -94.96 -3.36
CA THR B 1151 -26.98 -96.33 -2.95
C THR B 1151 -26.56 -97.23 -4.10
N GLU B 1152 -27.04 -96.95 -5.31
CA GLU B 1152 -26.64 -97.74 -6.47
C GLU B 1152 -25.13 -97.66 -6.68
N TYR B 1153 -24.56 -96.46 -6.51
CA TYR B 1153 -23.12 -96.30 -6.70
C TYR B 1153 -22.35 -97.11 -5.67
N LEU B 1154 -22.81 -97.12 -4.41
CA LEU B 1154 -22.14 -97.92 -3.39
C LEU B 1154 -22.25 -99.40 -3.70
N SER B 1155 -23.43 -99.85 -4.13
CA SER B 1155 -23.61 -101.26 -4.46
C SER B 1155 -22.67 -101.68 -5.57
N LYS B 1156 -22.59 -100.88 -6.63
CA LYS B 1156 -21.67 -101.15 -7.71
C LYS B 1156 -20.22 -101.13 -7.24
N LEU B 1157 -19.86 -100.15 -6.41
CA LEU B 1157 -18.49 -100.08 -5.91
C LEU B 1157 -18.11 -101.35 -5.17
N ILE B 1158 -18.93 -101.74 -4.19
CA ILE B 1158 -18.69 -102.98 -3.46
C ILE B 1158 -18.55 -104.13 -4.45
N ASN B 1159 -19.62 -104.40 -5.20
CA ASN B 1159 -19.66 -105.53 -6.12
C ASN B 1159 -18.42 -105.62 -6.99
N ASP B 1160 -18.19 -104.64 -7.87
CA ASP B 1160 -17.11 -104.78 -8.83
C ASP B 1160 -15.75 -104.56 -8.17
N GLU B 1161 -15.54 -103.43 -7.50
CA GLU B 1161 -14.20 -103.09 -7.04
C GLU B 1161 -13.73 -104.04 -5.94
N LEU B 1162 -14.63 -104.82 -5.34
CA LEU B 1162 -14.24 -105.67 -4.23
C LEU B 1162 -14.43 -107.15 -4.53
N LEU B 1163 -15.63 -107.56 -4.96
CA LEU B 1163 -15.91 -108.97 -5.20
C LEU B 1163 -15.00 -109.56 -6.27
N LYS B 1164 -15.11 -109.05 -7.50
CA LYS B 1164 -14.34 -109.62 -8.60
C LYS B 1164 -12.92 -109.08 -8.63
N LYS B 1165 -12.73 -107.82 -8.26
CA LYS B 1165 -11.41 -107.19 -8.32
C LYS B 1165 -10.67 -107.49 -7.04
N GLY B 1166 -10.14 -108.70 -6.93
CA GLY B 1166 -9.34 -109.09 -5.79
C GLY B 1166 -7.86 -109.12 -6.14
N ASP B 1167 -7.56 -109.36 -7.41
CA ASP B 1167 -6.18 -109.32 -7.86
C ASP B 1167 -5.61 -107.91 -7.86
N ILE B 1168 -6.47 -106.89 -7.83
CA ILE B 1168 -6.02 -105.51 -7.77
C ILE B 1168 -5.89 -105.00 -6.34
N PHE B 1169 -6.68 -105.55 -5.42
CA PHE B 1169 -6.58 -105.16 -3.99
C PHE B 1169 -5.40 -105.93 -3.37
N THR B 1170 -4.98 -107.02 -4.02
CA THR B 1170 -3.85 -107.83 -3.50
C THR B 1170 -4.17 -108.31 -2.09
N GLN B 1171 -3.14 -108.62 -1.29
CA GLN B 1171 -3.36 -109.03 0.13
C GLN B 1171 -2.48 -108.16 1.02
N LYS B 1172 -1.34 -107.70 0.50
CA LYS B 1172 -0.43 -106.82 1.28
C LYS B 1172 -1.18 -105.53 1.63
N PHE B 1173 -1.81 -104.89 0.65
CA PHE B 1173 -2.56 -103.67 0.92
C PHE B 1173 -3.78 -104.01 1.77
N PHE B 1174 -4.31 -103.00 2.45
CA PHE B 1174 -5.22 -103.06 3.59
C PHE B 1174 -4.45 -103.33 4.86
N ALA B 1175 -3.13 -103.50 4.78
CA ALA B 1175 -2.27 -103.48 5.95
C ALA B 1175 -1.53 -102.17 6.12
N THR B 1176 -1.32 -101.42 5.05
CA THR B 1176 -0.79 -100.09 5.16
C THR B 1176 -1.85 -99.15 5.74
N ASN B 1177 -1.40 -97.97 6.17
CA ASN B 1177 -2.31 -97.05 6.83
C ASN B 1177 -3.45 -96.63 5.92
N GLN B 1178 -3.22 -96.60 4.61
CA GLN B 1178 -4.28 -96.21 3.69
C GLN B 1178 -5.39 -97.25 3.66
N GLY B 1179 -5.02 -98.53 3.63
CA GLY B 1179 -6.03 -99.58 3.63
C GLY B 1179 -6.82 -99.61 4.93
N LYS B 1180 -6.13 -99.41 6.05
CA LYS B 1180 -6.82 -99.30 7.33
C LYS B 1180 -7.76 -98.11 7.34
N GLU B 1181 -7.34 -97.00 6.75
CA GLU B 1181 -8.21 -95.83 6.68
C GLU B 1181 -9.44 -96.11 5.85
N PHE B 1182 -9.28 -96.82 4.73
CA PHE B 1182 -10.42 -97.15 3.89
C PHE B 1182 -11.39 -98.07 4.62
N LEU B 1183 -10.86 -99.09 5.30
CA LEU B 1183 -11.73 -99.99 6.05
C LEU B 1183 -12.44 -99.26 7.17
N LYS B 1184 -11.75 -98.36 7.87
CA LYS B 1184 -12.40 -97.56 8.90
C LYS B 1184 -13.48 -96.68 8.29
N ARG B 1185 -13.23 -96.12 7.11
CA ARG B 1185 -14.24 -95.28 6.46
C ARG B 1185 -15.48 -96.09 6.13
N LEU B 1186 -15.30 -97.30 5.60
CA LEU B 1186 -16.45 -98.15 5.30
C LEU B 1186 -17.21 -98.51 6.57
N PHE B 1187 -16.49 -98.86 7.64
CA PHE B 1187 -17.15 -99.23 8.88
C PHE B 1187 -17.94 -98.06 9.45
N SER B 1188 -17.36 -96.86 9.40
CA SER B 1188 -18.09 -95.67 9.84
C SER B 1188 -19.29 -95.40 8.96
N LEU B 1189 -19.17 -95.72 7.67
CA LEU B 1189 -20.32 -95.61 6.77
C LEU B 1189 -21.45 -96.52 7.22
N THR B 1190 -21.11 -97.73 7.68
CA THR B 1190 -22.12 -98.61 8.24
C THR B 1190 -22.81 -98.00 9.46
N GLU B 1191 -22.14 -97.09 10.15
CA GLU B 1191 -22.76 -96.37 11.27
C GLU B 1191 -23.53 -95.17 10.71
N SER B 1192 -23.91 -94.26 11.62
CA SER B 1192 -24.62 -93.02 11.21
C SER B 1192 -26.03 -93.33 10.71
N GLU B 1193 -26.52 -92.54 9.75
CA GLU B 1193 -27.87 -92.69 9.24
C GLU B 1193 -27.91 -93.02 7.75
N PHE B 1194 -27.22 -92.24 6.92
CA PHE B 1194 -27.26 -92.47 5.49
C PHE B 1194 -26.60 -93.78 5.13
N TYR B 1195 -27.10 -94.40 4.04
CA TYR B 1195 -26.56 -95.64 3.51
C TYR B 1195 -26.47 -96.73 4.58
N ARG B 1196 -27.48 -96.82 5.43
CA ARG B 1196 -27.51 -97.84 6.47
C ARG B 1196 -28.47 -98.96 6.16
N GLY B 1197 -29.71 -98.64 5.79
CA GLY B 1197 -30.66 -99.67 5.42
C GLY B 1197 -30.17 -100.51 4.26
N PHE B 1198 -29.54 -99.87 3.27
CA PHE B 1198 -28.92 -100.62 2.19
C PHE B 1198 -27.77 -101.46 2.71
N LEU B 1199 -26.93 -100.90 3.58
CA LEU B 1199 -25.78 -101.64 4.08
C LEU B 1199 -26.17 -102.81 4.95
N LEU B 1200 -27.40 -102.85 5.46
CA LEU B 1200 -27.97 -104.04 6.07
C LEU B 1200 -28.62 -104.87 4.97
N GLY B 1201 -28.02 -106.01 4.67
CA GLY B 1201 -28.41 -106.79 3.51
C GLY B 1201 -27.19 -107.06 2.64
N ASN B 1202 -27.33 -106.91 1.33
CA ASN B 1202 -26.23 -106.91 0.37
C ASN B 1202 -25.14 -107.93 0.69
N GLU B 1203 -25.49 -109.22 0.60
CA GLU B 1203 -24.59 -110.33 0.90
C GLU B 1203 -23.16 -110.09 0.45
N ASN B 1204 -23.00 -109.36 -0.66
CA ASN B 1204 -21.67 -109.07 -1.18
C ASN B 1204 -20.82 -108.32 -0.16
N PHE B 1205 -21.44 -107.37 0.56
CA PHE B 1205 -20.68 -106.60 1.54
C PHE B 1205 -20.14 -107.50 2.64
N TRP B 1206 -20.96 -108.42 3.13
CA TRP B 1206 -20.50 -109.32 4.18
C TRP B 1206 -19.54 -110.38 3.64
N LYS B 1207 -19.66 -110.75 2.37
CA LYS B 1207 -18.65 -111.61 1.76
C LYS B 1207 -17.30 -110.90 1.72
N PHE B 1208 -17.31 -109.61 1.39
CA PHE B 1208 -16.08 -108.83 1.44
C PHE B 1208 -15.53 -108.76 2.85
N LEU B 1209 -16.41 -108.58 3.83
CA LEU B 1209 -15.96 -108.59 5.22
C LEU B 1209 -15.31 -109.93 5.56
N ARG B 1210 -15.93 -111.03 5.12
CA ARG B 1210 -15.40 -112.35 5.41
C ARG B 1210 -14.02 -112.54 4.79
N LYS B 1211 -13.86 -112.12 3.53
CA LYS B 1211 -12.55 -112.28 2.91
C LYS B 1211 -11.53 -111.30 3.47
N VAL B 1212 -12.00 -110.20 4.07
CA VAL B 1212 -11.09 -109.30 4.78
C VAL B 1212 -10.60 -109.94 6.07
N THR B 1213 -11.49 -110.61 6.79
CA THR B 1213 -11.18 -111.20 8.08
C THR B 1213 -10.08 -112.25 8.03
N ALA B 1214 -9.82 -112.82 6.84
CA ALA B 1214 -8.81 -113.87 6.75
C ALA B 1214 -7.40 -113.35 7.02
N MET B 1215 -7.19 -112.04 7.02
CA MET B 1215 -5.85 -111.48 7.22
C MET B 1215 -5.44 -111.57 8.68
N LYS B 1216 -4.15 -111.77 8.89
CA LYS B 1216 -3.63 -111.94 10.24
C LYS B 1216 -3.74 -110.65 11.05
N GLU B 1217 -3.06 -109.59 10.59
CA GLU B 1217 -2.93 -108.36 11.36
C GLU B 1217 -4.08 -107.39 11.14
N GLN B 1218 -5.24 -107.86 10.71
CA GLN B 1218 -6.39 -106.98 10.52
C GLN B 1218 -7.67 -107.49 11.16
N SER B 1219 -7.68 -108.73 11.66
CA SER B 1219 -8.91 -109.29 12.20
C SER B 1219 -9.39 -108.55 13.45
N GLU B 1220 -8.44 -108.08 14.27
CA GLU B 1220 -8.83 -107.38 15.49
C GLU B 1220 -9.62 -106.11 15.17
N SER B 1221 -9.32 -105.49 14.03
CA SER B 1221 -10.05 -104.28 13.66
C SER B 1221 -11.53 -104.57 13.43
N ILE B 1222 -11.82 -105.60 12.63
CA ILE B 1222 -13.22 -105.91 12.39
C ILE B 1222 -13.87 -106.45 13.65
N PHE B 1223 -13.10 -107.13 14.51
CA PHE B 1223 -13.67 -107.61 15.76
C PHE B 1223 -14.13 -106.46 16.64
N GLU B 1224 -13.26 -105.45 16.80
CA GLU B 1224 -13.66 -104.31 17.62
C GLU B 1224 -14.77 -103.50 16.95
N TYR B 1225 -14.79 -103.47 15.61
CA TYR B 1225 -15.90 -102.83 14.92
C TYR B 1225 -17.22 -103.52 15.23
N LEU B 1226 -17.23 -104.85 15.16
CA LEU B 1226 -18.44 -105.59 15.48
C LEU B 1226 -18.84 -105.38 16.94
N ASN B 1227 -17.87 -105.39 17.85
CA ASN B 1227 -18.18 -105.23 19.27
C ASN B 1227 -18.79 -103.87 19.55
N GLU B 1228 -18.18 -102.81 19.01
CA GLU B 1228 -18.72 -101.47 19.23
C GLU B 1228 -20.10 -101.34 18.57
N SER B 1229 -20.28 -101.95 17.40
CA SER B 1229 -21.58 -101.88 16.73
C SER B 1229 -22.69 -102.61 17.47
N ILE B 1230 -22.36 -103.74 18.11
CA ILE B 1230 -23.39 -104.43 18.88
C ILE B 1230 -23.65 -103.72 20.20
N LYS B 1231 -22.63 -103.09 20.80
CA LYS B 1231 -22.89 -102.26 21.96
C LYS B 1231 -23.67 -101.01 21.60
N THR B 1232 -23.62 -100.59 20.34
CA THR B 1232 -24.37 -99.46 19.83
C THR B 1232 -25.81 -99.89 19.57
N ASP B 1233 -26.54 -99.10 18.77
CA ASP B 1233 -27.97 -99.30 18.50
C ASP B 1233 -28.36 -100.78 18.45
N SER B 1234 -29.43 -101.11 19.18
CA SER B 1234 -29.68 -102.49 19.57
C SER B 1234 -29.65 -103.47 18.40
N ASN B 1235 -30.24 -103.07 17.26
CA ASN B 1235 -30.41 -104.07 16.17
C ASN B 1235 -29.49 -103.92 14.95
N ILE B 1236 -28.16 -103.96 15.12
CA ILE B 1236 -27.33 -104.02 13.93
C ILE B 1236 -27.56 -105.36 13.25
N LEU B 1237 -27.98 -106.37 14.01
CA LEU B 1237 -28.49 -107.60 13.45
C LEU B 1237 -29.98 -107.46 13.18
N THR B 1238 -30.45 -108.21 12.17
CA THR B 1238 -31.85 -108.15 11.78
C THR B 1238 -32.45 -109.55 11.77
N ASN B 1239 -33.68 -109.67 11.26
CA ASN B 1239 -34.21 -110.99 10.95
C ASN B 1239 -33.34 -111.72 9.93
N GLU B 1240 -32.63 -110.97 9.10
CA GLU B 1240 -31.56 -111.49 8.27
C GLU B 1240 -30.22 -111.12 8.88
N ASN B 1241 -29.14 -111.38 8.15
CA ASN B 1241 -27.78 -111.00 8.51
C ASN B 1241 -27.22 -111.85 9.64
N PHE B 1242 -28.06 -112.68 10.27
CA PHE B 1242 -27.60 -113.45 11.42
C PHE B 1242 -26.58 -114.50 11.01
N MET B 1243 -26.88 -115.24 9.94
CA MET B 1243 -25.93 -116.23 9.44
C MET B 1243 -24.61 -115.58 9.09
N TRP B 1244 -24.65 -114.35 8.57
CA TRP B 1244 -23.42 -113.72 8.09
C TRP B 1244 -22.51 -113.33 9.24
N VAL B 1245 -23.06 -112.70 10.29
CA VAL B 1245 -22.24 -112.34 11.43
C VAL B 1245 -21.76 -113.59 12.17
N LEU B 1246 -22.62 -114.61 12.25
CA LEU B 1246 -22.18 -115.86 12.87
C LEU B 1246 -21.03 -116.47 12.09
N GLY B 1247 -21.09 -116.41 10.76
CA GLY B 1247 -19.98 -116.91 9.96
C GLY B 1247 -18.72 -116.10 10.16
N LEU B 1248 -18.87 -114.79 10.37
CA LEU B 1248 -17.69 -113.96 10.65
C LEU B 1248 -17.02 -114.40 11.96
N LEU B 1249 -17.82 -114.62 12.99
CA LEU B 1249 -17.27 -115.08 14.26
C LEU B 1249 -16.68 -116.49 14.11
N ASP B 1250 -17.30 -117.31 13.28
CA ASP B 1250 -16.72 -118.63 13.00
C ASP B 1250 -15.38 -118.50 12.30
N GLU B 1251 -15.21 -117.49 11.47
CA GLU B 1251 -13.92 -117.28 10.84
C GLU B 1251 -12.89 -116.78 11.85
N ILE B 1252 -13.35 -116.05 12.87
CA ILE B 1252 -12.45 -115.74 13.98
C ILE B 1252 -11.98 -117.03 14.65
N SER B 1253 -12.91 -117.95 14.88
CA SER B 1253 -12.51 -119.27 15.37
C SER B 1253 -11.61 -120.01 14.38
N SER B 1254 -11.72 -119.71 13.08
CA SER B 1254 -10.83 -120.33 12.10
C SER B 1254 -9.41 -119.78 12.21
N MET B 1255 -9.28 -118.47 12.45
CA MET B 1255 -7.98 -117.96 12.85
C MET B 1255 -7.48 -118.64 14.13
N GLY B 1256 -8.40 -118.95 15.05
CA GLY B 1256 -8.02 -119.80 16.17
C GLY B 1256 -7.54 -121.16 15.74
N ALA B 1257 -8.11 -121.69 14.66
CA ALA B 1257 -7.66 -122.99 14.13
C ALA B 1257 -6.25 -122.90 13.55
N VAL B 1258 -5.92 -121.77 12.93
CA VAL B 1258 -4.51 -121.54 12.58
C VAL B 1258 -3.67 -121.45 13.84
N GLY B 1259 -4.24 -120.88 14.91
CA GLY B 1259 -3.59 -120.95 16.19
C GLY B 1259 -3.35 -122.38 16.65
N ASN B 1260 -4.29 -123.28 16.33
CA ASN B 1260 -4.08 -124.71 16.58
C ASN B 1260 -2.95 -125.26 15.73
N HIS B 1261 -2.88 -124.83 14.47
CA HIS B 1261 -1.82 -125.29 13.58
C HIS B 1261 -0.45 -124.97 14.16
N TRP B 1262 -0.30 -123.79 14.76
CA TRP B 1262 0.94 -123.50 15.48
C TRP B 1262 0.95 -124.06 16.90
N GLU B 1263 -0.22 -124.41 17.45
CA GLU B 1263 -0.26 -125.02 18.76
C GLU B 1263 0.22 -126.45 18.73
N ILE B 1264 0.28 -127.07 17.55
CA ILE B 1264 0.96 -128.36 17.44
C ILE B 1264 2.40 -128.23 17.92
N GLU B 1265 3.12 -127.24 17.37
CA GLU B 1265 4.47 -126.97 17.84
C GLU B 1265 4.48 -126.43 19.26
N TYR B 1266 3.42 -125.71 19.65
CA TYR B 1266 3.31 -125.26 21.04
C TYR B 1266 3.27 -126.45 22.00
N LYS B 1267 2.52 -127.50 21.65
CA LYS B 1267 2.52 -128.71 22.45
C LYS B 1267 3.88 -129.41 22.40
N LYS B 1268 4.49 -129.46 21.23
CA LYS B 1268 5.83 -130.00 21.12
C LYS B 1268 6.79 -129.28 22.07
N LEU B 1269 6.54 -127.99 22.31
CA LEU B 1269 7.28 -127.27 23.35
C LEU B 1269 6.84 -127.69 24.74
N THR B 1270 5.52 -127.86 24.95
CA THR B 1270 5.02 -128.32 26.24
C THR B 1270 5.52 -129.71 26.59
N GLU B 1271 6.26 -130.34 25.70
CA GLU B 1271 7.04 -131.53 26.04
C GLU B 1271 8.16 -131.11 26.99
N SER B 1272 9.07 -132.03 27.29
CA SER B 1272 10.03 -131.93 28.40
C SER B 1272 10.49 -130.51 28.70
N GLY B 1273 10.82 -129.74 27.67
CA GLY B 1273 10.99 -128.30 27.83
C GLY B 1273 12.29 -127.88 28.50
N HIS B 1274 12.42 -128.21 29.79
CA HIS B 1274 13.64 -127.95 30.56
C HIS B 1274 13.96 -126.45 30.60
N LYS B 1275 13.10 -125.72 31.31
CA LYS B 1275 13.27 -124.28 31.56
C LYS B 1275 13.26 -123.50 30.24
N ILE B 1276 12.07 -123.50 29.62
CA ILE B 1276 11.90 -122.78 28.37
C ILE B 1276 11.58 -121.31 28.63
N ASP B 1277 10.50 -121.02 29.35
CA ASP B 1277 10.00 -119.66 29.55
C ASP B 1277 9.86 -118.94 28.21
N LYS B 1278 9.04 -119.53 27.34
CA LYS B 1278 8.90 -119.05 25.97
C LYS B 1278 8.30 -117.65 25.94
N GLU B 1279 8.77 -116.84 24.99
CA GLU B 1279 8.10 -115.58 24.70
C GLU B 1279 6.72 -115.83 24.11
N ASN B 1280 6.58 -116.88 23.29
CA ASN B 1280 5.32 -117.32 22.71
C ASN B 1280 4.58 -116.19 22.02
N PRO B 1281 4.99 -115.79 20.82
CA PRO B 1281 4.24 -114.77 20.08
C PRO B 1281 2.85 -115.25 19.69
N TYR B 1282 2.16 -114.46 18.87
CA TYR B 1282 0.79 -114.74 18.43
C TYR B 1282 -0.15 -115.02 19.60
N LYS B 1283 0.17 -114.46 20.76
CA LYS B 1283 -0.79 -114.45 21.87
C LYS B 1283 -2.01 -113.62 21.53
N LYS B 1284 -1.81 -112.57 20.73
CA LYS B 1284 -2.93 -111.76 20.27
C LYS B 1284 -3.96 -112.61 19.55
N SER B 1285 -3.52 -113.64 18.82
CA SER B 1285 -4.46 -114.53 18.15
C SER B 1285 -5.36 -115.24 19.13
N ILE B 1286 -4.78 -115.88 20.15
CA ILE B 1286 -5.60 -116.63 21.10
C ILE B 1286 -6.47 -115.69 21.92
N GLU B 1287 -5.96 -114.51 22.25
CA GLU B 1287 -6.77 -113.55 22.98
C GLU B 1287 -7.94 -113.08 22.15
N LEU B 1288 -7.73 -112.81 20.86
CA LEU B 1288 -8.83 -112.41 19.99
C LEU B 1288 -9.86 -113.53 19.89
N SER B 1289 -9.40 -114.77 19.78
CA SER B 1289 -10.34 -115.89 19.69
C SER B 1289 -11.18 -116.00 20.97
N LEU B 1290 -10.54 -115.87 22.13
CA LEU B 1290 -11.27 -115.96 23.38
C LEU B 1290 -12.29 -114.83 23.49
N LYS B 1291 -11.88 -113.61 23.13
CA LYS B 1291 -12.80 -112.49 23.18
C LYS B 1291 -13.96 -112.71 22.22
N SER B 1292 -13.70 -113.28 21.05
CA SER B 1292 -14.77 -113.53 20.09
C SER B 1292 -15.76 -114.54 20.61
N ILE B 1293 -15.27 -115.62 21.24
CA ILE B 1293 -16.17 -116.60 21.83
C ILE B 1293 -17.02 -115.96 22.91
N GLN B 1294 -16.40 -115.13 23.75
CA GLN B 1294 -17.14 -114.44 24.81
C GLN B 1294 -18.20 -113.52 24.21
N LEU B 1295 -17.86 -112.82 23.13
CA LEU B 1295 -18.80 -111.93 22.46
C LEU B 1295 -19.95 -112.68 21.83
N THR B 1296 -19.68 -113.85 21.24
CA THR B 1296 -20.77 -114.69 20.73
C THR B 1296 -21.70 -115.10 21.87
N SER B 1297 -21.12 -115.49 23.01
CA SER B 1297 -21.95 -115.86 24.14
C SER B 1297 -22.79 -114.69 24.60
N HIS B 1298 -22.21 -113.49 24.61
CA HIS B 1298 -22.96 -112.31 25.05
C HIS B 1298 -24.10 -112.01 24.10
N LEU B 1299 -23.83 -111.99 22.79
CA LEU B 1299 -24.89 -111.72 21.83
C LEU B 1299 -25.97 -112.79 21.87
N LEU B 1300 -25.59 -114.01 22.29
CA LEU B 1300 -26.60 -115.04 22.53
C LEU B 1300 -27.60 -114.63 23.59
N GLU B 1301 -27.21 -113.74 24.51
CA GLU B 1301 -28.09 -113.23 25.55
C GLU B 1301 -28.58 -111.86 25.09
N ASP B 1302 -29.81 -111.81 24.61
CA ASP B 1302 -30.40 -110.60 24.06
C ASP B 1302 -31.90 -110.61 24.39
N ASN B 1303 -32.60 -109.57 23.95
CA ASN B 1303 -34.04 -109.44 24.13
C ASN B 1303 -34.63 -109.13 22.75
N ASN B 1304 -34.93 -110.17 21.99
CA ASN B 1304 -35.41 -110.02 20.61
C ASN B 1304 -36.07 -111.32 20.19
N ASP B 1305 -36.36 -111.43 18.91
CA ASP B 1305 -37.02 -112.59 18.34
C ASP B 1305 -36.00 -113.64 17.90
N LEU B 1306 -36.51 -114.83 17.58
CA LEU B 1306 -35.68 -115.96 17.22
C LEU B 1306 -36.38 -116.81 16.18
N ARG B 1307 -35.61 -117.30 15.22
CA ARG B 1307 -36.09 -118.13 14.11
C ARG B 1307 -35.20 -119.35 13.94
N LYS B 1308 -34.94 -120.03 15.06
CA LYS B 1308 -33.96 -121.11 15.19
C LYS B 1308 -32.54 -120.59 14.98
N ASN B 1309 -32.37 -119.29 14.73
CA ASN B 1309 -31.04 -118.72 14.68
C ASN B 1309 -30.30 -118.84 16.00
N GLU B 1310 -31.03 -118.92 17.12
CA GLU B 1310 -30.36 -119.10 18.41
C GLU B 1310 -29.68 -120.47 18.50
N ILE B 1311 -30.40 -121.52 18.10
CA ILE B 1311 -29.76 -122.83 18.09
C ILE B 1311 -28.69 -122.87 17.01
N PHE B 1312 -28.88 -122.14 15.92
CA PHE B 1312 -27.82 -122.04 14.92
C PHE B 1312 -26.56 -121.45 15.53
N ALA B 1313 -26.71 -120.38 16.31
CA ALA B 1313 -25.56 -119.75 16.93
C ALA B 1313 -24.87 -120.70 17.91
N ILE B 1314 -25.65 -121.36 18.76
CA ILE B 1314 -25.04 -122.24 19.75
C ILE B 1314 -24.32 -123.39 19.06
N ILE B 1315 -24.95 -124.01 18.07
CA ILE B 1315 -24.30 -125.15 17.42
C ILE B 1315 -23.02 -124.69 16.73
N GLN B 1316 -23.10 -123.61 15.95
CA GLN B 1316 -21.91 -123.13 15.25
C GLN B 1316 -20.79 -122.86 16.24
N ALA B 1317 -21.01 -121.93 17.17
CA ALA B 1317 -19.94 -121.48 18.05
C ALA B 1317 -19.38 -122.64 18.88
N LEU B 1318 -20.26 -123.35 19.57
CA LEU B 1318 -19.79 -124.37 20.51
C LEU B 1318 -19.22 -125.59 19.80
N ALA B 1319 -19.86 -126.10 18.75
CA ALA B 1319 -19.29 -127.22 18.02
C ALA B 1319 -17.96 -126.84 17.40
N HIS B 1320 -17.85 -125.64 16.84
CA HIS B 1320 -16.59 -125.28 16.19
C HIS B 1320 -15.48 -125.04 17.19
N GLN B 1321 -15.79 -124.54 18.39
CA GLN B 1321 -14.73 -124.45 19.40
C GLN B 1321 -14.35 -125.83 19.89
N CYS B 1322 -15.30 -126.76 19.97
CA CYS B 1322 -14.97 -128.14 20.32
C CYS B 1322 -14.09 -128.78 19.25
N ILE B 1323 -14.29 -128.44 17.99
CA ILE B 1323 -13.47 -129.01 16.92
C ILE B 1323 -12.01 -128.59 17.09
N ASN B 1324 -11.77 -127.32 17.39
CA ASN B 1324 -10.41 -126.84 17.58
C ASN B 1324 -9.86 -127.41 18.89
N PRO B 1325 -8.78 -128.18 18.86
CA PRO B 1325 -8.25 -128.75 20.11
C PRO B 1325 -7.31 -127.80 20.83
N CYS B 1326 -7.68 -126.53 20.94
CA CYS B 1326 -6.85 -125.53 21.61
C CYS B 1326 -7.17 -125.55 23.09
N LYS B 1327 -6.33 -126.28 23.84
CA LYS B 1327 -6.57 -126.56 25.24
C LYS B 1327 -7.10 -125.35 26.00
N GLN B 1328 -6.37 -124.23 25.95
CA GLN B 1328 -6.86 -123.03 26.60
C GLN B 1328 -8.15 -122.53 25.95
N ILE B 1329 -8.17 -122.45 24.62
CA ILE B 1329 -9.34 -121.91 23.94
C ILE B 1329 -10.51 -122.89 24.04
N SER B 1330 -10.24 -124.17 23.84
CA SER B 1330 -11.30 -125.17 23.95
C SER B 1330 -11.88 -125.19 25.36
N GLU B 1331 -11.02 -125.12 26.37
CA GLU B 1331 -11.49 -125.18 27.74
C GLU B 1331 -12.30 -123.94 28.10
N PHE B 1332 -11.81 -122.75 27.76
CA PHE B 1332 -12.56 -121.53 28.05
C PHE B 1332 -13.88 -121.53 27.32
N ALA B 1333 -13.90 -121.96 26.07
CA ALA B 1333 -15.14 -121.98 25.32
C ALA B 1333 -16.11 -123.03 25.85
N VAL B 1334 -15.60 -124.15 26.37
CA VAL B 1334 -16.48 -125.14 27.01
C VAL B 1334 -17.07 -124.56 28.29
N VAL B 1335 -16.26 -123.81 29.04
CA VAL B 1335 -16.79 -123.12 30.22
C VAL B 1335 -17.89 -122.15 29.82
N THR B 1336 -17.70 -121.44 28.70
CA THR B 1336 -18.74 -120.54 28.21
C THR B 1336 -19.98 -121.32 27.79
N LEU B 1337 -19.77 -122.49 27.17
CA LEU B 1337 -20.89 -123.36 26.84
C LEU B 1337 -21.71 -123.69 28.08
N GLU B 1338 -21.01 -124.07 29.14
CA GLU B 1338 -21.67 -124.39 30.40
C GLU B 1338 -22.41 -123.18 30.95
N GLN B 1339 -21.77 -122.00 30.92
CA GLN B 1339 -22.40 -120.80 31.46
C GLN B 1339 -23.66 -120.46 30.67
N THR B 1340 -23.60 -120.56 29.34
CA THR B 1340 -24.75 -120.29 28.50
C THR B 1340 -25.88 -121.26 28.79
N LEU B 1341 -25.55 -122.55 28.94
CA LEU B 1341 -26.59 -123.53 29.21
C LEU B 1341 -27.11 -123.49 30.64
N ILE B 1342 -26.39 -122.82 31.55
CA ILE B 1342 -26.83 -122.71 32.93
C ILE B 1342 -27.70 -121.48 33.15
N ASN B 1343 -27.25 -120.32 32.66
CA ASN B 1343 -27.89 -119.06 33.00
C ASN B 1343 -28.89 -118.59 31.96
N LYS B 1344 -28.44 -118.44 30.70
CA LYS B 1344 -29.34 -117.92 29.64
C LYS B 1344 -30.20 -119.07 29.08
N ILE B 1345 -30.54 -119.02 27.79
CA ILE B 1345 -31.41 -120.06 27.17
C ILE B 1345 -32.74 -120.10 27.92
N GLU B 1346 -33.53 -119.02 27.84
CA GLU B 1346 -34.86 -118.98 28.51
C GLU B 1346 -35.63 -120.25 28.18
N ILE B 1347 -36.43 -120.76 29.12
CA ILE B 1347 -37.12 -122.02 28.90
C ILE B 1347 -38.59 -121.78 28.54
N PRO B 1348 -39.37 -121.01 29.34
CA PRO B 1348 -40.76 -120.80 28.90
C PRO B 1348 -40.89 -119.66 27.89
N THR B 1349 -40.58 -119.97 26.63
CA THR B 1349 -40.65 -118.97 25.57
C THR B 1349 -41.46 -119.50 24.38
N ASN B 1350 -41.45 -118.76 23.27
CA ASN B 1350 -42.33 -119.08 22.15
C ASN B 1350 -42.00 -120.44 21.55
N GLU B 1351 -40.73 -120.69 21.27
CA GLU B 1351 -40.28 -121.95 20.68
C GLU B 1351 -39.30 -122.67 21.59
N MET B 1352 -39.44 -122.48 22.90
CA MET B 1352 -38.51 -123.01 23.87
C MET B 1352 -39.24 -123.99 24.82
N GLU B 1353 -38.52 -124.42 25.86
CA GLU B 1353 -38.94 -125.45 26.81
C GLU B 1353 -38.83 -126.82 26.16
N SER B 1354 -38.54 -126.86 24.87
CA SER B 1354 -38.23 -128.11 24.17
C SER B 1354 -36.73 -128.38 24.28
N VAL B 1355 -36.30 -128.60 25.52
CA VAL B 1355 -34.88 -128.73 25.80
C VAL B 1355 -34.30 -129.95 25.10
N GLU B 1356 -35.10 -131.00 24.91
CA GLU B 1356 -34.61 -132.19 24.24
C GLU B 1356 -34.21 -131.89 22.80
N GLU B 1357 -35.05 -131.14 22.08
CA GLU B 1357 -34.72 -130.83 20.70
C GLU B 1357 -33.53 -129.88 20.62
N LEU B 1358 -33.40 -128.95 21.57
CA LEU B 1358 -32.27 -128.03 21.51
C LEU B 1358 -30.96 -128.76 21.78
N ILE B 1359 -30.92 -129.62 22.79
CA ILE B 1359 -29.70 -130.37 23.04
C ILE B 1359 -29.42 -131.33 21.89
N GLU B 1360 -30.47 -131.91 21.30
CA GLU B 1360 -30.28 -132.81 20.16
C GLU B 1360 -29.64 -132.06 19.00
N GLY B 1361 -30.34 -131.03 18.50
CA GLY B 1361 -29.79 -130.26 17.40
C GLY B 1361 -28.47 -129.60 17.73
N GLY B 1362 -28.12 -129.52 19.01
CA GLY B 1362 -26.82 -129.01 19.40
C GLY B 1362 -25.71 -130.02 19.26
N LEU B 1363 -25.89 -131.21 19.84
CA LEU B 1363 -24.77 -132.12 19.98
C LEU B 1363 -24.86 -133.39 19.15
N LEU B 1364 -26.06 -133.87 18.81
CA LEU B 1364 -26.15 -134.96 17.85
C LEU B 1364 -25.53 -134.63 16.49
N PRO B 1365 -25.66 -133.40 15.96
CA PRO B 1365 -24.86 -133.06 14.78
C PRO B 1365 -23.37 -133.23 14.99
N LEU B 1366 -22.88 -133.00 16.21
CA LEU B 1366 -21.49 -133.31 16.51
C LEU B 1366 -21.24 -134.81 16.52
N LEU B 1367 -22.16 -135.59 17.09
CA LEU B 1367 -21.90 -137.02 17.27
C LEU B 1367 -22.08 -137.80 15.97
N ASN B 1368 -23.32 -137.90 15.50
CA ASN B 1368 -23.67 -138.58 14.25
C ASN B 1368 -23.24 -140.05 14.24
N SER B 1369 -22.62 -140.52 15.33
CA SER B 1369 -22.14 -141.90 15.47
C SER B 1369 -21.16 -142.31 14.37
N SER B 1370 -20.64 -143.52 14.49
CA SER B 1370 -19.95 -144.22 13.39
C SER B 1370 -18.73 -143.45 12.87
N GLU B 1371 -18.11 -142.65 13.74
CA GLU B 1371 -16.90 -141.94 13.36
C GLU B 1371 -16.20 -141.38 14.58
N THR B 1372 -14.90 -141.10 14.47
CA THR B 1372 -14.16 -140.53 15.59
C THR B 1372 -14.17 -139.01 15.56
N GLN B 1373 -15.07 -138.43 14.75
CA GLN B 1373 -15.20 -136.98 14.61
C GLN B 1373 -13.84 -136.30 14.59
N GLU B 1374 -12.93 -136.81 13.74
CA GLU B 1374 -11.53 -136.39 13.77
C GLU B 1374 -10.94 -136.72 15.14
N ASP B 1375 -11.45 -136.06 16.20
CA ASP B 1375 -11.02 -136.31 17.57
C ASP B 1375 -12.23 -136.25 18.51
N GLN B 1376 -12.82 -137.39 18.83
CA GLN B 1376 -13.87 -137.39 19.84
C GLN B 1376 -13.51 -138.13 21.11
N LYS B 1377 -12.30 -138.69 21.21
CA LYS B 1377 -11.91 -139.41 22.42
C LYS B 1377 -11.98 -138.50 23.64
N ILE B 1378 -11.89 -137.19 23.42
CA ILE B 1378 -12.10 -136.20 24.47
C ILE B 1378 -13.44 -135.49 24.24
N LEU B 1379 -13.82 -135.37 22.97
CA LEU B 1379 -15.00 -134.61 22.61
C LEU B 1379 -16.29 -135.21 23.15
N ILE B 1380 -16.40 -136.55 23.14
CA ILE B 1380 -17.57 -137.20 23.71
C ILE B 1380 -17.65 -136.77 25.17
N SER B 1381 -16.62 -137.09 25.96
CA SER B 1381 -16.57 -136.71 27.36
C SER B 1381 -16.99 -135.26 27.57
N SER B 1382 -16.46 -134.36 26.76
CA SER B 1382 -16.81 -132.94 26.90
C SER B 1382 -18.31 -132.71 26.68
N ILE B 1383 -18.84 -133.22 25.57
CA ILE B 1383 -20.23 -132.91 25.24
C ILE B 1383 -21.18 -133.59 26.21
N LEU B 1384 -20.83 -134.81 26.63
CA LEU B 1384 -21.72 -135.56 27.57
C LEU B 1384 -21.69 -134.89 28.95
N THR B 1385 -20.52 -134.39 29.37
CA THR B 1385 -20.46 -133.67 30.65
C THR B 1385 -21.26 -132.39 30.58
N ILE B 1386 -21.17 -131.68 29.46
CA ILE B 1386 -21.99 -130.49 29.27
C ILE B 1386 -23.47 -130.85 29.33
N ILE B 1387 -23.84 -131.96 28.67
CA ILE B 1387 -25.21 -132.45 28.68
C ILE B 1387 -25.64 -132.77 30.10
N SER B 1388 -24.78 -133.43 30.87
CA SER B 1388 -25.13 -133.81 32.23
C SER B 1388 -25.37 -132.56 33.07
N ASN B 1389 -24.52 -131.55 32.92
CA ASN B 1389 -24.69 -130.33 33.70
C ASN B 1389 -25.98 -129.61 33.34
N VAL B 1390 -26.25 -129.42 32.04
CA VAL B 1390 -27.46 -128.69 31.67
C VAL B 1390 -28.69 -129.50 32.04
N TYR B 1391 -28.61 -130.82 31.92
CA TYR B 1391 -29.69 -131.70 32.34
C TYR B 1391 -29.95 -131.59 33.83
N LEU B 1392 -28.88 -131.54 34.62
CA LEU B 1392 -29.03 -131.36 36.07
C LEU B 1392 -29.72 -130.04 36.36
N HIS B 1393 -29.29 -128.96 35.71
CA HIS B 1393 -29.87 -127.66 36.03
C HIS B 1393 -31.30 -127.54 35.53
N TYR B 1394 -31.64 -128.23 34.43
CA TYR B 1394 -33.01 -128.22 33.94
C TYR B 1394 -33.92 -129.08 34.81
N LEU B 1395 -33.42 -130.19 35.32
CA LEU B 1395 -34.13 -130.91 36.37
C LEU B 1395 -34.29 -130.02 37.60
N LYS B 1396 -33.35 -129.11 37.81
CA LYS B 1396 -33.48 -128.07 38.81
C LYS B 1396 -34.37 -126.96 38.27
N LEU B 1397 -34.33 -125.80 38.92
CA LEU B 1397 -35.17 -124.62 38.66
C LEU B 1397 -36.59 -124.83 39.15
N GLY B 1398 -36.84 -125.87 39.94
CA GLY B 1398 -38.15 -126.07 40.52
C GLY B 1398 -39.18 -126.64 39.59
N LYS B 1399 -38.81 -127.01 38.37
CA LYS B 1399 -39.75 -127.56 37.40
C LYS B 1399 -38.96 -128.38 36.38
N THR B 1400 -39.63 -128.77 35.31
CA THR B 1400 -39.03 -129.51 34.20
C THR B 1400 -38.33 -130.77 34.69
N SER B 1401 -39.07 -131.69 35.33
CA SER B 1401 -38.59 -132.96 35.88
C SER B 1401 -39.43 -134.12 35.37
N ASN B 1402 -39.65 -134.15 34.05
CA ASN B 1402 -40.49 -135.15 33.41
C ASN B 1402 -39.66 -136.36 33.01
N GLU B 1403 -40.04 -137.53 33.52
CA GLU B 1403 -39.37 -138.76 33.19
C GLU B 1403 -39.39 -139.05 31.69
N THR B 1404 -40.35 -138.48 30.96
CA THR B 1404 -40.39 -138.65 29.52
C THR B 1404 -39.11 -138.13 28.88
N PHE B 1405 -38.85 -136.82 29.00
CA PHE B 1405 -37.62 -136.30 28.41
C PHE B 1405 -36.39 -136.86 29.10
N LEU B 1406 -36.51 -137.21 30.39
CA LEU B 1406 -35.40 -137.86 31.07
C LEU B 1406 -34.98 -139.14 30.33
N LYS B 1407 -35.93 -140.02 30.05
CA LYS B 1407 -35.59 -141.26 29.39
C LYS B 1407 -35.27 -141.06 27.92
N ILE B 1408 -35.84 -140.05 27.26
CA ILE B 1408 -35.46 -139.86 25.86
C ILE B 1408 -34.02 -139.36 25.76
N LEU B 1409 -33.60 -138.47 26.66
CA LEU B 1409 -32.19 -138.11 26.66
C LEU B 1409 -31.30 -139.26 27.11
N SER B 1410 -31.80 -140.12 28.01
CA SER B 1410 -31.05 -141.31 28.38
C SER B 1410 -30.82 -142.22 27.19
N ILE B 1411 -31.86 -142.45 26.39
CA ILE B 1411 -31.69 -143.33 25.23
C ILE B 1411 -30.89 -142.61 24.14
N PHE B 1412 -30.95 -141.29 24.10
CA PHE B 1412 -30.07 -140.54 23.21
C PHE B 1412 -28.61 -140.77 23.58
N ASN B 1413 -28.31 -140.76 24.87
CA ASN B 1413 -26.96 -141.14 25.32
C ASN B 1413 -26.66 -142.59 24.98
N LYS B 1414 -27.65 -143.47 25.12
CA LYS B 1414 -27.47 -144.88 24.79
C LYS B 1414 -27.15 -145.08 23.32
N PHE B 1415 -27.62 -144.17 22.46
CA PHE B 1415 -27.36 -144.29 21.03
C PHE B 1415 -25.88 -144.17 20.70
N VAL B 1416 -25.07 -143.60 21.59
CA VAL B 1416 -23.67 -143.35 21.31
C VAL B 1416 -22.81 -143.88 22.46
N GLU B 1417 -21.54 -144.12 22.13
CA GLU B 1417 -20.49 -144.48 23.10
C GLU B 1417 -20.70 -145.87 23.68
N ASP B 1418 -19.59 -146.57 23.98
CA ASP B 1418 -19.62 -147.88 24.60
C ASP B 1418 -18.73 -147.81 25.84
N SER B 1419 -19.29 -147.31 26.94
CA SER B 1419 -18.60 -147.27 28.22
C SER B 1419 -19.64 -146.99 29.31
N ASP B 1420 -19.79 -147.93 30.24
CA ASP B 1420 -20.78 -147.78 31.31
C ASP B 1420 -20.39 -146.72 32.33
N ILE B 1421 -19.15 -146.22 32.28
CA ILE B 1421 -18.69 -145.26 33.28
C ILE B 1421 -19.50 -143.97 33.17
N GLU B 1422 -19.72 -143.47 31.95
CA GLU B 1422 -20.42 -142.21 31.79
C GLU B 1422 -21.92 -142.36 31.96
N LYS B 1423 -22.44 -143.58 31.82
CA LYS B 1423 -23.89 -143.77 31.95
C LYS B 1423 -24.33 -143.70 33.41
N LYS B 1424 -23.44 -144.03 34.35
CA LYS B 1424 -23.83 -144.10 35.74
C LYS B 1424 -23.70 -142.76 36.47
N LEU B 1425 -22.83 -141.87 36.00
CA LEU B 1425 -22.70 -140.57 36.66
C LEU B 1425 -23.99 -139.77 36.56
N GLN B 1426 -24.64 -139.77 35.40
CA GLN B 1426 -25.94 -139.12 35.28
C GLN B 1426 -27.00 -139.91 36.05
N GLN B 1427 -26.89 -141.24 36.05
CA GLN B 1427 -27.79 -142.06 36.85
C GLN B 1427 -27.65 -141.74 38.33
N LEU B 1428 -26.41 -141.56 38.79
CA LEU B 1428 -26.19 -141.16 40.18
C LEU B 1428 -26.79 -139.79 40.45
N ILE B 1429 -26.64 -138.87 39.51
CA ILE B 1429 -27.30 -137.58 39.62
C ILE B 1429 -28.81 -137.75 39.56
N LEU B 1430 -29.27 -138.72 38.76
CA LEU B 1430 -30.71 -138.94 38.60
C LEU B 1430 -31.36 -139.27 39.93
N ASP B 1431 -30.73 -140.15 40.72
CA ASP B 1431 -31.24 -140.44 42.04
C ASP B 1431 -30.88 -139.38 43.07
N LYS B 1432 -29.91 -138.51 42.76
CA LYS B 1432 -29.54 -137.46 43.70
C LYS B 1432 -30.67 -136.47 43.91
N LYS B 1433 -31.35 -136.09 42.83
CA LYS B 1433 -32.44 -135.11 42.94
C LYS B 1433 -33.68 -135.71 43.61
N SER B 1434 -33.80 -137.03 43.65
CA SER B 1434 -34.97 -137.65 44.27
C SER B 1434 -35.07 -137.29 45.75
N ILE B 1435 -33.94 -137.30 46.45
CA ILE B 1435 -33.95 -136.85 47.84
C ILE B 1435 -34.22 -135.36 47.93
N GLU B 1436 -33.60 -134.58 47.04
CA GLU B 1436 -33.81 -133.13 47.06
C GLU B 1436 -35.26 -132.78 46.77
N LYS B 1437 -35.86 -133.44 45.78
CA LYS B 1437 -37.27 -133.21 45.45
C LYS B 1437 -38.18 -133.81 46.51
#